data_7WBH
#
_entry.id   7WBH
#
loop_
_entity.id
_entity.type
_entity.pdbx_description
1 polymer 'Spike glycoprotein'
2 polymer 'Spike glycoprotein'
3 polymer 'heavy chain of hu33'
4 polymer 'light chain of hu33'
5 branched beta-D-mannopyranose-(1-4)-2-acetamido-2-deoxy-beta-D-glucopyranose-(1-4)-2-acetamido-2-deoxy-beta-D-glucopyranose
6 branched 2-acetamido-2-deoxy-beta-D-glucopyranose-(1-4)-2-acetamido-2-deoxy-beta-D-glucopyranose
7 non-polymer 2-acetamido-2-deoxy-beta-D-glucopyranose
#
loop_
_entity_poly.entity_id
_entity_poly.type
_entity_poly.pdbx_seq_one_letter_code
_entity_poly.pdbx_strand_id
1 'polypeptide(L)'
;AYTNSFTRGVYYPDKVFRSSVLHSTQDLFLPFFSNVTWFHAIHVSGTNGTKRFDNPVLPFNDGVYFASTEKSNIIRGWIF
GTTLDSKTQSLLIVNNATNVVIKVCEFQFCNDPFLHVYYHKNNKSWMEGEFRVYSSANNCTFEYVSQPFLMDLEGKQGNF
KNLREFVFKNIDGYFKIYSKHTPINLVRGLPQGFSALEPLVDLPIGINITRFQTLLALHRSYLTPGDSSSGWTAGAAAYY
VGYLQPRTFLLKYNENGTITDAVDCALDPLSETKCTLKSFTVEKGIYQTSNFRVQPTESIVRFPNITNLCPFGEVFNATR
FASVYAWNRKRISNCVADYSVLYNSASFSTFKCYGVSPTKLNDLCFTNVYADSFVIRGDEVRQIAPGQTGNIADYNYKLP
DDFTGCVIAWNSNNLDSKVGGNYNYLYRLFRKSNLKPFERDISTEIYQAGSTPCNGVKGFNCYFPLQSYGFQPTYGVGYQ
PYRVVVLSFELLHAPATVCGPKKSTNLVKNKCVNFNFNGLTGTGVLTESNKKFLPFQQFGRDIADTTDAVRDPQTLEILD
ITPCSFGGVSVITPGTNTSNQVAVLYQGVNCTEVPVAIHADQLTPTWRVYSTGSNVFQTRAGCLIGAEHVNNSYECDIPI
GAGICASYQTQTNSPRRARSVASQSIIAYTMSLGVENSVAYSNNSIAIPTNFTISVTTEILPVSMTKTSVDCTMYICGDS
TECSNLLLQYGSFCTQLNRALTGIAVEQDKNTQEVFAQVKQIYKTPPIKDFGGFNFSQILPDPSKPSKRSPIEDLLFNKV
TLADAGFIKQYGDCLGDIAARDLICAQKFNGLTVLPPLLTDEMIAQYTSALLAGTITSGWTFGAGPALQIPFPMQMAYRF
NGIGVTQNVLYENQKLIANQFNSAIGKIQDSLSSTPSALGKLQDVVNQNAQALNTLVKQLSSNFGAISSVLNDILSRLDP
PEAEVQIDRLITGRLQSLQTYVTQQLIRAAEIRASANLAATKMSECVLGQSKRVDFCGKGYHLMSFPQSAPHGVVFLHVT
YVPAQEKNFTTAPAICHDGKAHFPREGVFVSNGTHWFVTQRNFYEPQIITTDNTFVSGNCDVVIGIVNNTVYDPLQPELD
;
A
2 'polypeptide(L)'
;AYTNSFTRGVYYPDKVFRSSVLHSTQDLFLPFFSNVTWFHAIHVSGTNGTKRFANPVLPFNDGVYFASTEKSNIIRGWIF
GTTLDSKTQSLLIVNNATNVVIKVCEFQFCNDPFLGVYYHKNNKSWMESEFRVYSSANNCTFEYVSQPFLMDLEGKQGNF
KNLREFVFKNIDGYFKIYSKHTPINLVRGLPQGFSALEPLVDLPIGINITRFQTLLALHRSYLTPGDSSSGWTAGAAAYY
VGYLQPRTFLLKYNENGTITDAVDCALDPLSETKCTLKSFTVEKGIYQTSNFRVQPTESIVRFPNITNLCPFGEVFNATR
FASVYAWNRKRISNCVADYSVLYNSASFSTFKCYGVSPTKLNDLCFTNVYADSFVIRGDEVRQIAPGQTGNIADYNYKLP
DDFTGCVIAWNSNNLDSKVGGNYNYLYRLFRKSNLKPFERDISTEIYQAGSTPCNGVKGFNCYFPLQSYGFQPTYGVGYQ
PYRVVVLSFELLHAPATVCGPKKSTNLVKNKCVNFNFNGLTGTGVLTESNKKFLPFQQFGRDIADTTDAVRDPQTLEILD
ITPCSFGGVSVITPGTNTSNQVAVLYQGVNCTEVPVAIHADQLTPTWRVYSTGSNVFQTRAGCLIGAEHVNNSYECDIPI
GAGICASYQTQTNSPRRARSVASQSIIAYTMSLGVENSVAYSNNSIAIPTNFTISVTTEILPVSMTKTSVDCTMYICGDS
TECSNLLLQYGSFCTQLNRALTGIAVEQDKNTQEVFAQVKQIYKTPPIKDFGGFNFSQILPDPSKPSKRSPIEDLLFNKV
TLADAGFIKQYGDCLGDIAARDLICAQKFNGLTVLPPLLTDEMIAQYTSALLAGTITSGWTFGAGPALQIPFPMQMAYRF
NGIGVTQNVLYENQKLIANQFNSAIGKIQDSLSSTPSALGKLQDVVNQNAQALNTLVKQLSSNFGAISSVLNDILSRLDP
PEAEVQIDRLITGRLQSLQTYVTQQLIRAAEIRASANLAATKMSECVLGQSKRVDFCGKGYHLMSFPQSAPHGVVFLHVT
YVPAQEKNFTTAPAICHDGKAHFPREGVFVSNGTHWFVTQRNFYEPQIITTDNTFVSGNCDVVIGIVNNTVYDPLQPELD
;
B,C
3 'polypeptide(L)'
;QVQLVQSGSELKKPGASVKVSCKASGYTFTDYGMNWVRQAPGQGLEWMGWINTYSGEPTYADDFRGRFVFSLDTSVSTAY
LQICSLKAEDTAVYYCARGGNWDWYFDVWGQGTLVTVS
;
U,O,P
4 'polypeptide(L)'
;DIQMTQSPSSLSASVGDRVTITCRASQSVSNFLHWYQQKPGKAPKLLIYYASQSISGVPSRFSGSGSGTDFTLTISSLQP
EDFATYYCQQSNTWPLTFGQGTKLEIK
;
V,Q,S
#
loop_
_chem_comp.id
_chem_comp.type
_chem_comp.name
_chem_comp.formula
BMA D-saccharide, beta linking beta-D-mannopyranose 'C6 H12 O6'
NAG D-saccharide, beta linking 2-acetamido-2-deoxy-beta-D-glucopyranose 'C8 H15 N O6'
#
# COMPACT_ATOMS: atom_id res chain seq x y z
N ALA A 1 -0.18 55.45 12.56
CA ALA A 1 1.18 55.06 12.95
C ALA A 1 1.34 53.54 12.91
N TYR A 2 2.57 53.10 12.69
CA TYR A 2 2.88 51.68 12.59
C TYR A 2 4.11 51.35 13.42
N THR A 3 4.11 50.14 13.98
CA THR A 3 5.16 49.69 14.88
C THR A 3 5.56 48.28 14.47
N ASN A 4 6.84 47.95 14.62
CA ASN A 4 7.32 46.59 14.43
C ASN A 4 6.81 45.73 15.58
N SER A 5 6.35 44.52 15.25
CA SER A 5 5.79 43.62 16.25
C SER A 5 6.85 42.90 17.08
N PHE A 6 8.12 42.92 16.62
CA PHE A 6 9.27 42.22 17.18
C PHE A 6 9.04 40.73 17.40
N THR A 7 9.05 40.28 18.66
CA THR A 7 8.97 38.86 18.96
C THR A 7 7.81 38.62 19.95
N ARG A 8 6.72 39.34 19.78
CA ARG A 8 5.54 39.15 20.60
C ARG A 8 4.51 38.27 19.88
N GLY A 9 3.42 38.00 20.58
CA GLY A 9 2.32 37.25 20.02
C GLY A 9 2.39 35.75 20.15
N VAL A 10 3.17 35.23 21.08
CA VAL A 10 3.39 33.80 21.22
C VAL A 10 2.53 33.27 22.37
N TYR A 11 1.73 32.25 22.09
CA TYR A 11 0.83 31.67 23.08
C TYR A 11 1.02 30.16 23.13
N TYR A 12 0.33 29.53 24.08
CA TYR A 12 0.35 28.07 24.21
C TYR A 12 -0.63 27.43 23.21
N PRO A 13 -0.21 26.41 22.43
CA PRO A 13 -1.05 25.93 21.32
C PRO A 13 -2.35 25.25 21.70
N ASP A 14 -2.33 24.17 22.51
CA ASP A 14 -3.48 23.28 22.55
C ASP A 14 -3.80 22.84 23.99
N LYS A 15 -3.54 23.70 24.99
CA LYS A 15 -3.83 23.50 26.42
C LYS A 15 -3.17 22.24 26.99
N VAL A 16 -1.98 21.89 26.51
CA VAL A 16 -1.35 20.61 26.83
C VAL A 16 0.05 20.91 27.36
N PHE A 17 0.50 20.09 28.31
CA PHE A 17 1.81 20.28 28.92
C PHE A 17 2.89 19.66 28.05
N ARG A 18 4.04 20.33 27.97
CA ARG A 18 5.22 19.82 27.31
C ARG A 18 6.43 20.51 27.92
N SER A 19 7.48 19.75 28.18
CA SER A 19 8.63 20.28 28.91
C SER A 19 9.93 19.86 28.25
N SER A 20 10.77 20.86 27.97
CA SER A 20 12.14 20.75 27.47
C SER A 20 12.21 20.00 26.13
N VAL A 21 11.21 20.27 25.30
CA VAL A 21 11.07 19.61 24.02
C VAL A 21 10.94 20.67 22.93
N LEU A 22 11.81 20.61 21.91
CA LEU A 22 11.65 21.46 20.75
C LEU A 22 10.46 20.98 19.93
N HIS A 23 9.34 21.70 20.02
CA HIS A 23 8.08 21.27 19.46
C HIS A 23 7.68 22.20 18.31
N SER A 24 7.24 21.60 17.21
CA SER A 24 6.78 22.36 16.06
C SER A 24 5.27 22.20 15.92
N THR A 25 4.57 23.32 15.78
CA THR A 25 3.13 23.31 15.59
C THR A 25 2.76 24.38 14.56
N GLN A 26 1.59 24.23 13.95
CA GLN A 26 1.11 25.16 12.93
C GLN A 26 -0.25 25.68 13.39
N ASP A 27 -0.25 26.85 14.01
CA ASP A 27 -1.49 27.50 14.44
C ASP A 27 -1.54 28.92 13.89
N LEU A 28 -2.50 29.71 14.37
CA LEU A 28 -2.65 31.09 13.96
C LEU A 28 -1.77 31.96 14.84
N PHE A 29 -0.52 32.17 14.43
CA PHE A 29 0.45 32.92 15.22
C PHE A 29 0.61 34.31 14.63
N LEU A 30 1.13 35.22 15.44
CA LEU A 30 1.55 36.53 14.96
C LEU A 30 2.94 36.41 14.36
N PRO A 31 3.15 36.86 13.11
CA PRO A 31 4.48 36.74 12.51
C PRO A 31 5.49 37.69 13.16
N PHE A 32 6.75 37.25 13.18
CA PHE A 32 7.80 38.05 13.78
C PHE A 32 8.19 39.20 12.87
N PHE A 33 8.47 40.36 13.49
CA PHE A 33 8.91 41.61 12.85
C PHE A 33 7.93 42.12 11.80
N SER A 34 6.64 41.92 12.01
CA SER A 34 5.63 42.46 11.10
C SER A 34 5.15 43.81 11.60
N ASN A 35 4.30 44.45 10.80
CA ASN A 35 3.79 45.77 11.14
C ASN A 35 2.44 45.66 11.83
N VAL A 36 2.36 46.17 13.05
CA VAL A 36 1.10 46.31 13.76
C VAL A 36 0.67 47.76 13.64
N THR A 37 -0.62 48.01 13.81
CA THR A 37 -1.15 49.36 13.64
C THR A 37 -1.27 50.03 15.00
N TRP A 38 -0.71 51.24 15.11
CA TRP A 38 -0.64 51.97 16.37
C TRP A 38 -1.71 53.05 16.37
N PHE A 39 -2.55 53.04 17.40
CA PHE A 39 -3.55 54.07 17.62
C PHE A 39 -3.28 54.75 18.97
N HIS A 40 -3.37 56.08 18.97
CA HIS A 40 -3.14 56.85 20.18
C HIS A 40 -4.24 57.90 20.32
N PHE A 53 -8.79 59.94 24.20
CA PHE A 53 -8.53 59.48 22.84
C PHE A 53 -9.80 58.98 22.17
N ASP A 54 -9.65 58.10 21.19
CA ASP A 54 -10.77 57.53 20.47
C ASP A 54 -10.42 56.10 20.10
N ASN A 55 -11.35 55.40 19.46
CA ASN A 55 -11.17 54.00 19.09
C ASN A 55 -12.04 53.65 17.89
N PRO A 56 -11.46 53.56 16.69
CA PRO A 56 -12.26 53.17 15.53
C PRO A 56 -12.46 51.67 15.35
N VAL A 57 -13.37 51.33 14.44
CA VAL A 57 -13.73 49.94 14.22
C VAL A 57 -12.72 49.31 13.26
N LEU A 58 -12.37 48.03 13.50
CA LEU A 58 -11.29 47.35 12.81
C LEU A 58 -11.72 45.99 12.27
N PRO A 59 -11.21 45.56 11.12
CA PRO A 59 -11.51 44.21 10.63
C PRO A 59 -10.76 43.14 11.42
N PHE A 60 -11.44 42.01 11.64
CA PHE A 60 -10.93 40.95 12.49
C PHE A 60 -10.03 39.96 11.78
N ASN A 61 -10.27 39.75 10.47
CA ASN A 61 -9.64 38.74 9.62
C ASN A 61 -9.72 37.33 10.22
N ASP A 62 -8.58 36.69 10.43
CA ASP A 62 -8.54 35.32 10.96
C ASP A 62 -8.21 35.28 12.44
N GLY A 63 -7.99 36.43 13.06
CA GLY A 63 -7.57 36.49 14.45
C GLY A 63 -6.57 37.62 14.62
N VAL A 64 -6.60 38.25 15.79
CA VAL A 64 -5.86 39.48 16.03
C VAL A 64 -5.03 39.34 17.31
N TYR A 65 -3.97 40.15 17.40
CA TYR A 65 -3.18 40.30 18.61
C TYR A 65 -3.39 41.71 19.14
N PHE A 66 -3.72 41.81 20.43
CA PHE A 66 -4.05 43.08 21.05
C PHE A 66 -3.06 43.36 22.18
N ALA A 67 -2.54 44.59 22.22
CA ALA A 67 -1.60 44.98 23.25
C ALA A 67 -1.82 46.44 23.60
N SER A 68 -1.68 46.76 24.90
CA SER A 68 -1.88 48.11 25.38
C SER A 68 -0.83 48.41 26.44
N THR A 69 -0.58 49.69 26.68
CA THR A 69 0.35 50.12 27.70
C THR A 69 -0.37 50.31 29.03
N ASN A 73 -6.11 51.74 33.73
CA ASN A 73 -7.30 51.04 33.31
C ASN A 73 -8.18 51.93 32.44
N ILE A 74 -7.62 52.40 31.32
CA ILE A 74 -8.40 53.23 30.41
C ILE A 74 -9.32 52.37 29.56
N ILE A 75 -8.78 51.32 28.95
CA ILE A 75 -9.59 50.38 28.18
C ILE A 75 -10.38 49.49 29.14
N ARG A 76 -11.61 49.18 28.76
CA ARG A 76 -12.49 48.37 29.60
C ARG A 76 -13.04 47.13 28.91
N GLY A 77 -12.86 46.99 27.60
CA GLY A 77 -13.34 45.79 26.93
C GLY A 77 -13.38 45.99 25.43
N TRP A 78 -13.97 44.99 24.76
CA TRP A 78 -14.02 44.94 23.32
C TRP A 78 -15.43 44.55 22.88
N ILE A 79 -15.76 44.90 21.64
CA ILE A 79 -17.03 44.55 21.01
C ILE A 79 -16.72 43.82 19.71
N PHE A 80 -17.22 42.60 19.58
CA PHE A 80 -17.00 41.79 18.38
C PHE A 80 -18.32 41.56 17.67
N GLY A 81 -18.27 41.47 16.35
CA GLY A 81 -19.48 41.23 15.58
C GLY A 81 -19.22 41.16 14.10
N THR A 82 -20.31 41.15 13.32
CA THR A 82 -20.24 41.18 11.86
C THR A 82 -20.94 42.40 11.29
N THR A 83 -22.21 42.61 11.64
CA THR A 83 -23.01 43.70 11.10
C THR A 83 -23.56 44.62 12.20
N LEU A 84 -23.84 44.06 13.39
CA LEU A 84 -24.41 44.72 14.57
C LEU A 84 -25.74 45.41 14.28
N ASP A 85 -26.06 46.43 15.09
CA ASP A 85 -27.33 47.18 15.09
C ASP A 85 -28.56 46.28 15.23
N SER A 86 -28.44 45.27 16.09
CA SER A 86 -29.44 44.25 16.46
C SER A 86 -29.92 43.40 15.29
N LYS A 87 -29.17 43.31 14.19
CA LYS A 87 -29.53 42.40 13.11
C LYS A 87 -28.70 41.12 13.12
N THR A 88 -27.51 41.17 13.72
CA THR A 88 -26.64 40.02 13.86
C THR A 88 -26.16 39.99 15.30
N GLN A 89 -26.12 38.78 15.89
CA GLN A 89 -25.70 38.62 17.29
C GLN A 89 -24.21 38.93 17.45
N SER A 90 -23.90 39.74 18.46
CA SER A 90 -22.58 40.35 18.60
C SER A 90 -22.01 39.98 19.96
N LEU A 91 -20.72 39.67 19.99
CA LEU A 91 -20.05 39.31 21.24
C LEU A 91 -19.47 40.58 21.87
N LEU A 92 -19.76 40.79 23.15
CA LEU A 92 -19.36 42.00 23.86
C LEU A 92 -18.77 41.62 25.21
N ILE A 93 -17.62 42.23 25.53
CA ILE A 93 -16.92 42.02 26.80
C ILE A 93 -16.76 43.39 27.46
N VAL A 94 -17.16 43.48 28.73
CA VAL A 94 -16.90 44.66 29.57
C VAL A 94 -16.26 44.19 30.87
N ASN A 95 -15.08 44.71 31.16
CA ASN A 95 -14.37 44.46 32.42
C ASN A 95 -14.61 45.66 33.33
N ASN A 96 -15.57 45.53 34.24
CA ASN A 96 -15.96 46.60 35.14
C ASN A 96 -16.35 46.04 36.49
N ALA A 97 -15.97 46.78 37.54
CA ALA A 97 -16.37 46.55 38.95
C ALA A 97 -15.91 45.19 39.48
N THR A 98 -14.73 44.76 39.02
CA THR A 98 -14.01 43.52 39.36
C THR A 98 -14.83 42.25 39.13
N ASN A 99 -15.73 42.28 38.15
CA ASN A 99 -16.41 41.09 37.64
C ASN A 99 -16.71 41.30 36.16
N VAL A 100 -15.92 40.64 35.31
CA VAL A 100 -16.05 40.79 33.87
C VAL A 100 -17.29 40.03 33.40
N VAL A 101 -18.08 40.67 32.53
CA VAL A 101 -19.31 40.10 32.01
C VAL A 101 -19.16 39.97 30.49
N ILE A 102 -19.53 38.80 29.98
CA ILE A 102 -19.46 38.50 28.56
C ILE A 102 -20.87 38.17 28.08
N LYS A 103 -21.38 38.98 27.16
CA LYS A 103 -22.74 38.82 26.65
C LYS A 103 -22.69 38.69 25.13
N VAL A 104 -23.51 37.77 24.61
CA VAL A 104 -23.60 37.52 23.18
C VAL A 104 -25.06 37.93 22.92
N CYS A 105 -25.49 38.99 23.58
CA CYS A 105 -26.78 39.59 23.29
C CYS A 105 -26.71 40.32 21.95
N GLU A 106 -27.84 40.36 21.25
CA GLU A 106 -27.90 40.97 19.93
C GLU A 106 -28.05 42.49 20.10
N PHE A 107 -26.90 43.12 20.32
CA PHE A 107 -26.88 44.52 20.74
C PHE A 107 -27.04 45.46 19.55
N GLN A 108 -27.58 46.65 19.82
CA GLN A 108 -27.53 47.76 18.88
C GLN A 108 -26.38 48.68 19.30
N PHE A 109 -25.61 49.13 18.33
CA PHE A 109 -24.45 49.97 18.60
C PHE A 109 -24.77 51.45 18.42
N CYS A 110 -24.06 52.28 19.18
CA CYS A 110 -24.16 53.72 18.99
C CYS A 110 -23.26 54.17 17.84
N ASN A 111 -23.31 55.46 17.54
CA ASN A 111 -22.39 56.02 16.55
C ASN A 111 -20.96 56.08 17.09
N ASP A 112 -20.82 56.28 18.39
CA ASP A 112 -19.54 56.15 19.07
C ASP A 112 -19.79 55.46 20.40
N PRO A 113 -19.64 54.13 20.45
CA PRO A 113 -19.83 53.42 21.72
C PRO A 113 -18.68 53.67 22.68
N PHE A 114 -19.02 54.04 23.90
CA PHE A 114 -18.03 54.35 24.93
C PHE A 114 -18.65 54.10 26.30
N LEU A 115 -17.79 54.01 27.30
CA LEU A 115 -18.22 53.76 28.67
C LEU A 115 -18.16 55.06 29.47
N HIS A 116 -19.17 55.26 30.32
CA HIS A 116 -19.26 56.45 31.15
C HIS A 116 -20.57 56.48 31.92
N GLU A 130 -23.24 53.82 36.08
CA GLU A 130 -23.78 52.69 35.34
C GLU A 130 -22.97 52.44 34.07
N PHE A 131 -23.64 51.94 33.03
CA PHE A 131 -22.98 51.65 31.77
C PHE A 131 -23.95 51.97 30.63
N ARG A 132 -23.39 52.52 29.56
CA ARG A 132 -24.18 53.01 28.42
C ARG A 132 -23.93 52.26 27.13
N VAL A 133 -22.73 51.69 26.96
CA VAL A 133 -22.37 51.00 25.73
C VAL A 133 -23.09 49.67 25.56
N TYR A 134 -23.38 48.97 26.66
CA TYR A 134 -24.01 47.66 26.62
C TYR A 134 -25.50 47.73 26.98
N SER A 135 -26.15 48.81 26.56
CA SER A 135 -27.58 48.96 26.80
C SER A 135 -28.38 48.26 25.71
N SER A 136 -29.71 48.27 25.89
CA SER A 136 -30.71 47.55 25.06
C SER A 136 -30.41 46.06 24.97
N ALA A 137 -30.22 45.44 26.14
CA ALA A 137 -29.86 44.02 26.23
C ALA A 137 -31.13 43.19 26.03
N ASN A 138 -31.24 42.57 24.86
CA ASN A 138 -32.41 41.79 24.48
C ASN A 138 -31.95 40.48 23.87
N ASN A 139 -32.88 39.48 23.90
CA ASN A 139 -32.84 38.09 23.37
C ASN A 139 -31.46 37.41 23.46
N CYS A 140 -30.92 37.36 24.67
CA CYS A 140 -29.55 36.95 24.88
C CYS A 140 -29.42 35.43 24.84
N THR A 141 -28.31 34.95 24.30
CA THR A 141 -28.05 33.53 24.17
C THR A 141 -27.06 33.00 25.21
N PHE A 142 -25.98 33.72 25.48
CA PHE A 142 -24.93 33.18 26.34
C PHE A 142 -24.54 34.28 27.31
N GLU A 143 -24.17 33.89 28.53
CA GLU A 143 -23.76 34.82 29.58
C GLU A 143 -22.63 34.18 30.38
N TYR A 144 -21.67 35.00 30.83
CA TYR A 144 -20.51 34.48 31.53
C TYR A 144 -19.97 35.53 32.48
N VAL A 145 -19.74 35.13 33.74
CA VAL A 145 -19.22 36.02 34.77
C VAL A 145 -18.03 35.31 35.45
N SER A 146 -16.89 35.98 35.47
CA SER A 146 -15.72 35.50 36.21
C SER A 146 -14.96 36.71 36.74
N GLN A 147 -13.82 36.45 37.40
CA GLN A 147 -13.01 37.49 38.03
C GLN A 147 -11.84 37.86 37.15
N PRO A 148 -11.52 39.14 37.00
CA PRO A 148 -10.40 39.55 36.15
C PRO A 148 -9.07 39.48 36.92
N PHE A 149 -8.01 39.92 36.24
CA PHE A 149 -6.69 39.99 36.83
C PHE A 149 -6.01 41.27 36.38
N LEU A 150 -5.32 41.92 37.31
CA LEU A 150 -4.64 43.18 37.04
C LEU A 150 -3.31 42.92 36.34
N LYS A 161 3.69 51.69 32.44
CA LYS A 161 4.82 50.94 32.98
C LYS A 161 4.58 49.44 32.88
N ASN A 162 3.31 49.06 32.69
CA ASN A 162 2.91 47.67 32.59
C ASN A 162 2.14 47.48 31.28
N LEU A 163 2.51 46.46 30.52
CA LEU A 163 1.88 46.18 29.24
C LEU A 163 1.05 44.91 29.33
N ARG A 164 -0.17 44.97 28.79
CA ARG A 164 -1.13 43.86 28.82
C ARG A 164 -1.35 43.38 27.39
N GLU A 165 -1.04 42.11 27.13
CA GLU A 165 -1.16 41.54 25.81
C GLU A 165 -2.38 40.62 25.75
N PHE A 166 -3.07 40.65 24.62
CA PHE A 166 -4.24 39.82 24.39
C PHE A 166 -4.22 39.22 22.99
N VAL A 167 -4.69 37.99 22.87
CA VAL A 167 -4.80 37.30 21.59
C VAL A 167 -6.23 36.77 21.46
N PHE A 168 -6.92 37.18 20.41
CA PHE A 168 -8.29 36.74 20.14
C PHE A 168 -8.29 35.93 18.84
N LYS A 169 -8.92 34.77 18.88
CA LYS A 169 -8.98 33.88 17.72
C LYS A 169 -10.34 33.21 17.65
N ASN A 170 -10.65 32.67 16.47
CA ASN A 170 -11.90 31.94 16.23
C ASN A 170 -11.59 30.74 15.36
N ILE A 171 -11.54 29.55 15.97
CA ILE A 171 -11.35 28.30 15.25
C ILE A 171 -12.31 27.26 15.82
N ASP A 172 -13.05 26.59 14.93
CA ASP A 172 -13.97 25.46 15.22
C ASP A 172 -15.09 25.84 16.20
N GLY A 173 -15.52 27.11 16.13
CA GLY A 173 -16.55 27.61 17.01
C GLY A 173 -16.05 28.05 18.37
N TYR A 174 -14.74 28.03 18.62
CA TYR A 174 -14.18 28.39 19.91
C TYR A 174 -13.56 29.77 19.83
N PHE A 175 -13.94 30.64 20.76
CA PHE A 175 -13.33 31.97 20.90
C PHE A 175 -12.37 31.90 22.09
N LYS A 176 -11.07 31.82 21.79
CA LYS A 176 -10.06 31.59 22.81
C LYS A 176 -9.37 32.91 23.14
N ILE A 177 -9.15 33.14 24.44
CA ILE A 177 -8.54 34.37 24.93
C ILE A 177 -7.23 33.99 25.62
N TYR A 178 -6.14 34.59 25.18
CA TYR A 178 -4.82 34.40 25.74
C TYR A 178 -4.33 35.72 26.33
N SER A 179 -3.71 35.67 27.50
CA SER A 179 -3.35 36.92 28.17
C SER A 179 -2.13 36.71 29.07
N LYS A 180 -1.27 37.72 29.10
CA LYS A 180 -0.14 37.82 30.02
C LYS A 180 0.24 39.29 30.18
N HIS A 181 0.27 39.76 31.41
CA HIS A 181 0.70 41.12 31.73
C HIS A 181 2.12 41.09 32.27
N THR A 182 3.03 41.81 31.60
CA THR A 182 4.41 41.96 32.02
C THR A 182 4.74 43.44 32.09
N PRO A 183 5.56 43.86 33.05
CA PRO A 183 5.94 45.28 33.12
C PRO A 183 6.98 45.64 32.05
N ILE A 184 7.17 46.94 31.88
CA ILE A 184 8.13 47.45 30.89
C ILE A 184 8.78 48.70 31.49
N ASN A 185 9.74 49.25 30.76
CA ASN A 185 10.47 50.46 31.18
C ASN A 185 10.67 51.39 29.99
N LEU A 186 9.76 51.33 29.02
CA LEU A 186 9.87 52.17 27.83
C LEU A 186 8.45 52.43 27.31
N VAL A 187 8.33 53.51 26.53
CA VAL A 187 7.07 53.90 25.91
C VAL A 187 7.21 54.19 24.43
N ARG A 188 8.40 54.01 23.85
CA ARG A 188 8.61 54.28 22.43
C ARG A 188 7.98 53.19 21.56
N GLY A 189 8.15 51.93 21.97
CA GLY A 189 7.64 50.82 21.19
C GLY A 189 7.58 49.55 22.02
N LEU A 190 7.25 48.46 21.34
CA LEU A 190 7.18 47.15 21.97
C LEU A 190 8.58 46.64 22.29
N PRO A 191 8.77 45.91 23.40
CA PRO A 191 10.11 45.42 23.74
C PRO A 191 10.52 44.24 22.86
N GLN A 192 11.82 43.92 22.91
CA GLN A 192 12.38 42.82 22.13
C GLN A 192 12.40 41.52 22.94
N GLY A 193 11.83 41.54 24.14
CA GLY A 193 11.83 40.40 25.02
C GLY A 193 10.79 39.36 24.62
N PHE A 194 10.69 38.33 25.46
CA PHE A 194 9.78 37.21 25.23
C PHE A 194 8.82 37.06 26.39
N SER A 195 7.55 36.77 26.06
CA SER A 195 6.53 36.49 27.04
C SER A 195 5.51 35.54 26.42
N ALA A 196 5.32 34.38 27.04
CA ALA A 196 4.38 33.39 26.55
C ALA A 196 3.01 33.61 27.18
N LEU A 197 2.02 33.87 26.33
CA LEU A 197 0.68 34.24 26.77
C LEU A 197 -0.11 32.98 27.09
N GLU A 198 -0.44 32.80 28.37
CA GLU A 198 -1.28 31.69 28.78
C GLU A 198 -2.73 31.95 28.41
N PRO A 199 -3.49 30.90 28.05
CA PRO A 199 -4.94 31.07 27.92
C PRO A 199 -5.60 31.29 29.27
N LEU A 200 -6.58 32.17 29.28
CA LEU A 200 -7.35 32.47 30.49
C LEU A 200 -8.74 31.87 30.46
N VAL A 201 -9.46 31.99 29.34
CA VAL A 201 -10.82 31.51 29.21
C VAL A 201 -11.10 31.21 27.74
N ASP A 202 -11.88 30.17 27.49
CA ASP A 202 -12.34 29.82 26.14
C ASP A 202 -13.83 30.12 26.09
N LEU A 203 -14.29 30.73 24.99
CA LEU A 203 -15.68 31.12 24.85
C LEU A 203 -16.36 30.27 23.78
N PRO A 204 -17.17 29.27 24.15
CA PRO A 204 -17.82 28.39 23.16
C PRO A 204 -19.14 28.92 22.60
N ILE A 205 -19.05 29.81 21.61
CA ILE A 205 -20.27 30.30 20.97
C ILE A 205 -20.35 29.85 19.51
N GLY A 206 -19.37 30.24 18.70
CA GLY A 206 -19.45 29.93 17.28
C GLY A 206 -20.19 30.97 16.47
N ILE A 207 -19.83 32.23 16.61
CA ILE A 207 -20.45 33.33 15.88
C ILE A 207 -19.46 33.85 14.84
N ASN A 208 -19.95 34.10 13.62
CA ASN A 208 -19.14 34.68 12.55
C ASN A 208 -18.76 36.11 12.92
N ILE A 209 -17.47 36.36 13.12
CA ILE A 209 -16.95 37.65 13.55
C ILE A 209 -15.96 38.14 12.50
N THR A 210 -16.20 39.34 11.98
CA THR A 210 -15.29 39.93 10.99
C THR A 210 -14.91 41.37 11.29
N ARG A 211 -15.63 42.11 12.13
CA ARG A 211 -15.28 43.47 12.51
C ARG A 211 -15.25 43.56 14.03
N PHE A 212 -14.35 44.39 14.57
CA PHE A 212 -14.36 44.57 16.01
C PHE A 212 -14.05 46.02 16.36
N GLN A 213 -14.46 46.42 17.56
CA GLN A 213 -14.15 47.73 18.10
C GLN A 213 -13.87 47.61 19.59
N THR A 214 -12.78 48.22 20.03
CA THR A 214 -12.42 48.26 21.43
C THR A 214 -13.06 49.46 22.12
N LEU A 215 -13.03 49.44 23.44
CA LEU A 215 -13.63 50.51 24.24
C LEU A 215 -12.57 51.31 24.99
N GLY A 235 -6.56 62.27 29.74
CA GLY A 235 -5.80 61.04 29.95
C GLY A 235 -5.98 60.04 28.84
N ALA A 236 -5.39 60.33 27.67
CA ALA A 236 -5.48 59.44 26.53
C ALA A 236 -4.55 58.25 26.70
N ALA A 237 -4.89 57.15 26.03
CA ALA A 237 -4.11 55.93 26.07
C ALA A 237 -3.78 55.47 24.66
N ALA A 238 -2.82 54.55 24.56
CA ALA A 238 -2.39 54.00 23.29
C ALA A 238 -2.48 52.48 23.31
N TYR A 239 -2.77 51.90 22.16
CA TYR A 239 -2.91 50.44 22.07
C TYR A 239 -2.43 49.97 20.71
N TYR A 240 -2.03 48.69 20.65
CA TYR A 240 -1.47 48.08 19.47
C TYR A 240 -2.34 46.91 19.02
N VAL A 241 -2.66 46.86 17.73
CA VAL A 241 -3.48 45.80 17.16
C VAL A 241 -2.70 45.13 16.04
N GLY A 242 -2.51 43.82 16.15
CA GLY A 242 -1.87 43.03 15.12
C GLY A 242 -2.86 42.08 14.47
N TYR A 243 -2.33 41.19 13.62
CA TYR A 243 -3.12 40.20 12.91
C TYR A 243 -2.42 38.87 12.92
N LEU A 244 -3.19 37.80 13.14
CA LEU A 244 -2.65 36.45 13.14
C LEU A 244 -2.77 35.83 11.75
N GLN A 245 -1.78 35.01 11.41
CA GLN A 245 -1.70 34.31 10.14
C GLN A 245 -1.40 32.85 10.39
N PRO A 246 -1.83 31.93 9.49
CA PRO A 246 -1.50 30.51 9.68
C PRO A 246 -0.03 30.19 9.40
N ARG A 247 0.83 30.48 10.38
CA ARG A 247 2.25 30.22 10.30
C ARG A 247 2.60 28.95 11.05
N THR A 248 3.88 28.58 11.02
CA THR A 248 4.39 27.41 11.73
C THR A 248 5.49 27.90 12.66
N PHE A 249 5.37 27.59 13.95
CA PHE A 249 6.38 28.00 14.91
C PHE A 249 7.15 26.79 15.43
N LEU A 250 8.29 27.07 16.08
CA LEU A 250 9.11 26.05 16.72
C LEU A 250 9.34 26.50 18.17
N LEU A 251 8.55 25.93 19.08
CA LEU A 251 8.57 26.38 20.46
C LEU A 251 9.59 25.59 21.27
N LYS A 252 10.36 26.31 22.09
CA LYS A 252 11.27 25.70 23.05
C LYS A 252 10.61 25.76 24.43
N TYR A 253 10.38 24.60 25.03
CA TYR A 253 9.85 24.55 26.37
C TYR A 253 10.99 24.45 27.37
N ASN A 254 10.69 24.49 28.66
CA ASN A 254 11.75 24.65 29.66
C ASN A 254 11.61 23.55 30.71
N GLU A 255 12.53 23.56 31.68
CA GLU A 255 12.43 22.68 32.82
C GLU A 255 11.35 23.15 33.79
N ASN A 256 10.97 24.43 33.72
CA ASN A 256 9.76 24.88 34.41
C ASN A 256 8.54 24.21 33.79
N GLY A 257 8.48 24.19 32.46
CA GLY A 257 7.26 23.87 31.75
C GLY A 257 6.67 25.09 31.07
N THR A 258 7.50 26.09 30.81
CA THR A 258 7.09 27.31 30.13
C THR A 258 7.87 27.48 28.82
N ILE A 259 7.35 28.33 27.94
CA ILE A 259 8.00 28.59 26.65
C ILE A 259 9.08 29.64 26.88
N THR A 260 10.30 29.37 26.38
CA THR A 260 11.42 30.30 26.50
C THR A 260 11.67 31.10 25.23
N ASP A 261 11.69 30.45 24.06
CA ASP A 261 12.08 31.12 22.82
C ASP A 261 11.40 30.42 21.65
N ALA A 262 11.30 31.13 20.52
CA ALA A 262 10.64 30.59 19.35
C ALA A 262 11.22 31.25 18.09
N VAL A 263 10.99 30.58 16.96
CA VAL A 263 11.32 31.12 15.63
C VAL A 263 10.10 30.94 14.73
N ASP A 264 10.05 31.72 13.66
CA ASP A 264 9.01 31.62 12.65
C ASP A 264 9.57 30.91 11.43
N CYS A 265 8.84 29.90 10.93
CA CYS A 265 9.37 29.05 9.87
C CYS A 265 9.38 29.75 8.52
N ALA A 266 8.54 30.77 8.35
CA ALA A 266 8.41 31.47 7.07
C ALA A 266 8.96 32.89 7.11
N LEU A 267 9.75 33.23 8.14
CA LEU A 267 10.29 34.58 8.22
C LEU A 267 11.50 34.75 7.31
N ASP A 268 12.56 33.99 7.56
CA ASP A 268 13.77 34.04 6.76
C ASP A 268 14.35 32.64 6.60
N PRO A 269 15.22 32.38 5.61
CA PRO A 269 15.79 31.03 5.45
C PRO A 269 16.67 30.54 6.59
N LEU A 270 17.20 31.44 7.43
CA LEU A 270 17.92 31.02 8.64
C LEU A 270 16.99 30.34 9.63
N SER A 271 15.83 30.94 9.91
CA SER A 271 14.89 30.29 10.82
C SER A 271 14.13 29.16 10.12
N GLU A 272 14.11 29.15 8.78
CA GLU A 272 13.64 27.97 8.06
C GLU A 272 14.59 26.79 8.24
N THR A 273 15.89 27.05 8.26
CA THR A 273 16.88 26.03 8.58
C THR A 273 16.77 25.58 10.04
N LYS A 274 16.44 26.53 10.93
CA LYS A 274 16.19 26.19 12.33
C LYS A 274 14.92 25.34 12.49
N CYS A 275 13.92 25.57 11.64
CA CYS A 275 12.72 24.75 11.65
C CYS A 275 12.97 23.35 11.11
N THR A 276 13.70 23.24 9.99
CA THR A 276 13.90 21.93 9.38
C THR A 276 15.01 21.15 10.05
N LEU A 277 15.79 21.79 10.92
CA LEU A 277 16.82 21.11 11.69
C LEU A 277 16.37 20.90 13.14
N LYS A 278 15.27 21.55 13.54
CA LYS A 278 14.60 21.43 14.85
C LYS A 278 15.54 21.78 16.01
N SER A 279 16.34 22.83 15.81
CA SER A 279 17.17 23.38 16.87
C SER A 279 17.41 24.86 16.59
N PHE A 280 17.73 25.60 17.65
CA PHE A 280 18.08 27.01 17.50
C PHE A 280 19.51 27.19 17.03
N THR A 281 20.33 26.14 17.15
CA THR A 281 21.74 26.22 16.80
C THR A 281 22.00 25.37 15.58
N VAL A 282 22.28 26.03 14.46
CA VAL A 282 22.72 25.35 13.25
C VAL A 282 24.24 25.40 13.22
N GLU A 283 24.83 24.44 12.51
CA GLU A 283 26.28 24.44 12.41
C GLU A 283 26.70 24.92 11.03
N LYS A 284 28.01 25.00 10.82
CA LYS A 284 28.53 25.57 9.58
C LYS A 284 28.51 24.53 8.47
N GLY A 285 27.86 24.87 7.37
CA GLY A 285 27.69 23.94 6.27
C GLY A 285 26.45 24.26 5.47
N ILE A 286 26.05 23.30 4.64
CA ILE A 286 24.91 23.44 3.74
C ILE A 286 23.77 22.55 4.26
N TYR A 287 22.54 23.06 4.19
CA TYR A 287 21.34 22.34 4.58
C TYR A 287 20.22 22.59 3.59
N GLN A 288 19.55 21.51 3.21
CA GLN A 288 18.41 21.57 2.30
C GLN A 288 17.16 21.73 3.15
N THR A 289 16.49 22.88 3.01
CA THR A 289 15.37 23.20 3.89
C THR A 289 14.04 22.78 3.29
N SER A 290 13.76 23.21 2.06
CA SER A 290 12.48 22.96 1.42
C SER A 290 12.69 22.78 -0.06
N ASN A 291 11.59 22.55 -0.78
CA ASN A 291 11.62 22.39 -2.22
C ASN A 291 10.97 23.59 -2.89
N PHE A 292 11.66 24.16 -3.86
CA PHE A 292 11.15 25.25 -4.67
C PHE A 292 10.60 24.67 -5.97
N ARG A 293 9.46 25.20 -6.42
CA ARG A 293 8.89 24.84 -7.71
C ARG A 293 8.11 26.03 -8.24
N VAL A 294 8.04 26.13 -9.56
CA VAL A 294 7.28 27.21 -10.18
C VAL A 294 5.82 26.79 -10.26
N GLN A 295 4.95 27.61 -9.68
CA GLN A 295 3.51 27.35 -9.67
C GLN A 295 2.92 27.61 -11.05
N PRO A 296 1.82 26.92 -11.39
CA PRO A 296 1.08 27.27 -12.61
C PRO A 296 0.41 28.63 -12.47
N THR A 297 0.77 29.55 -13.38
CA THR A 297 0.25 30.91 -13.30
C THR A 297 -1.21 30.98 -13.72
N GLU A 298 -1.56 30.34 -14.83
CA GLU A 298 -2.95 30.25 -15.27
C GLU A 298 -3.13 28.95 -16.05
N SER A 299 -4.37 28.50 -16.16
CA SER A 299 -4.65 27.24 -16.80
C SER A 299 -5.22 27.45 -18.20
N ILE A 300 -4.97 26.47 -19.08
CA ILE A 300 -5.53 26.46 -20.42
C ILE A 300 -6.27 25.15 -20.64
N VAL A 301 -7.45 25.24 -21.26
CA VAL A 301 -8.30 24.09 -21.56
C VAL A 301 -8.48 24.02 -23.06
N ARG A 302 -8.14 22.86 -23.64
CA ARG A 302 -8.17 22.71 -25.09
C ARG A 302 -8.85 21.40 -25.45
N PHE A 303 -9.65 21.46 -26.52
CA PHE A 303 -10.57 20.43 -26.95
C PHE A 303 -10.76 20.63 -28.45
N PRO A 304 -11.11 19.56 -29.21
CA PRO A 304 -11.21 19.73 -30.67
C PRO A 304 -12.42 20.58 -31.07
N ASN A 305 -12.26 21.27 -32.20
CA ASN A 305 -13.17 22.33 -32.61
C ASN A 305 -14.51 21.77 -33.07
N ILE A 306 -15.59 22.48 -32.73
CA ILE A 306 -16.93 22.00 -33.01
C ILE A 306 -17.31 22.40 -34.44
N THR A 307 -17.15 21.46 -35.37
CA THR A 307 -17.67 21.62 -36.72
C THR A 307 -18.83 20.68 -36.99
N ASN A 308 -19.15 19.78 -36.06
CA ASN A 308 -20.28 18.86 -36.18
C ASN A 308 -21.25 19.17 -35.04
N LEU A 309 -22.17 20.09 -35.30
CA LEU A 309 -23.18 20.47 -34.33
C LEU A 309 -24.44 19.63 -34.55
N CYS A 310 -25.01 19.13 -33.46
CA CYS A 310 -26.14 18.19 -33.46
C CYS A 310 -27.41 18.85 -33.98
N PRO A 311 -28.30 18.08 -34.64
CA PRO A 311 -29.53 18.69 -35.19
C PRO A 311 -30.59 19.01 -34.14
N PHE A 312 -30.31 19.97 -33.26
CA PHE A 312 -31.30 20.52 -32.36
C PHE A 312 -32.13 21.62 -32.99
N GLY A 313 -31.68 22.15 -34.12
CA GLY A 313 -32.46 23.12 -34.86
C GLY A 313 -33.51 22.45 -35.72
N GLU A 314 -33.28 21.19 -36.05
CA GLU A 314 -34.25 20.41 -36.80
C GLU A 314 -35.35 19.84 -35.93
N VAL A 315 -35.17 19.81 -34.61
CA VAL A 315 -36.18 19.25 -33.71
C VAL A 315 -36.84 20.33 -32.83
N PHE A 316 -36.24 21.50 -32.67
CA PHE A 316 -36.88 22.63 -31.99
C PHE A 316 -37.50 23.60 -32.98
N ASN A 317 -36.71 24.06 -33.95
CA ASN A 317 -37.16 25.05 -34.93
C ASN A 317 -37.69 24.34 -36.17
N ALA A 318 -38.93 23.89 -36.07
CA ALA A 318 -39.61 23.21 -37.17
C ALA A 318 -41.03 23.74 -37.30
N THR A 319 -41.47 23.89 -38.55
CA THR A 319 -42.82 24.35 -38.87
C THR A 319 -43.88 23.31 -38.52
N ARG A 320 -43.69 22.07 -38.96
CA ARG A 320 -44.67 21.00 -38.77
C ARG A 320 -44.15 20.02 -37.73
N PHE A 321 -44.51 20.26 -36.47
CA PHE A 321 -44.36 19.21 -35.47
C PHE A 321 -45.40 18.12 -35.72
N ALA A 322 -44.92 16.88 -35.79
CA ALA A 322 -45.82 15.76 -35.98
C ALA A 322 -46.59 15.48 -34.70
N SER A 323 -47.79 14.91 -34.86
CA SER A 323 -48.69 14.73 -33.73
C SER A 323 -48.32 13.49 -32.94
N VAL A 324 -49.15 13.20 -31.93
CA VAL A 324 -48.80 12.17 -30.94
C VAL A 324 -49.18 10.79 -31.46
N TYR A 325 -50.00 10.73 -32.52
CA TYR A 325 -50.26 9.44 -33.15
C TYR A 325 -49.12 9.05 -34.08
N ALA A 326 -48.40 10.05 -34.59
CA ALA A 326 -47.26 9.80 -35.46
C ALA A 326 -46.04 10.55 -34.97
N TRP A 327 -45.73 10.42 -33.67
CA TRP A 327 -44.63 11.13 -33.03
C TRP A 327 -43.28 10.74 -33.60
N ASN A 328 -42.48 11.74 -33.94
CA ASN A 328 -41.31 11.56 -34.78
C ASN A 328 -40.07 11.33 -33.92
N ARG A 329 -39.44 10.17 -34.10
CA ARG A 329 -38.22 9.82 -33.39
C ARG A 329 -37.03 10.00 -34.33
N LYS A 330 -36.09 10.85 -33.92
CA LYS A 330 -34.85 11.05 -34.64
C LYS A 330 -33.68 10.72 -33.73
N ARG A 331 -32.72 9.96 -34.24
CA ARG A 331 -31.55 9.54 -33.48
C ARG A 331 -30.46 10.60 -33.63
N ILE A 332 -30.10 11.24 -32.53
CA ILE A 332 -29.11 12.30 -32.53
C ILE A 332 -27.78 11.71 -32.07
N SER A 333 -26.83 11.61 -33.00
CA SER A 333 -25.54 11.01 -32.71
C SER A 333 -24.49 11.56 -33.68
N ASN A 334 -23.23 11.22 -33.38
CA ASN A 334 -22.03 11.55 -34.17
C ASN A 334 -21.85 13.06 -34.33
N CYS A 335 -22.13 13.77 -33.25
CA CYS A 335 -21.99 15.23 -33.20
C CYS A 335 -21.83 15.67 -31.76
N VAL A 336 -21.74 16.98 -31.56
CA VAL A 336 -21.63 17.56 -30.22
C VAL A 336 -22.95 18.28 -29.93
N ALA A 337 -23.63 17.86 -28.86
CA ALA A 337 -24.94 18.39 -28.52
C ALA A 337 -24.80 19.49 -27.47
N ASP A 338 -25.41 20.63 -27.73
CA ASP A 338 -25.31 21.81 -26.87
C ASP A 338 -26.63 21.93 -26.11
N TYR A 339 -26.59 21.64 -24.82
CA TYR A 339 -27.74 21.84 -23.94
C TYR A 339 -27.72 23.20 -23.25
N SER A 340 -26.66 23.98 -23.41
CA SER A 340 -26.58 25.30 -22.78
C SER A 340 -27.48 26.29 -23.49
N VAL A 341 -27.66 26.13 -24.80
CA VAL A 341 -28.58 26.98 -25.56
C VAL A 341 -30.03 26.62 -25.23
N LEU A 342 -30.26 25.35 -24.85
CA LEU A 342 -31.57 24.89 -24.39
C LEU A 342 -31.89 25.46 -23.01
N TYR A 343 -30.92 25.38 -22.09
CA TYR A 343 -31.19 25.76 -20.70
C TYR A 343 -31.16 27.28 -20.52
N ASN A 344 -30.34 27.98 -21.31
CA ASN A 344 -30.15 29.41 -21.12
C ASN A 344 -31.24 30.26 -21.80
N SER A 345 -32.13 29.64 -22.57
CA SER A 345 -33.28 30.32 -23.15
C SER A 345 -34.54 29.78 -22.50
N ALA A 346 -35.52 30.64 -22.26
CA ALA A 346 -36.68 30.29 -21.46
C ALA A 346 -38.00 30.46 -22.20
N SER A 347 -38.12 29.96 -23.43
CA SER A 347 -39.41 29.91 -24.11
C SER A 347 -40.37 28.93 -23.42
N PHE A 348 -39.82 27.88 -22.82
CA PHE A 348 -40.59 26.95 -22.01
C PHE A 348 -40.78 27.48 -20.59
N SER A 349 -41.41 26.65 -19.75
CA SER A 349 -41.44 26.90 -18.31
C SER A 349 -41.37 25.62 -17.48
N THR A 350 -41.19 24.46 -18.11
CA THR A 350 -41.44 23.16 -17.49
C THR A 350 -40.37 22.10 -17.79
N PHE A 351 -39.10 22.44 -17.45
CA PHE A 351 -37.92 21.58 -17.69
C PHE A 351 -38.06 20.17 -17.09
N LYS A 352 -38.03 20.07 -15.75
CA LYS A 352 -38.27 18.87 -14.94
C LYS A 352 -37.51 17.61 -15.37
N CYS A 353 -36.19 17.71 -15.52
CA CYS A 353 -35.40 16.65 -16.13
C CYS A 353 -35.16 15.57 -15.08
N TYR A 354 -35.88 14.45 -15.23
CA TYR A 354 -35.75 13.31 -14.32
C TYR A 354 -34.46 12.57 -14.63
N GLY A 355 -33.83 12.02 -13.59
CA GLY A 355 -32.58 11.32 -13.76
C GLY A 355 -31.38 12.22 -13.55
N VAL A 356 -30.83 12.74 -14.64
CA VAL A 356 -29.70 13.67 -14.58
C VAL A 356 -30.24 15.03 -14.14
N SER A 357 -29.40 15.82 -13.48
CA SER A 357 -29.77 17.14 -12.98
C SER A 357 -29.90 18.11 -14.15
N PRO A 358 -30.82 19.12 -14.07
CA PRO A 358 -30.91 20.13 -15.13
C PRO A 358 -29.66 21.00 -15.27
N THR A 359 -28.94 21.23 -14.17
CA THR A 359 -27.77 22.10 -14.19
C THR A 359 -26.57 21.42 -14.84
N LYS A 360 -26.13 20.30 -14.27
CA LYS A 360 -24.99 19.58 -14.82
C LYS A 360 -25.42 18.65 -15.96
N LEU A 361 -25.55 19.21 -17.16
CA LEU A 361 -25.95 18.45 -18.34
C LEU A 361 -24.91 18.45 -19.45
N ASN A 362 -24.07 19.47 -19.57
CA ASN A 362 -23.12 19.55 -20.66
C ASN A 362 -21.81 18.82 -20.36
N ASP A 363 -21.69 18.22 -19.19
CA ASP A 363 -20.45 17.56 -18.78
C ASP A 363 -20.50 16.05 -18.95
N LEU A 364 -21.67 15.45 -18.76
CA LEU A 364 -21.80 14.00 -18.86
C LEU A 364 -21.79 13.56 -20.31
N CYS A 365 -21.14 12.41 -20.57
CA CYS A 365 -21.00 11.88 -21.92
C CYS A 365 -22.03 10.78 -22.13
N PHE A 366 -23.11 11.14 -22.81
CA PHE A 366 -24.11 10.16 -23.22
C PHE A 366 -23.63 9.41 -24.46
N THR A 367 -24.37 8.36 -24.84
CA THR A 367 -23.97 7.60 -26.02
C THR A 367 -25.00 7.71 -27.15
N ASN A 368 -26.28 7.80 -26.80
CA ASN A 368 -27.35 7.76 -27.79
C ASN A 368 -28.50 8.63 -27.29
N VAL A 369 -28.91 9.59 -28.12
CA VAL A 369 -30.00 10.51 -27.77
C VAL A 369 -31.16 10.26 -28.74
N TYR A 370 -32.33 9.93 -28.19
CA TYR A 370 -33.55 9.74 -28.95
C TYR A 370 -34.41 11.00 -28.76
N ALA A 371 -34.49 11.82 -29.80
CA ALA A 371 -35.25 13.07 -29.73
C ALA A 371 -36.65 12.83 -30.28
N ASP A 372 -37.62 12.67 -29.38
CA ASP A 372 -39.01 12.50 -29.80
C ASP A 372 -39.70 13.86 -29.85
N SER A 373 -40.81 13.90 -30.58
CA SER A 373 -41.55 15.15 -30.73
C SER A 373 -43.03 14.84 -30.94
N PHE A 374 -43.88 15.44 -30.11
CA PHE A 374 -45.33 15.28 -30.23
C PHE A 374 -46.00 16.53 -29.66
N VAL A 375 -47.26 16.72 -30.00
CA VAL A 375 -48.06 17.85 -29.53
C VAL A 375 -49.28 17.27 -28.82
N ILE A 376 -49.48 17.66 -27.55
CA ILE A 376 -50.60 17.21 -26.74
C ILE A 376 -51.33 18.42 -26.17
N ARG A 377 -52.31 18.14 -25.33
CA ARG A 377 -53.13 19.19 -24.73
C ARG A 377 -52.35 19.92 -23.64
N GLY A 378 -52.84 21.11 -23.29
CA GLY A 378 -52.14 21.98 -22.36
C GLY A 378 -52.18 21.55 -20.91
N ASP A 379 -53.19 20.78 -20.51
CA ASP A 379 -53.31 20.33 -19.12
C ASP A 379 -52.67 18.98 -18.86
N GLU A 380 -52.00 18.39 -19.86
CA GLU A 380 -51.43 17.06 -19.71
C GLU A 380 -49.94 17.10 -19.39
N VAL A 381 -49.50 18.10 -18.62
CA VAL A 381 -48.11 18.22 -18.20
C VAL A 381 -47.75 17.14 -17.20
N ARG A 382 -48.70 16.78 -16.32
CA ARG A 382 -48.43 15.79 -15.27
C ARG A 382 -48.40 14.37 -15.84
N GLN A 383 -49.00 14.15 -17.01
CA GLN A 383 -49.07 12.81 -17.56
C GLN A 383 -47.77 12.35 -18.20
N ILE A 384 -46.96 13.27 -18.72
CA ILE A 384 -45.65 12.91 -19.25
C ILE A 384 -44.59 12.93 -18.14
N ALA A 385 -44.56 11.84 -17.37
CA ALA A 385 -43.75 11.70 -16.18
C ALA A 385 -43.60 10.23 -15.85
N PRO A 386 -42.49 9.80 -15.22
CA PRO A 386 -42.39 8.40 -14.77
C PRO A 386 -43.30 8.08 -13.60
N GLY A 387 -44.16 7.07 -13.76
CA GLY A 387 -45.00 6.61 -12.67
C GLY A 387 -46.45 7.04 -12.77
N GLN A 388 -46.70 8.20 -13.35
CA GLN A 388 -48.05 8.72 -13.46
C GLN A 388 -48.80 7.98 -14.57
N THR A 389 -50.06 7.63 -14.32
CA THR A 389 -50.88 6.90 -15.28
C THR A 389 -52.09 7.74 -15.68
N GLY A 390 -52.68 7.39 -16.82
CA GLY A 390 -53.86 8.07 -17.33
C GLY A 390 -54.07 7.84 -18.81
N ASN A 391 -54.75 8.77 -19.48
CA ASN A 391 -55.01 8.62 -20.92
C ASN A 391 -53.74 8.80 -21.73
N ILE A 392 -53.02 9.91 -21.49
CA ILE A 392 -51.82 10.24 -22.26
C ILE A 392 -50.66 9.31 -21.89
N ALA A 393 -50.65 8.82 -20.65
CA ALA A 393 -49.62 7.88 -20.24
C ALA A 393 -49.92 6.48 -20.76
N ASP A 394 -51.14 5.99 -20.55
CA ASP A 394 -51.42 4.57 -20.79
C ASP A 394 -51.72 4.30 -22.26
N TYR A 395 -52.50 5.15 -22.91
CA TYR A 395 -52.99 4.78 -24.23
C TYR A 395 -52.44 5.64 -25.35
N ASN A 396 -51.53 6.55 -25.03
CA ASN A 396 -51.01 7.45 -26.06
C ASN A 396 -49.51 7.29 -26.27
N TYR A 397 -48.72 7.54 -25.22
CA TYR A 397 -47.27 7.48 -25.27
C TYR A 397 -46.76 7.41 -23.83
N LYS A 398 -46.12 6.31 -23.47
CA LYS A 398 -45.73 6.04 -22.09
C LYS A 398 -44.27 6.40 -21.88
N LEU A 399 -43.98 7.16 -20.83
CA LEU A 399 -42.62 7.32 -20.36
C LEU A 399 -42.29 6.17 -19.42
N PRO A 400 -41.08 5.62 -19.46
CA PRO A 400 -40.77 4.44 -18.62
C PRO A 400 -40.61 4.80 -17.15
N ASP A 401 -40.60 3.76 -16.30
CA ASP A 401 -40.54 3.95 -14.85
C ASP A 401 -39.16 4.45 -14.41
N ASP A 402 -38.11 4.07 -15.14
CA ASP A 402 -36.75 4.50 -14.82
C ASP A 402 -36.26 5.44 -15.91
N PHE A 403 -37.10 6.40 -16.29
CA PHE A 403 -36.81 7.30 -17.40
C PHE A 403 -35.71 8.29 -17.03
N THR A 404 -34.65 8.31 -17.83
CA THR A 404 -33.55 9.26 -17.68
C THR A 404 -33.57 10.16 -18.90
N GLY A 405 -33.99 11.41 -18.70
CA GLY A 405 -34.06 12.36 -19.79
C GLY A 405 -34.90 13.56 -19.39
N CYS A 406 -34.84 14.59 -20.24
CA CYS A 406 -35.52 15.85 -19.98
C CYS A 406 -36.82 15.88 -20.77
N VAL A 407 -37.80 16.62 -20.22
CA VAL A 407 -39.20 16.56 -20.63
C VAL A 407 -39.50 17.95 -21.21
N ILE A 408 -38.57 18.46 -22.02
CA ILE A 408 -38.59 19.79 -22.63
C ILE A 408 -39.85 20.02 -23.47
N ALA A 409 -40.64 21.03 -23.09
CA ALA A 409 -41.91 21.30 -23.75
C ALA A 409 -42.31 22.77 -23.56
N TRP A 410 -42.75 23.43 -24.63
CA TRP A 410 -43.26 24.78 -24.52
C TRP A 410 -44.74 24.84 -24.92
N ASN A 411 -45.46 25.75 -24.29
CA ASN A 411 -46.89 25.93 -24.55
C ASN A 411 -47.05 27.09 -25.54
N SER A 412 -47.23 26.73 -26.81
CA SER A 412 -47.35 27.71 -27.89
C SER A 412 -48.83 27.92 -28.21
N ASN A 413 -49.24 29.18 -28.33
CA ASN A 413 -50.61 29.53 -28.70
C ASN A 413 -50.67 30.19 -30.06
N ASN A 414 -49.56 30.78 -30.51
CA ASN A 414 -49.54 31.45 -31.80
C ASN A 414 -49.48 30.46 -32.97
N LEU A 415 -48.64 29.44 -32.84
CA LEU A 415 -48.29 28.63 -34.01
C LEU A 415 -49.34 27.57 -34.30
N ASP A 416 -49.71 26.78 -33.29
CA ASP A 416 -50.50 25.57 -33.51
C ASP A 416 -51.97 25.73 -33.21
N SER A 417 -52.47 26.96 -33.07
CA SER A 417 -53.90 27.20 -32.84
C SER A 417 -54.48 27.92 -34.05
N LYS A 418 -55.53 27.33 -34.62
CA LYS A 418 -56.26 27.95 -35.72
C LYS A 418 -57.63 28.39 -35.23
N VAL A 419 -58.05 29.57 -35.66
CA VAL A 419 -59.34 30.13 -35.26
C VAL A 419 -60.45 29.38 -35.97
N GLY A 420 -61.15 28.53 -35.24
CA GLY A 420 -62.09 27.59 -35.82
C GLY A 420 -61.69 26.17 -35.49
N GLY A 421 -60.41 25.95 -35.22
CA GLY A 421 -59.92 24.67 -34.78
C GLY A 421 -58.89 24.02 -35.69
N ASN A 422 -57.70 23.76 -35.17
CA ASN A 422 -56.73 22.90 -35.85
C ASN A 422 -57.12 21.45 -35.60
N TYR A 423 -57.76 20.84 -36.59
CA TYR A 423 -58.23 19.47 -36.49
C TYR A 423 -57.20 18.46 -36.97
N ASN A 424 -56.01 18.93 -37.35
CA ASN A 424 -54.93 18.03 -37.75
C ASN A 424 -54.31 17.29 -36.57
N TYR A 425 -54.19 17.94 -35.42
CA TYR A 425 -53.64 17.30 -34.23
C TYR A 425 -54.71 16.40 -33.61
N LEU A 426 -54.31 15.18 -33.28
CA LEU A 426 -55.23 14.09 -32.99
C LEU A 426 -54.70 13.24 -31.84
N TYR A 427 -55.60 12.58 -31.12
CA TYR A 427 -55.24 11.74 -29.98
C TYR A 427 -56.24 10.60 -29.86
N ARG A 428 -55.99 9.68 -28.94
CA ARG A 428 -56.89 8.54 -28.74
C ARG A 428 -57.45 8.56 -27.33
N LEU A 429 -58.74 8.30 -27.22
CA LEU A 429 -59.35 8.09 -25.92
C LEU A 429 -59.47 6.60 -25.62
N PHE A 430 -60.03 5.85 -26.56
CA PHE A 430 -60.35 4.45 -26.33
C PHE A 430 -59.33 3.52 -26.97
N ARG A 431 -58.70 2.68 -26.17
CA ARG A 431 -57.71 1.71 -26.63
C ARG A 431 -57.70 0.55 -25.65
N LYS A 432 -57.71 -0.68 -26.18
CA LYS A 432 -57.84 -1.89 -25.36
C LYS A 432 -56.50 -2.43 -24.86
N SER A 433 -55.45 -1.61 -24.84
CA SER A 433 -54.15 -2.05 -24.36
C SER A 433 -53.37 -0.90 -23.74
N ASN A 434 -52.86 -1.09 -22.52
CA ASN A 434 -51.95 -0.10 -21.93
C ASN A 434 -50.61 -0.19 -22.63
N LEU A 435 -50.15 0.94 -23.18
CA LEU A 435 -48.96 0.94 -24.03
C LEU A 435 -47.70 0.86 -23.19
N LYS A 436 -46.80 -0.04 -23.61
CA LYS A 436 -45.45 -0.10 -23.06
C LYS A 436 -44.67 1.12 -23.53
N PRO A 437 -43.63 1.56 -22.75
CA PRO A 437 -42.83 2.74 -23.15
C PRO A 437 -42.07 2.61 -24.46
N PHE A 438 -42.01 3.74 -25.19
CA PHE A 438 -41.45 3.89 -26.54
C PHE A 438 -42.12 2.94 -27.52
N GLU A 439 -43.44 3.12 -27.64
CA GLU A 439 -44.26 2.38 -28.60
C GLU A 439 -45.15 3.35 -29.35
N ARG A 440 -45.45 3.03 -30.60
CA ARG A 440 -46.12 3.94 -31.53
C ARG A 440 -47.25 3.19 -32.22
N ASP A 441 -48.49 3.44 -31.76
CA ASP A 441 -49.67 2.81 -32.36
C ASP A 441 -50.33 3.77 -33.36
N ILE A 442 -50.04 3.51 -34.63
CA ILE A 442 -50.57 4.32 -35.73
C ILE A 442 -51.79 3.68 -36.37
N SER A 443 -52.17 2.48 -35.92
CA SER A 443 -53.27 1.73 -36.52
C SER A 443 -54.62 2.36 -36.21
N THR A 444 -55.51 2.30 -37.21
CA THR A 444 -56.80 3.00 -37.17
C THR A 444 -57.96 2.03 -37.01
N GLU A 445 -57.83 1.01 -36.19
CA GLU A 445 -58.88 0.01 -36.03
C GLU A 445 -60.05 0.56 -35.21
N ILE A 446 -61.23 -0.03 -35.40
CA ILE A 446 -62.43 0.38 -34.70
C ILE A 446 -62.45 -0.25 -33.30
N TYR A 447 -62.72 0.56 -32.28
CA TYR A 447 -62.76 0.08 -30.91
C TYR A 447 -64.17 -0.45 -30.61
N GLN A 448 -64.24 -1.67 -30.10
CA GLN A 448 -65.51 -2.25 -29.68
C GLN A 448 -65.59 -2.29 -28.16
N ALA A 449 -66.70 -1.79 -27.62
CA ALA A 449 -66.87 -1.72 -26.18
C ALA A 449 -67.90 -2.70 -25.65
N GLY A 450 -69.18 -2.51 -25.99
CA GLY A 450 -70.23 -3.22 -25.27
C GLY A 450 -70.44 -4.70 -25.56
N SER A 451 -71.09 -5.06 -26.67
CA SER A 451 -71.29 -6.47 -26.97
C SER A 451 -70.84 -6.90 -28.35
N THR A 452 -71.42 -6.28 -29.39
CA THR A 452 -71.35 -6.79 -30.76
C THR A 452 -70.32 -6.05 -31.60
N PRO A 453 -69.39 -6.76 -32.25
CA PRO A 453 -68.35 -6.08 -33.04
C PRO A 453 -68.91 -5.49 -34.33
N CYS A 454 -68.52 -4.25 -34.60
CA CYS A 454 -68.97 -3.56 -35.81
C CYS A 454 -68.13 -3.95 -37.01
N ASN A 455 -66.80 -3.88 -36.86
CA ASN A 455 -65.76 -4.32 -37.80
C ASN A 455 -65.87 -3.65 -39.18
N GLY A 456 -65.70 -2.33 -39.23
CA GLY A 456 -65.71 -1.59 -40.47
C GLY A 456 -66.76 -0.50 -40.55
N VAL A 457 -67.75 -0.51 -39.66
CA VAL A 457 -68.81 0.49 -39.64
C VAL A 457 -68.78 1.19 -38.28
N LYS A 458 -69.48 2.31 -38.19
CA LYS A 458 -69.55 3.10 -36.97
C LYS A 458 -71.00 3.25 -36.53
N GLY A 459 -71.24 3.11 -35.23
CA GLY A 459 -72.59 3.17 -34.73
C GLY A 459 -72.73 3.03 -33.22
N PHE A 460 -73.66 2.18 -32.80
CA PHE A 460 -74.00 2.04 -31.38
C PHE A 460 -72.91 1.24 -30.65
N ASN A 461 -72.31 1.89 -29.64
CA ASN A 461 -71.15 1.40 -28.87
C ASN A 461 -69.97 1.01 -29.77
N CYS A 462 -69.71 1.82 -30.79
CA CYS A 462 -68.56 1.64 -31.67
C CYS A 462 -67.98 3.01 -31.93
N TYR A 463 -66.90 3.35 -31.21
CA TYR A 463 -66.31 4.68 -31.24
C TYR A 463 -65.02 4.65 -32.04
N PHE A 464 -64.88 5.59 -32.96
CA PHE A 464 -63.61 5.78 -33.66
C PHE A 464 -62.61 6.40 -32.69
N PRO A 465 -61.46 5.73 -32.41
CA PRO A 465 -60.53 6.24 -31.40
C PRO A 465 -59.79 7.51 -31.81
N LEU A 466 -59.61 7.70 -33.12
CA LEU A 466 -58.92 8.88 -33.61
C LEU A 466 -59.81 10.10 -33.51
N GLN A 467 -59.60 10.92 -32.47
CA GLN A 467 -60.41 12.09 -32.23
C GLN A 467 -59.53 13.34 -32.18
N SER A 468 -60.10 14.46 -32.62
CA SER A 468 -59.34 15.69 -32.77
C SER A 468 -59.23 16.46 -31.47
N TYR A 469 -58.09 17.14 -31.31
CA TYR A 469 -57.93 18.12 -30.24
C TYR A 469 -58.85 19.33 -30.47
N GLY A 470 -58.79 19.92 -31.67
CA GLY A 470 -59.58 21.10 -31.99
C GLY A 470 -59.13 22.33 -31.24
N PHE A 471 -57.91 22.78 -31.50
CA PHE A 471 -57.28 23.84 -30.73
C PHE A 471 -57.82 25.21 -31.15
N GLN A 472 -58.27 25.98 -30.19
CA GLN A 472 -58.81 27.32 -30.39
C GLN A 472 -58.09 28.33 -29.50
N PRO A 473 -57.74 29.51 -30.02
CA PRO A 473 -57.03 30.52 -29.22
C PRO A 473 -57.84 31.16 -28.11
N THR A 474 -59.16 31.00 -28.08
CA THR A 474 -59.99 31.53 -26.99
C THR A 474 -60.09 30.59 -25.81
N TYR A 475 -59.45 29.42 -25.88
CA TYR A 475 -59.44 28.45 -24.79
C TYR A 475 -58.54 28.89 -23.65
N GLY A 476 -58.62 28.19 -22.52
CA GLY A 476 -57.71 28.45 -21.42
C GLY A 476 -56.36 27.78 -21.63
N VAL A 477 -55.50 27.90 -20.61
CA VAL A 477 -54.12 27.44 -20.70
C VAL A 477 -54.04 25.92 -20.57
N GLY A 478 -55.10 25.29 -20.06
CA GLY A 478 -55.15 23.84 -19.98
C GLY A 478 -55.58 23.21 -21.29
N TYR A 479 -56.15 24.02 -22.19
CA TYR A 479 -56.61 23.54 -23.49
C TYR A 479 -55.81 24.13 -24.64
N GLN A 480 -54.74 24.86 -24.35
CA GLN A 480 -53.86 25.42 -25.35
C GLN A 480 -53.00 24.33 -25.99
N PRO A 481 -52.47 24.56 -27.21
CA PRO A 481 -51.48 23.63 -27.76
C PRO A 481 -50.19 23.61 -26.94
N TYR A 482 -49.61 22.42 -26.83
CA TYR A 482 -48.50 22.17 -25.91
C TYR A 482 -47.46 21.31 -26.63
N ARG A 483 -46.43 21.96 -27.16
CA ARG A 483 -45.48 21.37 -28.10
C ARG A 483 -44.36 20.71 -27.30
N VAL A 484 -44.30 19.37 -27.34
CA VAL A 484 -43.37 18.61 -26.51
C VAL A 484 -42.23 18.05 -27.35
N VAL A 485 -40.99 18.33 -26.93
CA VAL A 485 -39.81 17.65 -27.45
C VAL A 485 -39.05 16.93 -26.33
N VAL A 486 -39.40 15.65 -26.11
CA VAL A 486 -38.79 14.90 -25.03
C VAL A 486 -37.54 14.21 -25.56
N LEU A 487 -36.48 14.19 -24.74
CA LEU A 487 -35.18 13.67 -25.14
C LEU A 487 -34.85 12.43 -24.31
N SER A 488 -34.83 11.27 -24.95
CA SER A 488 -34.41 10.06 -24.29
C SER A 488 -32.89 9.90 -24.39
N PHE A 489 -32.33 9.09 -23.50
CA PHE A 489 -30.89 9.02 -23.27
C PHE A 489 -30.36 7.61 -23.40
N GLU A 490 -29.13 7.44 -22.91
CA GLU A 490 -28.17 6.35 -23.16
C GLU A 490 -28.66 4.91 -23.02
N LEU A 491 -29.12 4.54 -21.80
CA LEU A 491 -29.51 3.20 -21.39
C LEU A 491 -28.42 2.14 -21.61
N LEU A 492 -27.15 2.54 -21.41
CA LEU A 492 -25.91 1.75 -21.40
C LEU A 492 -25.75 0.69 -22.50
N HIS A 493 -25.88 1.10 -23.76
CA HIS A 493 -25.86 0.15 -24.87
C HIS A 493 -24.81 0.43 -25.93
N ALA A 494 -24.19 1.61 -25.93
CA ALA A 494 -23.31 2.01 -27.03
C ALA A 494 -22.05 2.61 -26.43
N PRO A 495 -20.98 2.74 -27.23
CA PRO A 495 -19.91 3.68 -26.88
C PRO A 495 -20.36 5.11 -27.10
N ALA A 496 -19.68 6.05 -26.44
CA ALA A 496 -20.08 7.45 -26.47
C ALA A 496 -19.70 8.10 -27.80
N THR A 497 -20.69 8.72 -28.45
CA THR A 497 -20.48 9.46 -29.68
C THR A 497 -21.17 10.82 -29.71
N VAL A 498 -22.03 11.13 -28.74
CA VAL A 498 -22.68 12.44 -28.65
C VAL A 498 -22.36 13.03 -27.26
N CYS A 499 -21.79 14.23 -27.26
CA CYS A 499 -21.28 14.79 -26.02
C CYS A 499 -21.66 16.25 -25.91
N GLY A 500 -21.44 16.82 -24.73
CA GLY A 500 -21.66 18.23 -24.50
C GLY A 500 -20.55 19.08 -25.07
N PRO A 501 -20.75 20.39 -25.13
CA PRO A 501 -19.73 21.30 -25.66
C PRO A 501 -18.60 21.49 -24.64
N LYS A 502 -17.44 21.89 -25.16
CA LYS A 502 -16.27 22.14 -24.34
C LYS A 502 -15.63 23.45 -24.81
N LYS A 503 -15.62 24.45 -23.94
CA LYS A 503 -15.13 25.77 -24.29
C LYS A 503 -13.61 25.78 -24.35
N SER A 504 -13.06 26.14 -25.51
CA SER A 504 -11.62 26.22 -25.69
C SER A 504 -11.06 27.49 -25.06
N THR A 505 -9.79 27.43 -24.68
CA THR A 505 -9.08 28.53 -24.05
C THR A 505 -7.82 28.81 -24.86
N ASN A 506 -7.56 30.09 -25.11
CA ASN A 506 -6.39 30.51 -25.88
C ASN A 506 -5.11 30.25 -25.09
N LEU A 507 -4.13 29.69 -25.77
CA LEU A 507 -2.90 29.21 -25.17
C LEU A 507 -1.87 30.32 -25.03
N VAL A 508 -1.04 30.23 -24.00
CA VAL A 508 0.11 31.09 -23.81
C VAL A 508 1.35 30.20 -23.77
N LYS A 509 2.45 30.67 -24.35
CA LYS A 509 3.66 29.88 -24.46
C LYS A 509 4.74 30.40 -23.50
N ASN A 510 5.72 29.53 -23.24
CA ASN A 510 6.93 29.79 -22.43
C ASN A 510 6.61 30.19 -20.98
N LYS A 511 5.49 29.69 -20.45
CA LYS A 511 5.12 29.93 -19.07
C LYS A 511 4.65 28.62 -18.43
N CYS A 512 4.75 28.56 -17.11
CA CYS A 512 4.26 27.39 -16.37
C CYS A 512 2.75 27.43 -16.31
N VAL A 513 2.10 26.51 -17.02
CA VAL A 513 0.65 26.47 -17.13
C VAL A 513 0.15 25.07 -16.77
N ASN A 514 -1.14 24.98 -16.43
CA ASN A 514 -1.81 23.71 -16.18
C ASN A 514 -2.70 23.45 -17.39
N PHE A 515 -2.23 22.59 -18.29
CA PHE A 515 -2.88 22.40 -19.58
C PHE A 515 -3.84 21.22 -19.57
N ASN A 516 -4.65 21.13 -20.62
CA ASN A 516 -5.56 20.01 -20.85
C ASN A 516 -5.67 19.84 -22.36
N PHE A 517 -5.11 18.76 -22.89
CA PHE A 517 -5.10 18.46 -24.31
C PHE A 517 -5.80 17.14 -24.54
N ASN A 518 -7.08 17.21 -24.98
CA ASN A 518 -7.90 16.07 -25.43
C ASN A 518 -8.12 15.03 -24.34
N GLY A 519 -8.20 15.49 -23.10
CA GLY A 519 -8.31 14.60 -21.95
C GLY A 519 -7.01 14.28 -21.25
N LEU A 520 -5.87 14.60 -21.86
CA LEU A 520 -4.57 14.42 -21.23
C LEU A 520 -4.21 15.70 -20.48
N THR A 521 -4.04 15.59 -19.17
CA THR A 521 -3.75 16.72 -18.31
C THR A 521 -2.29 16.71 -17.87
N GLY A 522 -1.85 17.84 -17.35
CA GLY A 522 -0.49 17.96 -16.87
C GLY A 522 -0.12 19.41 -16.64
N THR A 523 1.04 19.60 -16.05
CA THR A 523 1.58 20.92 -15.75
C THR A 523 2.98 21.03 -16.32
N GLY A 524 3.21 22.06 -17.13
CA GLY A 524 4.50 22.23 -17.77
C GLY A 524 4.55 23.51 -18.56
N VAL A 525 5.72 23.73 -19.16
CA VAL A 525 5.99 24.91 -19.98
C VAL A 525 5.91 24.51 -21.44
N LEU A 526 5.06 25.18 -22.20
CA LEU A 526 4.82 24.87 -23.61
C LEU A 526 5.72 25.74 -24.48
N THR A 527 6.40 25.12 -25.43
CA THR A 527 7.27 25.82 -26.37
C THR A 527 7.20 25.11 -27.72
N GLU A 528 7.79 25.76 -28.72
CA GLU A 528 7.83 25.20 -30.07
C GLU A 528 8.82 24.05 -30.15
N SER A 529 8.61 23.17 -31.13
CA SER A 529 9.44 22.00 -31.32
C SER A 529 9.71 21.77 -32.80
N ASN A 530 10.77 21.03 -33.09
CA ASN A 530 11.13 20.65 -34.44
C ASN A 530 10.94 19.15 -34.70
N LYS A 531 10.20 18.49 -33.82
CA LYS A 531 9.90 17.06 -33.95
C LYS A 531 8.76 16.88 -34.94
N LYS A 532 8.99 16.11 -35.99
CA LYS A 532 8.00 15.91 -37.04
C LYS A 532 7.02 14.83 -36.63
N PHE A 533 5.81 15.26 -36.27
CA PHE A 533 4.74 14.31 -35.96
C PHE A 533 4.17 13.70 -37.24
N LEU A 534 3.86 12.42 -37.16
CA LEU A 534 3.05 11.82 -38.19
C LEU A 534 1.59 12.26 -38.01
N PRO A 535 0.81 12.43 -39.13
CA PRO A 535 -0.47 13.15 -39.04
C PRO A 535 -1.61 12.51 -38.24
N PHE A 536 -1.46 11.24 -37.84
CA PHE A 536 -2.46 10.61 -36.99
C PHE A 536 -2.14 10.72 -35.50
N GLN A 537 -0.94 11.15 -35.15
CA GLN A 537 -0.50 11.13 -33.75
C GLN A 537 -0.88 12.43 -33.05
N GLN A 538 -1.34 12.31 -31.81
CA GLN A 538 -1.82 13.46 -31.06
C GLN A 538 -0.87 13.88 -29.94
N PHE A 539 -0.11 12.95 -29.36
CA PHE A 539 0.82 13.28 -28.29
C PHE A 539 2.01 12.35 -28.36
N GLY A 540 3.18 12.88 -28.01
CA GLY A 540 4.43 12.13 -28.05
C GLY A 540 5.00 11.92 -26.66
N ARG A 541 5.52 10.72 -26.42
CA ARG A 541 6.11 10.35 -25.14
C ARG A 541 7.58 10.00 -25.30
N ASP A 542 8.33 10.22 -24.22
CA ASP A 542 9.79 10.16 -24.24
C ASP A 542 10.16 8.77 -23.69
N ILE A 543 11.41 8.58 -23.24
CA ILE A 543 11.81 7.44 -22.43
C ILE A 543 10.94 7.35 -21.16
N ALA A 544 10.45 6.13 -20.89
CA ALA A 544 9.80 5.71 -19.64
C ALA A 544 8.48 6.43 -19.38
N ASP A 545 7.71 6.63 -20.46
CA ASP A 545 6.28 6.97 -20.46
C ASP A 545 6.01 8.34 -19.83
N THR A 546 6.78 9.33 -20.28
CA THR A 546 6.54 10.71 -19.90
C THR A 546 6.22 11.50 -21.16
N THR A 547 5.14 12.27 -21.12
CA THR A 547 4.64 12.99 -22.28
C THR A 547 5.55 14.16 -22.62
N ASP A 548 6.37 13.99 -23.66
CA ASP A 548 7.35 14.99 -24.06
C ASP A 548 6.74 16.07 -24.94
N ALA A 549 5.89 15.70 -25.90
CA ALA A 549 5.30 16.66 -26.80
C ALA A 549 3.84 16.29 -27.05
N VAL A 550 3.06 17.29 -27.45
CA VAL A 550 1.65 17.09 -27.79
C VAL A 550 1.37 17.88 -29.05
N ARG A 551 0.53 17.34 -29.92
CA ARG A 551 0.12 18.02 -31.14
C ARG A 551 -1.06 18.93 -30.80
N ASP A 552 -0.95 20.17 -31.23
CA ASP A 552 -1.90 21.22 -30.84
C ASP A 552 -3.19 21.07 -31.64
N PRO A 553 -4.34 21.00 -30.97
CA PRO A 553 -5.62 21.02 -31.67
C PRO A 553 -5.90 22.40 -32.29
N GLN A 554 -6.76 22.38 -33.33
CA GLN A 554 -7.35 23.51 -34.06
C GLN A 554 -6.37 24.30 -34.92
N THR A 555 -5.08 23.97 -34.91
CA THR A 555 -4.09 24.61 -35.76
C THR A 555 -3.03 23.64 -36.28
N LEU A 556 -3.03 22.39 -35.79
CA LEU A 556 -2.09 21.31 -36.13
C LEU A 556 -0.62 21.69 -35.89
N GLU A 557 -0.35 22.37 -34.78
CA GLU A 557 1.01 22.71 -34.38
C GLU A 557 1.55 21.60 -33.47
N ILE A 558 2.87 21.52 -33.37
CA ILE A 558 3.52 20.54 -32.51
C ILE A 558 4.22 21.31 -31.39
N LEU A 559 3.75 21.14 -30.16
CA LEU A 559 4.25 21.87 -29.00
C LEU A 559 5.04 20.94 -28.10
N ASP A 560 6.18 21.42 -27.61
CA ASP A 560 7.06 20.64 -26.73
C ASP A 560 6.69 20.94 -25.29
N ILE A 561 6.38 19.90 -24.52
CA ILE A 561 6.08 20.04 -23.10
C ILE A 561 7.38 19.92 -22.32
N THR A 562 7.83 21.03 -21.75
CA THR A 562 8.94 21.08 -20.83
C THR A 562 8.39 21.20 -19.42
N PRO A 563 8.82 20.36 -18.47
CA PRO A 563 8.35 20.51 -17.09
C PRO A 563 8.90 21.77 -16.44
N CYS A 564 8.13 22.31 -15.50
CA CYS A 564 8.48 23.56 -14.84
C CYS A 564 9.66 23.35 -13.91
N SER A 565 10.48 24.39 -13.79
CA SER A 565 11.78 24.26 -13.11
C SER A 565 11.60 24.15 -11.61
N PHE A 566 12.28 23.16 -11.03
CA PHE A 566 12.17 22.88 -9.61
C PHE A 566 13.53 22.50 -9.06
N GLY A 567 13.66 22.59 -7.75
CA GLY A 567 14.89 22.22 -7.07
C GLY A 567 14.78 22.46 -5.58
N GLY A 568 15.68 21.83 -4.85
CA GLY A 568 15.70 22.01 -3.41
C GLY A 568 16.27 23.37 -3.03
N VAL A 569 15.89 23.85 -1.85
CA VAL A 569 16.36 25.13 -1.34
C VAL A 569 17.49 24.87 -0.35
N SER A 570 18.70 25.26 -0.71
CA SER A 570 19.88 25.06 0.12
C SER A 570 20.30 26.37 0.74
N VAL A 571 20.58 26.34 2.05
CA VAL A 571 20.91 27.53 2.82
C VAL A 571 22.35 27.39 3.31
N ILE A 572 23.19 28.32 2.90
CA ILE A 572 24.58 28.40 3.36
C ILE A 572 24.60 29.21 4.65
N THR A 573 25.16 28.63 5.72
CA THR A 573 25.24 29.34 6.99
C THR A 573 26.60 29.13 7.66
N PRO A 574 27.11 30.14 8.39
CA PRO A 574 28.38 29.96 9.11
C PRO A 574 28.19 29.38 10.52
N GLY A 575 26.95 29.24 10.97
CA GLY A 575 26.70 28.81 12.32
C GLY A 575 26.22 29.94 13.22
N THR A 576 25.53 29.61 14.31
CA THR A 576 24.87 30.63 15.11
C THR A 576 25.85 31.37 16.03
N ASN A 577 27.01 30.77 16.30
CA ASN A 577 28.09 31.53 16.94
C ASN A 577 28.63 32.61 16.03
N THR A 578 28.78 32.31 14.73
CA THR A 578 29.54 33.20 13.86
C THR A 578 28.69 34.39 13.39
N SER A 579 27.64 34.11 12.62
CA SER A 579 26.84 35.18 12.05
C SER A 579 25.42 34.67 11.81
N ASN A 580 24.51 35.63 11.59
CA ASN A 580 23.14 35.33 11.23
C ASN A 580 22.86 35.58 9.75
N GLN A 581 23.87 36.00 9.00
CA GLN A 581 23.75 36.20 7.57
C GLN A 581 23.82 34.87 6.83
N VAL A 582 22.89 34.67 5.90
CA VAL A 582 22.81 33.42 5.16
C VAL A 582 22.88 33.67 3.66
N ALA A 583 23.19 32.63 2.90
CA ALA A 583 23.12 32.64 1.45
C ALA A 583 22.27 31.47 1.00
N VAL A 584 21.46 31.71 -0.05
CA VAL A 584 20.45 30.74 -0.48
C VAL A 584 20.86 30.19 -1.84
N LEU A 585 20.98 28.87 -1.92
CA LEU A 585 21.28 28.18 -3.18
C LEU A 585 20.01 27.47 -3.65
N TYR A 586 19.58 27.79 -4.87
CA TYR A 586 18.48 27.09 -5.52
C TYR A 586 19.08 26.15 -6.55
N GLN A 587 18.93 24.84 -6.31
CA GLN A 587 19.69 23.79 -6.99
C GLN A 587 19.40 23.64 -8.49
N GLY A 588 18.21 23.17 -8.85
CA GLY A 588 17.95 22.88 -10.25
C GLY A 588 17.19 23.91 -11.06
N VAL A 589 17.56 25.18 -10.99
CA VAL A 589 16.87 26.23 -11.74
C VAL A 589 17.91 27.13 -12.41
N ASN A 590 17.43 28.06 -13.22
CA ASN A 590 18.21 29.13 -13.81
C ASN A 590 18.13 30.35 -12.88
N CYS A 591 18.79 31.45 -13.24
CA CYS A 591 18.68 32.67 -12.46
C CYS A 591 17.73 33.66 -13.11
N THR A 592 16.66 33.15 -13.74
CA THR A 592 15.65 34.00 -14.35
C THR A 592 14.38 34.08 -13.52
N GLU A 593 14.20 33.19 -12.54
CA GLU A 593 13.02 33.18 -11.69
C GLU A 593 13.46 33.32 -10.24
N VAL A 594 12.71 34.09 -9.46
CA VAL A 594 13.02 34.31 -8.06
C VAL A 594 12.20 33.37 -7.18
N SER A 614 20.87 39.88 -1.56
CA SER A 614 20.74 41.12 -2.33
C SER A 614 21.46 41.00 -3.67
N ASN A 615 22.45 40.10 -3.73
CA ASN A 615 23.22 39.87 -4.94
C ASN A 615 22.94 38.49 -5.49
N VAL A 616 22.78 38.41 -6.81
CA VAL A 616 22.41 37.18 -7.50
C VAL A 616 23.58 36.78 -8.40
N PHE A 617 24.12 35.59 -8.19
CA PHE A 617 25.20 35.06 -9.01
C PHE A 617 24.78 33.69 -9.56
N GLN A 618 25.03 33.48 -10.86
CA GLN A 618 24.73 32.21 -11.50
C GLN A 618 25.94 31.28 -11.39
N THR A 619 25.73 30.10 -10.83
CA THR A 619 26.73 29.06 -10.78
C THR A 619 26.31 27.92 -11.72
N ARG A 620 27.24 27.01 -11.96
CA ARG A 620 26.91 25.79 -12.68
C ARG A 620 26.03 24.86 -11.85
N ALA A 621 26.16 24.88 -10.53
CA ALA A 621 25.35 24.06 -9.65
C ALA A 621 23.99 24.66 -9.33
N GLY A 622 23.70 25.87 -9.79
CA GLY A 622 22.40 26.46 -9.62
C GLY A 622 22.50 27.96 -9.43
N CYS A 623 21.39 28.53 -8.95
CA CYS A 623 21.27 29.97 -8.74
C CYS A 623 21.54 30.26 -7.26
N LEU A 624 22.56 31.07 -7.00
CA LEU A 624 23.01 31.35 -5.64
C LEU A 624 22.75 32.82 -5.31
N ILE A 625 21.96 33.07 -4.27
CA ILE A 625 21.58 34.41 -3.85
C ILE A 625 22.06 34.63 -2.43
N GLY A 626 22.84 35.69 -2.23
CA GLY A 626 23.35 36.04 -0.92
C GLY A 626 24.85 35.96 -0.79
N ALA A 627 25.55 35.52 -1.83
CA ALA A 627 27.00 35.40 -1.81
C ALA A 627 27.64 36.25 -2.90
N GLU A 628 28.68 36.98 -2.53
CA GLU A 628 29.42 37.79 -3.49
C GLU A 628 30.47 36.92 -4.19
N HIS A 629 30.60 37.10 -5.50
CA HIS A 629 31.55 36.31 -6.27
C HIS A 629 32.92 36.99 -6.27
N VAL A 630 33.92 36.29 -5.74
CA VAL A 630 35.27 36.82 -5.59
C VAL A 630 36.17 36.00 -6.49
N ASN A 631 37.05 36.68 -7.25
CA ASN A 631 37.85 36.03 -8.29
C ASN A 631 38.90 35.07 -7.74
N ASN A 632 39.63 35.47 -6.70
CA ASN A 632 40.75 34.64 -6.23
C ASN A 632 40.25 33.46 -5.40
N SER A 633 40.99 32.37 -5.47
CA SER A 633 40.56 31.10 -4.90
C SER A 633 41.05 30.93 -3.46
N TYR A 634 40.31 30.12 -2.71
CA TYR A 634 40.67 29.75 -1.36
C TYR A 634 40.42 28.26 -1.19
N GLU A 635 40.85 27.73 -0.04
CA GLU A 635 40.50 26.36 0.32
C GLU A 635 39.01 26.28 0.64
N CYS A 636 38.39 25.17 0.24
CA CYS A 636 36.93 25.04 0.34
C CYS A 636 36.50 24.85 1.78
N ASP A 637 35.48 25.61 2.18
CA ASP A 637 34.98 25.57 3.56
C ASP A 637 33.57 25.01 3.60
N ILE A 638 32.65 25.55 2.80
CA ILE A 638 31.29 25.02 2.69
C ILE A 638 31.08 24.62 1.23
N PRO A 639 30.87 23.33 0.93
CA PRO A 639 30.71 22.91 -0.47
C PRO A 639 29.33 23.25 -1.02
N ILE A 640 29.31 23.73 -2.26
CA ILE A 640 28.07 24.02 -2.99
C ILE A 640 27.89 23.07 -4.16
N GLY A 641 28.88 22.98 -5.04
CA GLY A 641 28.83 22.09 -6.18
C GLY A 641 29.50 22.70 -7.38
N ALA A 642 30.00 21.83 -8.28
CA ALA A 642 30.68 22.13 -9.54
C ALA A 642 31.93 23.01 -9.34
N GLY A 643 32.64 22.77 -8.24
CA GLY A 643 33.85 23.51 -7.94
C GLY A 643 33.66 24.76 -7.13
N ILE A 644 32.42 25.25 -6.98
CA ILE A 644 32.12 26.47 -6.26
C ILE A 644 31.96 26.13 -4.79
N CYS A 645 32.67 26.84 -3.92
CA CYS A 645 32.51 26.72 -2.49
C CYS A 645 32.22 28.09 -1.88
N ALA A 646 31.77 28.08 -0.63
CA ALA A 646 31.47 29.30 0.09
C ALA A 646 32.11 29.31 1.47
N VAL A 661 32.68 32.23 5.50
CA VAL A 661 32.51 33.67 5.65
C VAL A 661 33.90 34.33 5.73
N ALA A 662 34.03 35.48 5.06
CA ALA A 662 35.28 36.23 5.03
C ALA A 662 34.96 37.69 4.76
N SER A 663 35.60 38.57 5.54
CA SER A 663 35.44 40.04 5.50
C SER A 663 33.98 40.47 5.68
N GLN A 664 33.37 39.99 6.79
CA GLN A 664 31.98 40.18 7.25
C GLN A 664 30.92 39.99 6.15
N SER A 665 31.15 39.06 5.23
CA SER A 665 30.20 38.78 4.15
C SER A 665 30.41 37.35 3.68
N ILE A 666 29.37 36.80 3.06
CA ILE A 666 29.46 35.46 2.47
C ILE A 666 30.05 35.59 1.07
N ILE A 667 31.14 34.89 0.83
CA ILE A 667 31.83 34.95 -0.45
C ILE A 667 31.61 33.64 -1.20
N ALA A 668 31.74 33.69 -2.52
CA ALA A 668 31.61 32.53 -3.38
C ALA A 668 32.81 32.47 -4.31
N TYR A 669 33.42 31.28 -4.40
CA TYR A 669 34.68 31.16 -5.11
C TYR A 669 34.82 29.73 -5.62
N THR A 670 35.58 29.59 -6.70
CA THR A 670 36.12 28.28 -7.07
C THR A 670 37.16 27.90 -6.01
N MET A 671 37.12 26.64 -5.56
CA MET A 671 38.02 26.17 -4.52
C MET A 671 39.46 26.13 -5.04
N SER A 672 40.41 26.33 -4.13
CA SER A 672 41.81 26.18 -4.48
C SER A 672 42.25 24.76 -4.16
N LEU A 673 43.08 24.22 -5.05
CA LEU A 673 43.44 22.80 -4.98
C LEU A 673 44.71 22.57 -4.19
N GLY A 674 45.11 23.52 -3.36
CA GLY A 674 46.36 23.47 -2.64
C GLY A 674 47.30 24.55 -3.17
N VAL A 675 48.40 24.80 -2.46
CA VAL A 675 49.40 25.73 -2.96
C VAL A 675 50.16 25.06 -4.11
N GLU A 676 50.41 25.83 -5.17
CA GLU A 676 51.02 25.27 -6.37
C GLU A 676 52.50 25.63 -6.39
N ASN A 677 53.35 24.61 -6.43
CA ASN A 677 54.79 24.79 -6.56
C ASN A 677 55.31 23.86 -7.63
N SER A 678 56.32 24.31 -8.37
CA SER A 678 56.98 23.49 -9.38
C SER A 678 58.33 23.05 -8.82
N VAL A 679 58.48 21.74 -8.63
CA VAL A 679 59.70 21.22 -8.06
C VAL A 679 60.79 21.22 -9.14
N ALA A 680 61.95 21.77 -8.78
CA ALA A 680 63.05 21.97 -9.73
C ALA A 680 63.69 20.62 -10.10
N TYR A 681 63.06 19.96 -11.07
CA TYR A 681 63.63 18.75 -11.64
C TYR A 681 64.87 19.10 -12.44
N SER A 682 65.95 18.37 -12.18
CA SER A 682 67.23 18.67 -12.79
C SER A 682 67.75 17.45 -13.52
N ASN A 683 68.82 17.68 -14.28
CA ASN A 683 69.50 16.60 -14.97
C ASN A 683 70.17 15.65 -13.99
N ASN A 684 70.86 16.19 -12.99
CA ASN A 684 71.71 15.39 -12.12
C ASN A 684 71.68 15.84 -10.65
N SER A 685 70.51 16.05 -10.06
CA SER A 685 70.48 16.46 -8.65
C SER A 685 69.38 15.76 -7.87
N ILE A 686 69.73 15.23 -6.69
CA ILE A 686 68.75 14.69 -5.75
C ILE A 686 68.68 15.66 -4.56
N ALA A 687 67.47 15.88 -4.04
CA ALA A 687 67.34 16.57 -2.77
C ALA A 687 67.34 15.56 -1.63
N ILE A 688 68.25 15.76 -0.67
CA ILE A 688 68.40 14.85 0.45
C ILE A 688 68.26 15.65 1.74
N PRO A 689 67.44 15.21 2.70
CA PRO A 689 67.21 15.99 3.92
C PRO A 689 68.43 15.99 4.84
N THR A 690 68.62 17.14 5.49
CA THR A 690 69.62 17.30 6.53
C THR A 690 69.05 17.17 7.93
N ASN A 691 67.73 17.03 8.06
CA ASN A 691 67.05 17.03 9.34
C ASN A 691 65.74 16.27 9.16
N PHE A 692 64.98 16.16 10.24
CA PHE A 692 63.69 15.49 10.23
C PHE A 692 62.81 16.02 11.35
N THR A 693 61.50 15.91 11.15
CA THR A 693 60.51 16.23 12.17
C THR A 693 59.67 14.98 12.42
N ILE A 694 59.87 14.33 13.56
CA ILE A 694 59.00 13.22 13.92
C ILE A 694 57.66 13.78 14.39
N SER A 695 56.58 13.20 13.88
CA SER A 695 55.24 13.77 14.07
C SER A 695 54.25 12.68 14.43
N VAL A 696 53.23 13.08 15.18
CA VAL A 696 52.15 12.18 15.60
C VAL A 696 50.86 12.69 14.99
N THR A 697 50.18 11.84 14.23
CA THR A 697 48.88 12.16 13.66
C THR A 697 47.82 11.25 14.28
N THR A 698 46.58 11.75 14.34
CA THR A 698 45.46 11.00 14.89
C THR A 698 44.65 10.42 13.75
N GLU A 699 44.23 9.16 13.89
CA GLU A 699 43.28 8.54 12.99
C GLU A 699 42.17 7.91 13.82
N ILE A 700 40.94 8.31 13.54
CA ILE A 700 39.79 7.99 14.38
C ILE A 700 38.83 7.13 13.56
N LEU A 701 38.58 5.90 14.04
CA LEU A 701 37.77 4.93 13.31
C LEU A 701 36.71 4.33 14.22
N PRO A 702 35.44 4.33 13.81
CA PRO A 702 34.42 3.65 14.60
C PRO A 702 34.45 2.14 14.40
N VAL A 703 34.12 1.41 15.46
CA VAL A 703 34.14 -0.05 15.44
C VAL A 703 32.78 -0.65 15.76
N SER A 704 31.89 0.09 16.43
CA SER A 704 30.66 -0.48 16.92
C SER A 704 29.56 0.56 16.98
N MET A 705 28.32 0.08 17.13
CA MET A 705 27.16 0.91 17.39
C MET A 705 26.50 0.46 18.67
N THR A 706 25.36 1.06 18.98
CA THR A 706 24.55 0.58 20.10
C THR A 706 23.82 -0.68 19.71
N LYS A 707 23.80 -1.66 20.62
CA LYS A 707 23.14 -2.94 20.37
C LYS A 707 21.64 -2.76 20.65
N THR A 708 20.94 -2.22 19.66
CA THR A 708 19.51 -1.99 19.80
C THR A 708 18.71 -3.24 19.40
N SER A 709 17.59 -3.42 20.08
CA SER A 709 16.69 -4.52 19.79
C SER A 709 15.27 -4.09 20.15
N VAL A 710 14.31 -4.42 19.29
CA VAL A 710 12.92 -4.00 19.46
C VAL A 710 12.08 -5.23 19.74
N ASP A 711 10.85 -5.01 20.20
CA ASP A 711 9.87 -6.09 20.35
C ASP A 711 8.75 -5.86 19.34
N CYS A 712 8.34 -6.94 18.67
CA CYS A 712 7.46 -6.84 17.52
C CYS A 712 6.04 -6.47 17.93
N THR A 713 5.45 -7.27 18.82
CA THR A 713 4.06 -7.08 19.20
C THR A 713 3.89 -5.87 20.11
N MET A 714 4.96 -5.47 20.81
CA MET A 714 4.83 -4.30 21.67
C MET A 714 5.10 -3.02 20.90
N TYR A 715 5.93 -3.08 19.85
CA TYR A 715 6.05 -1.92 18.96
C TYR A 715 4.79 -1.73 18.10
N ILE A 716 4.28 -2.82 17.51
CA ILE A 716 3.14 -2.68 16.61
C ILE A 716 1.84 -2.54 17.39
N CYS A 717 1.55 -3.48 18.28
CA CYS A 717 0.37 -3.40 19.12
C CYS A 717 0.61 -2.91 20.54
N GLY A 718 1.41 -3.63 21.32
CA GLY A 718 1.39 -3.38 22.76
C GLY A 718 0.60 -4.46 23.47
N ASP A 719 -0.23 -4.03 24.41
CA ASP A 719 -1.04 -4.94 25.23
C ASP A 719 -2.43 -5.22 24.65
N SER A 720 -2.51 -5.79 23.45
CA SER A 720 -3.81 -6.05 22.82
C SER A 720 -3.75 -7.36 22.05
N THR A 721 -4.42 -8.39 22.61
CA THR A 721 -4.43 -9.70 21.98
C THR A 721 -5.30 -9.71 20.72
N GLU A 722 -6.28 -8.81 20.63
CA GLU A 722 -7.19 -8.81 19.50
C GLU A 722 -6.57 -8.16 18.26
N CYS A 723 -5.40 -7.52 18.42
CA CYS A 723 -4.58 -7.21 17.24
C CYS A 723 -3.34 -8.10 17.18
N SER A 724 -3.01 -8.79 18.27
CA SER A 724 -1.98 -9.84 18.19
C SER A 724 -2.44 -11.00 17.31
N ASN A 725 -3.75 -11.31 17.33
CA ASN A 725 -4.29 -12.33 16.43
C ASN A 725 -4.22 -11.92 14.96
N LEU A 726 -4.32 -10.63 14.66
CA LEU A 726 -4.11 -10.20 13.28
C LEU A 726 -2.63 -10.11 12.95
N LEU A 727 -1.78 -9.94 13.97
CA LEU A 727 -0.34 -9.96 13.73
C LEU A 727 0.17 -11.36 13.43
N LEU A 728 -0.48 -12.39 14.00
CA LEU A 728 -0.11 -13.77 13.62
C LEU A 728 -0.57 -14.16 12.22
N GLN A 729 -1.43 -13.36 11.57
CA GLN A 729 -1.80 -13.61 10.18
C GLN A 729 -0.71 -13.21 9.19
N TYR A 730 0.32 -12.48 9.63
CA TYR A 730 1.40 -12.04 8.77
C TYR A 730 2.61 -12.98 8.82
N GLY A 731 2.56 -14.01 9.65
CA GLY A 731 3.62 -15.01 9.63
C GLY A 731 4.82 -14.60 10.46
N SER A 732 6.01 -14.85 9.90
CA SER A 732 7.27 -14.64 10.60
C SER A 732 7.89 -13.27 10.32
N PHE A 733 7.06 -12.24 10.10
CA PHE A 733 7.58 -10.89 9.91
C PHE A 733 8.13 -10.31 11.19
N CYS A 734 7.68 -10.80 12.35
CA CYS A 734 8.35 -10.51 13.61
C CYS A 734 9.71 -11.20 13.66
N THR A 735 9.73 -12.48 13.26
CA THR A 735 10.87 -13.36 13.51
C THR A 735 12.07 -12.99 12.63
N GLN A 736 11.81 -12.57 11.38
CA GLN A 736 12.88 -12.09 10.49
C GLN A 736 13.55 -10.82 10.99
N LEU A 737 12.79 -9.83 11.46
CA LEU A 737 13.37 -8.59 11.94
C LEU A 737 14.08 -8.78 13.28
N ASN A 738 13.51 -9.64 14.15
CA ASN A 738 14.17 -9.96 15.41
C ASN A 738 15.47 -10.73 15.20
N ARG A 739 15.48 -11.63 14.21
CA ARG A 739 16.68 -12.40 13.88
C ARG A 739 17.76 -11.51 13.27
N ALA A 740 17.34 -10.54 12.44
CA ALA A 740 18.30 -9.61 11.84
C ALA A 740 18.91 -8.67 12.88
N LEU A 741 18.08 -8.15 13.79
CA LEU A 741 18.60 -7.28 14.85
C LEU A 741 19.43 -8.06 15.87
N THR A 742 19.09 -9.33 16.10
CA THR A 742 19.91 -10.19 16.94
C THR A 742 21.26 -10.49 16.28
N GLY A 743 21.29 -10.67 14.96
CA GLY A 743 22.55 -10.87 14.26
C GLY A 743 23.45 -9.65 14.27
N ILE A 744 22.84 -8.46 14.15
CA ILE A 744 23.57 -7.20 14.32
C ILE A 744 24.13 -7.07 15.74
N ALA A 745 23.31 -7.41 16.75
CA ALA A 745 23.74 -7.26 18.14
C ALA A 745 24.82 -8.27 18.53
N VAL A 746 24.82 -9.45 17.89
CA VAL A 746 25.92 -10.39 18.07
C VAL A 746 27.18 -9.89 17.37
N GLU A 747 27.06 -9.38 16.13
CA GLU A 747 28.26 -9.01 15.39
C GLU A 747 28.90 -7.70 15.87
N GLN A 748 28.16 -6.86 16.61
CA GLN A 748 28.79 -5.65 17.16
C GLN A 748 29.75 -5.98 18.30
N ASP A 749 29.48 -7.06 19.05
CA ASP A 749 30.47 -7.52 20.02
C ASP A 749 31.63 -8.22 19.35
N LYS A 750 31.36 -8.89 18.22
CA LYS A 750 32.41 -9.56 17.45
C LYS A 750 33.39 -8.55 16.84
N ASN A 751 32.87 -7.38 16.44
CA ASN A 751 33.72 -6.30 15.93
C ASN A 751 34.67 -5.76 16.99
N THR A 752 34.15 -5.56 18.21
CA THR A 752 34.98 -5.06 19.32
C THR A 752 36.00 -6.11 19.77
N GLN A 753 35.59 -7.39 19.77
CA GLN A 753 36.51 -8.47 20.11
C GLN A 753 37.60 -8.63 19.05
N GLU A 754 37.24 -8.52 17.77
CA GLU A 754 38.20 -8.66 16.68
C GLU A 754 39.18 -7.49 16.64
N VAL A 755 38.73 -6.28 16.96
CA VAL A 755 39.66 -5.15 17.04
C VAL A 755 40.54 -5.26 18.28
N PHE A 756 39.96 -5.27 19.48
CA PHE A 756 40.78 -5.06 20.67
C PHE A 756 41.42 -6.33 21.20
N ALA A 757 40.80 -7.49 21.02
CA ALA A 757 41.34 -8.74 21.58
C ALA A 757 42.34 -9.37 20.61
N GLN A 758 43.53 -8.77 20.55
CA GLN A 758 44.61 -9.28 19.71
C GLN A 758 45.81 -9.78 20.49
N VAL A 759 45.88 -9.48 21.79
CA VAL A 759 46.95 -10.01 22.63
C VAL A 759 46.52 -11.33 23.26
N LYS A 760 47.47 -12.25 23.39
CA LYS A 760 47.22 -13.46 24.16
C LYS A 760 47.28 -13.18 25.65
N GLN A 761 48.17 -12.28 26.04
CA GLN A 761 48.48 -12.00 27.44
C GLN A 761 48.32 -10.51 27.71
N ILE A 762 47.95 -10.19 28.95
CA ILE A 762 47.76 -8.81 29.37
C ILE A 762 49.12 -8.30 29.86
N TYR A 763 49.71 -7.40 29.09
CA TYR A 763 51.02 -6.86 29.44
C TYR A 763 50.86 -5.62 30.30
N LYS A 764 51.81 -5.43 31.21
CA LYS A 764 51.79 -4.30 32.13
C LYS A 764 53.09 -3.54 32.03
N THR A 765 53.01 -2.22 32.18
CA THR A 765 54.14 -1.30 32.14
C THR A 765 55.04 -1.52 33.36
N PRO A 766 56.35 -1.27 33.23
CA PRO A 766 57.24 -1.29 34.40
C PRO A 766 56.89 -0.17 35.37
N PRO A 767 57.13 -0.36 36.68
CA PRO A 767 56.72 0.66 37.66
C PRO A 767 57.56 1.93 37.61
N ILE A 768 58.77 1.86 37.07
CA ILE A 768 59.57 3.05 36.81
C ILE A 768 59.49 3.35 35.32
N LYS A 769 59.66 4.61 34.95
CA LYS A 769 59.54 5.04 33.56
C LYS A 769 60.86 5.67 33.13
N ASP A 770 61.79 4.84 32.67
CA ASP A 770 63.09 5.30 32.16
C ASP A 770 63.13 4.68 30.76
N PHE A 771 62.61 5.42 29.77
CA PHE A 771 62.52 4.96 28.39
C PHE A 771 63.53 5.64 27.48
N GLY A 772 64.63 6.15 28.04
CA GLY A 772 65.64 6.82 27.26
C GLY A 772 65.33 8.28 26.94
N GLY A 773 64.28 8.85 27.53
CA GLY A 773 63.93 10.23 27.25
C GLY A 773 62.50 10.36 26.76
N PHE A 774 61.92 9.23 26.36
CA PHE A 774 60.57 9.24 25.82
C PHE A 774 59.55 9.23 26.96
N ASN A 775 58.54 10.08 26.84
CA ASN A 775 57.51 10.27 27.86
C ASN A 775 56.22 9.67 27.30
N PHE A 776 55.57 8.83 28.10
CA PHE A 776 54.35 8.14 27.69
C PHE A 776 53.20 8.36 28.64
N SER A 777 53.25 9.42 29.46
CA SER A 777 52.23 9.61 30.49
C SER A 777 50.90 10.09 29.89
N GLN A 778 50.93 10.57 28.65
CA GLN A 778 49.70 10.98 27.98
C GLN A 778 48.92 9.78 27.47
N ILE A 779 49.59 8.63 27.30
CA ILE A 779 48.93 7.48 26.67
C ILE A 779 48.87 6.29 27.63
N LEU A 780 49.81 6.20 28.58
CA LEU A 780 49.70 5.19 29.61
C LEU A 780 48.60 5.58 30.60
N PRO A 781 47.89 4.60 31.17
CA PRO A 781 46.81 4.93 32.11
C PRO A 781 47.34 5.47 33.44
N ASP A 782 46.56 6.37 34.02
CA ASP A 782 46.88 7.10 35.22
C ASP A 782 46.34 6.36 36.45
N PRO A 783 47.19 5.99 37.40
CA PRO A 783 46.70 5.36 38.64
C PRO A 783 45.91 6.29 39.54
N SER A 784 46.06 7.61 39.40
CA SER A 784 45.26 8.55 40.19
C SER A 784 43.83 8.67 39.67
N LYS A 785 43.56 8.24 38.43
CA LYS A 785 42.24 8.20 37.81
C LYS A 785 41.43 7.05 38.39
N PRO A 786 40.16 7.29 38.74
CA PRO A 786 39.33 6.18 39.25
C PRO A 786 38.90 5.19 38.17
N SER A 787 39.00 5.54 36.89
CA SER A 787 38.60 4.64 35.81
C SER A 787 39.78 3.96 35.14
N LYS A 788 41.02 4.30 35.56
CA LYS A 788 42.30 3.79 35.05
C LYS A 788 42.44 4.03 33.54
N ARG A 789 42.42 5.31 33.20
CA ARG A 789 42.52 5.75 31.82
C ARG A 789 43.64 6.76 31.66
N SER A 790 44.12 6.92 30.43
CA SER A 790 45.07 7.95 30.10
C SER A 790 44.37 9.31 29.99
N PRO A 791 45.11 10.42 30.07
CA PRO A 791 44.50 11.74 29.79
C PRO A 791 43.91 11.89 28.41
N ILE A 792 44.52 11.28 27.39
CA ILE A 792 44.00 11.35 26.02
C ILE A 792 42.71 10.54 25.90
N GLU A 793 42.68 9.35 26.51
CA GLU A 793 41.47 8.53 26.51
C GLU A 793 40.35 9.16 27.34
N ASP A 794 40.71 9.85 28.42
CA ASP A 794 39.73 10.56 29.23
C ASP A 794 39.13 11.76 28.49
N LEU A 795 39.95 12.51 27.74
CA LEU A 795 39.41 13.62 26.97
C LEU A 795 38.68 13.13 25.72
N LEU A 796 39.00 11.92 25.24
CA LEU A 796 38.18 11.30 24.21
C LEU A 796 36.82 10.87 24.76
N PHE A 797 36.80 10.45 26.04
CA PHE A 797 35.54 10.10 26.67
C PHE A 797 34.69 11.32 26.99
N ASN A 798 35.32 12.46 27.28
CA ASN A 798 34.59 13.68 27.59
C ASN A 798 34.27 14.54 26.37
N LYS A 799 34.59 14.07 25.17
CA LYS A 799 34.33 14.84 23.95
C LYS A 799 33.05 14.46 23.23
N VAL A 800 32.66 13.19 23.26
CA VAL A 800 31.44 12.74 22.59
C VAL A 800 30.29 12.79 23.60
N THR A 801 29.10 13.11 23.11
CA THR A 801 27.90 13.20 23.92
C THR A 801 26.81 12.33 23.33
N LEU A 802 26.04 11.67 24.20
CA LEU A 802 24.96 10.80 23.76
C LEU A 802 23.61 11.44 24.08
N GLN A 827 13.20 6.45 23.69
CA GLN A 827 14.46 5.82 23.33
C GLN A 827 14.48 4.38 23.85
N LYS A 828 13.83 4.16 24.99
CA LYS A 828 13.68 2.84 25.59
C LYS A 828 12.29 2.70 26.20
N PHE A 829 11.26 3.16 25.48
CA PHE A 829 9.95 3.39 26.07
C PHE A 829 8.85 2.44 25.62
N ASN A 830 8.72 2.16 24.32
CA ASN A 830 7.55 1.43 23.82
C ASN A 830 7.84 -0.03 23.48
N GLY A 831 8.92 -0.58 23.99
CA GLY A 831 9.30 -1.94 23.68
C GLY A 831 10.57 -2.10 22.90
N LEU A 832 11.39 -1.06 22.81
CA LEU A 832 12.69 -1.16 22.16
C LEU A 832 13.76 -1.07 23.24
N THR A 833 14.73 -1.96 23.18
CA THR A 833 15.74 -2.07 24.22
C THR A 833 17.12 -1.79 23.62
N VAL A 834 18.02 -1.28 24.46
CA VAL A 834 19.41 -1.09 24.11
C VAL A 834 20.22 -2.07 24.93
N LEU A 835 20.79 -3.06 24.27
CA LEU A 835 21.59 -4.03 25.00
C LEU A 835 22.97 -3.45 25.31
N PRO A 836 23.51 -3.71 26.50
CA PRO A 836 24.88 -3.28 26.80
C PRO A 836 25.88 -4.11 26.05
N PRO A 837 27.07 -3.56 25.76
CA PRO A 837 28.10 -4.37 25.11
C PRO A 837 28.71 -5.37 26.07
N LEU A 838 29.33 -6.40 25.47
CA LEU A 838 29.98 -7.45 26.27
C LEU A 838 31.23 -6.92 26.95
N LEU A 839 32.01 -6.10 26.26
CA LEU A 839 33.22 -5.50 26.79
C LEU A 839 32.88 -4.09 27.28
N THR A 840 33.06 -3.83 28.56
CA THR A 840 32.87 -2.47 29.06
C THR A 840 34.10 -1.62 28.75
N ASP A 841 33.97 -0.33 29.07
CA ASP A 841 34.99 0.66 28.73
C ASP A 841 36.27 0.47 29.53
N GLU A 842 36.16 0.00 30.77
CA GLU A 842 37.35 -0.31 31.58
C GLU A 842 38.11 -1.50 31.01
N MET A 843 37.38 -2.49 30.48
CA MET A 843 38.02 -3.66 29.90
C MET A 843 38.62 -3.36 28.54
N ILE A 844 37.99 -2.47 27.76
CA ILE A 844 38.57 -2.00 26.50
C ILE A 844 39.82 -1.16 26.76
N ALA A 845 39.79 -0.34 27.82
CA ALA A 845 40.97 0.43 28.21
C ALA A 845 42.07 -0.48 28.76
N GLN A 846 41.70 -1.59 29.38
CA GLN A 846 42.68 -2.59 29.81
C GLN A 846 43.32 -3.29 28.62
N TYR A 847 42.52 -3.57 27.57
CA TYR A 847 43.06 -4.13 26.34
C TYR A 847 44.03 -3.17 25.64
N THR A 848 43.67 -1.88 25.58
CA THR A 848 44.56 -0.90 24.97
C THR A 848 45.80 -0.64 25.81
N SER A 849 45.69 -0.74 27.14
CA SER A 849 46.85 -0.61 28.01
C SER A 849 47.78 -1.81 27.88
N ALA A 850 47.20 -3.00 27.66
CA ALA A 850 48.01 -4.18 27.39
C ALA A 850 48.74 -4.08 26.06
N LEU A 851 48.06 -3.57 25.03
CA LEU A 851 48.68 -3.28 23.72
C LEU A 851 49.78 -2.23 23.83
N LEU A 852 49.54 -1.16 24.61
CA LEU A 852 50.49 -0.07 24.74
C LEU A 852 51.74 -0.49 25.51
N ALA A 853 51.56 -1.19 26.64
CA ALA A 853 52.68 -1.68 27.42
C ALA A 853 53.45 -2.76 26.66
N GLY A 854 52.74 -3.58 25.88
CA GLY A 854 53.39 -4.58 25.05
C GLY A 854 54.24 -3.98 23.95
N THR A 855 53.76 -2.89 23.31
CA THR A 855 54.56 -2.33 22.23
C THR A 855 55.74 -1.51 22.76
N ILE A 856 55.58 -0.78 23.89
CA ILE A 856 56.71 0.01 24.38
C ILE A 856 57.72 -0.90 25.07
N THR A 857 57.29 -2.07 25.56
CA THR A 857 58.22 -3.01 26.15
C THR A 857 58.90 -3.90 25.12
N SER A 858 58.22 -4.26 24.02
CA SER A 858 58.75 -5.32 23.15
C SER A 858 58.96 -4.95 21.69
N GLY A 859 58.42 -3.85 21.17
CA GLY A 859 58.48 -3.64 19.74
C GLY A 859 57.40 -4.43 19.02
N TRP A 860 57.77 -5.13 17.95
CA TRP A 860 56.82 -5.93 17.17
C TRP A 860 56.88 -7.41 17.52
N THR A 861 57.68 -7.80 18.51
CA THR A 861 57.87 -9.22 18.83
C THR A 861 56.69 -9.86 19.54
N PHE A 862 55.94 -9.08 20.34
CA PHE A 862 54.81 -9.63 21.06
C PHE A 862 53.61 -9.89 20.16
N GLY A 863 53.50 -9.18 19.03
CA GLY A 863 52.43 -9.46 18.09
C GLY A 863 52.70 -10.71 17.27
N ALA A 864 53.96 -11.10 17.15
CA ALA A 864 54.34 -12.28 16.38
C ALA A 864 54.42 -13.52 17.27
N GLY A 865 55.30 -13.50 18.27
CA GLY A 865 55.47 -14.64 19.13
C GLY A 865 55.44 -14.25 20.60
N PRO A 866 56.40 -14.77 21.39
CA PRO A 866 56.51 -14.34 22.78
C PRO A 866 57.05 -12.93 22.89
N ALA A 867 56.75 -12.23 23.97
CA ALA A 867 57.21 -10.86 24.13
C ALA A 867 58.68 -10.84 24.53
N LEU A 868 59.51 -10.35 23.63
CA LEU A 868 60.95 -10.23 23.85
C LEU A 868 61.26 -8.78 24.17
N GLN A 869 61.88 -8.54 25.32
CA GLN A 869 62.06 -7.18 25.80
C GLN A 869 63.17 -6.47 25.03
N ILE A 870 63.06 -5.15 24.99
CA ILE A 870 63.92 -4.25 24.21
C ILE A 870 64.19 -3.00 25.04
N PRO A 871 65.34 -2.37 24.88
CA PRO A 871 65.46 -0.96 25.24
C PRO A 871 64.74 -0.12 24.19
N PHE A 872 64.03 0.90 24.63
CA PHE A 872 63.17 1.64 23.71
C PHE A 872 63.93 2.56 22.73
N PRO A 873 65.08 3.22 23.06
CA PRO A 873 65.90 3.78 21.98
C PRO A 873 66.40 2.75 20.97
N MET A 874 66.68 1.52 21.39
CA MET A 874 67.08 0.50 20.42
C MET A 874 65.92 0.02 19.58
N GLN A 875 64.69 0.02 20.14
CA GLN A 875 63.48 -0.26 19.38
C GLN A 875 63.21 0.82 18.33
N MET A 876 63.31 2.10 18.72
CA MET A 876 63.15 3.19 17.75
C MET A 876 64.30 3.24 16.73
N ALA A 877 65.49 2.77 17.09
CA ALA A 877 66.57 2.66 16.11
C ALA A 877 66.28 1.53 15.11
N TYR A 878 65.69 0.43 15.58
CA TYR A 878 65.37 -0.66 14.66
C TYR A 878 64.13 -0.34 13.84
N ARG A 879 63.30 0.60 14.31
CA ARG A 879 62.21 1.10 13.51
C ARG A 879 62.66 2.19 12.52
N PHE A 880 63.75 2.90 12.83
CA PHE A 880 64.42 3.70 11.80
C PHE A 880 65.07 2.83 10.74
N ASN A 881 65.62 1.68 11.14
CA ASN A 881 66.32 0.80 10.21
C ASN A 881 65.39 0.12 9.21
N GLY A 882 64.09 0.08 9.47
CA GLY A 882 63.13 -0.44 8.52
C GLY A 882 62.61 0.53 7.48
N ILE A 883 62.92 1.82 7.60
CA ILE A 883 62.45 2.81 6.63
C ILE A 883 63.57 3.31 5.72
N GLY A 884 64.81 2.94 5.98
CA GLY A 884 65.92 3.34 5.16
C GLY A 884 66.92 4.28 5.80
N VAL A 885 66.75 4.60 7.09
CA VAL A 885 67.69 5.43 7.83
C VAL A 885 68.52 4.51 8.70
N THR A 886 69.84 4.70 8.69
CA THR A 886 70.70 3.92 9.56
C THR A 886 70.52 4.36 11.01
N GLN A 887 70.87 3.45 11.93
CA GLN A 887 70.52 3.62 13.33
C GLN A 887 71.43 4.61 14.06
N ASN A 888 72.55 5.00 13.44
CA ASN A 888 73.47 5.96 14.06
C ASN A 888 72.88 7.37 14.17
N VAL A 889 71.90 7.69 13.30
CA VAL A 889 71.22 8.98 13.32
C VAL A 889 70.44 9.17 14.62
N LEU A 890 69.77 8.11 15.08
CA LEU A 890 69.06 8.17 16.36
C LEU A 890 70.02 8.22 17.54
N TYR A 891 71.15 7.51 17.44
CA TYR A 891 72.07 7.47 18.58
C TYR A 891 72.89 8.76 18.66
N GLU A 892 72.90 9.57 17.59
CA GLU A 892 73.45 10.90 17.69
C GLU A 892 72.38 11.96 17.98
N ASN A 893 71.10 11.68 17.70
CA ASN A 893 70.04 12.68 17.86
C ASN A 893 68.92 12.23 18.79
N GLN A 894 69.22 11.39 19.79
CA GLN A 894 68.21 10.77 20.66
C GLN A 894 67.46 11.79 21.51
N LYS A 895 68.15 12.80 22.03
CA LYS A 895 67.50 13.84 22.84
C LYS A 895 66.56 14.71 21.99
N LEU A 896 66.95 15.00 20.75
CA LEU A 896 66.09 15.75 19.83
C LEU A 896 64.87 14.94 19.43
N ILE A 897 65.04 13.63 19.22
CA ILE A 897 63.94 12.73 18.90
C ILE A 897 62.96 12.61 20.05
N ALA A 898 63.48 12.50 21.29
CA ALA A 898 62.63 12.42 22.46
C ALA A 898 61.88 13.72 22.73
N ASN A 899 62.54 14.86 22.53
CA ASN A 899 61.89 16.16 22.74
C ASN A 899 60.83 16.44 21.68
N GLN A 900 61.11 16.12 20.41
CA GLN A 900 60.14 16.32 19.35
C GLN A 900 58.98 15.33 19.45
N PHE A 901 59.25 14.12 19.94
CA PHE A 901 58.20 13.13 20.17
C PHE A 901 57.29 13.56 21.31
N ASN A 902 57.86 14.10 22.38
CA ASN A 902 57.05 14.55 23.52
C ASN A 902 56.23 15.79 23.15
N SER A 903 56.79 16.68 22.33
CA SER A 903 56.03 17.83 21.84
C SER A 903 54.91 17.41 20.90
N ALA A 904 55.17 16.45 20.01
CA ALA A 904 54.15 15.99 19.07
C ALA A 904 53.06 15.18 19.76
N ILE A 905 53.42 14.47 20.83
CA ILE A 905 52.42 13.77 21.64
C ILE A 905 51.59 14.77 22.44
N GLY A 906 52.22 15.82 22.97
CA GLY A 906 51.49 16.80 23.76
C GLY A 906 50.62 17.72 22.92
N LYS A 907 50.90 17.81 21.62
CA LYS A 907 50.00 18.56 20.74
C LYS A 907 48.69 17.83 20.45
N ILE A 908 48.64 16.51 20.68
CA ILE A 908 47.47 15.70 20.33
C ILE A 908 46.30 16.02 21.25
N GLN A 909 46.58 16.13 22.56
CA GLN A 909 45.54 16.46 23.54
C GLN A 909 45.02 17.88 23.34
N ASP A 910 45.92 18.81 22.99
CA ASP A 910 45.52 20.19 22.72
C ASP A 910 44.68 20.30 21.44
N SER A 911 45.04 19.52 20.41
CA SER A 911 44.28 19.52 19.15
C SER A 911 42.91 18.89 19.33
N LEU A 912 42.82 17.79 20.10
CA LEU A 912 41.54 17.16 20.36
C LEU A 912 40.67 17.99 21.28
N SER A 913 41.27 18.76 22.19
CA SER A 913 40.50 19.66 23.05
C SER A 913 40.04 20.92 22.33
N SER A 914 40.83 21.44 21.39
CA SER A 914 40.54 22.73 20.80
C SER A 914 39.74 22.63 19.50
N THR A 915 40.03 21.62 18.67
CA THR A 915 39.44 21.52 17.34
C THR A 915 37.97 21.08 17.41
N PRO A 916 37.05 21.87 16.87
CA PRO A 916 35.64 21.43 16.85
C PRO A 916 35.41 20.34 15.81
N SER A 917 34.51 19.42 16.15
CA SER A 917 34.11 18.24 15.35
C SER A 917 35.32 17.37 14.97
N ALA A 918 36.23 17.21 15.94
CA ALA A 918 37.37 16.31 15.74
C ALA A 918 36.92 14.85 15.79
N LEU A 919 35.94 14.56 16.64
CA LEU A 919 35.37 13.21 16.76
C LEU A 919 34.14 13.08 15.87
N GLY A 920 34.33 13.41 14.59
CA GLY A 920 33.20 13.48 13.67
C GLY A 920 32.66 12.13 13.27
N LYS A 921 33.56 11.17 13.02
CA LYS A 921 33.14 9.84 12.57
C LYS A 921 32.52 9.01 13.70
N LEU A 922 32.84 9.33 14.96
CA LEU A 922 32.19 8.71 16.10
C LEU A 922 30.94 9.47 16.55
N GLN A 923 30.87 10.78 16.31
CA GLN A 923 29.64 11.49 16.60
C GLN A 923 28.57 11.19 15.55
N ASP A 924 28.99 10.89 14.32
CA ASP A 924 28.07 10.72 13.20
C ASP A 924 27.31 9.40 13.33
N VAL A 925 27.97 8.35 13.81
CA VAL A 925 27.31 7.05 13.97
C VAL A 925 26.32 7.08 15.13
N VAL A 926 26.64 7.82 16.20
CA VAL A 926 25.74 7.98 17.34
C VAL A 926 24.54 8.85 16.95
N ASN A 927 24.78 9.90 16.16
CA ASN A 927 23.70 10.75 15.66
C ASN A 927 22.81 10.01 14.67
N GLN A 928 23.38 9.13 13.85
CA GLN A 928 22.60 8.36 12.89
C GLN A 928 21.75 7.30 13.59
N ASN A 929 22.31 6.63 14.61
CA ASN A 929 21.54 5.66 15.39
C ASN A 929 20.45 6.33 16.20
N ALA A 930 20.73 7.51 16.76
CA ALA A 930 19.73 8.26 17.51
C ALA A 930 18.64 8.81 16.61
N GLN A 931 19.01 9.20 15.38
CA GLN A 931 18.02 9.72 14.43
C GLN A 931 17.11 8.60 13.91
N ALA A 932 17.68 7.42 13.65
CA ALA A 932 16.88 6.27 13.24
C ALA A 932 15.99 5.78 14.38
N LEU A 933 16.48 5.85 15.62
CA LEU A 933 15.69 5.45 16.78
C LEU A 933 14.55 6.44 17.02
N ASN A 934 14.84 7.74 16.81
CA ASN A 934 13.83 8.78 17.00
C ASN A 934 12.75 8.72 15.93
N THR A 935 13.11 8.42 14.67
CA THR A 935 12.06 8.30 13.66
C THR A 935 11.31 6.98 13.81
N LEU A 936 11.94 5.94 14.38
CA LEU A 936 11.25 4.70 14.72
C LEU A 936 10.19 4.93 15.80
N VAL A 937 10.52 5.75 16.81
CA VAL A 937 9.54 6.12 17.82
C VAL A 937 8.46 7.03 17.21
N LYS A 938 8.88 7.98 16.37
CA LYS A 938 7.98 9.03 15.89
C LYS A 938 7.03 8.54 14.81
N GLN A 939 7.29 7.36 14.21
CA GLN A 939 6.36 6.86 13.20
C GLN A 939 5.10 6.22 13.79
N LEU A 940 4.98 6.12 15.12
CA LEU A 940 3.73 5.69 15.71
C LEU A 940 2.64 6.74 15.63
N SER A 941 3.02 8.02 15.56
CA SER A 941 2.07 9.13 15.52
C SER A 941 1.38 9.27 14.17
N SER A 942 1.89 8.60 13.14
CA SER A 942 1.25 8.56 11.84
C SER A 942 -0.03 7.74 11.90
N ASN A 943 -1.02 8.13 11.09
CA ASN A 943 -2.29 7.42 11.06
C ASN A 943 -2.26 6.22 10.12
N PHE A 944 -1.50 6.33 9.02
CA PHE A 944 -1.44 5.37 7.90
C PHE A 944 -2.83 5.08 7.31
N GLY A 945 -3.66 6.12 7.21
CA GLY A 945 -5.00 6.00 6.68
C GLY A 945 -6.05 5.63 7.71
N ALA A 946 -5.65 5.31 8.94
CA ALA A 946 -6.63 5.00 9.98
C ALA A 946 -7.17 6.28 10.61
N ILE A 947 -8.20 6.11 11.44
CA ILE A 947 -8.88 7.25 12.03
C ILE A 947 -8.13 7.84 13.23
N SER A 948 -7.30 7.06 13.90
CA SER A 948 -6.45 7.60 14.96
C SER A 948 -5.18 6.75 15.08
N SER A 949 -4.10 7.40 15.49
CA SER A 949 -2.82 6.72 15.65
C SER A 949 -2.76 5.86 16.91
N VAL A 950 -3.43 6.27 17.98
CA VAL A 950 -3.42 5.52 19.24
C VAL A 950 -4.35 4.32 19.10
N LEU A 951 -3.83 3.14 19.44
CA LEU A 951 -4.57 1.90 19.28
C LEU A 951 -5.69 1.78 20.31
N ASN A 952 -5.50 2.35 21.50
CA ASN A 952 -6.37 2.07 22.63
C ASN A 952 -7.72 2.75 22.49
N ASP A 953 -7.78 3.98 21.95
CA ASP A 953 -9.07 4.63 21.81
C ASP A 953 -9.89 4.06 20.67
N ILE A 954 -9.27 3.60 19.57
CA ILE A 954 -10.07 3.01 18.50
C ILE A 954 -10.54 1.60 18.89
N LEU A 955 -9.77 0.89 19.73
CA LEU A 955 -10.31 -0.35 20.30
C LEU A 955 -11.36 -0.07 21.37
N SER A 956 -11.30 1.11 21.99
CA SER A 956 -12.33 1.51 22.93
C SER A 956 -13.61 2.01 22.26
N ARG A 957 -13.54 2.47 21.01
CA ARG A 957 -14.72 3.05 20.36
C ARG A 957 -15.19 2.36 19.10
N LEU A 958 -14.56 1.28 18.64
CA LEU A 958 -15.15 0.43 17.61
C LEU A 958 -15.17 -1.02 18.05
N ASP A 959 -16.26 -1.70 17.72
CA ASP A 959 -16.32 -3.15 17.84
C ASP A 959 -15.45 -3.77 16.74
N PRO A 960 -14.90 -4.98 16.97
CA PRO A 960 -13.89 -5.59 16.03
C PRO A 960 -14.27 -5.77 14.56
N PRO A 961 -15.51 -6.16 14.14
CA PRO A 961 -15.71 -6.38 12.68
C PRO A 961 -15.76 -5.12 11.81
N GLU A 962 -15.77 -3.91 12.38
CA GLU A 962 -15.31 -2.76 11.60
C GLU A 962 -14.10 -2.07 12.19
N ALA A 963 -13.61 -2.52 13.35
CA ALA A 963 -12.34 -1.99 13.84
C ALA A 963 -11.16 -2.55 13.06
N GLU A 964 -11.30 -3.80 12.55
CA GLU A 964 -10.17 -4.53 11.98
C GLU A 964 -9.65 -3.93 10.68
N VAL A 965 -10.46 -3.11 10.00
CA VAL A 965 -9.98 -2.35 8.84
C VAL A 965 -8.96 -1.30 9.26
N GLN A 966 -9.19 -0.64 10.39
CA GLN A 966 -8.22 0.33 10.89
C GLN A 966 -7.02 -0.37 11.54
N ILE A 967 -7.28 -1.53 12.17
CA ILE A 967 -6.23 -2.34 12.79
C ILE A 967 -5.23 -2.85 11.74
N ASP A 968 -5.73 -3.34 10.60
CA ASP A 968 -4.88 -3.84 9.53
C ASP A 968 -4.01 -2.76 8.90
N ARG A 969 -4.55 -1.55 8.72
CA ARG A 969 -3.81 -0.40 8.24
C ARG A 969 -2.72 0.04 9.22
N LEU A 970 -3.03 0.04 10.53
CA LEU A 970 -2.03 0.39 11.54
C LEU A 970 -0.91 -0.64 11.63
N ILE A 971 -1.24 -1.93 11.56
CA ILE A 971 -0.24 -2.99 11.59
C ILE A 971 0.62 -2.97 10.33
N THR A 972 0.01 -2.68 9.18
CA THR A 972 0.75 -2.61 7.92
C THR A 972 1.73 -1.44 7.89
N GLY A 973 1.28 -0.26 8.36
CA GLY A 973 2.16 0.90 8.42
C GLY A 973 3.29 0.76 9.42
N ARG A 974 2.98 0.27 10.63
CA ARG A 974 4.01 0.10 11.65
C ARG A 974 4.98 -1.03 11.31
N LEU A 975 4.47 -2.08 10.65
CA LEU A 975 5.30 -3.21 10.25
C LEU A 975 6.26 -2.83 9.13
N GLN A 976 5.79 -2.07 8.13
CA GLN A 976 6.70 -1.72 7.04
C GLN A 976 7.63 -0.57 7.45
N SER A 977 7.23 0.21 8.47
CA SER A 977 8.15 1.18 9.07
C SER A 977 9.28 0.49 9.83
N LEU A 978 8.95 -0.55 10.61
CA LEU A 978 9.95 -1.30 11.35
C LEU A 978 10.84 -2.11 10.39
N GLN A 979 10.27 -2.58 9.29
CA GLN A 979 11.03 -3.30 8.28
C GLN A 979 12.01 -2.37 7.56
N THR A 980 11.59 -1.13 7.30
CA THR A 980 12.46 -0.10 6.76
C THR A 980 13.60 0.23 7.73
N TYR A 981 13.30 0.30 9.04
CA TYR A 981 14.32 0.53 10.07
C TYR A 981 15.34 -0.59 10.13
N VAL A 982 14.89 -1.85 10.05
CA VAL A 982 15.80 -3.00 10.10
C VAL A 982 16.66 -3.06 8.85
N THR A 983 16.10 -2.66 7.70
CA THR A 983 16.86 -2.60 6.44
C THR A 983 17.97 -1.53 6.49
N GLN A 984 17.65 -0.33 6.98
CA GLN A 984 18.67 0.72 7.10
C GLN A 984 19.69 0.38 8.18
N GLN A 985 19.29 -0.34 9.23
CA GLN A 985 20.24 -0.76 10.25
C GLN A 985 21.18 -1.85 9.74
N LEU A 986 20.69 -2.73 8.86
CA LEU A 986 21.56 -3.73 8.24
C LEU A 986 22.56 -3.09 7.29
N ILE A 987 22.11 -2.09 6.51
CA ILE A 987 23.01 -1.37 5.60
C ILE A 987 24.05 -0.55 6.36
N ARG A 988 23.65 0.03 7.50
CA ARG A 988 24.61 0.75 8.35
C ARG A 988 25.55 -0.20 9.08
N ALA A 989 25.07 -1.39 9.45
CA ALA A 989 25.90 -2.35 10.17
C ALA A 989 26.93 -3.00 9.26
N ALA A 990 26.64 -3.09 7.95
CA ALA A 990 27.64 -3.51 6.99
C ALA A 990 28.79 -2.50 6.88
N GLU A 991 28.46 -1.21 6.92
CA GLU A 991 29.47 -0.15 6.89
C GLU A 991 30.31 -0.14 8.17
N ILE A 992 29.66 -0.37 9.32
CA ILE A 992 30.37 -0.44 10.60
C ILE A 992 31.24 -1.69 10.66
N ARG A 993 30.78 -2.79 10.05
CA ARG A 993 31.58 -4.01 9.92
C ARG A 993 32.82 -3.80 9.05
N ALA A 994 32.67 -3.07 7.95
CA ALA A 994 33.82 -2.75 7.09
C ALA A 994 34.80 -1.82 7.78
N SER A 995 34.29 -0.84 8.53
CA SER A 995 35.15 0.08 9.28
C SER A 995 35.86 -0.63 10.44
N ALA A 996 35.20 -1.61 11.06
CA ALA A 996 35.84 -2.36 12.14
C ALA A 996 36.87 -3.35 11.60
N ASN A 997 36.63 -3.88 10.39
CA ASN A 997 37.64 -4.70 9.72
C ASN A 997 38.86 -3.87 9.35
N LEU A 998 38.65 -2.64 8.89
CA LEU A 998 39.74 -1.72 8.61
C LEU A 998 40.48 -1.32 9.89
N ALA A 999 39.76 -1.17 11.00
CA ALA A 999 40.38 -0.80 12.27
C ALA A 999 41.18 -1.96 12.86
N ALA A 1000 40.70 -3.20 12.69
CA ALA A 1000 41.45 -4.36 13.13
C ALA A 1000 42.68 -4.59 12.28
N THR A 1001 42.57 -4.33 10.97
CA THR A 1001 43.71 -4.42 10.06
C THR A 1001 44.76 -3.35 10.38
N LYS A 1002 44.30 -2.15 10.72
CA LYS A 1002 45.22 -1.08 11.08
C LYS A 1002 45.83 -1.30 12.46
N MET A 1003 45.11 -1.99 13.35
CA MET A 1003 45.71 -2.41 14.62
C MET A 1003 46.80 -3.46 14.39
N SER A 1004 46.53 -4.42 13.49
CA SER A 1004 47.45 -5.52 13.24
C SER A 1004 48.74 -5.08 12.55
N GLU A 1005 48.65 -4.19 11.57
CA GLU A 1005 49.91 -3.70 10.97
C GLU A 1005 50.13 -2.20 11.10
N CYS A 1006 49.68 -1.58 12.19
CA CYS A 1006 50.26 -0.31 12.62
C CYS A 1006 50.72 -0.46 14.06
N VAL A 1007 49.93 -1.17 14.88
CA VAL A 1007 50.25 -1.27 16.31
C VAL A 1007 51.17 -2.44 16.57
N LEU A 1008 50.79 -3.64 16.08
CA LEU A 1008 51.53 -4.86 16.40
C LEU A 1008 52.83 -4.99 15.61
N GLY A 1009 53.04 -4.18 14.58
CA GLY A 1009 54.24 -4.27 13.77
C GLY A 1009 54.60 -2.92 13.15
N GLN A 1010 55.49 -2.99 12.16
CA GLN A 1010 55.92 -1.81 11.43
C GLN A 1010 55.46 -1.95 9.99
N SER A 1011 55.02 -0.85 9.40
CA SER A 1011 54.34 -0.86 8.12
C SER A 1011 55.22 -0.26 7.03
N LYS A 1012 55.27 -0.94 5.88
CA LYS A 1012 55.96 -0.43 4.71
C LYS A 1012 55.01 0.10 3.65
N ARG A 1013 53.72 -0.24 3.72
CA ARG A 1013 52.73 0.33 2.82
C ARG A 1013 52.44 1.76 3.25
N VAL A 1014 52.65 2.71 2.33
CA VAL A 1014 52.67 4.12 2.72
C VAL A 1014 51.27 4.70 2.66
N ASP A 1015 51.06 5.77 3.44
CA ASP A 1015 49.79 6.46 3.70
C ASP A 1015 48.71 5.53 4.26
N PHE A 1016 49.10 4.49 4.98
CA PHE A 1016 48.15 3.57 5.59
C PHE A 1016 48.18 3.69 7.11
N CYS A 1017 49.33 4.05 7.66
CA CYS A 1017 49.48 4.30 9.09
C CYS A 1017 49.97 5.72 9.29
N GLY A 1018 49.33 6.68 8.62
CA GLY A 1018 49.68 8.08 8.75
C GLY A 1018 50.57 8.57 7.61
N LYS A 1019 50.59 9.89 7.46
CA LYS A 1019 51.40 10.51 6.41
C LYS A 1019 52.86 10.53 6.83
N GLY A 1020 53.73 10.07 5.95
CA GLY A 1020 55.15 9.97 6.22
C GLY A 1020 55.59 8.52 6.36
N TYR A 1021 56.87 8.35 6.65
CA TYR A 1021 57.45 7.03 6.88
C TYR A 1021 57.04 6.57 8.27
N HIS A 1022 56.25 5.50 8.33
CA HIS A 1022 55.67 5.06 9.59
C HIS A 1022 56.68 4.31 10.44
N LEU A 1023 56.72 4.63 11.73
CA LEU A 1023 57.53 3.89 12.68
C LEU A 1023 56.68 3.00 13.58
N MET A 1024 55.78 3.59 14.37
CA MET A 1024 54.93 2.83 15.27
C MET A 1024 53.70 3.69 15.56
N SER A 1025 52.71 3.09 16.20
CA SER A 1025 51.48 3.81 16.51
C SER A 1025 50.97 3.38 17.86
N PHE A 1026 50.04 4.17 18.40
CA PHE A 1026 49.52 3.97 19.75
C PHE A 1026 48.02 3.75 19.69
N PRO A 1027 47.51 2.64 20.20
CA PRO A 1027 46.05 2.49 20.33
C PRO A 1027 45.51 3.30 21.50
N GLN A 1028 44.37 3.95 21.26
CA GLN A 1028 43.66 4.67 22.30
C GLN A 1028 42.19 4.29 22.21
N SER A 1029 41.61 3.93 23.34
CA SER A 1029 40.21 3.53 23.37
C SER A 1029 39.31 4.76 23.25
N ALA A 1030 38.11 4.51 22.75
CA ALA A 1030 37.14 5.56 22.45
C ALA A 1030 35.75 4.97 22.57
N PRO A 1031 34.74 5.78 22.86
CA PRO A 1031 33.37 5.25 22.92
C PRO A 1031 32.85 4.90 21.53
N HIS A 1032 32.61 3.60 21.33
CA HIS A 1032 32.24 2.98 20.04
C HIS A 1032 33.24 3.31 18.93
N GLY A 1033 34.52 3.24 19.25
CA GLY A 1033 35.55 3.57 18.27
C GLY A 1033 36.93 3.31 18.84
N VAL A 1034 37.92 3.58 18.01
CA VAL A 1034 39.33 3.43 18.37
C VAL A 1034 40.11 4.57 17.72
N VAL A 1035 41.10 5.11 18.43
CA VAL A 1035 41.92 6.22 17.97
C VAL A 1035 43.37 5.75 17.88
N PHE A 1036 43.97 5.90 16.71
CA PHE A 1036 45.36 5.56 16.47
C PHE A 1036 46.21 6.81 16.46
N LEU A 1037 47.30 6.80 17.24
CA LEU A 1037 48.24 7.91 17.27
C LEU A 1037 49.47 7.52 16.46
N HIS A 1038 49.44 7.81 15.16
CA HIS A 1038 50.45 7.34 14.22
C HIS A 1038 51.71 8.19 14.33
N VAL A 1039 52.77 7.62 14.89
CA VAL A 1039 54.07 8.29 14.98
C VAL A 1039 54.83 7.99 13.69
N THR A 1040 55.06 9.04 12.90
CA THR A 1040 55.66 8.90 11.57
C THR A 1040 56.92 9.74 11.47
N TYR A 1041 57.77 9.36 10.51
CA TYR A 1041 59.01 10.06 10.23
C TYR A 1041 58.79 10.97 9.03
N VAL A 1042 58.76 12.28 9.27
CA VAL A 1042 58.58 13.27 8.22
C VAL A 1042 59.90 14.02 8.05
N PRO A 1043 60.46 14.07 6.84
CA PRO A 1043 61.74 14.77 6.65
C PRO A 1043 61.60 16.28 6.70
N ALA A 1044 62.60 16.93 7.26
CA ALA A 1044 62.70 18.39 7.31
C ALA A 1044 63.51 18.94 6.14
N GLN A 1045 64.01 20.17 6.32
CA GLN A 1045 64.77 20.98 5.37
C GLN A 1045 65.92 20.22 4.69
N GLU A 1046 66.16 20.53 3.42
CA GLU A 1046 67.03 19.74 2.55
C GLU A 1046 67.88 20.66 1.69
N LYS A 1047 68.98 20.10 1.16
CA LYS A 1047 69.79 20.77 0.17
C LYS A 1047 69.67 20.06 -1.18
N ASN A 1048 70.10 20.72 -2.25
CA ASN A 1048 69.69 20.32 -3.58
C ASN A 1048 70.79 19.58 -4.35
N PHE A 1049 72.06 19.85 -4.03
CA PHE A 1049 73.25 19.09 -4.44
C PHE A 1049 73.48 18.93 -5.95
N THR A 1050 74.41 18.06 -6.31
CA THR A 1050 74.52 17.57 -7.69
C THR A 1050 75.01 16.12 -7.64
N THR A 1051 74.52 15.27 -8.54
CA THR A 1051 74.77 13.83 -8.47
C THR A 1051 75.36 13.31 -9.77
N ALA A 1052 75.71 12.02 -9.74
CA ALA A 1052 76.05 11.21 -10.88
C ALA A 1052 75.74 9.77 -10.50
N PRO A 1053 75.12 8.98 -11.39
CA PRO A 1053 74.74 7.61 -11.02
C PRO A 1053 75.90 6.63 -10.94
N ALA A 1054 77.07 6.96 -11.49
CA ALA A 1054 78.20 6.04 -11.42
C ALA A 1054 79.49 6.85 -11.38
N ILE A 1055 80.54 6.21 -10.86
CA ILE A 1055 81.85 6.82 -10.72
C ILE A 1055 82.87 5.90 -11.38
N CYS A 1056 83.62 6.43 -12.35
CA CYS A 1056 84.63 5.64 -13.05
C CYS A 1056 85.98 5.80 -12.37
N HIS A 1057 86.58 4.68 -12.00
CA HIS A 1057 87.90 4.66 -11.36
C HIS A 1057 88.72 3.53 -11.96
N ASP A 1058 89.81 3.89 -12.66
CA ASP A 1058 90.74 2.99 -13.34
C ASP A 1058 90.04 2.08 -14.36
N GLY A 1059 89.07 2.64 -15.07
CA GLY A 1059 88.32 1.89 -16.05
C GLY A 1059 87.19 1.05 -15.49
N LYS A 1060 86.87 1.22 -14.21
CA LYS A 1060 85.81 0.45 -13.57
C LYS A 1060 84.73 1.38 -13.03
N ALA A 1061 83.46 1.02 -13.27
CA ALA A 1061 82.33 1.82 -12.86
C ALA A 1061 81.84 1.36 -11.50
N HIS A 1062 81.81 2.29 -10.54
CA HIS A 1062 81.44 1.99 -9.16
C HIS A 1062 80.03 2.47 -8.88
N PHE A 1063 79.18 1.56 -8.40
CA PHE A 1063 77.81 1.83 -8.02
C PHE A 1063 77.67 1.73 -6.51
N PRO A 1064 76.84 2.58 -5.89
CA PRO A 1064 76.74 2.54 -4.42
C PRO A 1064 75.86 1.39 -3.95
N ARG A 1065 76.23 0.80 -2.81
CA ARG A 1065 75.46 -0.31 -2.26
C ARG A 1065 74.17 0.19 -1.61
N GLU A 1066 74.29 1.08 -0.63
CA GLU A 1066 73.15 1.74 -0.02
C GLU A 1066 73.33 3.25 -0.14
N GLY A 1067 72.29 3.94 -0.56
CA GLY A 1067 72.38 5.36 -0.76
C GLY A 1067 72.84 5.72 -2.16
N VAL A 1068 73.09 7.02 -2.35
CA VAL A 1068 73.49 7.57 -3.65
C VAL A 1068 74.75 8.40 -3.49
N PHE A 1069 75.36 8.73 -4.62
CA PHE A 1069 76.43 9.72 -4.67
C PHE A 1069 75.85 11.13 -4.65
N VAL A 1070 76.48 12.01 -3.88
CA VAL A 1070 76.12 13.42 -3.84
C VAL A 1070 77.40 14.24 -4.00
N SER A 1071 77.22 15.52 -4.31
CA SER A 1071 78.33 16.47 -4.39
C SER A 1071 77.82 17.86 -4.08
N ASN A 1072 78.63 18.62 -3.34
CA ASN A 1072 78.32 20.01 -3.03
C ASN A 1072 79.13 20.98 -3.89
N GLY A 1073 79.57 20.56 -5.07
CA GLY A 1073 80.27 21.40 -6.00
C GLY A 1073 81.68 20.96 -6.33
N THR A 1074 82.45 20.51 -5.33
CA THR A 1074 83.84 20.16 -5.57
C THR A 1074 84.10 18.67 -5.35
N HIS A 1075 83.74 18.18 -4.16
CA HIS A 1075 84.08 16.83 -3.74
C HIS A 1075 82.82 15.98 -3.64
N TRP A 1076 82.98 14.69 -3.89
CA TRP A 1076 81.87 13.76 -3.98
C TRP A 1076 81.83 12.87 -2.75
N PHE A 1077 80.62 12.56 -2.28
CA PHE A 1077 80.44 11.77 -1.08
C PHE A 1077 79.35 10.73 -1.30
N VAL A 1078 79.32 9.75 -0.39
CA VAL A 1078 78.26 8.75 -0.33
C VAL A 1078 77.45 8.98 0.93
N THR A 1079 76.15 9.20 0.75
CA THR A 1079 75.26 9.37 1.88
C THR A 1079 74.02 8.52 1.66
N GLN A 1080 73.28 8.28 2.72
CA GLN A 1080 72.02 7.56 2.61
C GLN A 1080 70.93 8.47 2.04
N ARG A 1081 69.82 7.86 1.64
CA ARG A 1081 68.81 8.59 0.88
C ARG A 1081 67.96 9.51 1.76
N ASN A 1082 67.58 9.07 2.96
CA ASN A 1082 66.63 9.81 3.77
C ASN A 1082 67.30 10.75 4.78
N PHE A 1083 68.64 10.82 4.77
CA PHE A 1083 69.36 11.70 5.69
C PHE A 1083 70.69 12.08 5.07
N TYR A 1084 71.15 13.31 5.31
CA TYR A 1084 72.45 13.71 4.80
C TYR A 1084 73.55 13.33 5.78
N GLU A 1085 74.17 12.18 5.56
CA GLU A 1085 75.32 11.73 6.34
C GLU A 1085 76.43 11.39 5.36
N PRO A 1086 77.21 12.40 4.95
CA PRO A 1086 78.18 12.16 3.87
C PRO A 1086 79.41 11.40 4.33
N GLN A 1087 79.80 10.41 3.53
CA GLN A 1087 80.95 9.56 3.83
C GLN A 1087 81.91 9.58 2.64
N ILE A 1088 83.17 9.24 2.92
CA ILE A 1088 84.17 9.13 1.87
C ILE A 1088 83.86 7.89 1.02
N ILE A 1089 83.98 8.04 -0.30
CA ILE A 1089 83.71 6.95 -1.22
C ILE A 1089 84.80 5.89 -1.08
N THR A 1090 84.42 4.70 -0.63
CA THR A 1090 85.36 3.62 -0.38
C THR A 1090 84.97 2.40 -1.20
N THR A 1091 85.78 1.36 -1.07
CA THR A 1091 85.44 0.05 -1.61
C THR A 1091 84.42 -0.66 -0.74
N ASP A 1092 84.30 -0.27 0.53
CA ASP A 1092 83.38 -0.87 1.49
C ASP A 1092 81.92 -0.53 1.19
N ASN A 1093 81.61 0.72 0.82
CA ASN A 1093 80.22 1.11 0.61
C ASN A 1093 79.80 1.09 -0.86
N THR A 1094 80.71 0.82 -1.79
CA THR A 1094 80.38 0.76 -3.21
C THR A 1094 80.70 -0.62 -3.76
N PHE A 1095 80.00 -1.00 -4.82
CA PHE A 1095 80.28 -2.24 -5.54
C PHE A 1095 80.50 -1.92 -7.01
N VAL A 1096 81.24 -2.80 -7.68
CA VAL A 1096 81.70 -2.58 -9.05
C VAL A 1096 80.95 -3.55 -9.97
N SER A 1097 80.58 -3.06 -11.16
CA SER A 1097 79.91 -3.87 -12.18
C SER A 1097 80.16 -3.24 -13.54
N GLY A 1098 80.81 -3.99 -14.43
CA GLY A 1098 81.05 -3.51 -15.77
C GLY A 1098 82.15 -2.47 -15.84
N ASN A 1099 82.16 -1.69 -16.92
CA ASN A 1099 83.13 -0.63 -17.11
C ASN A 1099 82.38 0.64 -17.47
N CYS A 1100 83.12 1.67 -17.90
CA CYS A 1100 82.60 3.02 -17.90
C CYS A 1100 81.97 3.45 -19.22
N ASP A 1101 81.61 2.53 -20.11
CA ASP A 1101 81.00 2.94 -21.38
C ASP A 1101 79.50 2.64 -21.47
N VAL A 1102 78.88 2.10 -20.42
CA VAL A 1102 77.50 1.64 -20.49
C VAL A 1102 76.55 2.59 -19.77
N VAL A 1103 77.04 3.40 -18.85
CA VAL A 1103 76.18 4.31 -18.10
C VAL A 1103 76.29 5.70 -18.71
N ILE A 1104 75.15 6.35 -18.95
CA ILE A 1104 75.10 7.55 -19.77
C ILE A 1104 75.64 8.80 -19.06
N GLY A 1105 75.64 8.83 -17.72
CA GLY A 1105 76.31 9.92 -17.03
C GLY A 1105 77.24 9.42 -15.95
N ILE A 1106 78.55 9.65 -16.12
CA ILE A 1106 79.55 9.18 -15.17
C ILE A 1106 80.52 10.33 -14.92
N VAL A 1107 80.86 10.57 -13.65
CA VAL A 1107 81.95 11.47 -13.31
C VAL A 1107 83.15 10.63 -12.87
N ASN A 1108 84.32 11.26 -12.88
CA ASN A 1108 85.58 10.58 -12.57
C ASN A 1108 86.12 11.08 -11.24
N ASN A 1109 86.17 10.18 -10.26
CA ASN A 1109 86.77 10.45 -8.95
C ASN A 1109 87.68 9.29 -8.57
N THR A 1110 88.31 9.44 -7.41
CA THR A 1110 89.15 8.42 -6.82
C THR A 1110 88.39 7.69 -5.72
N VAL A 1111 88.36 6.36 -5.82
CA VAL A 1111 87.75 5.50 -4.80
C VAL A 1111 88.86 5.01 -3.89
N TYR A 1112 88.87 5.50 -2.65
CA TYR A 1112 89.96 5.29 -1.71
C TYR A 1112 89.69 4.06 -0.87
N ASP A 1113 90.57 3.07 -0.95
CA ASP A 1113 90.47 1.87 -0.15
C ASP A 1113 91.43 1.98 1.03
N PRO A 1114 91.11 1.39 2.20
CA PRO A 1114 92.03 1.47 3.35
C PRO A 1114 93.24 0.54 3.24
N LEU A 1115 93.22 -0.38 2.26
CA LEU A 1115 94.25 -1.39 2.12
C LEU A 1115 95.59 -0.80 1.75
N GLN A 1116 95.61 0.17 0.82
CA GLN A 1116 96.87 0.84 0.45
C GLN A 1116 97.52 1.67 1.56
N PRO A 1117 96.81 2.49 2.36
CA PRO A 1117 97.51 3.11 3.51
C PRO A 1117 97.80 2.17 4.67
N GLU A 1118 96.97 1.16 4.94
CA GLU A 1118 97.30 0.23 6.02
C GLU A 1118 98.34 -0.82 5.62
N LEU A 1119 98.68 -0.94 4.34
CA LEU A 1119 99.91 -1.63 3.96
C LEU A 1119 101.11 -0.68 3.83
N ASP A 1120 100.90 0.55 3.38
CA ASP A 1120 101.98 1.51 3.28
C ASP A 1120 102.05 2.39 4.53
N ALA B 1 -5.12 -22.79 -50.82
CA ALA B 1 -3.68 -22.56 -50.82
C ALA B 1 -3.25 -21.84 -49.54
N TYR B 2 -1.95 -21.89 -49.25
CA TYR B 2 -1.40 -21.25 -48.07
C TYR B 2 -0.07 -20.57 -48.43
N THR B 3 0.23 -19.50 -47.69
CA THR B 3 1.41 -18.68 -47.92
C THR B 3 1.98 -18.32 -46.55
N ASN B 4 3.31 -18.31 -46.44
CA ASN B 4 3.99 -17.76 -45.27
C ASN B 4 3.82 -16.24 -45.29
N SER B 5 3.53 -15.66 -44.13
CA SER B 5 3.19 -14.24 -44.05
C SER B 5 4.40 -13.32 -43.95
N PHE B 6 5.61 -13.91 -43.93
CA PHE B 6 6.89 -13.22 -43.74
C PHE B 6 6.88 -12.24 -42.57
N THR B 7 7.12 -10.95 -42.85
CA THR B 7 7.20 -9.93 -41.81
C THR B 7 6.17 -8.82 -41.99
N ARG B 8 5.16 -9.04 -42.82
CA ARG B 8 4.12 -8.04 -43.03
C ARG B 8 3.09 -8.09 -41.93
N GLY B 9 2.26 -7.05 -41.88
CA GLY B 9 1.15 -7.00 -40.95
C GLY B 9 1.40 -6.29 -39.64
N VAL B 10 2.20 -5.22 -39.63
CA VAL B 10 2.51 -4.48 -38.42
C VAL B 10 1.97 -3.07 -38.55
N TYR B 11 1.14 -2.65 -37.59
CA TYR B 11 0.51 -1.35 -37.59
C TYR B 11 0.98 -0.53 -36.39
N TYR B 12 0.59 0.74 -36.37
CA TYR B 12 0.89 1.60 -35.24
C TYR B 12 -0.13 1.34 -34.13
N PRO B 13 0.31 0.95 -32.92
CA PRO B 13 -0.66 0.42 -31.94
C PRO B 13 -1.38 1.48 -31.12
N ASP B 14 -0.80 2.66 -30.90
CA ASP B 14 -1.32 3.54 -29.87
C ASP B 14 -1.39 5.01 -30.25
N LYS B 15 -1.16 5.36 -31.54
CA LYS B 15 -1.06 6.72 -32.13
C LYS B 15 -0.19 7.69 -31.30
N VAL B 16 0.92 7.21 -30.75
CA VAL B 16 1.85 8.01 -29.96
C VAL B 16 3.11 8.20 -30.77
N PHE B 17 3.57 9.45 -30.88
CA PHE B 17 4.87 9.75 -31.47
C PHE B 17 5.97 9.22 -30.57
N ARG B 18 6.88 8.45 -31.14
CA ARG B 18 8.02 7.91 -30.42
C ARG B 18 9.23 7.97 -31.34
N SER B 19 10.37 8.38 -30.78
CA SER B 19 11.55 8.62 -31.60
C SER B 19 12.79 8.05 -30.90
N SER B 20 13.56 7.28 -31.68
CA SER B 20 14.86 6.68 -31.30
C SER B 20 14.74 5.81 -30.05
N VAL B 21 13.68 5.01 -30.01
CA VAL B 21 13.33 4.25 -28.81
C VAL B 21 12.77 2.90 -29.25
N LEU B 22 13.09 1.86 -28.47
CA LEU B 22 12.55 0.53 -28.67
C LEU B 22 11.37 0.36 -27.73
N HIS B 23 10.18 0.12 -28.30
CA HIS B 23 8.94 0.07 -27.54
C HIS B 23 8.34 -1.32 -27.61
N SER B 24 7.93 -1.85 -26.46
CA SER B 24 7.26 -3.14 -26.37
C SER B 24 5.80 -2.90 -26.03
N THR B 25 4.90 -3.42 -26.87
CA THR B 25 3.46 -3.26 -26.67
C THR B 25 2.78 -4.61 -26.83
N GLN B 26 1.59 -4.73 -26.26
CA GLN B 26 0.83 -5.97 -26.25
C GLN B 26 -0.57 -5.68 -26.75
N ASP B 27 -0.75 -5.76 -28.07
CA ASP B 27 -2.06 -5.71 -28.70
C ASP B 27 -2.21 -6.94 -29.58
N LEU B 28 -3.25 -6.95 -30.40
CA LEU B 28 -3.45 -8.01 -31.39
C LEU B 28 -2.58 -7.71 -32.60
N PHE B 29 -1.75 -8.67 -33.00
CA PHE B 29 -0.89 -8.52 -34.17
C PHE B 29 -0.90 -9.80 -34.99
N LEU B 30 -0.55 -9.66 -36.26
CA LEU B 30 -0.31 -10.82 -37.11
C LEU B 30 1.07 -11.39 -36.79
N PRO B 31 1.18 -12.68 -36.47
CA PRO B 31 2.49 -13.26 -36.16
C PRO B 31 3.38 -13.36 -37.39
N PHE B 32 4.70 -13.26 -37.16
CA PHE B 32 5.66 -13.36 -38.24
C PHE B 32 5.79 -14.80 -38.71
N PHE B 33 5.91 -14.96 -40.04
CA PHE B 33 6.06 -16.23 -40.77
C PHE B 33 4.91 -17.21 -40.50
N SER B 34 3.71 -16.70 -40.27
CA SER B 34 2.55 -17.56 -40.06
C SER B 34 1.88 -17.88 -41.39
N ASN B 35 0.95 -18.82 -41.34
CA ASN B 35 0.24 -19.23 -42.54
C ASN B 35 -0.92 -18.27 -42.82
N VAL B 36 -0.75 -17.44 -43.86
CA VAL B 36 -1.82 -16.58 -44.35
C VAL B 36 -2.45 -17.29 -45.55
N THR B 37 -3.78 -17.35 -45.56
CA THR B 37 -4.48 -18.22 -46.48
C THR B 37 -4.82 -17.47 -47.76
N TRP B 38 -4.48 -18.07 -48.90
CA TRP B 38 -4.59 -17.43 -50.21
C TRP B 38 -5.85 -17.92 -50.90
N PHE B 39 -6.70 -16.98 -51.33
CA PHE B 39 -7.93 -17.27 -52.05
C PHE B 39 -7.84 -16.78 -53.49
N HIS B 40 -8.84 -17.18 -54.27
CA HIS B 40 -8.96 -16.73 -55.66
C HIS B 40 -10.41 -16.38 -55.97
N ASN B 55 -16.84 -14.87 -53.39
CA ASN B 55 -16.03 -14.85 -52.17
C ASN B 55 -16.79 -15.46 -51.00
N PRO B 56 -16.20 -16.46 -50.34
CA PRO B 56 -16.89 -17.13 -49.22
C PRO B 56 -16.94 -16.27 -47.98
N VAL B 57 -17.92 -16.56 -47.13
CA VAL B 57 -18.08 -15.88 -45.85
C VAL B 57 -17.07 -16.46 -44.86
N LEU B 58 -16.43 -15.58 -44.07
CA LEU B 58 -15.31 -15.97 -43.23
C LEU B 58 -15.51 -15.52 -41.79
N PRO B 59 -15.07 -16.29 -40.79
CA PRO B 59 -15.14 -15.83 -39.40
C PRO B 59 -14.11 -14.74 -39.12
N PHE B 60 -14.50 -13.81 -38.24
CA PHE B 60 -13.72 -12.63 -37.95
C PHE B 60 -12.87 -12.75 -36.68
N ASN B 61 -13.38 -13.45 -35.66
CA ASN B 61 -12.82 -13.61 -34.32
C ASN B 61 -12.49 -12.27 -33.66
N ASP B 62 -11.20 -11.94 -33.54
CA ASP B 62 -10.76 -10.74 -32.84
C ASP B 62 -10.08 -9.73 -33.75
N GLY B 63 -9.65 -10.13 -34.93
CA GLY B 63 -8.97 -9.23 -35.85
C GLY B 63 -8.44 -9.99 -37.05
N VAL B 64 -8.60 -9.40 -38.23
CA VAL B 64 -8.27 -10.05 -39.49
C VAL B 64 -7.41 -9.12 -40.34
N TYR B 65 -6.26 -9.62 -40.78
CA TYR B 65 -5.37 -8.92 -41.70
C TYR B 65 -5.78 -9.24 -43.14
N PHE B 66 -5.92 -8.20 -43.96
CA PHE B 66 -6.33 -8.33 -45.35
C PHE B 66 -5.25 -7.78 -46.25
N ALA B 67 -4.92 -8.51 -47.30
CA ALA B 67 -3.91 -8.08 -48.26
C ALA B 67 -4.29 -8.54 -49.65
N SER B 68 -4.13 -7.65 -50.62
CA SER B 68 -4.43 -7.94 -52.01
C SER B 68 -3.67 -6.99 -52.91
N THR B 69 -3.34 -7.45 -54.10
CA THR B 69 -2.76 -6.60 -55.15
C THR B 69 -3.57 -6.76 -56.43
N GLU B 70 -3.91 -5.63 -57.05
CA GLU B 70 -4.73 -5.59 -58.26
C GLU B 70 -4.20 -4.49 -59.17
N LYS B 71 -4.93 -4.23 -60.26
CA LYS B 71 -4.63 -3.13 -61.14
C LYS B 71 -5.84 -2.31 -61.57
N SER B 72 -7.07 -2.82 -61.36
CA SER B 72 -8.24 -2.15 -61.92
C SER B 72 -9.42 -2.11 -60.96
N ASN B 73 -9.14 -2.27 -59.65
CA ASN B 73 -10.07 -2.09 -58.52
C ASN B 73 -11.28 -3.04 -58.63
N ILE B 74 -10.99 -4.35 -58.52
CA ILE B 74 -12.05 -5.34 -58.61
C ILE B 74 -12.81 -5.44 -57.28
N ILE B 75 -12.10 -5.58 -56.18
CA ILE B 75 -12.72 -5.64 -54.85
C ILE B 75 -13.14 -4.23 -54.45
N ARG B 76 -14.44 -4.06 -54.17
CA ARG B 76 -15.00 -2.75 -53.89
C ARG B 76 -15.57 -2.60 -52.48
N GLY B 77 -15.22 -3.49 -51.55
CA GLY B 77 -15.68 -3.29 -50.18
C GLY B 77 -15.71 -4.57 -49.39
N TRP B 78 -16.45 -4.52 -48.28
CA TRP B 78 -16.56 -5.64 -47.36
C TRP B 78 -17.96 -5.61 -46.73
N ILE B 79 -18.37 -6.76 -46.20
CA ILE B 79 -19.59 -6.88 -45.41
C ILE B 79 -19.16 -7.35 -44.02
N PHE B 80 -19.59 -6.65 -42.98
CA PHE B 80 -19.39 -7.10 -41.61
C PHE B 80 -20.73 -7.26 -40.93
N GLY B 81 -20.83 -8.25 -40.04
CA GLY B 81 -22.07 -8.49 -39.35
C GLY B 81 -21.95 -9.69 -38.43
N THR B 82 -23.10 -10.17 -37.97
CA THR B 82 -23.17 -11.38 -37.15
C THR B 82 -24.03 -12.46 -37.77
N THR B 83 -25.24 -12.13 -38.22
CA THR B 83 -26.16 -13.10 -38.79
C THR B 83 -26.46 -12.89 -40.27
N LEU B 84 -26.42 -11.64 -40.74
CA LEU B 84 -26.61 -11.24 -42.15
C LEU B 84 -27.97 -11.68 -42.71
N ASP B 85 -29.02 -11.56 -41.89
CA ASP B 85 -30.37 -11.87 -42.32
C ASP B 85 -31.38 -10.87 -41.77
N SER B 86 -30.96 -9.60 -41.64
CA SER B 86 -31.72 -8.43 -41.21
C SER B 86 -32.30 -8.55 -39.80
N LYS B 87 -31.73 -9.37 -38.92
CA LYS B 87 -32.12 -9.33 -37.52
C LYS B 87 -31.23 -8.43 -36.69
N THR B 88 -29.94 -8.31 -37.06
CA THR B 88 -29.00 -7.42 -36.40
C THR B 88 -28.44 -6.46 -37.44
N GLN B 89 -27.90 -5.35 -36.96
CA GLN B 89 -27.30 -4.34 -37.83
C GLN B 89 -25.97 -4.86 -38.40
N SER B 90 -25.72 -4.53 -39.67
CA SER B 90 -24.57 -5.06 -40.40
C SER B 90 -23.81 -3.93 -41.07
N LEU B 91 -22.50 -3.93 -40.90
CA LEU B 91 -21.64 -2.94 -41.54
C LEU B 91 -21.44 -3.32 -43.00
N LEU B 92 -21.42 -2.33 -43.89
CA LEU B 92 -21.29 -2.56 -45.32
C LEU B 92 -20.42 -1.45 -45.91
N ILE B 93 -19.50 -1.83 -46.80
CA ILE B 93 -18.53 -0.91 -47.39
C ILE B 93 -18.69 -0.95 -48.90
N VAL B 94 -18.82 0.23 -49.52
CA VAL B 94 -18.78 0.37 -50.97
C VAL B 94 -17.61 1.31 -51.29
N ASN B 95 -16.60 0.80 -51.98
CA ASN B 95 -15.54 1.64 -52.51
C ASN B 95 -15.86 2.03 -53.96
N ASN B 96 -16.19 3.30 -54.16
CA ASN B 96 -16.43 3.82 -55.49
C ASN B 96 -15.14 4.44 -56.03
N ALA B 97 -15.26 5.11 -57.18
CA ALA B 97 -14.14 5.82 -57.77
C ALA B 97 -13.79 7.07 -56.96
N THR B 98 -14.80 7.70 -56.38
CA THR B 98 -14.59 8.95 -55.66
C THR B 98 -15.18 8.94 -54.24
N ASN B 99 -16.32 8.32 -54.01
CA ASN B 99 -17.04 8.44 -52.75
C ASN B 99 -17.16 7.07 -52.08
N VAL B 100 -16.35 6.85 -51.04
CA VAL B 100 -16.49 5.65 -50.21
C VAL B 100 -17.73 5.81 -49.33
N VAL B 101 -18.47 4.73 -49.15
CA VAL B 101 -19.67 4.73 -48.32
C VAL B 101 -19.46 3.73 -47.18
N ILE B 102 -19.46 4.24 -45.95
CA ILE B 102 -19.45 3.41 -44.75
C ILE B 102 -20.80 3.60 -44.06
N LYS B 103 -21.65 2.59 -44.15
CA LYS B 103 -23.05 2.74 -43.80
C LYS B 103 -23.58 1.44 -43.21
N VAL B 104 -24.17 1.54 -42.03
CA VAL B 104 -24.59 0.39 -41.23
C VAL B 104 -26.10 0.40 -41.10
N CYS B 105 -26.75 -0.63 -41.66
CA CYS B 105 -28.16 -0.90 -41.43
C CYS B 105 -28.28 -2.38 -41.13
N GLU B 106 -29.52 -2.86 -41.01
CA GLU B 106 -29.74 -4.31 -41.06
C GLU B 106 -29.98 -4.71 -42.52
N PHE B 107 -29.05 -5.51 -43.03
CA PHE B 107 -29.04 -5.85 -44.43
C PHE B 107 -29.34 -7.33 -44.64
N GLN B 108 -30.26 -7.64 -45.54
CA GLN B 108 -30.48 -9.00 -45.99
C GLN B 108 -29.37 -9.32 -47.00
N PHE B 109 -28.71 -10.44 -46.78
CA PHE B 109 -27.53 -10.79 -47.58
C PHE B 109 -27.92 -11.71 -48.72
N CYS B 110 -27.35 -11.45 -49.90
CA CYS B 110 -27.53 -12.32 -51.03
C CYS B 110 -26.67 -13.58 -50.87
N ASN B 111 -26.98 -14.59 -51.68
CA ASN B 111 -26.20 -15.82 -51.65
C ASN B 111 -24.84 -15.63 -52.30
N ASP B 112 -24.74 -14.67 -53.23
CA ASP B 112 -23.47 -14.24 -53.80
C ASP B 112 -23.55 -12.74 -54.07
N PRO B 113 -23.28 -11.91 -53.05
CA PRO B 113 -23.37 -10.46 -53.26
C PRO B 113 -22.17 -9.93 -54.02
N PHE B 114 -22.44 -8.99 -54.92
CA PHE B 114 -21.39 -8.38 -55.73
C PHE B 114 -21.83 -6.98 -56.14
N LEU B 115 -20.86 -6.16 -56.51
CA LEU B 115 -21.13 -4.80 -56.98
C LEU B 115 -20.06 -4.34 -57.95
N SER B 129 -20.98 -4.19 -63.10
CA SER B 129 -20.90 -3.06 -62.19
C SER B 129 -22.22 -2.86 -61.45
N GLU B 130 -23.18 -3.75 -61.71
CA GLU B 130 -24.48 -3.68 -61.07
C GLU B 130 -24.38 -4.15 -59.62
N PHE B 131 -25.18 -3.53 -58.76
CA PHE B 131 -25.15 -3.78 -57.32
C PHE B 131 -26.40 -4.53 -56.87
N ARG B 132 -26.22 -5.38 -55.87
CA ARG B 132 -27.31 -6.17 -55.31
C ARG B 132 -27.35 -6.16 -53.78
N VAL B 133 -26.25 -5.86 -53.09
CA VAL B 133 -26.22 -6.00 -51.64
C VAL B 133 -26.77 -4.77 -50.92
N TYR B 134 -27.13 -3.73 -51.65
CA TYR B 134 -27.64 -2.49 -51.06
C TYR B 134 -29.16 -2.41 -51.12
N SER B 135 -29.84 -3.55 -51.00
CA SER B 135 -31.29 -3.59 -51.01
C SER B 135 -31.81 -3.77 -49.58
N SER B 136 -33.04 -3.25 -49.36
CA SER B 136 -33.78 -3.27 -48.10
C SER B 136 -32.99 -2.60 -46.97
N ALA B 137 -32.64 -1.33 -47.21
CA ALA B 137 -31.88 -0.53 -46.24
C ALA B 137 -32.88 0.30 -45.44
N ASN B 138 -33.19 -0.15 -44.23
CA ASN B 138 -34.11 0.54 -43.35
C ASN B 138 -33.64 0.39 -41.91
N ASN B 139 -34.06 1.35 -41.07
CA ASN B 139 -33.65 1.52 -39.66
C ASN B 139 -32.12 1.60 -39.52
N CYS B 140 -31.51 2.53 -40.24
CA CYS B 140 -30.05 2.58 -40.31
C CYS B 140 -29.48 3.33 -39.12
N THR B 141 -28.31 2.89 -38.65
CA THR B 141 -27.75 3.37 -37.41
C THR B 141 -26.54 4.29 -37.57
N PHE B 142 -25.77 4.14 -38.64
CA PHE B 142 -24.53 4.90 -38.78
C PHE B 142 -24.24 5.14 -40.24
N GLU B 143 -23.91 6.38 -40.59
CA GLU B 143 -23.50 6.77 -41.94
C GLU B 143 -22.16 7.48 -41.84
N TYR B 144 -21.27 7.20 -42.80
CA TYR B 144 -19.96 7.83 -42.81
C TYR B 144 -19.45 7.95 -44.24
N VAL B 145 -18.90 9.12 -44.55
CA VAL B 145 -18.41 9.47 -45.88
C VAL B 145 -17.01 10.07 -45.74
N SER B 146 -16.04 9.53 -46.49
CA SER B 146 -14.67 10.00 -46.42
C SER B 146 -14.05 10.01 -47.81
N GLN B 147 -12.72 10.20 -47.85
CA GLN B 147 -11.82 10.19 -49.00
C GLN B 147 -11.74 8.79 -49.59
N PRO B 148 -11.61 8.68 -50.93
CA PRO B 148 -11.61 7.35 -51.56
C PRO B 148 -10.34 6.55 -51.30
N PHE B 149 -10.49 5.22 -51.36
CA PHE B 149 -9.44 4.29 -51.02
C PHE B 149 -8.96 3.56 -52.26
N LEU B 150 -8.03 2.63 -52.04
CA LEU B 150 -7.44 1.71 -53.04
C LEU B 150 -6.78 2.43 -54.22
N LYS B 161 0.98 -4.49 -59.32
CA LYS B 161 2.19 -3.68 -59.22
C LYS B 161 2.32 -3.04 -57.84
N ASN B 162 1.18 -2.85 -57.18
CA ASN B 162 1.15 -2.26 -55.84
C ASN B 162 0.25 -3.10 -54.94
N LEU B 163 0.71 -3.32 -53.72
CA LEU B 163 0.02 -4.17 -52.75
C LEU B 163 -0.82 -3.32 -51.81
N ARG B 164 -2.07 -3.72 -51.60
CA ARG B 164 -3.00 -3.02 -50.73
C ARG B 164 -3.17 -3.86 -49.47
N GLU B 165 -2.77 -3.33 -48.32
CA GLU B 165 -2.87 -4.04 -47.05
C GLU B 165 -3.92 -3.39 -46.17
N PHE B 166 -4.66 -4.22 -45.44
CA PHE B 166 -5.70 -3.74 -44.52
C PHE B 166 -5.70 -4.57 -43.24
N VAL B 167 -5.93 -3.90 -42.12
CA VAL B 167 -6.08 -4.55 -40.82
C VAL B 167 -7.40 -4.08 -40.22
N PHE B 168 -8.28 -5.03 -39.89
CA PHE B 168 -9.59 -4.73 -39.32
C PHE B 168 -9.63 -5.23 -37.89
N LYS B 169 -10.02 -4.35 -36.96
CA LYS B 169 -10.10 -4.70 -35.55
C LYS B 169 -11.36 -4.11 -34.94
N ASN B 170 -11.83 -4.73 -33.85
CA ASN B 170 -13.03 -4.30 -33.15
C ASN B 170 -12.82 -4.56 -31.66
N ILE B 171 -12.38 -3.53 -30.93
CA ILE B 171 -12.08 -3.64 -29.50
C ILE B 171 -13.00 -2.67 -28.76
N ASP B 172 -13.78 -3.22 -27.80
CA ASP B 172 -14.77 -2.55 -26.92
C ASP B 172 -15.73 -1.61 -27.66
N GLY B 173 -16.13 -2.00 -28.87
CA GLY B 173 -17.08 -1.23 -29.64
C GLY B 173 -16.50 -0.22 -30.59
N TYR B 174 -15.18 -0.05 -30.61
CA TYR B 174 -14.53 0.82 -31.58
C TYR B 174 -13.98 -0.01 -32.72
N PHE B 175 -14.40 0.30 -33.94
CA PHE B 175 -13.93 -0.38 -35.15
C PHE B 175 -12.76 0.41 -35.73
N LYS B 176 -11.60 -0.24 -35.84
CA LYS B 176 -10.38 0.43 -36.26
C LYS B 176 -9.86 -0.18 -37.55
N ILE B 177 -9.50 0.67 -38.51
CA ILE B 177 -8.99 0.25 -39.81
C ILE B 177 -7.58 0.78 -39.98
N TYR B 178 -6.62 -0.12 -40.19
CA TYR B 178 -5.24 0.23 -40.43
C TYR B 178 -4.87 -0.18 -41.85
N SER B 179 -4.17 0.69 -42.56
CA SER B 179 -3.85 0.38 -43.96
C SER B 179 -2.56 1.09 -44.37
N LYS B 180 -1.98 0.60 -45.47
CA LYS B 180 -0.88 1.27 -46.15
C LYS B 180 -0.91 0.88 -47.61
N HIS B 181 -0.91 1.88 -48.49
CA HIS B 181 -0.78 1.67 -49.93
C HIS B 181 0.71 1.70 -50.29
N THR B 182 1.24 0.55 -50.71
CA THR B 182 2.66 0.41 -51.01
C THR B 182 2.86 -0.25 -52.36
N PRO B 183 3.94 0.10 -53.08
CA PRO B 183 4.23 -0.60 -54.33
C PRO B 183 4.95 -1.94 -54.09
N PRO B 191 4.84 -10.59 -50.63
CA PRO B 191 4.85 -9.64 -49.51
C PRO B 191 6.17 -9.64 -48.75
N GLN B 192 7.27 -9.41 -49.47
CA GLN B 192 8.58 -9.35 -48.83
C GLN B 192 8.92 -7.91 -48.47
N GLY B 193 9.54 -7.72 -47.31
CA GLY B 193 9.88 -6.41 -46.81
C GLY B 193 8.93 -5.95 -45.73
N PHE B 194 9.30 -4.83 -45.11
CA PHE B 194 8.57 -4.32 -43.96
C PHE B 194 7.88 -3.01 -44.32
N SER B 195 6.69 -2.81 -43.76
CA SER B 195 5.94 -1.57 -43.92
C SER B 195 5.04 -1.41 -42.70
N ALA B 196 4.96 -0.20 -42.17
CA ALA B 196 4.13 0.07 -41.00
C ALA B 196 2.82 0.74 -41.42
N LEU B 197 1.72 0.14 -40.99
CA LEU B 197 0.39 0.49 -41.48
C LEU B 197 -0.23 1.56 -40.59
N GLU B 198 -0.56 2.71 -41.20
CA GLU B 198 -1.12 3.84 -40.48
C GLU B 198 -2.63 3.65 -40.29
N PRO B 199 -3.18 4.13 -39.17
CA PRO B 199 -4.64 4.10 -39.01
C PRO B 199 -5.31 5.18 -39.84
N LEU B 200 -6.56 4.93 -40.20
CA LEU B 200 -7.37 5.89 -40.94
C LEU B 200 -8.57 6.38 -40.15
N VAL B 201 -9.44 5.46 -39.70
CA VAL B 201 -10.72 5.83 -39.11
C VAL B 201 -10.91 5.07 -37.80
N ASP B 202 -11.82 5.60 -36.97
CA ASP B 202 -12.25 4.93 -35.74
C ASP B 202 -13.74 5.20 -35.61
N LEU B 203 -14.56 4.15 -35.76
CA LEU B 203 -16.01 4.29 -35.83
C LEU B 203 -16.64 3.75 -34.55
N PRO B 204 -17.26 4.59 -33.71
CA PRO B 204 -17.97 4.08 -32.52
C PRO B 204 -19.33 3.48 -32.85
N ILE B 205 -19.31 2.28 -33.45
CA ILE B 205 -20.56 1.60 -33.78
C ILE B 205 -21.07 0.79 -32.60
N GLY B 206 -20.22 -0.07 -32.04
CA GLY B 206 -20.62 -0.86 -30.88
C GLY B 206 -21.53 -2.03 -31.20
N ILE B 207 -21.47 -2.55 -32.42
CA ILE B 207 -22.27 -3.70 -32.81
C ILE B 207 -21.35 -4.93 -32.81
N ASN B 208 -21.91 -6.09 -32.49
CA ASN B 208 -21.13 -7.32 -32.41
C ASN B 208 -20.84 -7.84 -33.81
N ILE B 209 -19.56 -8.10 -34.10
CA ILE B 209 -19.13 -8.64 -35.38
C ILE B 209 -18.50 -10.00 -35.14
N THR B 210 -19.00 -11.02 -35.85
CA THR B 210 -18.48 -12.38 -35.73
C THR B 210 -18.03 -12.99 -37.05
N ARG B 211 -18.79 -12.80 -38.14
CA ARG B 211 -18.45 -13.33 -39.45
C ARG B 211 -18.42 -12.18 -40.45
N PHE B 212 -17.62 -12.31 -41.50
CA PHE B 212 -17.54 -11.25 -42.50
C PHE B 212 -17.53 -11.86 -43.89
N GLN B 213 -17.83 -11.03 -44.89
CA GLN B 213 -17.79 -11.47 -46.27
C GLN B 213 -17.29 -10.30 -47.12
N THR B 214 -16.60 -10.60 -48.21
CA THR B 214 -15.96 -9.62 -49.06
C THR B 214 -16.69 -9.54 -50.40
N LEU B 215 -16.90 -8.30 -50.89
CA LEU B 215 -17.36 -8.07 -52.26
C LEU B 215 -16.35 -8.58 -53.27
N ALA B 237 -8.57 -10.23 -58.08
CA ALA B 237 -9.21 -11.53 -58.17
C ALA B 237 -8.68 -12.47 -57.09
N ALA B 238 -7.55 -12.10 -56.48
CA ALA B 238 -6.94 -12.88 -55.41
C ALA B 238 -6.61 -11.97 -54.24
N TYR B 239 -6.75 -12.52 -53.03
CA TYR B 239 -6.51 -11.76 -51.82
C TYR B 239 -6.03 -12.70 -50.72
N TYR B 240 -5.36 -12.12 -49.72
CA TYR B 240 -4.83 -12.86 -48.58
C TYR B 240 -5.60 -12.48 -47.32
N VAL B 241 -5.99 -13.50 -46.55
CA VAL B 241 -6.70 -13.30 -45.30
C VAL B 241 -5.85 -13.91 -44.17
N GLY B 242 -5.37 -13.05 -43.27
CA GLY B 242 -4.62 -13.49 -42.11
C GLY B 242 -5.40 -13.21 -40.84
N TYR B 243 -4.96 -13.83 -39.74
CA TYR B 243 -5.65 -13.73 -38.47
C TYR B 243 -4.69 -13.17 -37.41
N LEU B 244 -5.23 -12.36 -36.51
CA LEU B 244 -4.45 -11.72 -35.47
C LEU B 244 -4.59 -12.45 -34.14
N GLN B 245 -3.49 -12.50 -33.40
CA GLN B 245 -3.40 -13.17 -32.11
C GLN B 245 -2.76 -12.22 -31.11
N PRO B 246 -3.13 -12.32 -29.81
CA PRO B 246 -2.52 -11.41 -28.81
C PRO B 246 -1.09 -11.79 -28.45
N ARG B 247 -0.15 -11.31 -29.27
CA ARG B 247 1.27 -11.52 -29.01
C ARG B 247 2.00 -10.20 -28.89
N THR B 248 3.06 -10.22 -28.07
CA THR B 248 3.83 -9.03 -27.76
C THR B 248 4.82 -8.75 -28.88
N PHE B 249 4.89 -7.48 -29.32
CA PHE B 249 5.82 -7.06 -30.35
C PHE B 249 6.80 -6.04 -29.79
N LEU B 250 8.03 -6.07 -30.30
CA LEU B 250 9.03 -5.04 -30.03
C LEU B 250 9.13 -4.15 -31.25
N LEU B 251 8.89 -2.86 -31.06
CA LEU B 251 8.82 -1.91 -32.16
C LEU B 251 10.01 -0.96 -32.13
N LYS B 252 10.72 -0.86 -33.26
CA LYS B 252 11.82 0.07 -33.40
C LYS B 252 11.31 1.33 -34.09
N TYR B 253 11.39 2.46 -33.40
CA TYR B 253 10.92 3.73 -33.92
C TYR B 253 12.09 4.52 -34.49
N ASN B 254 11.89 5.13 -35.64
CA ASN B 254 12.89 5.95 -36.29
C ASN B 254 12.88 7.35 -35.66
N GLU B 255 13.85 8.18 -36.04
CA GLU B 255 13.92 9.56 -35.55
C GLU B 255 12.78 10.43 -36.06
N ASN B 256 12.21 10.10 -37.23
CA ASN B 256 11.03 10.79 -37.71
C ASN B 256 9.73 10.30 -37.06
N GLY B 257 9.78 9.18 -36.35
CA GLY B 257 8.60 8.68 -35.68
C GLY B 257 7.92 7.50 -36.34
N THR B 258 8.47 6.97 -37.42
CA THR B 258 7.91 5.82 -38.11
C THR B 258 8.56 4.54 -37.61
N ILE B 259 7.88 3.41 -37.83
CA ILE B 259 8.41 2.12 -37.39
C ILE B 259 9.31 1.56 -38.49
N THR B 260 10.57 1.29 -38.14
CA THR B 260 11.55 0.79 -39.09
C THR B 260 11.61 -0.73 -39.17
N ASP B 261 11.69 -1.42 -38.03
CA ASP B 261 11.68 -2.87 -38.00
C ASP B 261 10.87 -3.32 -36.78
N ALA B 262 10.48 -4.58 -36.78
CA ALA B 262 9.70 -5.12 -35.68
C ALA B 262 10.12 -6.56 -35.39
N VAL B 263 9.95 -6.96 -34.13
CA VAL B 263 10.33 -8.28 -33.63
C VAL B 263 9.15 -8.89 -32.88
N ASP B 264 8.72 -10.08 -33.33
CA ASP B 264 7.70 -10.86 -32.63
C ASP B 264 8.38 -11.57 -31.46
N CYS B 265 7.86 -11.36 -30.25
CA CYS B 265 8.51 -11.89 -29.05
C CYS B 265 8.21 -13.37 -28.81
N ALA B 266 7.32 -13.99 -29.58
CA ALA B 266 6.99 -15.39 -29.41
C ALA B 266 7.41 -16.26 -30.59
N LEU B 267 8.32 -15.76 -31.44
CA LEU B 267 8.71 -16.52 -32.62
C LEU B 267 9.78 -17.56 -32.29
N ASP B 268 10.96 -17.11 -31.89
CA ASP B 268 12.06 -17.99 -31.55
C ASP B 268 12.81 -17.40 -30.35
N PRO B 269 13.59 -18.24 -29.61
CA PRO B 269 14.30 -17.72 -28.42
C PRO B 269 15.34 -16.63 -28.66
N LEU B 270 15.86 -16.47 -29.89
CA LEU B 270 16.67 -15.30 -30.21
C LEU B 270 15.84 -14.01 -30.14
N SER B 271 14.60 -14.07 -30.62
CA SER B 271 13.70 -12.93 -30.48
C SER B 271 13.22 -12.77 -29.05
N GLU B 272 13.20 -13.87 -28.28
CA GLU B 272 12.92 -13.76 -26.84
C GLU B 272 14.05 -13.02 -26.11
N THR B 273 15.30 -13.25 -26.50
CA THR B 273 16.42 -12.46 -25.98
C THR B 273 16.34 -11.01 -26.41
N LYS B 274 15.91 -10.76 -27.66
CA LYS B 274 15.76 -9.40 -28.15
C LYS B 274 14.66 -8.64 -27.40
N CYS B 275 13.54 -9.30 -27.12
CA CYS B 275 12.46 -8.65 -26.37
C CYS B 275 12.80 -8.53 -24.89
N THR B 276 13.63 -9.43 -24.36
CA THR B 276 14.05 -9.32 -22.97
C THR B 276 15.04 -8.17 -22.77
N LEU B 277 16.04 -8.07 -23.64
CA LEU B 277 17.05 -7.03 -23.52
C LEU B 277 16.61 -5.69 -24.10
N LYS B 278 15.50 -5.68 -24.85
CA LYS B 278 14.92 -4.50 -25.55
C LYS B 278 15.94 -3.85 -26.48
N SER B 279 16.64 -4.68 -27.24
CA SER B 279 17.62 -4.23 -28.20
C SER B 279 17.64 -5.19 -29.38
N PHE B 280 18.07 -4.69 -30.53
CA PHE B 280 18.14 -5.51 -31.73
C PHE B 280 19.50 -6.14 -31.93
N THR B 281 20.53 -5.65 -31.25
CA THR B 281 21.83 -6.29 -31.23
C THR B 281 22.09 -6.77 -29.82
N VAL B 282 22.21 -8.09 -29.66
CA VAL B 282 22.53 -8.70 -28.38
C VAL B 282 24.01 -9.04 -28.40
N GLU B 283 24.67 -8.89 -27.25
CA GLU B 283 26.06 -9.25 -27.16
C GLU B 283 26.20 -10.74 -26.82
N LYS B 284 27.43 -11.22 -26.83
CA LYS B 284 27.70 -12.63 -26.58
C LYS B 284 27.56 -12.97 -25.11
N GLY B 285 26.79 -14.01 -24.83
CA GLY B 285 26.52 -14.42 -23.46
C GLY B 285 25.27 -15.26 -23.38
N ILE B 286 24.77 -15.40 -22.15
CA ILE B 286 23.62 -16.24 -21.84
C ILE B 286 22.57 -15.37 -21.16
N TYR B 287 21.32 -15.50 -21.59
CA TYR B 287 20.23 -14.67 -21.08
C TYR B 287 19.07 -15.54 -20.62
N GLN B 288 18.63 -15.31 -19.39
CA GLN B 288 17.44 -15.96 -18.85
C GLN B 288 16.23 -15.13 -19.24
N THR B 289 15.44 -15.65 -20.18
CA THR B 289 14.37 -14.87 -20.81
C THR B 289 12.98 -15.32 -20.44
N SER B 290 12.76 -16.59 -20.16
CA SER B 290 11.42 -17.10 -19.91
C SER B 290 11.51 -18.21 -18.87
N ASN B 291 10.38 -18.85 -18.59
CA ASN B 291 10.31 -19.93 -17.63
C ASN B 291 9.58 -21.11 -18.26
N PHE B 292 10.20 -22.28 -18.21
CA PHE B 292 9.59 -23.50 -18.73
C PHE B 292 8.73 -24.11 -17.64
N ARG B 293 7.47 -24.41 -17.95
CA ARG B 293 6.56 -25.09 -17.04
C ARG B 293 5.81 -26.15 -17.82
N VAL B 294 5.80 -27.37 -17.30
CA VAL B 294 5.05 -28.45 -17.95
C VAL B 294 3.57 -28.25 -17.66
N GLN B 295 2.80 -27.95 -18.70
CA GLN B 295 1.38 -27.71 -18.54
C GLN B 295 0.64 -29.03 -18.33
N PRO B 296 -0.44 -29.04 -17.55
CA PRO B 296 -1.20 -30.29 -17.36
C PRO B 296 -2.00 -30.66 -18.61
N THR B 297 -1.68 -31.83 -19.16
CA THR B 297 -2.32 -32.32 -20.38
C THR B 297 -3.56 -33.14 -20.09
N GLU B 298 -3.92 -33.32 -18.82
CA GLU B 298 -5.07 -34.14 -18.46
C GLU B 298 -5.62 -33.64 -17.13
N SER B 299 -6.94 -33.44 -17.10
CA SER B 299 -7.64 -33.06 -15.89
C SER B 299 -8.46 -34.26 -15.41
N ILE B 300 -8.27 -34.63 -14.14
CA ILE B 300 -8.94 -35.79 -13.58
C ILE B 300 -9.79 -35.36 -12.39
N VAL B 301 -10.89 -36.08 -12.18
CA VAL B 301 -11.87 -35.79 -11.15
C VAL B 301 -11.99 -37.02 -10.25
N ARG B 302 -11.78 -36.84 -8.95
CA ARG B 302 -11.78 -37.93 -7.99
C ARG B 302 -12.76 -37.71 -6.84
N PHE B 303 -14.01 -37.37 -7.14
CA PHE B 303 -15.02 -37.26 -6.10
C PHE B 303 -15.46 -38.66 -5.66
N PRO B 304 -15.88 -38.84 -4.40
CA PRO B 304 -16.42 -40.14 -3.98
C PRO B 304 -17.79 -40.40 -4.60
N ASN B 305 -18.13 -41.69 -4.69
CA ASN B 305 -19.31 -42.15 -5.43
C ASN B 305 -20.45 -42.60 -4.54
N ILE B 306 -20.64 -41.98 -3.37
CA ILE B 306 -21.80 -42.31 -2.54
C ILE B 306 -23.01 -41.61 -3.12
N THR B 307 -23.70 -42.28 -4.05
CA THR B 307 -24.57 -41.59 -5.00
C THR B 307 -25.97 -41.30 -4.46
N ASN B 308 -26.25 -41.64 -3.20
CA ASN B 308 -27.53 -41.28 -2.60
C ASN B 308 -27.59 -39.78 -2.35
N LEU B 309 -28.77 -39.21 -2.56
CA LEU B 309 -28.94 -37.76 -2.49
C LEU B 309 -29.18 -37.31 -1.04
N CYS B 310 -28.92 -36.04 -0.80
CA CYS B 310 -29.10 -35.41 0.49
C CYS B 310 -30.56 -35.03 0.69
N PRO B 311 -31.04 -35.03 1.96
CA PRO B 311 -32.44 -34.58 2.20
C PRO B 311 -32.57 -33.07 2.34
N PHE B 312 -32.30 -32.34 1.25
CA PHE B 312 -32.67 -30.93 1.18
C PHE B 312 -34.16 -30.72 0.97
N GLY B 313 -34.87 -31.71 0.44
CA GLY B 313 -36.32 -31.63 0.39
C GLY B 313 -36.94 -31.79 1.76
N GLU B 314 -36.26 -32.52 2.66
CA GLU B 314 -36.68 -32.57 4.05
C GLU B 314 -36.42 -31.25 4.76
N VAL B 315 -35.33 -30.57 4.38
CA VAL B 315 -34.96 -29.32 5.04
C VAL B 315 -35.81 -28.17 4.50
N PHE B 316 -35.88 -28.02 3.17
CA PHE B 316 -36.51 -26.84 2.59
C PHE B 316 -38.03 -27.00 2.52
N ASN B 317 -38.50 -28.07 1.88
CA ASN B 317 -39.94 -28.34 1.79
C ASN B 317 -40.39 -29.01 3.10
N ALA B 318 -40.58 -28.20 4.14
CA ALA B 318 -41.04 -28.70 5.43
C ALA B 318 -42.18 -27.83 5.90
N THR B 319 -43.13 -28.45 6.61
CA THR B 319 -44.33 -27.72 7.05
C THR B 319 -44.02 -26.77 8.19
N ARG B 320 -43.40 -27.28 9.25
CA ARG B 320 -43.13 -26.50 10.46
C ARG B 320 -41.65 -26.16 10.56
N PHE B 321 -41.28 -24.99 10.03
CA PHE B 321 -40.10 -24.32 10.52
C PHE B 321 -40.40 -23.71 11.89
N ALA B 322 -39.50 -23.95 12.84
CA ALA B 322 -39.74 -23.52 14.20
C ALA B 322 -39.31 -22.07 14.39
N SER B 323 -39.36 -21.61 15.63
CA SER B 323 -39.14 -20.22 15.97
C SER B 323 -37.64 -19.91 16.10
N VAL B 324 -37.35 -18.64 16.37
CA VAL B 324 -35.96 -18.20 16.43
C VAL B 324 -35.34 -18.54 17.77
N TYR B 325 -36.19 -18.82 18.78
CA TYR B 325 -35.66 -19.24 20.07
C TYR B 325 -35.41 -20.74 20.08
N ALA B 326 -36.12 -21.48 19.24
CA ALA B 326 -35.98 -22.93 19.18
C ALA B 326 -35.74 -23.38 17.74
N TRP B 327 -34.86 -22.68 17.03
CA TRP B 327 -34.38 -23.04 15.70
C TRP B 327 -33.80 -24.45 15.62
N ASN B 328 -34.10 -25.13 14.51
CA ASN B 328 -33.81 -26.55 14.37
C ASN B 328 -32.51 -26.74 13.60
N ARG B 329 -31.68 -27.67 14.07
CA ARG B 329 -30.42 -28.04 13.43
C ARG B 329 -30.56 -29.43 12.82
N LYS B 330 -30.18 -29.55 11.56
CA LYS B 330 -30.13 -30.84 10.87
C LYS B 330 -28.74 -31.08 10.29
N ARG B 331 -28.20 -32.26 10.57
CA ARG B 331 -26.87 -32.64 10.09
C ARG B 331 -27.04 -33.26 8.71
N ILE B 332 -26.35 -32.69 7.71
CA ILE B 332 -26.38 -33.20 6.35
C ILE B 332 -24.99 -33.72 6.01
N SER B 333 -24.87 -35.04 5.81
CA SER B 333 -23.60 -35.67 5.50
C SER B 333 -23.85 -36.98 4.76
N ASN B 334 -22.77 -37.51 4.18
CA ASN B 334 -22.67 -38.83 3.54
C ASN B 334 -23.64 -38.97 2.36
N CYS B 335 -23.73 -37.91 1.55
CA CYS B 335 -24.63 -37.89 0.43
C CYS B 335 -24.14 -36.88 -0.61
N VAL B 336 -24.75 -36.94 -1.80
CA VAL B 336 -24.49 -35.97 -2.86
C VAL B 336 -25.54 -34.87 -2.77
N ALA B 337 -25.11 -33.61 -2.75
CA ALA B 337 -26.00 -32.48 -2.58
C ALA B 337 -26.00 -31.61 -3.84
N ASP B 338 -27.18 -31.38 -4.41
CA ASP B 338 -27.33 -30.58 -5.62
C ASP B 338 -27.78 -29.18 -5.21
N TYR B 339 -26.88 -28.21 -5.36
CA TYR B 339 -27.16 -26.82 -5.06
C TYR B 339 -27.58 -26.02 -6.29
N SER B 340 -27.59 -26.65 -7.47
CA SER B 340 -28.03 -25.96 -8.69
C SER B 340 -29.53 -25.71 -8.67
N VAL B 341 -30.29 -26.64 -8.10
CA VAL B 341 -31.74 -26.44 -7.95
C VAL B 341 -32.02 -25.48 -6.82
N LEU B 342 -31.08 -25.33 -5.89
CA LEU B 342 -31.20 -24.37 -4.81
C LEU B 342 -30.99 -22.94 -5.34
N TYR B 343 -29.96 -22.75 -6.16
CA TYR B 343 -29.69 -21.41 -6.68
C TYR B 343 -30.64 -21.05 -7.81
N ASN B 344 -31.09 -22.03 -8.60
CA ASN B 344 -31.91 -21.74 -9.76
C ASN B 344 -33.37 -21.51 -9.42
N SER B 345 -33.80 -21.73 -8.18
CA SER B 345 -35.16 -21.46 -7.76
C SER B 345 -35.31 -19.98 -7.45
N ALA B 346 -36.35 -19.36 -8.01
CA ALA B 346 -36.57 -17.92 -7.89
C ALA B 346 -37.49 -17.55 -6.74
N SER B 347 -37.85 -18.51 -5.87
CA SER B 347 -38.70 -18.19 -4.73
C SER B 347 -37.93 -17.43 -3.66
N PHE B 348 -36.62 -17.60 -3.60
CA PHE B 348 -35.79 -16.88 -2.66
C PHE B 348 -35.57 -15.44 -3.13
N SER B 349 -35.50 -14.52 -2.17
CA SER B 349 -35.32 -13.11 -2.50
C SER B 349 -34.19 -12.44 -1.72
N THR B 350 -33.74 -13.05 -0.61
CA THR B 350 -32.70 -12.48 0.24
C THR B 350 -31.59 -13.51 0.41
N PHE B 351 -31.08 -14.02 -0.72
CA PHE B 351 -30.16 -15.16 -0.75
C PHE B 351 -28.84 -14.87 -0.03
N LYS B 352 -28.04 -13.94 -0.57
CA LYS B 352 -26.83 -13.33 0.02
C LYS B 352 -25.81 -14.29 0.63
N CYS B 353 -25.23 -15.17 -0.18
CA CYS B 353 -24.28 -16.17 0.32
C CYS B 353 -22.95 -15.48 0.56
N TYR B 354 -22.45 -15.58 1.80
CA TYR B 354 -21.27 -14.85 2.22
C TYR B 354 -20.07 -15.79 2.25
N GLY B 355 -18.99 -15.40 1.57
CA GLY B 355 -17.76 -16.15 1.55
C GLY B 355 -17.64 -17.12 0.39
N VAL B 356 -18.74 -17.75 -0.02
CA VAL B 356 -18.74 -18.69 -1.13
C VAL B 356 -19.75 -18.19 -2.16
N SER B 357 -19.30 -18.07 -3.41
CA SER B 357 -20.17 -17.66 -4.51
C SER B 357 -21.10 -18.80 -4.89
N PRO B 358 -22.34 -18.51 -5.32
CA PRO B 358 -23.29 -19.61 -5.55
C PRO B 358 -23.05 -20.42 -6.81
N THR B 359 -22.55 -19.79 -7.87
CA THR B 359 -22.30 -20.50 -9.12
C THR B 359 -21.12 -21.44 -9.02
N LYS B 360 -20.05 -21.04 -8.34
CA LYS B 360 -18.87 -21.86 -8.14
C LYS B 360 -18.95 -22.72 -6.88
N LEU B 361 -20.14 -23.05 -6.41
CA LEU B 361 -20.28 -23.73 -5.12
C LEU B 361 -20.34 -25.24 -5.29
N ASN B 362 -20.66 -25.71 -6.50
CA ASN B 362 -20.94 -27.12 -6.71
C ASN B 362 -19.66 -27.96 -6.78
N ASP B 363 -18.54 -27.33 -7.12
CA ASP B 363 -17.35 -28.10 -7.48
C ASP B 363 -16.36 -28.27 -6.33
N LEU B 364 -16.65 -27.69 -5.17
CA LEU B 364 -15.85 -28.00 -3.98
C LEU B 364 -16.56 -29.06 -3.15
N CYS B 365 -15.86 -29.62 -2.16
CA CYS B 365 -16.50 -30.59 -1.30
C CYS B 365 -16.22 -30.25 0.16
N PHE B 366 -17.30 -30.23 0.95
CA PHE B 366 -17.29 -29.58 2.26
C PHE B 366 -17.29 -30.63 3.36
N THR B 367 -16.88 -30.22 4.56
CA THR B 367 -16.84 -31.13 5.70
C THR B 367 -18.23 -31.46 6.21
N ASN B 368 -19.08 -30.46 6.38
CA ASN B 368 -20.38 -30.62 7.05
C ASN B 368 -21.31 -29.50 6.65
N VAL B 369 -22.61 -29.79 6.62
CA VAL B 369 -23.66 -28.78 6.48
C VAL B 369 -24.49 -28.79 7.76
N TYR B 370 -24.57 -27.65 8.43
CA TYR B 370 -25.39 -27.49 9.62
C TYR B 370 -26.60 -26.63 9.22
N ALA B 371 -27.70 -27.30 8.88
CA ALA B 371 -28.89 -26.63 8.35
C ALA B 371 -29.70 -26.04 9.51
N ASP B 372 -29.46 -24.77 9.80
CA ASP B 372 -30.26 -24.06 10.78
C ASP B 372 -31.46 -23.40 10.09
N SER B 373 -32.57 -23.34 10.82
CA SER B 373 -33.82 -22.90 10.22
C SER B 373 -34.73 -22.28 11.27
N PHE B 374 -35.27 -21.10 10.96
CA PHE B 374 -36.10 -20.33 11.89
C PHE B 374 -37.00 -19.37 11.10
N VAL B 375 -37.91 -18.72 11.81
CA VAL B 375 -38.86 -17.76 11.25
C VAL B 375 -38.71 -16.45 12.00
N ILE B 376 -38.45 -15.35 11.27
CA ILE B 376 -38.23 -14.04 11.86
C ILE B 376 -39.14 -13.01 11.19
N ARG B 377 -38.95 -11.76 11.60
CA ARG B 377 -39.70 -10.63 11.07
C ARG B 377 -39.11 -10.22 9.71
N GLY B 378 -39.83 -9.34 9.01
CA GLY B 378 -39.48 -8.97 7.65
C GLY B 378 -38.45 -7.87 7.51
N ASP B 379 -37.85 -7.42 8.62
CA ASP B 379 -36.79 -6.43 8.57
C ASP B 379 -35.54 -6.85 9.33
N GLU B 380 -35.42 -8.12 9.68
CA GLU B 380 -34.34 -8.60 10.55
C GLU B 380 -33.35 -9.51 9.82
N VAL B 381 -33.35 -9.51 8.49
CA VAL B 381 -32.36 -10.31 7.76
C VAL B 381 -31.03 -9.59 7.69
N ARG B 382 -31.03 -8.27 7.96
CA ARG B 382 -29.76 -7.57 8.14
C ARG B 382 -29.10 -7.95 9.46
N GLN B 383 -29.91 -8.35 10.45
CA GLN B 383 -29.38 -8.95 11.68
C GLN B 383 -28.81 -10.34 11.44
N ILE B 384 -29.35 -11.09 10.48
CA ILE B 384 -28.83 -12.41 10.16
C ILE B 384 -27.70 -12.22 9.16
N ALA B 385 -26.52 -11.89 9.68
CA ALA B 385 -25.30 -11.53 8.95
C ALA B 385 -24.19 -11.46 9.99
N PRO B 386 -22.94 -11.79 9.62
CA PRO B 386 -21.82 -11.54 10.54
C PRO B 386 -21.56 -10.06 10.77
N GLY B 387 -21.21 -9.69 12.00
CA GLY B 387 -20.83 -8.33 12.31
C GLY B 387 -21.95 -7.48 12.87
N GLN B 388 -23.17 -7.64 12.35
CA GLN B 388 -24.29 -6.83 12.78
C GLN B 388 -24.81 -7.32 14.12
N THR B 389 -25.09 -6.37 15.02
CA THR B 389 -25.64 -6.67 16.34
C THR B 389 -27.01 -6.02 16.48
N GLY B 390 -27.84 -6.63 17.33
CA GLY B 390 -29.20 -6.16 17.54
C GLY B 390 -30.02 -7.15 18.34
N ASN B 391 -31.34 -7.13 18.18
CA ASN B 391 -32.22 -7.99 18.96
C ASN B 391 -32.15 -9.43 18.50
N ILE B 392 -32.44 -9.67 17.22
CA ILE B 392 -32.39 -11.01 16.65
C ILE B 392 -30.94 -11.49 16.54
N ALA B 393 -30.02 -10.58 16.24
CA ALA B 393 -28.62 -10.94 16.07
C ALA B 393 -27.94 -11.27 17.41
N ASP B 394 -28.23 -10.49 18.45
CA ASP B 394 -27.53 -10.68 19.71
C ASP B 394 -28.27 -11.65 20.62
N TYR B 395 -29.60 -11.57 20.66
CA TYR B 395 -30.32 -12.18 21.76
C TYR B 395 -31.08 -13.42 21.33
N ASN B 396 -31.10 -13.70 20.03
CA ASN B 396 -31.82 -14.87 19.52
C ASN B 396 -30.89 -15.85 18.79
N TYR B 397 -30.12 -15.34 17.82
CA TYR B 397 -29.27 -16.18 16.98
C TYR B 397 -28.11 -15.35 16.47
N LYS B 398 -26.90 -15.76 16.79
CA LYS B 398 -25.69 -15.04 16.43
C LYS B 398 -24.89 -15.85 15.42
N LEU B 399 -24.42 -15.18 14.38
CA LEU B 399 -23.55 -15.81 13.38
C LEU B 399 -22.09 -15.60 13.80
N PRO B 400 -21.17 -16.49 13.41
CA PRO B 400 -19.75 -16.24 13.70
C PRO B 400 -19.19 -15.10 12.87
N ASP B 401 -18.07 -14.54 13.34
CA ASP B 401 -17.42 -13.45 12.62
C ASP B 401 -16.72 -13.97 11.37
N ASP B 402 -16.32 -15.24 11.38
CA ASP B 402 -15.68 -15.88 10.25
C ASP B 402 -16.65 -16.85 9.58
N PHE B 403 -17.91 -16.44 9.46
CA PHE B 403 -18.96 -17.29 8.92
C PHE B 403 -18.77 -17.49 7.41
N THR B 404 -18.86 -18.75 6.98
CA THR B 404 -18.86 -19.11 5.56
C THR B 404 -20.11 -19.94 5.26
N GLY B 405 -21.07 -19.31 4.60
CA GLY B 405 -22.31 -20.00 4.30
C GLY B 405 -23.31 -19.05 3.65
N CYS B 406 -24.47 -19.61 3.31
CA CYS B 406 -25.53 -18.88 2.64
C CYS B 406 -26.64 -18.56 3.65
N VAL B 407 -27.40 -17.50 3.34
CA VAL B 407 -28.40 -16.91 4.22
C VAL B 407 -29.74 -17.09 3.49
N ILE B 408 -29.96 -18.30 2.96
CA ILE B 408 -31.12 -18.62 2.13
C ILE B 408 -32.45 -18.41 2.86
N ALA B 409 -33.34 -17.61 2.24
CA ALA B 409 -34.63 -17.29 2.82
C ALA B 409 -35.65 -16.95 1.75
N TRP B 410 -36.93 -17.24 2.02
CA TRP B 410 -38.02 -16.76 1.18
C TRP B 410 -38.93 -15.84 1.99
N ASN B 411 -39.86 -15.19 1.29
CA ASN B 411 -40.93 -14.43 1.94
C ASN B 411 -42.21 -15.24 1.89
N SER B 412 -42.70 -15.63 3.05
CA SER B 412 -43.94 -16.40 3.15
C SER B 412 -44.99 -15.58 3.89
N ASN B 413 -46.04 -15.17 3.16
CA ASN B 413 -47.16 -14.45 3.76
C ASN B 413 -48.44 -15.27 3.70
N ASN B 414 -48.53 -16.19 2.74
CA ASN B 414 -49.67 -17.09 2.70
C ASN B 414 -49.57 -18.19 3.76
N LEU B 415 -48.33 -18.58 4.08
CA LEU B 415 -48.13 -19.79 4.89
C LEU B 415 -48.11 -19.46 6.38
N ASP B 416 -47.41 -18.41 6.77
CA ASP B 416 -47.18 -18.11 8.18
C ASP B 416 -47.96 -16.90 8.69
N SER B 417 -49.03 -16.49 8.02
CA SER B 417 -49.88 -15.41 8.52
C SER B 417 -51.34 -15.86 8.56
N LYS B 418 -51.95 -15.74 9.73
CA LYS B 418 -53.38 -15.97 9.92
C LYS B 418 -54.05 -14.63 10.19
N VAL B 419 -55.27 -14.47 9.68
CA VAL B 419 -56.06 -13.27 9.97
C VAL B 419 -56.48 -13.34 11.43
N GLY B 420 -55.82 -12.56 12.27
CA GLY B 420 -55.93 -12.69 13.71
C GLY B 420 -54.58 -12.80 14.38
N GLY B 421 -53.64 -13.49 13.75
CA GLY B 421 -52.29 -13.59 14.28
C GLY B 421 -51.85 -15.00 14.63
N ASN B 422 -50.67 -15.40 14.17
CA ASN B 422 -50.14 -16.74 14.48
C ASN B 422 -49.24 -16.61 15.70
N TYR B 423 -49.66 -17.18 16.83
CA TYR B 423 -49.15 -16.73 18.13
C TYR B 423 -48.07 -17.62 18.75
N ASN B 424 -47.66 -18.71 18.10
CA ASN B 424 -46.57 -19.50 18.68
C ASN B 424 -45.24 -19.30 18.00
N TYR B 425 -45.19 -18.56 16.89
CA TYR B 425 -43.91 -18.04 16.41
C TYR B 425 -43.44 -16.97 17.39
N LEU B 426 -42.23 -17.13 17.90
CA LEU B 426 -41.83 -16.54 19.16
C LEU B 426 -40.43 -15.95 19.05
N TYR B 427 -40.15 -14.94 19.87
CA TYR B 427 -38.85 -14.30 19.86
C TYR B 427 -38.54 -13.76 21.25
N ARG B 428 -37.26 -13.63 21.57
CA ARG B 428 -36.81 -13.26 22.90
C ARG B 428 -36.18 -11.88 22.88
N LEU B 429 -36.71 -10.98 23.72
CA LEU B 429 -36.20 -9.61 23.79
C LEU B 429 -35.29 -9.45 25.01
N PHE B 430 -35.80 -9.81 26.18
CA PHE B 430 -35.13 -9.55 27.44
C PHE B 430 -34.31 -10.75 27.90
N ARG B 431 -32.99 -10.57 28.00
CA ARG B 431 -32.07 -11.64 28.33
C ARG B 431 -30.82 -11.01 28.92
N LYS B 432 -30.31 -11.59 30.01
CA LYS B 432 -29.17 -11.05 30.72
C LYS B 432 -27.84 -11.61 30.24
N SER B 433 -27.78 -12.11 29.00
CA SER B 433 -26.54 -12.68 28.47
C SER B 433 -26.43 -12.50 26.96
N ASN B 434 -25.36 -11.83 26.51
CA ASN B 434 -25.07 -11.74 25.09
C ASN B 434 -24.58 -13.08 24.57
N LEU B 435 -25.24 -13.62 23.56
CA LEU B 435 -24.99 -14.99 23.13
C LEU B 435 -23.76 -15.07 22.25
N LYS B 436 -22.90 -16.05 22.52
CA LYS B 436 -21.88 -16.45 21.56
C LYS B 436 -22.58 -17.24 20.44
N PRO B 437 -21.98 -17.28 19.20
CA PRO B 437 -22.64 -17.97 18.07
C PRO B 437 -22.91 -19.47 18.24
N PHE B 438 -24.03 -19.88 17.65
CA PHE B 438 -24.61 -21.24 17.71
C PHE B 438 -24.87 -21.66 19.16
N GLU B 439 -25.76 -20.93 19.82
CA GLU B 439 -26.15 -21.22 21.19
C GLU B 439 -27.66 -21.43 21.28
N ARG B 440 -28.07 -22.13 22.33
CA ARG B 440 -29.46 -22.55 22.55
C ARG B 440 -30.00 -21.86 23.81
N ASP B 441 -30.84 -20.84 23.62
CA ASP B 441 -31.58 -20.26 24.74
C ASP B 441 -33.05 -20.72 24.69
N ILE B 442 -33.24 -21.96 25.13
CA ILE B 442 -34.57 -22.56 25.16
C ILE B 442 -35.26 -22.33 26.50
N SER B 443 -34.55 -21.76 27.47
CA SER B 443 -35.06 -21.58 28.83
C SER B 443 -36.11 -20.46 28.87
N THR B 444 -37.14 -20.68 29.69
CA THR B 444 -38.24 -19.74 29.85
C THR B 444 -38.20 -19.06 31.21
N GLU B 445 -37.01 -18.69 31.69
CA GLU B 445 -36.87 -18.01 32.96
C GLU B 445 -37.39 -16.57 32.87
N ILE B 446 -38.08 -16.13 33.92
CA ILE B 446 -38.64 -14.78 34.00
C ILE B 446 -37.49 -13.78 34.15
N TYR B 447 -37.60 -12.65 33.46
CA TYR B 447 -36.53 -11.66 33.45
C TYR B 447 -36.79 -10.59 34.50
N GLN B 448 -35.76 -10.26 35.27
CA GLN B 448 -35.83 -9.16 36.22
C GLN B 448 -34.98 -8.00 35.73
N ALA B 449 -35.58 -6.80 35.73
CA ALA B 449 -34.88 -5.63 35.22
C ALA B 449 -34.46 -4.67 36.33
N GLY B 450 -35.41 -4.06 37.02
CA GLY B 450 -35.07 -2.95 37.90
C GLY B 450 -34.38 -3.24 39.22
N SER B 451 -35.13 -3.67 40.23
CA SER B 451 -34.51 -3.95 41.52
C SER B 451 -34.83 -5.33 42.09
N THR B 452 -36.12 -5.61 42.30
CA THR B 452 -36.57 -6.70 43.14
C THR B 452 -36.98 -7.92 42.33
N PRO B 453 -36.37 -9.08 42.56
CA PRO B 453 -36.66 -10.27 41.73
C PRO B 453 -38.04 -10.87 42.03
N CYS B 454 -38.83 -11.02 40.97
CA CYS B 454 -40.15 -11.62 41.10
C CYS B 454 -40.05 -13.13 41.34
N ASN B 455 -39.20 -13.79 40.56
CA ASN B 455 -38.81 -15.21 40.65
C ASN B 455 -39.99 -16.17 40.56
N GLY B 456 -40.69 -16.16 39.43
CA GLY B 456 -41.77 -17.09 39.17
C GLY B 456 -43.08 -16.45 38.72
N VAL B 457 -43.22 -15.14 38.87
CA VAL B 457 -44.43 -14.43 38.50
C VAL B 457 -44.06 -13.28 37.57
N LYS B 458 -45.04 -12.78 36.84
CA LYS B 458 -44.88 -11.63 35.96
C LYS B 458 -45.56 -10.42 36.59
N GLY B 459 -44.84 -9.30 36.62
CA GLY B 459 -45.38 -8.11 37.26
C GLY B 459 -44.58 -6.84 37.04
N PHE B 460 -44.41 -6.06 38.11
CA PHE B 460 -43.77 -4.76 38.03
C PHE B 460 -42.27 -4.91 37.89
N ASN B 461 -41.72 -4.33 36.80
CA ASN B 461 -40.34 -4.51 36.33
C ASN B 461 -39.98 -5.99 36.15
N CYS B 462 -40.93 -6.75 35.61
CA CYS B 462 -40.75 -8.18 35.37
C CYS B 462 -41.50 -8.52 34.10
N TYR B 463 -40.78 -8.70 33.00
CA TYR B 463 -41.36 -9.00 31.70
C TYR B 463 -40.99 -10.41 31.29
N PHE B 464 -41.94 -11.11 30.69
CA PHE B 464 -41.66 -12.43 30.11
C PHE B 464 -40.81 -12.25 28.86
N PRO B 465 -39.73 -13.03 28.69
CA PRO B 465 -38.84 -12.82 27.54
C PRO B 465 -39.44 -13.25 26.20
N LEU B 466 -40.21 -14.34 26.21
CA LEU B 466 -40.74 -14.89 24.98
C LEU B 466 -42.09 -14.25 24.63
N GLN B 467 -42.07 -13.33 23.67
CA GLN B 467 -43.27 -12.63 23.22
C GLN B 467 -43.56 -13.00 21.77
N SER B 468 -44.84 -13.08 21.44
CA SER B 468 -45.27 -13.52 20.12
C SER B 468 -45.08 -12.43 19.07
N TYR B 469 -44.84 -12.87 17.82
CA TYR B 469 -44.88 -11.96 16.68
C TYR B 469 -46.30 -11.46 16.43
N GLY B 470 -47.26 -12.39 16.35
CA GLY B 470 -48.61 -12.05 15.96
C GLY B 470 -48.70 -11.70 14.48
N PHE B 471 -48.42 -12.67 13.63
CA PHE B 471 -48.30 -12.45 12.19
C PHE B 471 -49.67 -12.42 11.53
N GLN B 472 -50.04 -11.25 11.00
CA GLN B 472 -51.27 -11.04 10.26
C GLN B 472 -50.97 -10.74 8.79
N PRO B 473 -51.85 -11.12 7.86
CA PRO B 473 -51.59 -10.86 6.44
C PRO B 473 -51.79 -9.41 6.02
N THR B 474 -52.37 -8.57 6.87
CA THR B 474 -52.56 -7.15 6.57
C THR B 474 -51.31 -6.32 6.83
N TYR B 475 -50.26 -6.92 7.39
CA TYR B 475 -49.01 -6.24 7.67
C TYR B 475 -48.23 -5.90 6.40
N GLY B 476 -47.30 -4.96 6.50
CA GLY B 476 -46.43 -4.66 5.38
C GLY B 476 -45.27 -5.63 5.28
N VAL B 477 -44.40 -5.37 4.31
CA VAL B 477 -43.31 -6.28 3.96
C VAL B 477 -42.19 -6.25 4.99
N GLY B 478 -42.16 -5.21 5.83
CA GLY B 478 -41.21 -5.16 6.92
C GLY B 478 -41.69 -5.93 8.13
N TYR B 479 -42.97 -6.33 8.12
CA TYR B 479 -43.57 -7.09 9.21
C TYR B 479 -44.07 -8.46 8.75
N GLN B 480 -43.88 -8.79 7.48
CA GLN B 480 -44.26 -10.08 6.93
C GLN B 480 -43.32 -11.16 7.46
N PRO B 481 -43.77 -12.43 7.53
CA PRO B 481 -42.88 -13.49 8.02
C PRO B 481 -41.82 -13.86 6.99
N TYR B 482 -40.57 -13.94 7.45
CA TYR B 482 -39.46 -14.44 6.66
C TYR B 482 -39.01 -15.77 7.23
N ARG B 483 -39.02 -16.81 6.41
CA ARG B 483 -38.60 -18.15 6.83
C ARG B 483 -37.14 -18.30 6.43
N VAL B 484 -36.23 -18.03 7.36
CA VAL B 484 -34.81 -17.96 7.09
C VAL B 484 -34.17 -19.30 7.41
N VAL B 485 -33.53 -19.89 6.40
CA VAL B 485 -32.86 -21.18 6.54
C VAL B 485 -31.40 -21.12 6.06
N VAL B 486 -30.49 -20.96 7.02
CA VAL B 486 -29.10 -20.74 6.67
C VAL B 486 -28.37 -22.07 6.60
N LEU B 487 -27.27 -22.10 5.83
CA LEU B 487 -26.48 -23.32 5.64
C LEU B 487 -25.03 -23.00 6.02
N SER B 488 -24.69 -23.26 7.28
CA SER B 488 -23.34 -23.02 7.73
C SER B 488 -22.42 -24.17 7.31
N PHE B 489 -21.36 -23.85 6.60
CA PHE B 489 -20.38 -24.86 6.19
C PHE B 489 -19.09 -24.69 7.00
N GLU B 490 -18.11 -25.52 6.70
CA GLU B 490 -16.77 -25.38 7.25
C GLU B 490 -15.80 -25.98 6.24
N LEU B 491 -14.71 -25.27 5.95
CA LEU B 491 -13.82 -25.69 4.87
C LEU B 491 -12.75 -26.67 5.37
N LEU B 492 -12.02 -26.30 6.42
CA LEU B 492 -10.88 -27.10 6.88
C LEU B 492 -10.99 -27.34 8.39
N HIS B 493 -11.76 -28.37 8.76
CA HIS B 493 -11.76 -28.87 10.13
C HIS B 493 -11.94 -30.39 10.22
N ALA B 494 -12.32 -31.05 9.14
CA ALA B 494 -12.87 -32.40 9.20
C ALA B 494 -12.70 -33.06 7.84
N PRO B 495 -12.97 -34.39 7.67
CA PRO B 495 -13.05 -34.94 6.31
C PRO B 495 -14.15 -34.34 5.43
N ALA B 496 -13.77 -34.04 4.18
CA ALA B 496 -14.69 -33.42 3.23
C ALA B 496 -15.64 -34.47 2.67
N THR B 497 -16.93 -34.28 2.93
CA THR B 497 -17.90 -35.34 2.66
C THR B 497 -18.99 -34.94 1.67
N VAL B 498 -19.61 -33.79 1.88
CA VAL B 498 -20.90 -33.47 1.24
C VAL B 498 -20.81 -32.39 0.16
N CYS B 499 -21.25 -32.76 -1.06
CA CYS B 499 -21.01 -32.00 -2.28
C CYS B 499 -21.79 -32.46 -3.51
N GLY B 500 -21.38 -31.94 -4.67
CA GLY B 500 -22.18 -31.93 -5.88
C GLY B 500 -22.01 -33.13 -6.79
N PRO B 501 -22.81 -33.18 -7.88
CA PRO B 501 -22.81 -34.33 -8.80
C PRO B 501 -21.82 -34.19 -9.95
N LYS B 502 -20.54 -34.00 -9.62
CA LYS B 502 -19.48 -34.02 -10.61
C LYS B 502 -19.08 -35.46 -10.89
N LYS B 503 -19.05 -35.84 -12.16
CA LYS B 503 -18.73 -37.20 -12.54
C LYS B 503 -17.24 -37.46 -12.37
N SER B 504 -16.91 -38.54 -11.67
CA SER B 504 -15.52 -38.87 -11.39
C SER B 504 -14.84 -39.48 -12.62
N THR B 505 -13.55 -39.20 -12.74
CA THR B 505 -12.71 -39.70 -13.83
C THR B 505 -11.72 -40.69 -13.23
N ASN B 506 -11.46 -41.79 -13.94
CA ASN B 506 -10.49 -42.78 -13.51
C ASN B 506 -9.08 -42.19 -13.52
N LEU B 507 -8.27 -42.57 -12.53
CA LEU B 507 -6.98 -41.93 -12.31
C LEU B 507 -5.95 -42.43 -13.32
N VAL B 508 -5.00 -41.53 -13.65
CA VAL B 508 -3.88 -41.86 -14.52
C VAL B 508 -2.59 -41.61 -13.75
N LYS B 509 -1.51 -42.22 -14.24
CA LYS B 509 -0.21 -42.26 -13.57
C LYS B 509 0.69 -41.12 -13.99
N ASN B 510 2.02 -41.33 -13.91
CA ASN B 510 3.08 -40.36 -13.67
C ASN B 510 3.25 -39.17 -14.61
N LYS B 511 2.40 -39.03 -15.64
CA LYS B 511 2.33 -37.78 -16.39
C LYS B 511 1.75 -36.70 -15.48
N CYS B 512 2.19 -35.45 -15.71
CA CYS B 512 1.76 -34.34 -14.86
C CYS B 512 0.33 -33.95 -15.21
N VAL B 513 -0.55 -34.00 -14.21
CA VAL B 513 -1.99 -33.81 -14.40
C VAL B 513 -2.49 -32.74 -13.45
N ASN B 514 -3.73 -32.29 -13.70
CA ASN B 514 -4.42 -31.32 -12.86
C ASN B 514 -5.53 -32.07 -12.15
N PHE B 515 -5.30 -32.42 -10.88
CA PHE B 515 -6.21 -33.27 -10.14
C PHE B 515 -7.27 -32.44 -9.41
N ASN B 516 -8.34 -33.12 -9.01
CA ASN B 516 -9.39 -32.53 -8.18
C ASN B 516 -9.81 -33.60 -7.18
N PHE B 517 -9.14 -33.64 -6.03
CA PHE B 517 -9.40 -34.62 -4.98
C PHE B 517 -10.31 -33.94 -3.95
N ASN B 518 -11.63 -34.16 -4.13
CA ASN B 518 -12.81 -33.71 -3.33
C ASN B 518 -12.65 -32.31 -2.71
N GLY B 519 -12.41 -31.32 -3.58
CA GLY B 519 -12.36 -29.92 -3.20
C GLY B 519 -10.99 -29.28 -3.22
N LEU B 520 -9.90 -30.05 -3.17
CA LEU B 520 -8.58 -29.48 -3.27
C LEU B 520 -8.07 -29.66 -4.70
N THR B 521 -7.72 -28.54 -5.34
CA THR B 521 -7.29 -28.53 -6.73
C THR B 521 -5.82 -28.18 -6.81
N GLY B 522 -5.08 -28.98 -7.57
CA GLY B 522 -3.66 -28.74 -7.74
C GLY B 522 -3.14 -29.47 -8.96
N THR B 523 -1.90 -29.13 -9.31
CA THR B 523 -1.21 -29.70 -10.45
C THR B 523 0.03 -30.43 -9.97
N GLY B 524 0.20 -31.66 -10.45
CA GLY B 524 1.34 -32.44 -10.00
C GLY B 524 1.33 -33.83 -10.59
N VAL B 525 2.17 -34.68 -10.01
CA VAL B 525 2.41 -36.04 -10.47
C VAL B 525 1.91 -37.02 -9.41
N LEU B 526 1.05 -37.95 -9.82
CA LEU B 526 0.56 -38.98 -8.92
C LEU B 526 1.46 -40.20 -9.01
N THR B 527 2.01 -40.62 -7.88
CA THR B 527 2.97 -41.71 -7.80
C THR B 527 2.57 -42.58 -6.60
N GLU B 528 2.80 -43.89 -6.72
CA GLU B 528 2.59 -44.81 -5.62
C GLU B 528 3.54 -44.51 -4.46
N SER B 529 3.02 -44.63 -3.25
CA SER B 529 3.74 -44.19 -2.06
C SER B 529 3.79 -45.32 -1.03
N ASN B 530 4.79 -45.24 -0.16
CA ASN B 530 4.97 -46.16 0.95
C ASN B 530 4.71 -45.48 2.29
N LYS B 531 4.06 -44.32 2.29
CA LYS B 531 3.72 -43.60 3.51
C LYS B 531 2.54 -44.30 4.18
N LYS B 532 2.75 -44.74 5.42
CA LYS B 532 1.74 -45.50 6.15
C LYS B 532 0.66 -44.55 6.65
N PHE B 533 -0.35 -44.33 5.81
CA PHE B 533 -1.50 -43.56 6.23
C PHE B 533 -2.38 -44.37 7.17
N LEU B 534 -2.52 -43.88 8.39
CA LEU B 534 -3.49 -44.41 9.34
C LEU B 534 -4.89 -44.03 8.88
N PRO B 535 -5.95 -44.82 9.25
CA PRO B 535 -7.29 -44.59 8.69
C PRO B 535 -8.03 -43.29 9.03
N PHE B 536 -7.43 -42.36 9.78
CA PHE B 536 -8.07 -41.07 10.02
C PHE B 536 -7.54 -39.96 9.12
N GLN B 537 -6.35 -40.08 8.54
CA GLN B 537 -5.82 -39.10 7.61
C GLN B 537 -6.54 -39.19 6.26
N GLN B 538 -6.56 -38.07 5.53
CA GLN B 538 -6.95 -38.07 4.13
C GLN B 538 -5.90 -37.45 3.20
N PHE B 539 -5.22 -36.37 3.59
CA PHE B 539 -4.18 -35.80 2.76
C PHE B 539 -3.04 -35.31 3.65
N GLY B 540 -1.81 -35.47 3.16
CA GLY B 540 -0.63 -34.97 3.83
C GLY B 540 -0.30 -33.56 3.36
N ARG B 541 0.24 -32.76 4.27
CA ARG B 541 0.56 -31.37 3.98
C ARG B 541 2.06 -31.14 4.11
N ASP B 542 2.55 -30.16 3.36
CA ASP B 542 3.94 -29.76 3.41
C ASP B 542 4.12 -28.70 4.51
N ILE B 543 5.30 -28.08 4.55
CA ILE B 543 5.52 -27.00 5.51
C ILE B 543 4.85 -25.71 5.04
N ALA B 544 4.57 -25.60 3.75
CA ALA B 544 3.66 -24.60 3.22
C ALA B 544 2.23 -25.16 3.24
N ASP B 545 1.30 -24.38 2.70
CA ASP B 545 -0.09 -24.84 2.66
C ASP B 545 -0.40 -25.50 1.32
N THR B 546 0.43 -26.45 0.91
CA THR B 546 0.19 -27.25 -0.29
C THR B 546 0.16 -28.71 0.10
N THR B 547 -0.53 -29.51 -0.72
CA THR B 547 -0.65 -30.93 -0.46
C THR B 547 0.64 -31.65 -0.85
N ASP B 548 0.84 -32.84 -0.28
CA ASP B 548 1.98 -33.70 -0.58
C ASP B 548 1.55 -35.12 -0.90
N ALA B 549 0.46 -35.59 -0.31
CA ALA B 549 -0.12 -36.88 -0.61
C ALA B 549 -1.63 -36.73 -0.42
N VAL B 550 -2.39 -37.72 -0.92
CA VAL B 550 -3.84 -37.73 -0.75
C VAL B 550 -4.32 -39.18 -0.75
N ARG B 551 -5.32 -39.45 0.08
CA ARG B 551 -6.09 -40.68 0.00
C ARG B 551 -7.09 -40.56 -1.14
N ASP B 552 -7.00 -41.47 -2.10
CA ASP B 552 -7.92 -41.50 -3.23
C ASP B 552 -9.30 -41.98 -2.81
N PRO B 553 -10.34 -41.23 -3.12
CA PRO B 553 -11.71 -41.75 -2.98
C PRO B 553 -12.01 -42.81 -4.01
N GLN B 554 -13.06 -43.60 -3.72
CA GLN B 554 -13.66 -44.72 -4.46
C GLN B 554 -12.80 -45.99 -4.49
N THR B 555 -11.56 -45.92 -3.97
CA THR B 555 -10.68 -47.08 -3.88
C THR B 555 -9.97 -47.19 -2.54
N LEU B 556 -9.98 -46.12 -1.73
CA LEU B 556 -9.24 -45.95 -0.47
C LEU B 556 -7.75 -46.23 -0.64
N GLU B 557 -7.14 -45.62 -1.65
CA GLU B 557 -5.74 -45.84 -1.98
C GLU B 557 -4.96 -44.57 -1.70
N ILE B 558 -3.69 -44.74 -1.33
CA ILE B 558 -2.82 -43.62 -0.99
C ILE B 558 -1.93 -43.33 -2.21
N LEU B 559 -1.86 -42.05 -2.59
CA LEU B 559 -1.06 -41.61 -3.73
C LEU B 559 -0.15 -40.47 -3.31
N ASP B 560 1.08 -40.46 -3.81
CA ASP B 560 2.02 -39.38 -3.55
C ASP B 560 1.89 -38.29 -4.60
N ILE B 561 1.93 -37.04 -4.16
CA ILE B 561 1.85 -35.90 -5.06
C ILE B 561 3.18 -35.17 -5.03
N THR B 562 3.88 -35.17 -6.16
CA THR B 562 5.05 -34.32 -6.36
C THR B 562 4.74 -33.41 -7.54
N PRO B 563 5.22 -32.17 -7.56
CA PRO B 563 4.96 -31.30 -8.73
C PRO B 563 5.82 -31.73 -9.91
N CYS B 564 5.27 -31.53 -11.12
CA CYS B 564 6.03 -31.81 -12.32
C CYS B 564 7.09 -30.73 -12.53
N SER B 565 8.07 -31.04 -13.39
CA SER B 565 9.32 -30.30 -13.43
C SER B 565 9.14 -28.93 -14.08
N PHE B 566 9.98 -27.98 -13.65
CA PHE B 566 9.99 -26.63 -14.20
C PHE B 566 11.42 -26.12 -14.19
N GLY B 567 11.59 -24.93 -14.74
CA GLY B 567 12.88 -24.27 -14.70
C GLY B 567 12.87 -23.06 -15.59
N GLY B 568 13.90 -22.24 -15.41
CA GLY B 568 14.07 -21.09 -16.26
C GLY B 568 14.55 -21.48 -17.65
N VAL B 569 14.35 -20.57 -18.60
CA VAL B 569 14.79 -20.76 -19.98
C VAL B 569 15.95 -19.83 -20.22
N SER B 570 17.14 -20.39 -20.39
CA SER B 570 18.35 -19.64 -20.66
C SER B 570 18.79 -19.90 -22.10
N VAL B 571 19.12 -18.84 -22.82
CA VAL B 571 19.43 -18.92 -24.24
C VAL B 571 20.87 -18.50 -24.45
N ILE B 572 21.66 -19.39 -25.03
CA ILE B 572 23.07 -19.13 -25.33
C ILE B 572 23.17 -18.68 -26.78
N THR B 573 23.71 -17.47 -27.00
CA THR B 573 23.89 -16.94 -28.33
C THR B 573 25.32 -16.43 -28.49
N PRO B 574 25.88 -16.50 -29.70
CA PRO B 574 27.18 -15.86 -29.92
C PRO B 574 27.08 -14.36 -30.19
N GLY B 575 25.88 -13.84 -30.31
CA GLY B 575 25.67 -12.43 -30.61
C GLY B 575 25.30 -12.33 -32.06
N THR B 576 24.55 -11.28 -32.41
CA THR B 576 24.06 -11.09 -33.78
C THR B 576 25.14 -10.61 -34.73
N ASN B 577 26.31 -10.21 -34.23
CA ASN B 577 27.45 -9.84 -35.07
C ASN B 577 28.09 -11.03 -35.77
N THR B 578 27.88 -12.25 -35.27
CA THR B 578 28.50 -13.43 -35.85
C THR B 578 27.49 -14.37 -36.51
N SER B 579 26.48 -14.82 -35.76
CA SER B 579 25.50 -15.75 -36.30
C SER B 579 24.20 -15.62 -35.54
N ASN B 580 23.11 -16.05 -36.17
CA ASN B 580 21.79 -16.00 -35.56
C ASN B 580 21.36 -17.34 -34.96
N GLN B 581 22.26 -18.32 -34.94
CA GLN B 581 21.99 -19.60 -34.30
C GLN B 581 22.01 -19.42 -32.78
N VAL B 582 21.07 -20.08 -32.09
CA VAL B 582 21.01 -20.03 -30.64
C VAL B 582 20.92 -21.45 -30.09
N ALA B 583 21.33 -21.58 -28.83
CA ALA B 583 21.17 -22.81 -28.07
C ALA B 583 20.37 -22.51 -26.81
N VAL B 584 19.39 -23.38 -26.53
CA VAL B 584 18.44 -23.15 -25.45
C VAL B 584 18.77 -24.10 -24.30
N LEU B 585 18.98 -23.53 -23.12
CA LEU B 585 19.19 -24.29 -21.89
C LEU B 585 17.96 -24.17 -21.01
N TYR B 586 17.41 -25.33 -20.64
CA TYR B 586 16.35 -25.40 -19.64
C TYR B 586 17.00 -25.97 -18.38
N GLN B 587 17.31 -25.11 -17.41
CA GLN B 587 18.01 -25.58 -16.23
C GLN B 587 17.05 -26.23 -15.24
N GLY B 588 17.54 -27.27 -14.55
CA GLY B 588 16.78 -27.96 -13.54
C GLY B 588 15.63 -28.82 -14.04
N VAL B 589 15.75 -29.36 -15.26
CA VAL B 589 14.78 -30.32 -15.77
C VAL B 589 15.56 -31.54 -16.24
N ASN B 590 14.85 -32.65 -16.40
CA ASN B 590 15.38 -33.84 -17.03
C ASN B 590 14.62 -34.07 -18.34
N CYS B 591 15.28 -33.79 -19.46
CA CYS B 591 14.56 -33.70 -20.71
C CYS B 591 14.41 -35.03 -21.45
N THR B 592 13.86 -36.05 -20.79
CA THR B 592 13.11 -37.09 -21.47
C THR B 592 11.73 -36.60 -21.87
N GLU B 593 11.27 -35.52 -21.24
CA GLU B 593 10.07 -34.78 -21.64
C GLU B 593 10.51 -33.56 -22.43
N VAL B 594 9.54 -32.91 -23.07
CA VAL B 594 9.84 -31.72 -23.86
C VAL B 594 10.06 -30.52 -22.95
N THR B 612 13.17 -26.07 -30.01
CA THR B 612 13.59 -26.22 -31.39
C THR B 612 13.90 -27.68 -31.69
N GLY B 613 14.75 -28.28 -30.86
CA GLY B 613 15.10 -29.68 -31.00
C GLY B 613 16.00 -30.01 -32.17
N SER B 614 17.25 -29.53 -32.14
CA SER B 614 18.23 -29.91 -33.15
C SER B 614 18.99 -31.14 -32.70
N ASN B 615 19.65 -31.06 -31.56
CA ASN B 615 20.33 -32.19 -30.93
C ASN B 615 20.42 -31.92 -29.43
N VAL B 616 20.26 -32.97 -28.64
CA VAL B 616 20.05 -32.84 -27.20
C VAL B 616 21.23 -33.46 -26.47
N PHE B 617 21.85 -32.69 -25.57
CA PHE B 617 22.85 -33.19 -24.65
C PHE B 617 22.40 -32.91 -23.23
N GLN B 618 22.59 -33.89 -22.33
CA GLN B 618 22.19 -33.77 -20.94
C GLN B 618 23.39 -33.31 -20.11
N THR B 619 23.26 -32.16 -19.46
CA THR B 619 24.29 -31.65 -18.56
C THR B 619 23.87 -31.90 -17.11
N ARG B 620 24.62 -31.34 -16.17
CA ARG B 620 24.20 -31.28 -14.78
C ARG B 620 23.52 -29.96 -14.43
N ALA B 621 23.59 -28.98 -15.34
CA ALA B 621 22.91 -27.70 -15.18
C ALA B 621 21.59 -27.65 -15.94
N GLY B 622 20.86 -28.76 -16.00
CA GLY B 622 19.74 -28.91 -16.89
C GLY B 622 20.18 -29.74 -18.07
N CYS B 623 19.57 -29.50 -19.22
CA CYS B 623 20.07 -30.05 -20.47
C CYS B 623 20.03 -28.96 -21.54
N LEU B 624 20.90 -29.08 -22.54
CA LEU B 624 21.14 -28.04 -23.51
C LEU B 624 20.68 -28.51 -24.88
N ILE B 625 19.84 -27.72 -25.54
CA ILE B 625 19.26 -28.07 -26.83
C ILE B 625 19.76 -27.08 -27.87
N GLY B 626 20.37 -27.61 -28.92
CA GLY B 626 20.84 -26.81 -30.03
C GLY B 626 22.34 -26.65 -30.13
N ALA B 627 23.11 -27.34 -29.28
CA ALA B 627 24.55 -27.26 -29.30
C ALA B 627 25.15 -28.66 -29.32
N GLU B 628 26.22 -28.83 -30.09
CA GLU B 628 26.88 -30.12 -30.25
C GLU B 628 27.98 -30.28 -29.20
N HIS B 629 27.96 -31.41 -28.50
CA HIS B 629 28.96 -31.67 -27.46
C HIS B 629 30.22 -32.23 -28.09
N VAL B 630 31.24 -31.38 -28.18
CA VAL B 630 32.56 -31.84 -28.59
C VAL B 630 33.27 -32.47 -27.41
N ASN B 631 34.30 -33.25 -27.69
CA ASN B 631 35.03 -33.99 -26.66
C ASN B 631 36.32 -33.32 -26.23
N ASN B 632 36.78 -32.30 -26.95
CA ASN B 632 38.01 -31.60 -26.60
C ASN B 632 37.70 -30.34 -25.81
N SER B 633 38.61 -29.95 -24.92
CA SER B 633 38.34 -28.85 -24.01
C SER B 633 39.00 -27.57 -24.48
N TYR B 634 38.27 -26.46 -24.36
CA TYR B 634 38.79 -25.13 -24.64
C TYR B 634 38.55 -24.23 -23.43
N GLU B 635 39.00 -22.98 -23.55
CA GLU B 635 38.75 -21.98 -22.52
C GLU B 635 37.26 -21.63 -22.50
N CYS B 636 36.74 -21.33 -21.31
CA CYS B 636 35.32 -20.99 -21.18
C CYS B 636 35.03 -19.63 -21.81
N ASP B 637 34.09 -19.63 -22.76
CA ASP B 637 33.79 -18.45 -23.55
C ASP B 637 32.41 -17.94 -23.12
N ILE B 638 31.38 -18.78 -23.16
CA ILE B 638 30.05 -18.48 -22.66
C ILE B 638 29.76 -19.43 -21.51
N PRO B 639 29.57 -18.95 -20.29
CA PRO B 639 29.31 -19.86 -19.16
C PRO B 639 27.89 -20.42 -19.19
N ILE B 640 27.77 -21.67 -18.76
CA ILE B 640 26.48 -22.33 -18.63
C ILE B 640 26.26 -22.82 -17.21
N GLY B 641 27.20 -23.59 -16.68
CA GLY B 641 27.10 -24.12 -15.33
C GLY B 641 27.56 -25.56 -15.29
N ALA B 642 28.04 -25.97 -14.11
CA ALA B 642 28.55 -27.32 -13.79
C ALA B 642 29.68 -27.75 -14.72
N GLY B 643 30.60 -26.83 -15.01
CA GLY B 643 31.77 -27.13 -15.79
C GLY B 643 31.58 -27.14 -17.28
N ILE B 644 30.38 -26.83 -17.77
CA ILE B 644 30.07 -26.87 -19.19
C ILE B 644 30.05 -25.44 -19.71
N CYS B 645 30.71 -25.20 -20.84
CA CYS B 645 30.74 -23.89 -21.47
C CYS B 645 30.38 -24.01 -22.94
N ALA B 646 30.04 -22.87 -23.54
CA ALA B 646 29.67 -22.84 -24.94
C ALA B 646 30.43 -21.77 -25.71
N VAL B 661 31.03 -20.37 -30.64
CA VAL B 661 30.74 -20.92 -31.95
C VAL B 661 32.05 -21.32 -32.65
N ALA B 662 32.06 -22.54 -33.20
CA ALA B 662 33.22 -23.09 -33.90
C ALA B 662 32.75 -24.17 -34.86
N SER B 663 33.31 -24.13 -36.08
CA SER B 663 33.04 -25.06 -37.19
C SER B 663 31.57 -25.09 -37.57
N GLN B 664 31.03 -23.90 -37.88
CA GLN B 664 29.68 -23.65 -38.40
C GLN B 664 28.56 -24.12 -37.45
N SER B 665 28.83 -24.22 -36.15
CA SER B 665 27.84 -24.66 -35.18
C SER B 665 28.23 -24.15 -33.80
N ILE B 666 27.24 -24.07 -32.92
CA ILE B 666 27.51 -23.77 -31.53
C ILE B 666 27.97 -25.05 -30.84
N ILE B 667 29.16 -25.03 -30.25
CA ILE B 667 29.71 -26.20 -29.59
C ILE B 667 29.54 -26.06 -28.09
N ALA B 668 29.52 -27.20 -27.41
CA ALA B 668 29.45 -27.27 -25.95
C ALA B 668 30.56 -28.18 -25.47
N TYR B 669 31.23 -27.78 -24.38
CA TYR B 669 32.39 -28.54 -23.94
C TYR B 669 32.56 -28.40 -22.44
N THR B 670 33.22 -29.39 -21.85
CA THR B 670 33.85 -29.22 -20.55
C THR B 670 35.01 -28.25 -20.74
N MET B 671 35.17 -27.31 -19.80
CA MET B 671 36.14 -26.23 -20.00
C MET B 671 37.56 -26.73 -19.82
N SER B 672 38.51 -26.03 -20.44
CA SER B 672 39.91 -26.25 -20.13
C SER B 672 40.38 -25.16 -19.19
N LEU B 673 40.91 -25.58 -18.04
CA LEU B 673 41.27 -24.66 -16.97
C LEU B 673 42.53 -23.86 -17.29
N GLY B 674 43.47 -24.49 -18.00
CA GLY B 674 44.67 -23.79 -18.45
C GLY B 674 45.56 -24.78 -19.16
N VAL B 675 46.62 -24.26 -19.75
CA VAL B 675 47.62 -25.12 -20.37
C VAL B 675 48.44 -25.79 -19.29
N GLU B 676 48.59 -27.12 -19.39
CA GLU B 676 49.29 -27.86 -18.36
C GLU B 676 50.79 -27.74 -18.54
N ASN B 677 51.48 -27.39 -17.46
CA ASN B 677 52.91 -27.16 -17.52
C ASN B 677 53.51 -27.69 -16.23
N SER B 678 54.17 -28.86 -16.33
CA SER B 678 54.94 -29.41 -15.22
C SER B 678 56.35 -28.88 -15.33
N VAL B 679 56.68 -27.92 -14.45
CA VAL B 679 58.00 -27.30 -14.49
C VAL B 679 59.03 -28.27 -13.92
N ALA B 680 60.24 -28.23 -14.49
CA ALA B 680 61.28 -29.22 -14.19
C ALA B 680 61.90 -28.97 -12.82
N TYR B 681 61.19 -29.41 -11.78
CA TYR B 681 61.75 -29.48 -10.44
C TYR B 681 62.78 -30.59 -10.41
N SER B 682 63.88 -30.35 -9.71
CA SER B 682 64.97 -31.32 -9.66
C SER B 682 65.63 -31.30 -8.28
N ASN B 683 66.72 -32.05 -8.18
CA ASN B 683 67.45 -32.18 -6.93
C ASN B 683 68.18 -30.89 -6.58
N ASN B 684 68.99 -30.38 -7.50
CA ASN B 684 69.83 -29.20 -7.27
C ASN B 684 69.84 -28.29 -8.50
N SER B 685 68.67 -28.04 -9.08
CA SER B 685 68.60 -27.18 -10.27
C SER B 685 67.73 -25.96 -9.96
N ILE B 686 68.19 -24.80 -10.42
CA ILE B 686 67.48 -23.54 -10.23
C ILE B 686 67.34 -22.88 -11.60
N ALA B 687 66.35 -22.00 -11.73
CA ALA B 687 66.11 -21.25 -12.96
C ALA B 687 66.15 -19.76 -12.64
N ILE B 688 67.03 -19.05 -13.32
CA ILE B 688 67.24 -17.61 -13.13
C ILE B 688 67.14 -16.92 -14.48
N PRO B 689 66.33 -15.87 -14.62
CA PRO B 689 66.20 -15.21 -15.93
C PRO B 689 67.42 -14.41 -16.31
N THR B 690 67.75 -14.44 -17.60
CA THR B 690 68.83 -13.65 -18.16
C THR B 690 68.35 -12.34 -18.76
N ASN B 691 67.04 -12.07 -18.71
CA ASN B 691 66.46 -10.89 -19.31
C ASN B 691 65.18 -10.58 -18.55
N PHE B 692 64.42 -9.61 -19.08
CA PHE B 692 63.15 -9.21 -18.51
C PHE B 692 62.32 -8.48 -19.57
N THR B 693 61.02 -8.41 -19.33
CA THR B 693 60.10 -7.55 -20.05
C THR B 693 59.41 -6.64 -19.05
N ILE B 694 59.24 -5.38 -19.39
CA ILE B 694 58.46 -4.46 -18.56
C ILE B 694 57.09 -4.31 -19.19
N SER B 695 56.07 -4.71 -18.43
CA SER B 695 54.69 -4.70 -18.88
C SER B 695 53.90 -3.68 -18.08
N VAL B 696 53.06 -2.93 -18.79
CA VAL B 696 52.15 -1.98 -18.19
C VAL B 696 50.76 -2.58 -18.28
N THR B 697 50.06 -2.65 -17.14
CA THR B 697 48.71 -3.18 -17.08
C THR B 697 47.77 -2.11 -16.56
N THR B 698 46.51 -2.20 -16.99
CA THR B 698 45.48 -1.25 -16.60
C THR B 698 44.54 -1.90 -15.60
N GLU B 699 44.17 -1.15 -14.57
CA GLU B 699 43.11 -1.54 -13.65
C GLU B 699 42.13 -0.39 -13.52
N ILE B 700 40.85 -0.70 -13.70
CA ILE B 700 39.80 0.31 -13.78
C ILE B 700 38.86 0.10 -12.60
N LEU B 701 38.73 1.12 -11.76
CA LEU B 701 37.90 1.05 -10.56
C LEU B 701 36.96 2.23 -10.50
N PRO B 702 35.65 2.02 -10.38
CA PRO B 702 34.74 3.15 -10.17
C PRO B 702 34.84 3.70 -8.75
N VAL B 703 34.75 5.03 -8.64
CA VAL B 703 34.92 5.71 -7.36
C VAL B 703 33.66 6.45 -6.94
N SER B 704 32.75 6.73 -7.87
CA SER B 704 31.60 7.58 -7.57
C SER B 704 30.45 7.26 -8.51
N MET B 705 29.28 7.79 -8.16
CA MET B 705 28.08 7.65 -8.98
C MET B 705 27.56 9.03 -9.36
N THR B 706 26.39 9.03 -9.99
CA THR B 706 25.64 10.26 -10.18
C THR B 706 24.83 10.57 -8.93
N LYS B 707 24.97 11.81 -8.43
CA LYS B 707 24.29 12.21 -7.20
C LYS B 707 22.84 12.55 -7.53
N THR B 708 22.00 11.53 -7.50
CA THR B 708 20.58 11.72 -7.75
C THR B 708 19.86 12.05 -6.45
N SER B 709 18.81 12.84 -6.58
CA SER B 709 17.95 13.20 -5.45
C SER B 709 16.51 13.18 -5.93
N VAL B 710 15.65 12.52 -5.15
CA VAL B 710 14.25 12.36 -5.52
C VAL B 710 13.40 13.14 -4.52
N ASP B 711 12.61 14.07 -5.03
CA ASP B 711 11.59 14.75 -4.23
C ASP B 711 10.42 13.79 -4.14
N CYS B 712 10.14 13.33 -2.91
CA CYS B 712 9.17 12.25 -2.70
C CYS B 712 7.74 12.72 -2.95
N THR B 713 7.41 13.93 -2.49
CA THR B 713 6.06 14.47 -2.64
C THR B 713 5.73 14.74 -4.10
N MET B 714 6.68 15.29 -4.86
CA MET B 714 6.47 15.52 -6.28
C MET B 714 6.51 14.20 -7.07
N TYR B 715 7.23 13.19 -6.57
CA TYR B 715 7.31 11.94 -7.29
C TYR B 715 6.03 11.11 -7.15
N ILE B 716 5.56 10.88 -5.92
CA ILE B 716 4.38 10.01 -5.79
C ILE B 716 3.11 10.83 -5.90
N CYS B 717 3.24 12.16 -5.82
CA CYS B 717 2.13 13.02 -5.44
C CYS B 717 2.11 14.28 -6.29
N GLY B 718 2.18 14.12 -7.62
CA GLY B 718 2.30 15.23 -8.54
C GLY B 718 1.17 16.25 -8.57
N ASP B 719 1.47 17.44 -8.03
CA ASP B 719 0.65 18.68 -8.02
C ASP B 719 -0.81 18.48 -7.57
N SER B 720 -0.99 17.67 -6.53
CA SER B 720 -2.33 17.43 -5.98
C SER B 720 -2.34 17.63 -4.47
N THR B 721 -3.11 18.64 -4.02
CA THR B 721 -3.23 18.90 -2.59
C THR B 721 -4.07 17.84 -1.90
N GLU B 722 -4.94 17.15 -2.65
CA GLU B 722 -5.71 16.03 -2.12
C GLU B 722 -4.81 14.85 -1.75
N CYS B 723 -3.85 14.51 -2.61
CA CYS B 723 -2.90 13.47 -2.24
C CYS B 723 -1.92 13.97 -1.18
N SER B 724 -1.64 15.28 -1.16
CA SER B 724 -0.76 15.83 -0.12
C SER B 724 -1.40 15.73 1.26
N ASN B 725 -2.70 16.06 1.36
CA ASN B 725 -3.44 15.87 2.60
C ASN B 725 -3.66 14.39 2.91
N LEU B 726 -3.66 13.53 1.89
CA LEU B 726 -3.68 12.10 2.16
C LEU B 726 -2.30 11.58 2.55
N LEU B 727 -1.25 12.36 2.27
CA LEU B 727 0.12 11.92 2.44
C LEU B 727 0.70 12.35 3.79
N LEU B 728 0.14 13.41 4.40
CA LEU B 728 0.62 13.84 5.72
C LEU B 728 0.33 12.83 6.84
N GLN B 729 -0.59 11.88 6.66
CA GLN B 729 -0.77 10.85 7.66
C GLN B 729 0.20 9.68 7.50
N TYR B 730 1.06 9.69 6.47
CA TYR B 730 2.10 8.69 6.33
C TYR B 730 3.39 9.06 7.07
N GLY B 731 3.53 10.31 7.48
CA GLY B 731 4.62 10.66 8.37
C GLY B 731 5.90 11.04 7.64
N SER B 732 7.04 10.67 8.25
CA SER B 732 8.35 11.16 7.87
C SER B 732 9.07 10.25 6.89
N PHE B 733 8.33 9.49 6.07
CA PHE B 733 8.95 8.55 5.14
C PHE B 733 9.68 9.26 4.01
N CYS B 734 9.11 10.35 3.50
CA CYS B 734 9.71 11.06 2.37
C CYS B 734 10.97 11.82 2.80
N THR B 735 10.97 12.40 4.01
CA THR B 735 12.18 13.05 4.47
C THR B 735 13.22 12.03 4.95
N GLN B 736 12.78 10.82 5.31
CA GLN B 736 13.74 9.74 5.56
C GLN B 736 14.45 9.28 4.28
N LEU B 737 13.69 9.14 3.19
CA LEU B 737 14.30 8.77 1.90
C LEU B 737 15.15 9.91 1.34
N ASN B 738 14.73 11.16 1.59
CA ASN B 738 15.53 12.32 1.21
C ASN B 738 16.82 12.41 2.01
N ARG B 739 16.77 12.03 3.29
CA ARG B 739 17.97 11.99 4.12
C ARG B 739 18.94 10.89 3.67
N ALA B 740 18.39 9.74 3.25
CA ALA B 740 19.23 8.66 2.74
C ALA B 740 19.90 9.02 1.41
N LEU B 741 19.14 9.66 0.51
CA LEU B 741 19.73 10.09 -0.77
C LEU B 741 20.69 11.26 -0.59
N THR B 742 20.44 12.13 0.41
CA THR B 742 21.37 13.21 0.73
C THR B 742 22.66 12.66 1.31
N GLY B 743 22.57 11.63 2.15
CA GLY B 743 23.77 10.96 2.66
C GLY B 743 24.57 10.25 1.58
N ILE B 744 23.86 9.69 0.58
CA ILE B 744 24.51 9.12 -0.60
C ILE B 744 25.25 10.20 -1.39
N ALA B 745 24.62 11.36 -1.57
CA ALA B 745 25.22 12.44 -2.35
C ALA B 745 26.41 13.09 -1.63
N VAL B 746 26.37 13.11 -0.30
CA VAL B 746 27.55 13.53 0.47
C VAL B 746 28.66 12.49 0.38
N GLU B 747 28.28 11.20 0.40
CA GLU B 747 29.23 10.09 0.37
C GLU B 747 30.00 9.99 -0.96
N GLN B 748 29.35 10.33 -2.09
CA GLN B 748 30.03 10.26 -3.39
C GLN B 748 31.17 11.28 -3.51
N ASP B 749 30.96 12.52 -3.07
CA ASP B 749 32.02 13.52 -3.09
C ASP B 749 33.12 13.21 -2.08
N LYS B 750 32.76 12.60 -0.95
CA LYS B 750 33.75 12.15 0.03
C LYS B 750 34.63 11.04 -0.56
N ASN B 751 34.01 10.14 -1.34
CA ASN B 751 34.74 9.08 -2.04
C ASN B 751 35.70 9.65 -3.09
N THR B 752 35.22 10.65 -3.84
CA THR B 752 36.06 11.29 -4.88
C THR B 752 37.23 12.06 -4.26
N GLN B 753 36.99 12.76 -3.15
CA GLN B 753 38.07 13.48 -2.48
C GLN B 753 39.05 12.54 -1.79
N GLU B 754 38.56 11.40 -1.26
CA GLU B 754 39.47 10.43 -0.65
C GLU B 754 40.30 9.69 -1.68
N VAL B 755 39.79 9.51 -2.90
CA VAL B 755 40.60 8.90 -3.95
C VAL B 755 41.62 9.88 -4.50
N PHE B 756 41.16 11.07 -4.91
CA PHE B 756 42.02 11.96 -5.68
C PHE B 756 42.74 13.01 -4.86
N ALA B 757 42.08 13.60 -3.85
CA ALA B 757 42.69 14.66 -3.05
C ALA B 757 43.54 14.07 -1.91
N GLN B 758 44.67 13.49 -2.30
CA GLN B 758 45.59 12.89 -1.35
C GLN B 758 46.94 13.60 -1.31
N VAL B 759 47.20 14.50 -2.25
CA VAL B 759 48.43 15.27 -2.29
C VAL B 759 48.13 16.67 -1.74
N LYS B 760 49.07 17.24 -0.99
CA LYS B 760 48.83 18.52 -0.35
C LYS B 760 49.15 19.70 -1.27
N GLN B 761 49.98 19.51 -2.28
CA GLN B 761 50.37 20.59 -3.19
C GLN B 761 50.16 20.15 -4.62
N ILE B 762 50.00 21.15 -5.50
CA ILE B 762 49.84 20.90 -6.93
C ILE B 762 51.22 20.99 -7.56
N TYR B 763 51.69 19.87 -8.09
CA TYR B 763 53.02 19.80 -8.69
C TYR B 763 52.94 19.95 -10.21
N LYS B 764 54.00 20.50 -10.78
CA LYS B 764 54.04 20.78 -12.21
C LYS B 764 55.27 20.13 -12.82
N THR B 765 55.11 19.62 -14.03
CA THR B 765 56.21 19.04 -14.80
C THR B 765 57.17 20.13 -15.26
N PRO B 766 58.46 19.81 -15.41
CA PRO B 766 59.40 20.77 -16.01
C PRO B 766 59.10 20.97 -17.48
N PRO B 767 59.44 22.14 -18.04
CA PRO B 767 59.17 22.39 -19.47
C PRO B 767 60.05 21.60 -20.42
N ILE B 768 61.19 21.08 -19.96
CA ILE B 768 62.03 20.21 -20.77
C ILE B 768 61.80 18.77 -20.30
N LYS B 769 61.62 17.86 -21.27
CA LYS B 769 61.33 16.47 -20.97
C LYS B 769 62.58 15.60 -21.09
N ASP B 770 63.55 15.89 -20.22
CA ASP B 770 64.79 15.13 -20.18
C ASP B 770 64.74 14.13 -19.02
N PHE B 771 64.09 12.99 -19.28
CA PHE B 771 63.90 11.95 -18.30
C PHE B 771 64.79 10.73 -18.55
N GLY B 772 65.84 10.90 -19.35
CA GLY B 772 66.73 9.80 -19.64
C GLY B 772 66.19 8.80 -20.62
N GLY B 773 65.39 9.23 -21.59
CA GLY B 773 64.81 8.36 -22.57
C GLY B 773 63.39 7.92 -22.28
N PHE B 774 62.88 8.21 -21.08
CA PHE B 774 61.52 7.85 -20.72
C PHE B 774 60.55 8.90 -21.24
N ASN B 775 59.56 8.45 -22.00
CA ASN B 775 58.63 9.32 -22.72
C ASN B 775 57.28 9.28 -22.01
N PHE B 776 56.82 10.44 -21.55
CA PHE B 776 55.59 10.56 -20.78
C PHE B 776 54.52 11.36 -21.49
N SER B 777 54.59 11.49 -22.83
CA SER B 777 53.64 12.33 -23.56
C SER B 777 52.25 11.72 -23.62
N GLN B 778 52.13 10.40 -23.53
CA GLN B 778 50.83 9.74 -23.48
C GLN B 778 50.13 9.92 -22.13
N ILE B 779 50.88 10.22 -21.08
CA ILE B 779 50.35 10.21 -19.72
C ILE B 779 50.22 11.62 -19.14
N LEU B 780 51.18 12.52 -19.38
CA LEU B 780 51.11 13.91 -18.98
C LEU B 780 50.03 14.64 -19.78
N PRO B 781 49.42 15.69 -19.21
CA PRO B 781 48.39 16.42 -19.96
C PRO B 781 48.95 17.22 -21.13
N ASP B 782 48.13 17.37 -22.16
CA ASP B 782 48.52 18.05 -23.39
C ASP B 782 47.85 19.42 -23.42
N PRO B 783 48.61 20.52 -23.49
CA PRO B 783 47.97 21.85 -23.56
C PRO B 783 47.30 22.15 -24.90
N SER B 784 47.60 21.40 -25.96
CA SER B 784 46.93 21.58 -27.25
C SER B 784 45.47 21.17 -27.23
N LYS B 785 45.13 20.10 -26.52
CA LYS B 785 43.79 19.60 -26.24
C LYS B 785 43.13 20.48 -25.18
N PRO B 786 41.81 20.72 -25.25
CA PRO B 786 41.17 21.55 -24.22
C PRO B 786 40.97 20.81 -22.92
N SER B 787 40.87 21.59 -21.83
CA SER B 787 40.71 21.20 -20.43
C SER B 787 41.89 20.41 -19.86
N LYS B 788 43.04 20.41 -20.56
CA LYS B 788 44.35 19.90 -20.12
C LYS B 788 44.30 18.41 -19.74
N ARG B 789 44.02 17.59 -20.75
CA ARG B 789 43.96 16.15 -20.59
C ARG B 789 45.03 15.46 -21.42
N SER B 790 45.42 14.28 -20.98
CA SER B 790 46.29 13.39 -21.73
C SER B 790 45.50 12.71 -22.85
N PRO B 791 46.20 12.16 -23.86
CA PRO B 791 45.49 11.32 -24.86
C PRO B 791 44.80 10.09 -24.29
N ILE B 792 45.38 9.48 -23.24
CA ILE B 792 44.76 8.30 -22.62
C ILE B 792 43.48 8.68 -21.88
N GLU B 793 43.52 9.78 -21.10
CA GLU B 793 42.33 10.26 -20.40
C GLU B 793 41.28 10.80 -21.36
N ASP B 794 41.72 11.38 -22.49
CA ASP B 794 40.80 11.84 -23.52
C ASP B 794 40.09 10.67 -24.20
N LEU B 795 40.82 9.57 -24.45
CA LEU B 795 40.16 8.42 -25.08
C LEU B 795 39.29 7.68 -24.07
N LEU B 796 39.63 7.75 -22.77
CA LEU B 796 38.73 7.23 -21.74
C LEU B 796 37.43 8.05 -21.68
N PHE B 797 37.53 9.37 -21.79
CA PHE B 797 36.34 10.22 -21.80
C PHE B 797 35.52 10.06 -23.08
N ASN B 798 36.15 9.71 -24.19
CA ASN B 798 35.40 9.42 -25.41
C ASN B 798 34.82 8.01 -25.45
N LYS B 799 35.41 7.05 -24.72
CA LYS B 799 34.86 5.70 -24.68
C LYS B 799 33.88 5.44 -23.55
N VAL B 800 33.81 6.31 -22.55
CA VAL B 800 32.72 6.26 -21.57
C VAL B 800 31.67 7.29 -21.96
N THR B 801 30.45 6.81 -22.24
CA THR B 801 29.36 7.64 -22.69
C THR B 801 28.29 7.75 -21.61
N LEU B 802 27.81 8.96 -21.38
CA LEU B 802 26.77 9.19 -20.38
C LEU B 802 25.40 9.18 -21.04
N GLN B 827 18.59 14.71 -18.83
CA GLN B 827 17.13 14.70 -18.77
C GLN B 827 16.64 15.27 -17.44
N LYS B 828 15.34 15.58 -17.37
CA LYS B 828 14.75 16.14 -16.17
C LYS B 828 13.28 15.75 -16.12
N PHE B 829 12.91 14.97 -15.11
CA PHE B 829 11.54 14.48 -14.97
C PHE B 829 10.90 15.01 -13.70
N ASN B 830 9.72 14.51 -13.36
CA ASN B 830 8.94 14.97 -12.21
C ASN B 830 9.57 14.42 -10.93
N GLY B 831 10.03 15.33 -10.07
CA GLY B 831 10.59 14.97 -8.80
C GLY B 831 12.03 14.52 -8.82
N LEU B 832 12.66 14.45 -10.00
CA LEU B 832 14.02 13.92 -10.13
C LEU B 832 14.97 15.06 -10.47
N THR B 833 16.02 15.20 -9.67
CA THR B 833 17.11 16.11 -9.98
C THR B 833 18.43 15.36 -9.84
N VAL B 834 19.41 15.78 -10.63
CA VAL B 834 20.74 15.21 -10.59
C VAL B 834 21.68 16.29 -10.08
N LEU B 835 22.23 16.08 -8.90
CA LEU B 835 23.19 17.03 -8.34
C LEU B 835 24.53 16.90 -9.05
N PRO B 836 25.16 18.03 -9.39
CA PRO B 836 26.49 17.96 -10.00
C PRO B 836 27.53 17.56 -8.97
N PRO B 837 28.62 16.91 -9.39
CA PRO B 837 29.70 16.61 -8.45
C PRO B 837 30.46 17.87 -8.05
N LEU B 838 31.04 17.83 -6.85
CA LEU B 838 31.81 18.97 -6.36
C LEU B 838 33.12 19.11 -7.11
N LEU B 839 33.74 18.00 -7.48
CA LEU B 839 34.97 17.99 -8.26
C LEU B 839 34.61 17.76 -9.72
N THR B 840 34.95 18.72 -10.57
CA THR B 840 34.60 18.62 -11.98
C THR B 840 35.62 17.78 -12.75
N ASP B 841 35.29 17.49 -14.01
CA ASP B 841 36.06 16.53 -14.80
C ASP B 841 37.36 17.12 -15.33
N GLU B 842 37.43 18.45 -15.47
CA GLU B 842 38.67 19.10 -15.90
C GLU B 842 39.64 19.30 -14.73
N MET B 843 39.18 19.01 -13.52
CA MET B 843 39.84 19.47 -12.31
C MET B 843 40.18 18.32 -11.37
N ILE B 844 39.49 17.18 -11.54
CA ILE B 844 40.03 15.89 -11.11
C ILE B 844 41.30 15.57 -11.91
N ALA B 845 41.32 15.95 -13.19
CA ALA B 845 42.50 15.83 -14.02
C ALA B 845 43.65 16.71 -13.54
N GLN B 846 43.36 17.81 -12.84
CA GLN B 846 44.43 18.62 -12.27
C GLN B 846 45.06 17.93 -11.07
N TYR B 847 44.27 17.22 -10.25
CA TYR B 847 44.82 16.31 -9.23
C TYR B 847 45.65 15.19 -9.83
N THR B 848 45.18 14.58 -10.92
CA THR B 848 45.96 13.49 -11.51
C THR B 848 47.23 13.99 -12.17
N SER B 849 47.21 15.19 -12.75
CA SER B 849 48.42 15.78 -13.31
C SER B 849 49.39 16.20 -12.22
N ALA B 850 48.87 16.64 -11.07
CA ALA B 850 49.72 16.97 -9.92
C ALA B 850 50.37 15.72 -9.34
N LEU B 851 49.61 14.62 -9.25
CA LEU B 851 50.17 13.35 -8.78
C LEU B 851 51.18 12.78 -9.76
N LEU B 852 50.93 12.94 -11.07
CA LEU B 852 51.87 12.47 -12.08
C LEU B 852 53.16 13.26 -12.08
N ALA B 853 53.06 14.60 -11.96
CA ALA B 853 54.24 15.45 -11.91
C ALA B 853 55.03 15.23 -10.64
N GLY B 854 54.33 15.03 -9.51
CA GLY B 854 55.02 14.73 -8.26
C GLY B 854 55.69 13.37 -8.25
N THR B 855 55.05 12.37 -8.86
CA THR B 855 55.63 11.03 -8.97
C THR B 855 56.86 11.01 -9.86
N ILE B 856 56.74 11.57 -11.07
CA ILE B 856 57.82 11.56 -12.06
C ILE B 856 58.99 12.44 -11.59
N THR B 857 58.70 13.57 -10.95
CA THR B 857 59.73 14.43 -10.43
C THR B 857 60.42 13.88 -9.18
N SER B 858 59.68 13.28 -8.23
CA SER B 858 60.22 13.10 -6.89
C SER B 858 60.16 11.68 -6.34
N GLY B 859 59.73 10.68 -7.10
CA GLY B 859 59.66 9.34 -6.51
C GLY B 859 58.42 9.19 -5.65
N TRP B 860 58.63 8.97 -4.35
CA TRP B 860 57.55 8.91 -3.38
C TRP B 860 57.72 9.88 -2.23
N THR B 861 58.69 10.79 -2.33
CA THR B 861 59.01 11.67 -1.20
C THR B 861 57.95 12.75 -1.00
N PHE B 862 57.19 13.06 -2.06
CA PHE B 862 56.05 13.96 -1.92
C PHE B 862 54.89 13.31 -1.18
N GLY B 863 54.79 11.98 -1.21
CA GLY B 863 53.77 11.32 -0.43
C GLY B 863 54.14 11.18 1.04
N ALA B 864 55.44 11.30 1.34
CA ALA B 864 55.89 11.19 2.72
C ALA B 864 56.00 12.56 3.38
N GLY B 865 56.81 13.45 2.82
CA GLY B 865 56.97 14.78 3.34
C GLY B 865 57.02 15.82 2.24
N PRO B 866 58.04 16.67 2.26
CA PRO B 866 58.26 17.58 1.14
C PRO B 866 58.78 16.84 -0.08
N ALA B 867 58.50 17.42 -1.25
CA ALA B 867 58.85 16.78 -2.51
C ALA B 867 60.34 16.97 -2.77
N LEU B 868 61.10 15.88 -2.70
CA LEU B 868 62.53 15.89 -2.93
C LEU B 868 62.77 15.32 -4.32
N GLN B 869 63.29 16.15 -5.23
CA GLN B 869 63.48 15.74 -6.62
C GLN B 869 64.62 14.74 -6.75
N ILE B 870 64.65 14.05 -7.88
CA ILE B 870 65.60 12.97 -8.17
C ILE B 870 65.61 12.84 -9.69
N PRO B 871 66.75 12.50 -10.31
CA PRO B 871 66.70 12.06 -11.71
C PRO B 871 65.93 10.76 -11.85
N PHE B 872 65.21 10.64 -12.95
CA PHE B 872 64.32 9.49 -13.14
C PHE B 872 65.04 8.15 -13.39
N PRO B 873 66.23 8.06 -14.04
CA PRO B 873 67.01 6.82 -13.91
C PRO B 873 67.43 6.47 -12.49
N MET B 874 67.71 7.44 -11.62
CA MET B 874 68.04 7.12 -10.23
C MET B 874 66.81 6.66 -9.46
N GLN B 875 65.65 7.26 -9.78
CA GLN B 875 64.38 6.84 -9.19
C GLN B 875 64.02 5.41 -9.59
N MET B 876 64.12 5.11 -10.89
CA MET B 876 63.85 3.76 -11.38
C MET B 876 64.92 2.77 -10.94
N ALA B 877 66.14 3.25 -10.65
CA ALA B 877 67.17 2.37 -10.12
C ALA B 877 66.86 1.95 -8.68
N TYR B 878 66.34 2.86 -7.86
CA TYR B 878 66.05 2.44 -6.50
C TYR B 878 64.71 1.70 -6.44
N ARG B 879 63.82 1.93 -7.42
CA ARG B 879 62.63 1.08 -7.55
C ARG B 879 63.00 -0.31 -8.05
N PHE B 880 64.06 -0.43 -8.85
CA PHE B 880 64.63 -1.74 -9.15
C PHE B 880 65.29 -2.34 -7.91
N ASN B 881 65.84 -1.49 -7.04
CA ASN B 881 66.46 -1.98 -5.81
C ASN B 881 65.42 -2.42 -4.79
N GLY B 882 64.18 -1.96 -4.92
CA GLY B 882 63.12 -2.39 -4.02
C GLY B 882 62.59 -3.79 -4.28
N ILE B 883 62.92 -4.38 -5.43
CA ILE B 883 62.43 -5.70 -5.78
C ILE B 883 63.59 -6.70 -5.93
N GLY B 884 64.73 -6.43 -5.30
CA GLY B 884 65.81 -7.41 -5.27
C GLY B 884 66.72 -7.43 -6.48
N VAL B 885 66.66 -6.41 -7.32
CA VAL B 885 67.53 -6.29 -8.48
C VAL B 885 68.53 -5.19 -8.18
N THR B 886 69.82 -5.44 -8.46
CA THR B 886 70.85 -4.45 -8.22
C THR B 886 70.71 -3.29 -9.19
N GLN B 887 71.28 -2.14 -8.80
CA GLN B 887 71.06 -0.89 -9.54
C GLN B 887 71.80 -0.85 -10.87
N ASN B 888 72.84 -1.67 -11.04
CA ASN B 888 73.65 -1.62 -12.25
C ASN B 888 72.95 -2.21 -13.47
N VAL B 889 71.86 -2.95 -13.26
CA VAL B 889 71.11 -3.58 -14.35
C VAL B 889 70.45 -2.52 -15.24
N LEU B 890 69.82 -1.51 -14.63
CA LEU B 890 69.23 -0.42 -15.40
C LEU B 890 70.30 0.48 -15.99
N TYR B 891 71.42 0.65 -15.28
CA TYR B 891 72.47 1.53 -15.79
C TYR B 891 73.26 0.88 -16.92
N GLU B 892 73.15 -0.44 -17.07
CA GLU B 892 73.72 -1.08 -18.26
C GLU B 892 72.66 -1.42 -19.30
N ASN B 893 71.37 -1.32 -18.98
CA ASN B 893 70.31 -1.61 -19.95
C ASN B 893 69.28 -0.48 -20.08
N GLN B 894 69.70 0.77 -19.88
CA GLN B 894 68.77 1.90 -19.75
C GLN B 894 68.02 2.22 -21.03
N LYS B 895 68.67 2.10 -22.19
CA LYS B 895 68.00 2.35 -23.46
C LYS B 895 66.98 1.27 -23.79
N LEU B 896 67.28 0.02 -23.42
CA LEU B 896 66.33 -1.08 -23.60
C LEU B 896 65.13 -0.95 -22.67
N ILE B 897 65.37 -0.52 -21.42
CA ILE B 897 64.27 -0.28 -20.47
C ILE B 897 63.42 0.92 -20.89
N ALA B 898 64.04 1.98 -21.43
CA ALA B 898 63.29 3.12 -21.92
C ALA B 898 62.46 2.78 -23.17
N ASN B 899 63.03 1.97 -24.07
CA ASN B 899 62.29 1.55 -25.27
C ASN B 899 61.16 0.60 -24.94
N GLN B 900 61.38 -0.33 -24.00
CA GLN B 900 60.33 -1.24 -23.54
C GLN B 900 59.22 -0.51 -22.81
N PHE B 901 59.59 0.51 -22.02
CA PHE B 901 58.59 1.32 -21.33
C PHE B 901 57.75 2.14 -22.30
N ASN B 902 58.39 2.73 -23.32
CA ASN B 902 57.65 3.53 -24.29
C ASN B 902 56.76 2.66 -25.18
N SER B 903 57.23 1.46 -25.54
CA SER B 903 56.40 0.53 -26.31
C SER B 903 55.24 -0.01 -25.48
N ALA B 904 55.47 -0.30 -24.19
CA ALA B 904 54.41 -0.83 -23.34
C ALA B 904 53.38 0.25 -22.99
N ILE B 905 53.82 1.51 -22.87
CA ILE B 905 52.88 2.61 -22.66
C ILE B 905 52.08 2.89 -23.93
N GLY B 906 52.73 2.81 -25.09
CA GLY B 906 52.02 3.03 -26.35
C GLY B 906 51.06 1.92 -26.72
N LYS B 907 51.28 0.71 -26.18
CA LYS B 907 50.34 -0.37 -26.42
C LYS B 907 49.08 -0.26 -25.57
N ILE B 908 49.09 0.57 -24.52
CA ILE B 908 47.96 0.69 -23.60
C ILE B 908 46.77 1.36 -24.28
N GLN B 909 47.03 2.47 -25.01
CA GLN B 909 45.99 3.21 -25.72
C GLN B 909 45.39 2.38 -26.84
N ASP B 910 46.23 1.63 -27.56
CA ASP B 910 45.74 0.73 -28.61
C ASP B 910 44.95 -0.44 -28.04
N SER B 911 45.35 -0.96 -26.88
CA SER B 911 44.67 -2.10 -26.27
C SER B 911 43.30 -1.71 -25.73
N LEU B 912 43.21 -0.58 -25.03
CA LEU B 912 41.89 -0.19 -24.51
C LEU B 912 41.11 0.66 -25.51
N SER B 913 41.66 0.90 -26.70
CA SER B 913 40.86 1.43 -27.79
C SER B 913 40.36 0.34 -28.72
N SER B 914 41.04 -0.81 -28.82
CA SER B 914 40.62 -1.89 -29.69
C SER B 914 39.93 -3.04 -28.96
N THR B 915 40.02 -3.12 -27.64
CA THR B 915 39.37 -4.19 -26.90
C THR B 915 38.00 -3.72 -26.42
N PRO B 916 36.90 -4.32 -26.85
CA PRO B 916 35.59 -3.97 -26.30
C PRO B 916 35.43 -4.47 -24.86
N SER B 917 34.59 -3.74 -24.11
CA SER B 917 34.20 -3.99 -22.72
C SER B 917 35.38 -4.01 -21.76
N ALA B 918 36.44 -3.28 -22.06
CA ALA B 918 37.51 -3.08 -21.09
C ALA B 918 37.10 -2.09 -20.03
N LEU B 919 36.22 -1.15 -20.37
CA LEU B 919 35.66 -0.18 -19.44
C LEU B 919 34.28 -0.59 -18.96
N GLY B 920 34.03 -1.89 -18.84
CA GLY B 920 32.73 -2.36 -18.40
C GLY B 920 32.46 -2.08 -16.93
N LYS B 921 33.52 -2.00 -16.12
CA LYS B 921 33.37 -1.68 -14.70
C LYS B 921 32.94 -0.23 -14.49
N LEU B 922 33.24 0.67 -15.42
CA LEU B 922 32.69 2.01 -15.41
C LEU B 922 31.36 2.11 -16.14
N GLN B 923 31.15 1.28 -17.17
CA GLN B 923 29.91 1.37 -17.94
C GLN B 923 28.72 0.79 -17.20
N ASP B 924 28.95 -0.27 -16.39
CA ASP B 924 27.84 -0.90 -15.68
C ASP B 924 27.31 -0.05 -14.54
N VAL B 925 28.14 0.83 -13.98
CA VAL B 925 27.70 1.77 -12.95
C VAL B 925 26.70 2.77 -13.52
N VAL B 926 27.04 3.35 -14.68
CA VAL B 926 26.17 4.33 -15.35
C VAL B 926 24.91 3.64 -15.88
N ASN B 927 25.05 2.41 -16.39
CA ASN B 927 23.90 1.66 -16.91
C ASN B 927 22.97 1.23 -15.78
N GLN B 928 23.52 0.84 -14.62
CA GLN B 928 22.68 0.44 -13.50
C GLN B 928 21.97 1.63 -12.87
N ASN B 929 22.64 2.79 -12.81
CA ASN B 929 22.00 3.99 -12.28
C ASN B 929 20.90 4.51 -13.21
N ALA B 930 21.17 4.54 -14.52
CA ALA B 930 20.16 5.00 -15.48
C ALA B 930 19.01 4.01 -15.61
N GLN B 931 19.29 2.71 -15.44
CA GLN B 931 18.24 1.71 -15.52
C GLN B 931 17.39 1.72 -14.25
N ALA B 932 18.00 2.02 -13.10
CA ALA B 932 17.24 2.19 -11.85
C ALA B 932 16.35 3.43 -11.90
N LEU B 933 16.85 4.53 -12.48
CA LEU B 933 16.01 5.71 -12.71
C LEU B 933 14.90 5.44 -13.73
N ASN B 934 15.19 4.65 -14.77
CA ASN B 934 14.16 4.35 -15.77
C ASN B 934 13.08 3.44 -15.22
N THR B 935 13.44 2.51 -14.33
CA THR B 935 12.45 1.71 -13.62
C THR B 935 11.64 2.57 -12.66
N LEU B 936 12.28 3.56 -12.02
CA LEU B 936 11.60 4.46 -11.10
C LEU B 936 10.58 5.35 -11.81
N VAL B 937 10.90 5.82 -13.01
CA VAL B 937 9.91 6.54 -13.80
C VAL B 937 8.83 5.59 -14.35
N LYS B 938 9.24 4.37 -14.75
CA LYS B 938 8.30 3.45 -15.41
C LYS B 938 7.28 2.85 -14.45
N GLN B 939 7.55 2.89 -13.13
CA GLN B 939 6.53 2.40 -12.20
C GLN B 939 5.47 3.44 -11.85
N LEU B 940 5.53 4.64 -12.45
CA LEU B 940 4.42 5.57 -12.34
C LEU B 940 3.25 5.19 -13.23
N SER B 941 3.45 4.33 -14.23
CA SER B 941 2.39 3.91 -15.12
C SER B 941 1.59 2.72 -14.61
N SER B 942 1.98 2.15 -13.47
CA SER B 942 1.28 1.00 -12.92
C SER B 942 0.00 1.41 -12.23
N ASN B 943 -1.05 0.60 -12.43
CA ASN B 943 -2.38 0.89 -11.89
C ASN B 943 -2.50 0.53 -10.42
N PHE B 944 -1.79 -0.51 -9.98
CA PHE B 944 -1.84 -1.11 -8.63
C PHE B 944 -3.25 -1.51 -8.21
N GLY B 945 -4.04 -2.05 -9.15
CA GLY B 945 -5.38 -2.49 -8.88
C GLY B 945 -6.45 -1.43 -8.99
N ALA B 946 -6.06 -0.17 -9.21
CA ALA B 946 -7.03 0.90 -9.35
C ALA B 946 -7.60 0.95 -10.76
N ILE B 947 -8.55 1.87 -10.96
CA ILE B 947 -9.24 1.98 -12.24
C ILE B 947 -8.34 2.62 -13.30
N SER B 948 -7.43 3.52 -12.91
CA SER B 948 -6.48 4.14 -13.82
C SER B 948 -5.30 4.65 -13.00
N SER B 949 -4.19 4.90 -13.69
CA SER B 949 -2.97 5.34 -13.01
C SER B 949 -2.86 6.86 -12.95
N VAL B 950 -3.74 7.60 -13.61
CA VAL B 950 -3.67 9.05 -13.63
C VAL B 950 -4.57 9.61 -12.53
N LEU B 951 -3.97 10.39 -11.63
CA LEU B 951 -4.64 10.84 -10.42
C LEU B 951 -5.74 11.84 -10.72
N ASN B 952 -5.50 12.75 -11.68
CA ASN B 952 -6.52 13.70 -12.09
C ASN B 952 -7.65 13.01 -12.86
N ASP B 953 -7.35 11.91 -13.55
CA ASP B 953 -8.40 11.15 -14.23
C ASP B 953 -9.27 10.40 -13.24
N ILE B 954 -8.70 9.91 -12.13
CA ILE B 954 -9.56 9.19 -11.17
C ILE B 954 -10.15 10.14 -10.14
N LEU B 955 -9.72 11.42 -10.13
CA LEU B 955 -10.48 12.42 -9.38
C LEU B 955 -11.57 13.06 -10.23
N SER B 956 -11.38 13.13 -11.55
CA SER B 956 -12.28 13.89 -12.41
C SER B 956 -13.63 13.22 -12.64
N ARG B 957 -13.78 11.93 -12.35
CA ARG B 957 -15.05 11.26 -12.54
C ARG B 957 -15.54 10.47 -11.34
N LEU B 958 -14.90 10.61 -10.18
CA LEU B 958 -15.28 9.88 -8.98
C LEU B 958 -15.49 10.83 -7.80
N ASP B 959 -16.34 10.38 -6.87
CA ASP B 959 -16.57 11.08 -5.62
C ASP B 959 -15.33 11.04 -4.71
N PRO B 960 -15.19 12.01 -3.77
CA PRO B 960 -14.05 12.03 -2.80
C PRO B 960 -13.83 10.76 -1.97
N PRO B 961 -14.82 10.16 -1.28
CA PRO B 961 -14.44 9.04 -0.40
C PRO B 961 -14.34 7.64 -1.04
N GLU B 962 -14.52 7.48 -2.35
CA GLU B 962 -13.97 6.34 -3.08
C GLU B 962 -12.74 6.70 -3.88
N ALA B 963 -12.61 7.97 -4.26
CA ALA B 963 -11.37 8.45 -4.85
C ALA B 963 -10.22 8.47 -3.85
N GLU B 964 -10.54 8.54 -2.54
CA GLU B 964 -9.58 8.36 -1.47
C GLU B 964 -8.90 7.01 -1.53
N VAL B 965 -9.66 5.91 -1.64
CA VAL B 965 -9.04 4.60 -1.66
C VAL B 965 -8.48 4.29 -3.06
N GLN B 966 -8.95 5.01 -4.08
CA GLN B 966 -8.29 4.89 -5.39
C GLN B 966 -6.94 5.60 -5.44
N ILE B 967 -6.81 6.75 -4.76
CA ILE B 967 -5.51 7.42 -4.65
C ILE B 967 -4.55 6.63 -3.75
N ASP B 968 -5.07 6.07 -2.65
CA ASP B 968 -4.25 5.49 -1.58
C ASP B 968 -3.49 4.23 -2.05
N ARG B 969 -4.05 3.49 -2.99
CA ARG B 969 -3.36 2.37 -3.63
C ARG B 969 -2.15 2.84 -4.44
N LEU B 970 -2.32 3.95 -5.18
CA LEU B 970 -1.22 4.54 -5.94
C LEU B 970 -0.14 5.09 -5.01
N ILE B 971 -0.55 5.69 -3.89
CA ILE B 971 0.41 6.21 -2.90
C ILE B 971 1.24 5.09 -2.29
N THR B 972 0.60 3.99 -1.90
CA THR B 972 1.37 2.91 -1.26
C THR B 972 2.21 2.13 -2.27
N GLY B 973 1.74 2.02 -3.53
CA GLY B 973 2.54 1.35 -4.56
C GLY B 973 3.76 2.16 -4.99
N ARG B 974 3.56 3.46 -5.21
CA ARG B 974 4.67 4.32 -5.61
C ARG B 974 5.64 4.57 -4.46
N LEU B 975 5.14 4.59 -3.22
CA LEU B 975 6.01 4.73 -2.05
C LEU B 975 6.83 3.46 -1.81
N GLN B 976 6.23 2.28 -2.05
CA GLN B 976 6.97 1.03 -1.95
C GLN B 976 8.04 0.93 -3.04
N SER B 977 7.72 1.41 -4.25
CA SER B 977 8.71 1.47 -5.33
C SER B 977 9.84 2.45 -5.03
N LEU B 978 9.52 3.57 -4.37
CA LEU B 978 10.55 4.55 -4.02
C LEU B 978 11.46 4.04 -2.91
N GLN B 979 10.89 3.31 -1.92
CA GLN B 979 11.73 2.69 -0.89
C GLN B 979 12.60 1.57 -1.46
N THR B 980 12.08 0.83 -2.46
CA THR B 980 12.88 -0.19 -3.14
C THR B 980 14.05 0.43 -3.90
N TYR B 981 13.80 1.58 -4.55
CA TYR B 981 14.86 2.32 -5.25
C TYR B 981 15.92 2.85 -4.29
N VAL B 982 15.48 3.39 -3.15
CA VAL B 982 16.43 3.95 -2.17
C VAL B 982 17.27 2.84 -1.52
N THR B 983 16.64 1.68 -1.27
CA THR B 983 17.35 0.52 -0.71
C THR B 983 18.40 -0.03 -1.70
N GLN B 984 18.02 -0.16 -2.98
CA GLN B 984 18.97 -0.62 -4.00
C GLN B 984 20.08 0.40 -4.24
N GLN B 985 19.78 1.70 -4.15
CA GLN B 985 20.82 2.71 -4.26
C GLN B 985 21.73 2.74 -3.04
N LEU B 986 21.22 2.38 -1.86
CA LEU B 986 22.08 2.29 -0.68
C LEU B 986 23.04 1.11 -0.76
N ILE B 987 22.56 -0.02 -1.27
CA ILE B 987 23.44 -1.19 -1.46
C ILE B 987 24.48 -0.94 -2.55
N ARG B 988 24.05 -0.27 -3.63
CA ARG B 988 24.99 0.10 -4.70
C ARG B 988 25.97 1.19 -4.25
N ALA B 989 25.53 2.07 -3.35
CA ALA B 989 26.43 3.08 -2.79
C ALA B 989 27.44 2.46 -1.84
N ALA B 990 27.04 1.41 -1.12
CA ALA B 990 27.99 0.67 -0.29
C ALA B 990 29.03 -0.06 -1.14
N GLU B 991 28.60 -0.63 -2.28
CA GLU B 991 29.54 -1.27 -3.21
C GLU B 991 30.50 -0.27 -3.85
N ILE B 992 29.97 0.90 -4.23
CA ILE B 992 30.80 1.97 -4.81
C ILE B 992 31.75 2.55 -3.76
N ARG B 993 31.31 2.61 -2.50
CA ARG B 993 32.17 3.07 -1.40
C ARG B 993 33.29 2.08 -1.11
N ALA B 994 33.00 0.78 -1.19
CA ALA B 994 34.05 -0.24 -1.04
C ALA B 994 35.05 -0.20 -2.18
N SER B 995 34.55 0.01 -3.41
CA SER B 995 35.44 0.14 -4.58
C SER B 995 36.26 1.43 -4.52
N ALA B 996 35.70 2.49 -3.96
CA ALA B 996 36.44 3.74 -3.83
C ALA B 996 37.47 3.68 -2.71
N ASN B 997 37.18 2.91 -1.65
CA ASN B 997 38.18 2.67 -0.61
C ASN B 997 39.32 1.81 -1.14
N LEU B 998 39.01 0.84 -2.00
CA LEU B 998 40.05 0.07 -2.69
C LEU B 998 40.85 0.94 -3.65
N ALA B 999 40.20 1.89 -4.32
CA ALA B 999 40.89 2.78 -5.25
C ALA B 999 41.79 3.77 -4.54
N ALA B 1000 41.35 4.27 -3.38
CA ALA B 1000 42.18 5.18 -2.59
C ALA B 1000 43.36 4.45 -1.96
N THR B 1001 43.13 3.19 -1.53
CA THR B 1001 44.21 2.34 -1.03
C THR B 1001 45.23 2.03 -2.12
N LYS B 1002 44.76 1.77 -3.35
CA LYS B 1002 45.66 1.49 -4.46
C LYS B 1002 46.40 2.75 -4.91
N MET B 1003 45.74 3.91 -4.81
CA MET B 1003 46.39 5.19 -5.10
C MET B 1003 47.53 5.47 -4.11
N SER B 1004 47.26 5.26 -2.82
CA SER B 1004 48.26 5.50 -1.77
C SER B 1004 49.41 4.50 -1.84
N GLU B 1005 49.12 3.24 -2.12
CA GLU B 1005 50.12 2.19 -2.02
C GLU B 1005 50.69 1.74 -3.37
N CYS B 1006 50.29 2.37 -4.47
CA CYS B 1006 50.95 2.08 -5.74
C CYS B 1006 51.46 3.38 -6.34
N VAL B 1007 50.71 4.48 -6.19
CA VAL B 1007 51.10 5.73 -6.80
C VAL B 1007 52.04 6.51 -5.88
N LEU B 1008 51.69 6.61 -4.60
CA LEU B 1008 52.50 7.36 -3.65
C LEU B 1008 53.63 6.55 -3.03
N GLY B 1009 53.90 5.35 -3.53
CA GLY B 1009 54.97 4.52 -3.05
C GLY B 1009 55.23 3.34 -3.97
N GLN B 1010 55.81 2.30 -3.41
CA GLN B 1010 56.04 1.04 -4.12
C GLN B 1010 55.65 -0.10 -3.19
N SER B 1011 54.85 -1.02 -3.71
CA SER B 1011 54.26 -2.08 -2.90
C SER B 1011 55.08 -3.36 -3.02
N LYS B 1012 55.40 -3.95 -1.87
CA LYS B 1012 56.01 -5.28 -1.82
C LYS B 1012 54.98 -6.39 -1.81
N ARG B 1013 53.69 -6.04 -1.74
CA ARG B 1013 52.63 -7.05 -1.69
C ARG B 1013 52.33 -7.52 -3.11
N VAL B 1014 52.13 -8.83 -3.26
CA VAL B 1014 52.07 -9.44 -4.59
C VAL B 1014 50.67 -9.26 -5.18
N ASP B 1015 50.62 -8.85 -6.45
CA ASP B 1015 49.45 -8.68 -7.30
C ASP B 1015 48.46 -7.63 -6.79
N PHE B 1016 48.92 -6.69 -5.99
CA PHE B 1016 48.08 -5.58 -5.57
C PHE B 1016 48.19 -4.41 -6.54
N CYS B 1017 49.34 -4.26 -7.20
CA CYS B 1017 49.53 -3.25 -8.23
C CYS B 1017 49.98 -3.91 -9.52
N GLY B 1018 49.27 -4.95 -9.96
CA GLY B 1018 49.53 -5.57 -11.24
C GLY B 1018 50.31 -6.88 -11.13
N LYS B 1019 50.25 -7.65 -12.21
CA LYS B 1019 50.97 -8.92 -12.26
C LYS B 1019 52.45 -8.67 -12.50
N GLY B 1020 53.28 -9.28 -11.65
CA GLY B 1020 54.71 -9.09 -11.70
C GLY B 1020 55.21 -8.32 -10.49
N TYR B 1021 56.52 -8.09 -10.47
CA TYR B 1021 57.14 -7.29 -9.44
C TYR B 1021 56.85 -5.83 -9.73
N HIS B 1022 56.18 -5.16 -8.79
CA HIS B 1022 55.73 -3.79 -9.02
C HIS B 1022 56.88 -2.80 -8.89
N LEU B 1023 56.98 -1.92 -9.88
CA LEU B 1023 57.93 -0.80 -9.84
C LEU B 1023 57.25 0.50 -9.45
N MET B 1024 56.30 0.97 -10.26
CA MET B 1024 55.65 2.27 -10.10
C MET B 1024 54.37 2.23 -10.92
N SER B 1025 53.53 3.25 -10.74
CA SER B 1025 52.23 3.26 -11.41
C SER B 1025 51.78 4.68 -11.67
N PHE B 1026 50.78 4.82 -12.54
CA PHE B 1026 50.35 6.11 -13.04
C PHE B 1026 48.84 6.24 -12.87
N PRO B 1027 48.35 7.21 -12.11
CA PRO B 1027 46.90 7.44 -12.07
C PRO B 1027 46.43 8.21 -13.30
N GLN B 1028 45.25 7.85 -13.78
CA GLN B 1028 44.59 8.55 -14.87
C GLN B 1028 43.13 8.79 -14.50
N SER B 1029 42.65 9.99 -14.78
CA SER B 1029 41.27 10.33 -14.48
C SER B 1029 40.33 9.64 -15.47
N ALA B 1030 39.11 9.43 -15.03
CA ALA B 1030 38.11 8.68 -15.77
C ALA B 1030 36.75 9.21 -15.38
N PRO B 1031 35.71 9.04 -16.25
CA PRO B 1031 34.34 9.36 -15.82
C PRO B 1031 33.85 8.42 -14.74
N HIS B 1032 33.63 8.99 -13.55
CA HIS B 1032 33.18 8.31 -12.32
C HIS B 1032 34.12 7.18 -11.90
N GLY B 1033 35.41 7.37 -12.09
CA GLY B 1033 36.37 6.33 -11.74
C GLY B 1033 37.80 6.81 -11.91
N VAL B 1034 38.71 5.86 -11.76
CA VAL B 1034 40.15 6.11 -11.88
C VAL B 1034 40.76 4.90 -12.59
N VAL B 1035 41.76 5.16 -13.45
CA VAL B 1035 42.47 4.13 -14.18
C VAL B 1035 43.94 4.19 -13.77
N PHE B 1036 44.47 3.08 -13.27
CA PHE B 1036 45.86 2.97 -12.87
C PHE B 1036 46.64 2.26 -13.96
N LEU B 1037 47.81 2.80 -14.30
CA LEU B 1037 48.70 2.19 -15.28
C LEU B 1037 49.89 1.58 -14.53
N HIS B 1038 49.74 0.33 -14.12
CA HIS B 1038 50.71 -0.35 -13.26
C HIS B 1038 51.90 -0.81 -14.09
N VAL B 1039 53.05 -0.16 -13.90
CA VAL B 1039 54.30 -0.54 -14.55
C VAL B 1039 54.97 -1.59 -13.68
N THR B 1040 55.09 -2.81 -14.19
CA THR B 1040 55.55 -3.96 -13.42
C THR B 1040 56.76 -4.59 -14.09
N TYR B 1041 57.66 -5.14 -13.27
CA TYR B 1041 58.80 -5.88 -13.76
C TYR B 1041 58.44 -7.36 -13.91
N VAL B 1042 58.63 -7.91 -15.10
CA VAL B 1042 58.30 -9.29 -15.40
C VAL B 1042 59.57 -9.98 -15.89
N PRO B 1043 60.02 -11.05 -15.25
CA PRO B 1043 61.18 -11.79 -15.75
C PRO B 1043 60.88 -12.56 -17.03
N ALA B 1044 61.92 -12.76 -17.84
CA ALA B 1044 61.82 -13.47 -19.10
C ALA B 1044 63.18 -14.04 -19.48
N GLN B 1045 63.16 -14.97 -20.45
CA GLN B 1045 64.34 -15.60 -21.08
C GLN B 1045 65.22 -16.31 -20.07
N GLU B 1046 64.68 -17.37 -19.47
CA GLU B 1046 65.37 -18.06 -18.39
C GLU B 1046 66.33 -19.12 -18.91
N LYS B 1047 67.28 -19.50 -18.05
CA LYS B 1047 68.21 -20.58 -18.29
C LYS B 1047 68.35 -21.42 -17.03
N ASN B 1048 68.50 -22.74 -17.20
CA ASN B 1048 68.86 -23.63 -16.11
C ASN B 1048 70.27 -23.37 -15.63
N PHE B 1049 70.46 -23.44 -14.31
CA PHE B 1049 71.77 -23.51 -13.69
C PHE B 1049 71.72 -24.53 -12.56
N THR B 1050 72.82 -25.24 -12.36
CA THR B 1050 72.91 -26.22 -11.29
C THR B 1050 73.39 -25.53 -10.01
N THR B 1051 72.56 -25.60 -8.98
CA THR B 1051 72.75 -24.79 -7.79
C THR B 1051 73.19 -25.67 -6.61
N ALA B 1052 73.51 -25.00 -5.50
CA ALA B 1052 73.91 -25.66 -4.27
C ALA B 1052 73.56 -24.75 -3.11
N PRO B 1053 73.20 -25.30 -1.94
CA PRO B 1053 72.92 -24.43 -0.78
C PRO B 1053 74.15 -23.75 -0.20
N ALA B 1054 75.31 -24.40 -0.21
CA ALA B 1054 76.51 -23.82 0.38
C ALA B 1054 77.71 -24.37 -0.35
N ILE B 1055 78.85 -23.70 -0.18
CA ILE B 1055 80.10 -24.07 -0.82
C ILE B 1055 81.16 -24.25 0.26
N CYS B 1056 81.78 -25.43 0.29
CA CYS B 1056 82.80 -25.75 1.28
C CYS B 1056 84.15 -25.24 0.82
N HIS B 1057 84.87 -24.56 1.72
CA HIS B 1057 86.21 -24.06 1.46
C HIS B 1057 86.99 -24.05 2.76
N ASP B 1058 88.08 -24.83 2.79
CA ASP B 1058 89.01 -24.99 3.92
C ASP B 1058 88.32 -25.46 5.19
N GLY B 1059 87.30 -26.31 5.08
CA GLY B 1059 86.54 -26.80 6.20
C GLY B 1059 85.44 -25.87 6.66
N LYS B 1060 85.27 -24.72 6.01
CA LYS B 1060 84.25 -23.76 6.38
C LYS B 1060 83.13 -23.75 5.36
N ALA B 1061 81.91 -23.52 5.83
CA ALA B 1061 80.73 -23.47 4.97
C ALA B 1061 80.47 -22.02 4.58
N HIS B 1062 80.48 -21.74 3.28
CA HIS B 1062 80.23 -20.40 2.77
C HIS B 1062 78.79 -20.33 2.26
N PHE B 1063 78.07 -19.32 2.72
CA PHE B 1063 76.69 -19.05 2.35
C PHE B 1063 76.62 -17.71 1.64
N PRO B 1064 75.75 -17.54 0.64
CA PRO B 1064 75.71 -16.27 -0.09
C PRO B 1064 75.06 -15.17 0.72
N ARG B 1065 75.65 -13.98 0.63
CA ARG B 1065 75.10 -12.81 1.35
C ARG B 1065 73.83 -12.32 0.70
N GLU B 1066 73.89 -11.95 -0.58
CA GLU B 1066 72.70 -11.67 -1.37
C GLU B 1066 72.74 -12.54 -2.61
N GLY B 1067 71.75 -13.41 -2.76
CA GLY B 1067 71.66 -14.26 -3.93
C GLY B 1067 71.90 -15.73 -3.63
N VAL B 1068 72.23 -16.46 -4.70
CA VAL B 1068 72.40 -17.90 -4.67
C VAL B 1068 73.73 -18.27 -5.33
N PHE B 1069 74.15 -19.52 -5.11
CA PHE B 1069 75.23 -20.12 -5.87
C PHE B 1069 74.65 -20.82 -7.08
N VAL B 1070 75.24 -20.58 -8.26
CA VAL B 1070 74.84 -21.23 -9.49
C VAL B 1070 76.07 -21.81 -10.16
N SER B 1071 75.85 -22.75 -11.09
CA SER B 1071 76.92 -23.27 -11.92
C SER B 1071 76.35 -23.60 -13.30
N ASN B 1072 77.18 -23.41 -14.33
CA ASN B 1072 76.82 -23.79 -15.68
C ASN B 1072 77.44 -25.12 -16.10
N GLY B 1073 78.03 -25.85 -15.16
CA GLY B 1073 78.59 -27.15 -15.42
C GLY B 1073 80.03 -27.33 -14.97
N THR B 1074 80.86 -26.29 -15.08
CA THR B 1074 82.27 -26.42 -14.73
C THR B 1074 82.66 -25.54 -13.56
N HIS B 1075 82.19 -24.28 -13.56
CA HIS B 1075 82.59 -23.30 -12.56
C HIS B 1075 81.37 -22.79 -11.83
N TRP B 1076 81.57 -22.36 -10.59
CA TRP B 1076 80.50 -21.84 -9.75
C TRP B 1076 80.58 -20.33 -9.65
N PHE B 1077 79.42 -19.68 -9.59
CA PHE B 1077 79.32 -18.22 -9.52
C PHE B 1077 78.26 -17.82 -8.51
N VAL B 1078 78.24 -16.53 -8.17
CA VAL B 1078 77.22 -15.94 -7.33
C VAL B 1078 76.44 -14.93 -8.15
N THR B 1079 75.12 -15.14 -8.24
CA THR B 1079 74.24 -14.23 -8.95
C THR B 1079 73.15 -13.75 -8.01
N GLN B 1080 72.57 -12.61 -8.33
CA GLN B 1080 71.33 -12.20 -7.69
C GLN B 1080 70.18 -13.05 -8.24
N ARG B 1081 69.08 -13.10 -7.48
CA ARG B 1081 68.03 -14.07 -7.76
C ARG B 1081 67.17 -13.68 -8.96
N ASN B 1082 66.96 -12.38 -9.20
CA ASN B 1082 66.04 -11.93 -10.22
C ASN B 1082 66.71 -11.61 -11.55
N PHE B 1083 68.04 -11.76 -11.64
CA PHE B 1083 68.75 -11.46 -12.87
C PHE B 1083 70.04 -12.27 -12.94
N TYR B 1084 70.38 -12.80 -14.11
CA TYR B 1084 71.62 -13.55 -14.25
C TYR B 1084 72.79 -12.59 -14.40
N GLU B 1085 73.64 -12.54 -13.39
CA GLU B 1085 74.86 -11.73 -13.42
C GLU B 1085 75.95 -12.50 -12.69
N PRO B 1086 76.74 -13.30 -13.42
CA PRO B 1086 77.73 -14.17 -12.76
C PRO B 1086 78.94 -13.38 -12.27
N GLN B 1087 79.37 -13.71 -11.05
CA GLN B 1087 80.51 -13.05 -10.42
C GLN B 1087 81.40 -14.09 -9.77
N ILE B 1088 82.68 -13.73 -9.61
CA ILE B 1088 83.65 -14.61 -8.98
C ILE B 1088 83.39 -14.65 -7.48
N ILE B 1089 83.40 -15.87 -6.92
CA ILE B 1089 83.07 -16.09 -5.52
C ILE B 1089 84.20 -15.56 -4.65
N THR B 1090 83.93 -14.50 -3.90
CA THR B 1090 84.91 -13.86 -3.04
C THR B 1090 84.42 -13.93 -1.61
N THR B 1091 85.12 -13.22 -0.72
CA THR B 1091 84.72 -13.18 0.68
C THR B 1091 83.82 -11.99 1.00
N ASP B 1092 83.65 -11.04 0.07
CA ASP B 1092 82.78 -9.90 0.32
C ASP B 1092 81.35 -10.08 -0.20
N ASN B 1093 81.06 -11.19 -0.89
CA ASN B 1093 79.70 -11.54 -1.24
C ASN B 1093 79.24 -12.84 -0.62
N THR B 1094 80.09 -13.51 0.15
CA THR B 1094 79.73 -14.68 0.94
C THR B 1094 80.05 -14.43 2.41
N PHE B 1095 79.41 -15.21 3.28
CA PHE B 1095 79.70 -15.14 4.71
C PHE B 1095 79.89 -16.56 5.24
N VAL B 1096 80.65 -16.66 6.33
CA VAL B 1096 81.15 -17.93 6.84
C VAL B 1096 80.51 -18.20 8.19
N SER B 1097 79.88 -19.37 8.32
CA SER B 1097 79.35 -19.84 9.60
C SER B 1097 79.33 -21.35 9.61
N GLY B 1098 79.92 -21.94 10.65
CA GLY B 1098 79.87 -23.39 10.81
C GLY B 1098 80.86 -24.11 9.93
N ASN B 1099 80.67 -25.43 9.84
CA ASN B 1099 81.54 -26.29 9.05
C ASN B 1099 80.72 -26.99 7.98
N CYS B 1100 81.39 -27.83 7.19
CA CYS B 1100 80.75 -28.45 6.04
C CYS B 1100 80.07 -29.77 6.37
N ASP B 1101 80.12 -30.22 7.62
CA ASP B 1101 79.56 -31.51 8.01
C ASP B 1101 78.12 -31.43 8.47
N VAL B 1102 77.49 -30.27 8.40
CA VAL B 1102 76.15 -30.06 8.94
C VAL B 1102 75.17 -29.64 7.85
N VAL B 1103 75.66 -29.12 6.73
CA VAL B 1103 74.79 -28.63 5.66
C VAL B 1103 74.54 -29.75 4.66
N ILE B 1104 73.27 -30.05 4.41
CA ILE B 1104 72.90 -31.10 3.48
C ILE B 1104 73.01 -30.57 2.06
N GLY B 1105 73.82 -31.22 1.24
CA GLY B 1105 73.97 -30.83 -0.14
C GLY B 1105 75.08 -29.84 -0.45
N ILE B 1106 76.04 -29.67 0.46
CA ILE B 1106 77.12 -28.72 0.27
C ILE B 1106 78.11 -29.26 -0.76
N VAL B 1107 78.65 -28.37 -1.59
CA VAL B 1107 79.62 -28.73 -2.61
C VAL B 1107 80.95 -28.09 -2.27
N ASN B 1108 81.99 -28.48 -3.00
CA ASN B 1108 83.33 -27.96 -2.80
C ASN B 1108 83.76 -27.11 -3.99
N ASN B 1109 84.25 -25.92 -3.68
CA ASN B 1109 84.89 -25.04 -4.66
C ASN B 1109 85.88 -24.17 -3.89
N THR B 1110 86.53 -23.24 -4.61
CA THR B 1110 87.45 -22.30 -4.00
C THR B 1110 86.80 -20.92 -3.88
N VAL B 1111 87.23 -20.17 -2.87
CA VAL B 1111 86.77 -18.81 -2.63
C VAL B 1111 87.96 -17.89 -2.75
N TYR B 1112 87.89 -16.94 -3.68
CA TYR B 1112 89.03 -16.08 -3.97
C TYR B 1112 89.16 -15.00 -2.91
N ASP B 1113 90.27 -15.02 -2.18
CA ASP B 1113 90.58 -14.03 -1.17
C ASP B 1113 91.24 -12.83 -1.85
N PRO B 1114 90.71 -11.61 -1.70
CA PRO B 1114 91.35 -10.45 -2.38
C PRO B 1114 92.68 -10.00 -1.79
N LEU B 1115 93.10 -10.54 -0.64
CA LEU B 1115 94.38 -10.15 -0.07
C LEU B 1115 95.55 -10.87 -0.73
N GLN B 1116 95.29 -11.96 -1.47
CA GLN B 1116 96.31 -12.78 -2.12
C GLN B 1116 97.20 -12.11 -3.19
N PRO B 1117 96.71 -11.29 -4.16
CA PRO B 1117 97.68 -10.67 -5.08
C PRO B 1117 98.50 -9.54 -4.47
N GLU B 1118 98.01 -8.92 -3.40
CA GLU B 1118 98.85 -7.97 -2.68
C GLU B 1118 99.85 -8.66 -1.76
N LEU B 1119 99.49 -9.82 -1.21
CA LEU B 1119 100.44 -10.61 -0.44
C LEU B 1119 101.48 -11.29 -1.32
N ASP B 1120 101.15 -11.56 -2.59
CA ASP B 1120 102.08 -12.18 -3.51
C ASP B 1120 102.92 -11.13 -4.22
N ALA C 1 -6.76 -38.61 45.91
CA ALA C 1 -5.37 -38.98 45.70
C ALA C 1 -4.80 -38.28 44.46
N TYR C 2 -3.56 -37.82 44.57
CA TYR C 2 -2.90 -37.10 43.49
C TYR C 2 -1.64 -37.84 43.05
N THR C 3 -1.40 -37.81 41.75
CA THR C 3 -0.17 -38.31 41.16
C THR C 3 0.19 -37.43 39.98
N ASN C 4 1.29 -37.75 39.31
CA ASN C 4 1.81 -36.93 38.22
C ASN C 4 1.84 -37.73 36.93
N SER C 5 1.34 -37.13 35.85
CA SER C 5 1.54 -37.67 34.51
C SER C 5 2.93 -37.29 34.01
N PHE C 6 3.56 -38.22 33.29
CA PHE C 6 4.94 -38.00 32.89
C PHE C 6 5.04 -37.33 31.53
N THR C 7 4.59 -38.02 30.47
CA THR C 7 4.57 -37.48 29.11
C THR C 7 3.26 -37.79 28.40
N ARG C 8 2.22 -38.18 29.13
CA ARG C 8 0.99 -38.64 28.50
C ARG C 8 0.07 -37.48 28.15
N GLY C 9 -1.01 -37.79 27.46
CA GLY C 9 -1.99 -36.81 27.08
C GLY C 9 -1.79 -36.13 25.75
N VAL C 10 -0.90 -36.67 24.90
CA VAL C 10 -0.64 -36.11 23.59
C VAL C 10 -1.45 -36.87 22.55
N TYR C 11 -1.79 -36.19 21.46
CA TYR C 11 -2.58 -36.77 20.39
C TYR C 11 -2.26 -36.04 19.08
N TYR C 12 -3.14 -36.22 18.10
CA TYR C 12 -2.93 -35.63 16.77
C TYR C 12 -3.75 -34.35 16.64
N PRO C 13 -3.12 -33.19 16.36
CA PRO C 13 -3.88 -31.92 16.29
C PRO C 13 -4.89 -31.82 15.16
N ASP C 14 -4.50 -32.02 13.92
CA ASP C 14 -5.33 -31.60 12.79
C ASP C 14 -5.73 -32.71 11.82
N LYS C 15 -5.68 -33.99 12.23
CA LYS C 15 -6.08 -35.18 11.45
C LYS C 15 -5.30 -35.30 10.14
N VAL C 16 -4.01 -34.94 10.16
CA VAL C 16 -3.22 -34.72 8.96
C VAL C 16 -1.93 -35.53 9.09
N PHE C 17 -1.35 -35.93 7.96
CA PHE C 17 -0.12 -36.69 7.95
C PHE C 17 1.08 -35.77 7.78
N ARG C 18 2.09 -35.94 8.63
CA ARG C 18 3.36 -35.26 8.48
C ARG C 18 4.47 -36.27 8.76
N SER C 19 5.61 -36.09 8.09
CA SER C 19 6.70 -37.03 8.21
C SER C 19 8.04 -36.28 8.21
N SER C 20 8.89 -36.65 9.17
CA SER C 20 10.28 -36.18 9.33
C SER C 20 10.39 -34.67 9.49
N VAL C 21 9.37 -34.08 10.11
CA VAL C 21 9.31 -32.64 10.35
C VAL C 21 9.01 -32.40 11.82
N LEU C 22 9.16 -31.15 12.24
CA LEU C 22 8.79 -30.72 13.58
C LEU C 22 7.73 -29.64 13.45
N HIS C 23 6.53 -29.91 13.95
CA HIS C 23 5.39 -29.02 13.80
C HIS C 23 4.99 -28.44 15.16
N SER C 24 4.74 -27.13 15.18
CA SER C 24 4.29 -26.44 16.37
C SER C 24 2.83 -26.04 16.19
N THR C 25 2.00 -26.36 17.19
CA THR C 25 0.57 -26.14 17.10
C THR C 25 0.08 -25.53 18.41
N GLN C 26 -1.14 -25.01 18.37
CA GLN C 26 -1.81 -24.45 19.55
C GLN C 26 -3.16 -25.13 19.67
N ASP C 27 -3.30 -26.01 20.66
CA ASP C 27 -4.47 -26.86 20.81
C ASP C 27 -4.55 -27.25 22.29
N LEU C 28 -5.72 -27.71 22.73
CA LEU C 28 -5.95 -28.14 24.11
C LEU C 28 -5.17 -29.42 24.40
N PHE C 29 -4.19 -29.33 25.29
CA PHE C 29 -3.34 -30.46 25.63
C PHE C 29 -3.21 -30.62 27.14
N LEU C 30 -2.90 -31.83 27.56
CA LEU C 30 -2.52 -32.09 28.94
C LEU C 30 -1.10 -31.61 29.16
N PRO C 31 -0.85 -30.74 30.15
CA PRO C 31 0.52 -30.30 30.43
C PRO C 31 1.38 -31.41 31.01
N PHE C 32 2.67 -31.37 30.69
CA PHE C 32 3.61 -32.32 31.25
C PHE C 32 3.88 -31.99 32.72
N PHE C 33 4.04 -33.06 33.52
CA PHE C 33 4.36 -33.04 34.95
C PHE C 33 3.32 -32.28 35.78
N SER C 34 2.05 -32.36 35.40
CA SER C 34 0.99 -31.73 36.15
C SER C 34 0.33 -32.74 37.08
N ASN C 35 -0.40 -32.24 38.07
CA ASN C 35 -1.07 -33.09 39.04
C ASN C 35 -2.35 -33.66 38.42
N VAL C 36 -2.34 -34.97 38.17
CA VAL C 36 -3.51 -35.68 37.67
C VAL C 36 -4.13 -36.45 38.83
N THR C 37 -5.43 -36.67 38.75
CA THR C 37 -6.18 -37.21 39.88
C THR C 37 -6.31 -38.72 39.74
N TRP C 38 -5.92 -39.46 40.78
CA TRP C 38 -5.93 -40.91 40.80
C TRP C 38 -7.09 -41.39 41.66
N PHE C 39 -7.94 -42.24 41.10
CA PHE C 39 -9.04 -42.88 41.81
C PHE C 39 -8.92 -44.39 41.69
N HIS C 40 -9.21 -45.07 42.79
CA HIS C 40 -9.15 -46.53 42.82
C HIS C 40 -10.55 -47.13 42.77
N ASN C 55 -16.69 -44.33 42.92
CA ASN C 55 -16.36 -43.41 41.84
C ASN C 55 -17.46 -42.34 41.68
N PRO C 56 -17.20 -41.13 42.18
CA PRO C 56 -18.19 -40.05 42.08
C PRO C 56 -18.19 -39.43 40.68
N VAL C 57 -19.16 -38.56 40.44
CA VAL C 57 -19.26 -37.85 39.18
C VAL C 57 -18.21 -36.74 39.16
N LEU C 58 -17.53 -36.56 37.96
CA LEU C 58 -16.38 -35.68 37.82
C LEU C 58 -16.61 -34.65 36.71
N PRO C 59 -16.05 -33.44 36.84
CA PRO C 59 -16.26 -32.43 35.78
C PRO C 59 -15.42 -32.73 34.54
N PHE C 60 -16.07 -32.56 33.38
CA PHE C 60 -15.43 -32.74 32.08
C PHE C 60 -14.54 -31.58 31.68
N ASN C 61 -14.92 -30.36 32.09
CA ASN C 61 -14.47 -29.02 31.64
C ASN C 61 -14.09 -28.94 30.16
N ASP C 62 -12.86 -28.52 29.87
CA ASP C 62 -12.43 -28.29 28.49
C ASP C 62 -11.93 -29.55 27.80
N GLY C 63 -11.92 -30.68 28.48
CA GLY C 63 -11.43 -31.93 27.92
C GLY C 63 -10.82 -32.74 29.04
N VAL C 64 -10.77 -34.05 28.85
CA VAL C 64 -10.29 -34.96 29.88
C VAL C 64 -9.30 -35.95 29.26
N TYR C 65 -8.23 -36.24 29.98
CA TYR C 65 -7.38 -37.38 29.72
C TYR C 65 -7.76 -38.49 30.68
N PHE C 66 -7.99 -39.68 30.14
CA PHE C 66 -8.42 -40.83 30.93
C PHE C 66 -7.39 -41.94 30.76
N ALA C 67 -7.12 -42.66 31.85
CA ALA C 67 -6.26 -43.82 31.81
C ALA C 67 -6.88 -44.89 32.68
N SER C 68 -6.68 -46.16 32.31
CA SER C 68 -7.27 -47.25 33.05
C SER C 68 -6.34 -48.46 33.01
N THR C 69 -6.31 -49.20 34.11
CA THR C 69 -5.50 -50.40 34.20
C THR C 69 -6.22 -51.48 35.02
N ASN C 73 -12.17 -57.89 32.38
CA ASN C 73 -13.29 -57.07 31.95
C ASN C 73 -13.88 -56.28 33.12
N ILE C 74 -13.01 -55.88 34.05
CA ILE C 74 -13.44 -55.04 35.17
C ILE C 74 -13.76 -53.63 34.68
N ILE C 75 -12.91 -53.07 33.83
CA ILE C 75 -13.12 -51.75 33.24
C ILE C 75 -14.22 -51.86 32.18
N ARG C 76 -15.25 -51.03 32.31
CA ARG C 76 -16.37 -51.06 31.38
C ARG C 76 -16.55 -49.68 30.78
N GLY C 77 -17.68 -49.45 30.12
CA GLY C 77 -17.90 -48.23 29.36
C GLY C 77 -18.13 -46.97 30.17
N TRP C 78 -18.41 -45.87 29.48
CA TRP C 78 -18.38 -44.53 30.05
C TRP C 78 -19.70 -43.83 29.77
N ILE C 79 -20.07 -42.91 30.67
CA ILE C 79 -21.21 -42.03 30.47
C ILE C 79 -20.71 -40.60 30.46
N PHE C 80 -21.38 -39.76 29.68
CA PHE C 80 -21.06 -38.34 29.55
C PHE C 80 -22.37 -37.57 29.61
N GLY C 81 -22.34 -36.39 30.21
CA GLY C 81 -23.56 -35.60 30.28
C GLY C 81 -23.36 -34.29 31.00
N THR C 82 -24.48 -33.61 31.26
CA THR C 82 -24.49 -32.34 31.97
C THR C 82 -25.17 -32.42 33.33
N THR C 83 -26.43 -32.86 33.37
CA THR C 83 -27.17 -32.99 34.62
C THR C 83 -27.58 -34.41 34.95
N LEU C 84 -27.68 -35.29 33.94
CA LEU C 84 -28.07 -36.71 34.04
C LEU C 84 -29.44 -36.89 34.68
N ASP C 85 -30.37 -35.99 34.32
CA ASP C 85 -31.73 -36.04 34.86
C ASP C 85 -32.77 -35.97 33.75
N SER C 86 -32.42 -36.47 32.56
CA SER C 86 -33.23 -36.53 31.34
C SER C 86 -33.73 -35.16 30.86
N LYS C 87 -32.99 -34.09 31.16
CA LYS C 87 -33.31 -32.76 30.65
C LYS C 87 -32.41 -32.34 29.51
N THR C 88 -31.21 -32.91 29.42
CA THR C 88 -30.24 -32.61 28.39
C THR C 88 -29.76 -33.94 27.84
N GLN C 89 -29.33 -33.94 26.58
CA GLN C 89 -28.81 -35.15 25.94
C GLN C 89 -27.50 -35.60 26.59
N SER C 90 -27.35 -36.90 26.75
CA SER C 90 -26.25 -37.47 27.52
C SER C 90 -25.73 -38.72 26.85
N LEU C 91 -24.41 -38.79 26.67
CA LEU C 91 -23.79 -39.93 25.99
C LEU C 91 -23.74 -41.14 26.90
N LEU C 92 -23.85 -42.33 26.31
CA LEU C 92 -23.75 -43.59 27.02
C LEU C 92 -23.05 -44.60 26.12
N ILE C 93 -21.93 -45.13 26.59
CA ILE C 93 -21.12 -46.11 25.86
C ILE C 93 -21.09 -47.38 26.68
N VAL C 94 -21.50 -48.50 26.07
CA VAL C 94 -21.47 -49.82 26.71
C VAL C 94 -20.88 -50.82 25.73
N ASN C 95 -19.83 -51.51 26.15
CA ASN C 95 -19.19 -52.58 25.36
C ASN C 95 -19.81 -53.91 25.77
N ASN C 96 -20.94 -54.26 25.14
CA ASN C 96 -21.68 -55.46 25.46
C ASN C 96 -21.67 -56.44 24.28
N ALA C 97 -21.36 -57.70 24.60
CA ALA C 97 -21.37 -58.85 23.68
C ALA C 97 -20.45 -58.66 22.47
N THR C 98 -19.32 -57.99 22.74
CA THR C 98 -18.22 -57.62 21.83
C THR C 98 -18.84 -56.80 20.68
N ASN C 99 -19.64 -55.81 21.05
CA ASN C 99 -20.31 -54.90 20.10
C ASN C 99 -20.65 -53.62 20.84
N VAL C 100 -19.86 -52.56 20.62
CA VAL C 100 -20.06 -51.31 21.33
C VAL C 100 -21.26 -50.56 20.75
N VAL C 101 -22.11 -50.04 21.63
CA VAL C 101 -23.30 -49.29 21.27
C VAL C 101 -23.21 -47.92 21.94
N ILE C 102 -23.31 -46.86 21.15
CA ILE C 102 -23.21 -45.49 21.64
C ILE C 102 -24.57 -44.82 21.44
N LYS C 103 -25.14 -44.30 22.52
CA LYS C 103 -26.44 -43.64 22.48
C LYS C 103 -26.33 -42.29 23.16
N VAL C 104 -27.25 -41.38 22.81
CA VAL C 104 -27.18 -39.99 23.23
C VAL C 104 -28.52 -39.60 23.86
N CYS C 105 -29.34 -40.62 24.16
CA CYS C 105 -30.74 -40.45 24.49
C CYS C 105 -30.92 -39.88 25.90
N GLU C 106 -32.19 -39.65 26.27
CA GLU C 106 -32.53 -39.00 27.54
C GLU C 106 -32.71 -40.05 28.63
N PHE C 107 -31.58 -40.58 29.09
CA PHE C 107 -31.59 -41.53 30.21
C PHE C 107 -31.67 -40.77 31.53
N GLN C 108 -32.05 -41.50 32.58
CA GLN C 108 -31.91 -41.02 33.96
C GLN C 108 -30.87 -41.87 34.64
N PHE C 109 -29.83 -41.23 35.19
CA PHE C 109 -28.76 -41.96 35.85
C PHE C 109 -29.18 -42.37 37.26
N CYS C 110 -28.60 -43.46 37.73
CA CYS C 110 -28.87 -43.93 39.08
C CYS C 110 -28.04 -43.14 40.09
N ASN C 111 -28.43 -43.27 41.36
CA ASN C 111 -27.64 -42.68 42.44
C ASN C 111 -26.33 -43.46 42.63
N ASP C 112 -26.39 -44.78 42.52
CA ASP C 112 -25.20 -45.62 42.53
C ASP C 112 -25.26 -46.55 41.32
N PRO C 113 -24.78 -46.10 40.16
CA PRO C 113 -24.83 -46.95 38.98
C PRO C 113 -23.75 -48.04 39.02
N PHE C 114 -24.15 -49.25 38.66
CA PHE C 114 -23.23 -50.38 38.66
C PHE C 114 -23.54 -51.34 37.51
N PHE C 131 -28.43 -52.79 33.86
CA PHE C 131 -29.31 -52.28 32.82
C PHE C 131 -30.07 -51.05 33.29
N ARG C 132 -29.91 -50.72 34.58
CA ARG C 132 -30.56 -49.56 35.16
C ARG C 132 -29.88 -48.27 34.70
N VAL C 133 -28.59 -48.35 34.38
CA VAL C 133 -27.87 -47.22 33.81
C VAL C 133 -28.34 -46.93 32.39
N TYR C 134 -28.65 -47.96 31.61
CA TYR C 134 -29.12 -47.82 30.24
C TYR C 134 -30.64 -47.89 30.14
N SER C 135 -31.34 -47.37 31.13
CA SER C 135 -32.79 -47.40 31.17
C SER C 135 -33.39 -46.13 30.58
N SER C 136 -34.61 -46.27 30.04
CA SER C 136 -35.45 -45.20 29.47
C SER C 136 -34.75 -44.47 28.32
N ALA C 137 -34.48 -45.20 27.25
CA ALA C 137 -33.90 -44.63 26.03
C ALA C 137 -35.03 -43.93 25.26
N ASN C 138 -35.15 -42.62 25.48
CA ASN C 138 -36.22 -41.83 24.86
C ASN C 138 -35.64 -40.55 24.32
N ASN C 139 -36.36 -39.97 23.33
CA ASN C 139 -36.01 -38.76 22.58
C ASN C 139 -34.63 -38.85 21.94
N CYS C 140 -34.37 -39.93 21.21
CA CYS C 140 -33.05 -40.18 20.68
C CYS C 140 -32.82 -39.41 19.39
N THR C 141 -31.63 -38.83 19.26
CA THR C 141 -31.24 -38.09 18.07
C THR C 141 -30.07 -38.72 17.31
N PHE C 142 -29.29 -39.59 17.95
CA PHE C 142 -28.14 -40.19 17.30
C PHE C 142 -27.84 -41.54 17.96
N GLU C 143 -27.47 -42.51 17.14
CA GLU C 143 -27.07 -43.84 17.61
C GLU C 143 -26.01 -44.36 16.67
N TYR C 144 -24.99 -45.01 17.22
CA TYR C 144 -23.84 -45.42 16.42
C TYR C 144 -23.29 -46.75 16.93
N VAL C 145 -22.86 -47.59 15.99
CA VAL C 145 -22.30 -48.90 16.27
C VAL C 145 -20.91 -48.97 15.65
N SER C 146 -19.90 -49.29 16.46
CA SER C 146 -18.52 -49.36 16.00
C SER C 146 -17.95 -50.75 16.25
N GLN C 147 -16.70 -50.92 15.82
CA GLN C 147 -15.91 -52.13 16.01
C GLN C 147 -15.42 -52.24 17.45
N PRO C 148 -15.35 -53.45 18.00
CA PRO C 148 -14.88 -53.60 19.38
C PRO C 148 -13.38 -53.44 19.51
N PHE C 149 -12.96 -53.11 20.73
CA PHE C 149 -11.55 -52.98 21.08
C PHE C 149 -11.29 -53.70 22.38
N LEU C 150 -10.08 -54.27 22.49
CA LEU C 150 -9.57 -55.04 23.64
C LEU C 150 -10.46 -56.21 24.07
N LYS C 161 -2.21 -55.69 33.98
CA LYS C 161 -0.94 -55.74 33.27
C LYS C 161 -1.01 -54.98 31.94
N ASN C 162 -2.11 -54.26 31.74
CA ASN C 162 -2.30 -53.47 30.54
C ASN C 162 -2.85 -52.08 30.87
N LEU C 163 -2.57 -51.11 30.01
CA LEU C 163 -3.01 -49.74 30.21
C LEU C 163 -3.81 -49.30 28.99
N ARG C 164 -4.98 -48.72 29.24
CA ARG C 164 -5.85 -48.19 28.19
C ARG C 164 -6.02 -46.69 28.43
N GLU C 165 -5.24 -45.88 27.71
CA GLU C 165 -5.29 -44.44 27.85
C GLU C 165 -6.21 -43.84 26.80
N PHE C 166 -7.18 -43.03 27.25
CA PHE C 166 -8.17 -42.43 26.37
C PHE C 166 -8.15 -40.91 26.53
N VAL C 167 -8.34 -40.20 25.42
CA VAL C 167 -8.49 -38.74 25.43
C VAL C 167 -9.86 -38.40 24.87
N PHE C 168 -10.65 -37.65 25.64
CA PHE C 168 -11.94 -37.15 25.20
C PHE C 168 -11.86 -35.62 25.15
N LYS C 169 -12.25 -35.04 24.02
CA LYS C 169 -12.23 -33.60 23.84
C LYS C 169 -13.48 -33.17 23.09
N ASN C 170 -13.96 -31.97 23.39
CA ASN C 170 -15.13 -31.38 22.73
C ASN C 170 -14.74 -29.98 22.26
N ILE C 171 -14.54 -29.83 20.96
CA ILE C 171 -14.17 -28.56 20.36
C ILE C 171 -15.18 -28.24 19.27
N ASP C 172 -15.91 -27.12 19.46
CA ASP C 172 -16.96 -26.60 18.55
C ASP C 172 -18.06 -27.61 18.30
N GLY C 173 -18.43 -28.34 19.35
CA GLY C 173 -19.47 -29.35 19.27
C GLY C 173 -19.03 -30.70 18.73
N TYR C 174 -17.76 -30.87 18.41
CA TYR C 174 -17.24 -32.12 17.87
C TYR C 174 -16.60 -32.93 18.99
N PHE C 175 -17.16 -34.10 19.27
CA PHE C 175 -16.68 -34.97 20.33
C PHE C 175 -15.70 -35.96 19.73
N LYS C 176 -14.44 -35.89 20.14
CA LYS C 176 -13.39 -36.72 19.58
C LYS C 176 -12.90 -37.72 20.63
N ILE C 177 -12.72 -38.97 20.21
CA ILE C 177 -12.29 -40.05 21.09
C ILE C 177 -10.97 -40.59 20.55
N TYR C 178 -9.94 -40.57 21.40
CA TYR C 178 -8.60 -41.02 21.06
C TYR C 178 -8.28 -42.28 21.86
N SER C 179 -7.69 -43.27 21.21
CA SER C 179 -7.62 -44.60 21.82
C SER C 179 -6.33 -45.31 21.42
N LYS C 180 -5.68 -45.93 22.42
CA LYS C 180 -4.65 -46.93 22.21
C LYS C 180 -4.77 -48.01 23.28
N HIS C 181 -4.08 -49.13 23.04
CA HIS C 181 -3.87 -50.17 24.04
C HIS C 181 -2.37 -50.40 24.18
N THR C 182 -1.88 -50.41 25.43
CA THR C 182 -0.45 -50.50 25.69
C THR C 182 -0.23 -51.31 26.96
N PRO C 183 0.60 -52.36 26.90
CA PRO C 183 0.92 -53.09 28.13
C PRO C 183 1.80 -52.28 29.08
N ILE C 184 1.60 -52.50 30.37
CA ILE C 184 2.31 -51.78 31.41
C ILE C 184 2.75 -52.76 32.49
N ASN C 185 3.74 -52.36 33.29
CA ASN C 185 4.25 -53.18 34.38
C ASN C 185 4.47 -52.32 35.62
N LEU C 186 3.51 -51.44 35.92
CA LEU C 186 3.62 -50.57 37.09
C LEU C 186 2.21 -50.32 37.62
N VAL C 187 1.99 -50.68 38.90
CA VAL C 187 0.67 -50.51 39.51
C VAL C 187 0.63 -49.37 40.51
N ARG C 188 1.77 -49.01 41.11
CA ARG C 188 1.79 -47.93 42.09
C ARG C 188 1.66 -46.55 41.46
N GLY C 189 2.05 -46.42 40.19
CA GLY C 189 1.95 -45.16 39.50
C GLY C 189 1.83 -45.29 38.00
N LEU C 190 1.93 -44.17 37.29
CA LEU C 190 1.84 -44.16 35.83
C LEU C 190 3.21 -44.43 35.23
N PRO C 191 3.33 -45.35 34.27
CA PRO C 191 4.64 -45.72 33.74
C PRO C 191 5.24 -44.64 32.84
N GLN C 192 6.56 -44.57 32.83
CA GLN C 192 7.27 -43.65 31.95
C GLN C 192 7.30 -44.19 30.53
N GLY C 193 7.20 -43.29 29.57
CA GLY C 193 7.20 -43.67 28.17
C GLY C 193 6.39 -42.67 27.38
N PHE C 194 6.40 -42.86 26.06
CA PHE C 194 5.70 -41.97 25.15
C PHE C 194 4.82 -42.77 24.21
N SER C 195 3.57 -42.33 24.09
CA SER C 195 2.61 -42.94 23.17
C SER C 195 1.57 -41.89 22.80
N ALA C 196 1.59 -41.47 21.54
CA ALA C 196 0.63 -40.48 21.06
C ALA C 196 -0.65 -41.15 20.61
N LEU C 197 -1.77 -40.51 20.90
CA LEU C 197 -3.08 -41.15 20.81
C LEU C 197 -3.73 -40.83 19.47
N GLU C 198 -4.16 -41.88 18.76
CA GLU C 198 -4.81 -41.74 17.47
C GLU C 198 -6.32 -41.65 17.64
N PRO C 199 -6.98 -40.77 16.89
CA PRO C 199 -8.46 -40.72 16.94
C PRO C 199 -9.09 -41.91 16.23
N LEU C 200 -10.20 -42.38 16.79
CA LEU C 200 -10.86 -43.58 16.29
C LEU C 200 -12.23 -43.29 15.71
N VAL C 201 -13.14 -42.68 16.48
CA VAL C 201 -14.44 -42.24 15.98
C VAL C 201 -14.67 -40.81 16.45
N ASP C 202 -14.98 -39.93 15.50
CA ASP C 202 -15.27 -38.53 15.79
C ASP C 202 -16.79 -38.35 15.80
N LEU C 203 -17.32 -37.73 16.86
CA LEU C 203 -18.76 -37.55 17.00
C LEU C 203 -19.13 -36.10 16.77
N PRO C 204 -19.89 -35.77 15.73
CA PRO C 204 -20.44 -34.40 15.60
C PRO C 204 -21.79 -34.25 16.30
N ILE C 205 -21.77 -34.30 17.64
CA ILE C 205 -23.02 -34.25 18.39
C ILE C 205 -23.45 -32.82 18.63
N GLY C 206 -22.67 -32.04 19.37
CA GLY C 206 -22.99 -30.64 19.59
C GLY C 206 -23.87 -30.35 20.78
N ILE C 207 -23.52 -30.88 21.96
CA ILE C 207 -24.24 -30.60 23.20
C ILE C 207 -23.31 -29.87 24.16
N ASN C 208 -23.90 -29.28 25.20
CA ASN C 208 -23.11 -28.71 26.30
C ASN C 208 -22.69 -29.86 27.20
N ILE C 209 -21.38 -30.06 27.33
CA ILE C 209 -20.83 -31.16 28.11
C ILE C 209 -20.21 -30.61 29.40
N THR C 210 -20.56 -31.23 30.52
CA THR C 210 -20.11 -30.79 31.84
C THR C 210 -19.54 -31.91 32.70
N ARG C 211 -20.11 -33.11 32.68
CA ARG C 211 -19.78 -34.14 33.65
C ARG C 211 -19.58 -35.48 32.95
N PHE C 212 -18.94 -36.40 33.68
CA PHE C 212 -18.77 -37.77 33.21
C PHE C 212 -18.63 -38.69 34.41
N GLN C 213 -18.79 -39.99 34.14
CA GLN C 213 -18.56 -41.02 35.15
C GLN C 213 -18.17 -42.30 34.44
N THR C 214 -17.54 -43.21 35.18
CA THR C 214 -17.08 -44.48 34.65
C THR C 214 -17.84 -45.63 35.30
N LEU C 215 -18.48 -46.44 34.46
CA LEU C 215 -19.26 -47.58 34.94
C LEU C 215 -18.35 -48.74 35.33
N GLY C 235 -11.03 -53.05 46.45
CA GLY C 235 -11.20 -54.34 45.81
C GLY C 235 -11.69 -54.23 44.39
N ALA C 236 -11.11 -53.30 43.63
CA ALA C 236 -11.49 -53.08 42.24
C ALA C 236 -10.26 -52.60 41.48
N ALA C 237 -10.48 -52.04 40.29
CA ALA C 237 -9.41 -51.52 39.47
C ALA C 237 -9.18 -50.04 39.82
N ALA C 238 -8.32 -49.36 39.07
CA ALA C 238 -8.00 -47.98 39.34
C ALA C 238 -7.93 -47.21 38.02
N TYR C 239 -8.22 -45.91 38.08
CA TYR C 239 -8.21 -45.09 36.88
C TYR C 239 -7.63 -43.71 37.19
N TYR C 240 -7.16 -43.05 36.13
CA TYR C 240 -6.51 -41.74 36.23
C TYR C 240 -7.31 -40.72 35.43
N VAL C 241 -7.36 -39.48 35.93
CA VAL C 241 -8.08 -38.38 35.29
C VAL C 241 -7.12 -37.22 35.11
N GLY C 242 -6.96 -36.76 33.86
CA GLY C 242 -6.19 -35.57 33.57
C GLY C 242 -7.05 -34.50 32.94
N TYR C 243 -6.56 -33.26 32.99
CA TYR C 243 -7.29 -32.10 32.49
C TYR C 243 -6.50 -31.44 31.36
N LEU C 244 -7.21 -30.81 30.44
CA LEU C 244 -6.58 -30.21 29.27
C LEU C 244 -6.61 -28.69 29.34
N GLN C 245 -5.48 -28.07 28.99
CA GLN C 245 -5.29 -26.63 28.98
C GLN C 245 -4.84 -26.16 27.61
N PRO C 246 -5.24 -24.94 27.18
CA PRO C 246 -4.77 -24.41 25.88
C PRO C 246 -3.31 -23.93 25.91
N ARG C 247 -2.39 -24.87 25.71
CA ARG C 247 -0.98 -24.54 25.62
C ARG C 247 -0.39 -25.05 24.31
N THR C 248 0.69 -24.40 23.88
CA THR C 248 1.35 -24.70 22.62
C THR C 248 2.29 -25.89 22.78
N PHE C 249 2.25 -26.80 21.81
CA PHE C 249 3.11 -27.98 21.80
C PHE C 249 3.95 -28.01 20.53
N LEU C 250 5.12 -28.62 20.63
CA LEU C 250 5.98 -28.90 19.48
C LEU C 250 6.07 -30.42 19.32
N LEU C 251 5.74 -30.92 18.14
CA LEU C 251 5.58 -32.35 17.91
C LEU C 251 6.61 -32.85 16.91
N LYS C 252 7.22 -34.00 17.22
CA LYS C 252 8.17 -34.66 16.32
C LYS C 252 7.47 -35.79 15.58
N TYR C 253 7.19 -35.58 14.31
CA TYR C 253 6.69 -36.64 13.44
C TYR C 253 7.88 -37.39 12.87
N ASN C 254 7.87 -38.72 13.03
CA ASN C 254 8.99 -39.55 12.62
C ASN C 254 8.81 -39.90 11.14
N GLU C 255 9.76 -40.66 10.59
CA GLU C 255 9.77 -41.01 9.18
C GLU C 255 8.67 -42.00 8.79
N ASN C 256 8.20 -42.82 9.73
CA ASN C 256 7.14 -43.78 9.43
C ASN C 256 5.77 -43.29 9.86
N GLY C 257 5.65 -42.04 10.30
CA GLY C 257 4.35 -41.43 10.55
C GLY C 257 3.91 -41.37 11.99
N THR C 258 4.72 -41.83 12.93
CA THR C 258 4.35 -41.85 14.35
C THR C 258 4.97 -40.66 15.05
N ILE C 259 4.31 -40.20 16.12
CA ILE C 259 4.82 -39.10 16.92
C ILE C 259 5.69 -39.65 18.03
N THR C 260 7.02 -39.59 17.84
CA THR C 260 7.94 -40.22 18.78
C THR C 260 8.11 -39.40 20.05
N ASP C 261 8.22 -38.08 19.92
CA ASP C 261 8.48 -37.23 21.08
C ASP C 261 7.77 -35.90 20.91
N ALA C 262 7.54 -35.22 22.03
CA ALA C 262 6.96 -33.89 22.04
C ALA C 262 7.40 -33.16 23.31
N VAL C 263 7.34 -31.83 23.25
CA VAL C 263 7.62 -30.98 24.40
C VAL C 263 6.43 -30.05 24.62
N ASP C 264 6.34 -29.50 25.83
CA ASP C 264 5.34 -28.50 26.19
C ASP C 264 6.06 -27.17 26.36
N CYS C 265 5.69 -26.18 25.52
CA CYS C 265 6.50 -24.97 25.36
C CYS C 265 6.44 -24.06 26.57
N ALA C 266 5.33 -24.05 27.30
CA ALA C 266 5.17 -23.15 28.44
C ALA C 266 5.60 -23.76 29.76
N LEU C 267 6.16 -24.97 29.74
CA LEU C 267 6.52 -25.65 30.98
C LEU C 267 7.85 -25.12 31.53
N ASP C 268 8.85 -24.94 30.67
CA ASP C 268 10.21 -24.69 31.10
C ASP C 268 10.78 -23.59 30.21
N PRO C 269 11.71 -22.78 30.71
CA PRO C 269 12.54 -21.95 29.82
C PRO C 269 13.38 -22.73 28.81
N LEU C 270 13.85 -23.93 29.20
CA LEU C 270 14.51 -24.82 28.25
C LEU C 270 13.57 -25.25 27.14
N SER C 271 12.32 -25.56 27.49
CA SER C 271 11.33 -25.90 26.49
C SER C 271 10.88 -24.68 25.70
N GLU C 272 11.00 -23.47 26.27
CA GLU C 272 10.79 -22.24 25.52
C GLU C 272 11.86 -22.06 24.45
N THR C 273 13.12 -22.41 24.77
CA THR C 273 14.18 -22.37 23.78
C THR C 273 13.99 -23.46 22.71
N LYS C 274 13.53 -24.63 23.12
CA LYS C 274 13.24 -25.71 22.17
C LYS C 274 12.06 -25.36 21.26
N CYS C 275 11.11 -24.60 21.77
CA CYS C 275 9.91 -24.29 21.01
C CYS C 275 10.13 -23.08 20.11
N THR C 276 10.95 -22.13 20.57
CA THR C 276 11.29 -20.97 19.74
C THR C 276 12.29 -21.35 18.65
N LEU C 277 13.32 -22.13 19.00
CA LEU C 277 14.34 -22.56 18.06
C LEU C 277 13.86 -23.68 17.14
N LYS C 278 12.73 -24.31 17.48
CA LYS C 278 12.02 -25.34 16.68
C LYS C 278 12.89 -26.57 16.45
N SER C 279 13.54 -27.02 17.53
CA SER C 279 14.30 -28.27 17.52
C SER C 279 14.33 -28.80 18.95
N PHE C 280 14.62 -30.09 19.08
CA PHE C 280 14.73 -30.71 20.41
C PHE C 280 16.15 -30.71 20.94
N THR C 281 17.09 -30.08 20.25
CA THR C 281 18.46 -29.98 20.73
C THR C 281 18.95 -28.56 20.51
N VAL C 282 19.28 -27.87 21.60
CA VAL C 282 19.86 -26.54 21.54
C VAL C 282 21.32 -26.64 21.98
N GLU C 283 22.14 -25.70 21.55
CA GLU C 283 23.54 -25.71 21.91
C GLU C 283 23.79 -24.77 23.09
N LYS C 284 25.06 -24.67 23.48
CA LYS C 284 25.46 -23.69 24.48
C LYS C 284 25.42 -22.29 23.89
N GLY C 285 24.98 -21.33 24.70
CA GLY C 285 24.89 -19.96 24.23
C GLY C 285 23.71 -19.25 24.87
N ILE C 286 23.37 -18.12 24.27
CA ILE C 286 22.31 -17.23 24.76
C ILE C 286 21.21 -17.16 23.72
N TYR C 287 19.95 -17.21 24.18
CA TYR C 287 18.78 -17.16 23.32
C TYR C 287 17.71 -16.31 23.96
N GLN C 288 16.93 -15.62 23.13
CA GLN C 288 15.77 -14.85 23.58
C GLN C 288 14.51 -15.55 23.10
N THR C 289 13.57 -15.77 24.02
CA THR C 289 12.34 -16.51 23.71
C THR C 289 11.08 -15.65 23.72
N SER C 290 10.83 -14.91 24.80
CA SER C 290 9.60 -14.14 24.93
C SER C 290 9.92 -12.87 25.70
N ASN C 291 8.86 -12.21 26.20
CA ASN C 291 9.00 -10.94 26.90
C ASN C 291 8.21 -11.00 28.20
N PHE C 292 8.83 -10.55 29.28
CA PHE C 292 8.17 -10.51 30.59
C PHE C 292 7.52 -9.15 30.80
N ARG C 293 6.20 -9.15 30.93
CA ARG C 293 5.45 -7.95 31.27
C ARG C 293 4.56 -8.24 32.48
N VAL C 294 4.42 -7.26 33.37
CA VAL C 294 3.52 -7.41 34.50
C VAL C 294 2.13 -6.93 34.10
N GLN C 295 1.10 -7.70 34.48
CA GLN C 295 -0.30 -7.50 34.18
C GLN C 295 -0.92 -6.49 35.15
N PRO C 296 -1.94 -5.75 34.73
CA PRO C 296 -2.67 -4.90 35.67
C PRO C 296 -3.50 -5.72 36.64
N THR C 297 -3.73 -5.14 37.82
CA THR C 297 -4.43 -5.82 38.91
C THR C 297 -5.93 -5.51 38.95
N GLU C 298 -6.31 -4.23 38.93
CA GLU C 298 -7.72 -3.88 38.79
C GLU C 298 -7.82 -2.64 37.91
N SER C 299 -9.01 -2.44 37.36
CA SER C 299 -9.29 -1.31 36.49
C SER C 299 -9.96 -0.19 37.26
N ILE C 300 -9.56 1.05 36.97
CA ILE C 300 -10.14 2.24 37.59
C ILE C 300 -10.73 3.12 36.50
N VAL C 301 -11.89 3.71 36.78
CA VAL C 301 -12.57 4.63 35.87
C VAL C 301 -12.85 5.90 36.65
N ARG C 302 -12.34 7.03 36.16
CA ARG C 302 -12.55 8.32 36.80
C ARG C 302 -13.32 9.25 35.85
N PHE C 303 -14.52 9.62 36.27
CA PHE C 303 -15.38 10.59 35.60
C PHE C 303 -15.64 11.70 36.62
N PRO C 304 -15.93 12.92 36.15
CA PRO C 304 -16.25 14.00 37.10
C PRO C 304 -17.61 13.82 37.76
N ASN C 305 -17.88 14.64 38.79
CA ASN C 305 -19.16 14.63 39.47
C ASN C 305 -20.29 15.07 38.55
N ILE C 306 -20.29 16.35 38.13
CA ILE C 306 -21.29 17.04 37.30
C ILE C 306 -22.71 16.81 37.79
N THR C 307 -23.21 17.72 38.64
CA THR C 307 -24.51 17.50 39.29
C THR C 307 -25.69 17.92 38.41
N ASN C 308 -25.76 17.38 37.19
CA ASN C 308 -26.85 17.63 36.25
C ASN C 308 -26.87 16.51 35.22
N LEU C 309 -28.07 16.12 34.81
CA LEU C 309 -28.22 15.27 33.62
C LEU C 309 -28.17 16.15 32.38
N CYS C 310 -27.64 15.59 31.28
CA CYS C 310 -27.57 16.30 30.00
C CYS C 310 -28.96 16.49 29.41
N PRO C 311 -29.36 17.74 29.13
CA PRO C 311 -30.71 17.98 28.61
C PRO C 311 -30.90 17.57 27.15
N PHE C 312 -31.10 16.28 26.90
CA PHE C 312 -31.54 15.82 25.58
C PHE C 312 -33.05 15.97 25.40
N GLY C 313 -33.77 16.31 26.45
CA GLY C 313 -35.22 16.46 26.38
C GLY C 313 -35.67 17.72 25.68
N GLU C 314 -34.77 18.71 25.58
CA GLU C 314 -35.07 19.92 24.84
C GLU C 314 -34.61 19.85 23.39
N VAL C 315 -34.01 18.75 22.97
CA VAL C 315 -33.66 18.56 21.56
C VAL C 315 -34.33 17.31 20.96
N PHE C 316 -34.73 16.32 21.76
CA PHE C 316 -35.47 15.17 21.27
C PHE C 316 -36.97 15.36 21.45
N ASN C 317 -37.42 15.64 22.67
CA ASN C 317 -38.83 15.92 22.95
C ASN C 317 -39.08 17.43 22.76
N ALA C 318 -39.01 17.87 21.50
CA ALA C 318 -39.24 19.25 21.14
C ALA C 318 -40.41 19.34 20.19
N THR C 319 -41.34 20.25 20.51
CA THR C 319 -42.57 20.43 19.74
C THR C 319 -42.31 21.03 18.36
N ARG C 320 -41.33 21.94 18.26
CA ARG C 320 -41.01 22.62 17.01
C ARG C 320 -39.61 22.21 16.59
N PHE C 321 -39.53 21.16 15.77
CA PHE C 321 -38.28 20.87 15.08
C PHE C 321 -38.07 21.88 13.96
N ALA C 322 -36.81 22.17 13.66
CA ALA C 322 -36.51 23.22 12.71
C ALA C 322 -36.56 22.68 11.27
N SER C 323 -36.24 23.57 10.34
CA SER C 323 -36.17 23.25 8.93
C SER C 323 -34.72 23.06 8.50
N VAL C 324 -34.54 22.71 7.22
CA VAL C 324 -33.23 22.25 6.76
C VAL C 324 -32.40 23.43 6.23
N TYR C 325 -33.06 24.52 5.85
CA TYR C 325 -32.29 25.72 5.51
C TYR C 325 -31.89 26.48 6.77
N ALA C 326 -32.66 26.31 7.84
CA ALA C 326 -32.43 27.00 9.10
C ALA C 326 -32.39 26.00 10.24
N TRP C 327 -31.60 24.93 10.07
CA TRP C 327 -31.48 23.84 11.04
C TRP C 327 -30.94 24.32 12.38
N ASN C 328 -31.67 23.99 13.45
CA ASN C 328 -31.35 24.46 14.78
C ASN C 328 -30.18 23.66 15.33
N ARG C 329 -29.12 24.36 15.71
CA ARG C 329 -27.93 23.75 16.28
C ARG C 329 -27.82 24.14 17.75
N LYS C 330 -27.82 23.14 18.61
CA LYS C 330 -27.69 23.35 20.05
C LYS C 330 -26.52 22.52 20.56
N ARG C 331 -25.55 23.18 21.17
CA ARG C 331 -24.40 22.51 21.76
C ARG C 331 -24.79 22.05 23.16
N ILE C 332 -24.56 20.78 23.46
CA ILE C 332 -24.82 20.25 24.79
C ILE C 332 -23.48 19.81 25.40
N SER C 333 -23.21 20.28 26.62
CA SER C 333 -21.90 20.09 27.23
C SER C 333 -22.03 20.22 28.74
N ASN C 334 -20.93 19.84 29.42
CA ASN C 334 -20.69 20.01 30.87
C ASN C 334 -21.72 19.29 31.73
N CYS C 335 -21.97 18.03 31.39
CA CYS C 335 -22.96 17.22 32.10
C CYS C 335 -22.63 15.75 31.91
N VAL C 336 -23.44 14.91 32.55
CA VAL C 336 -23.34 13.45 32.42
C VAL C 336 -24.49 12.98 31.53
N ALA C 337 -24.15 12.31 30.43
CA ALA C 337 -25.13 11.91 29.44
C ALA C 337 -25.51 10.45 29.59
N ASP C 338 -26.73 10.11 29.20
CA ASP C 338 -27.25 8.75 29.20
C ASP C 338 -27.65 8.39 27.77
N TYR C 339 -26.84 7.58 27.11
CA TYR C 339 -27.15 7.13 25.75
C TYR C 339 -27.95 5.83 25.74
N SER C 340 -28.19 5.24 26.91
CA SER C 340 -28.94 3.99 26.98
C SER C 340 -30.42 4.21 26.69
N VAL C 341 -30.94 5.39 27.03
CA VAL C 341 -32.33 5.72 26.74
C VAL C 341 -32.48 6.03 25.25
N LEU C 342 -31.40 6.48 24.61
CA LEU C 342 -31.39 6.68 23.16
C LEU C 342 -31.32 5.35 22.43
N TYR C 343 -30.50 4.43 22.93
CA TYR C 343 -30.31 3.16 22.25
C TYR C 343 -31.49 2.21 22.47
N ASN C 344 -32.09 2.25 23.66
CA ASN C 344 -33.17 1.33 23.98
C ASN C 344 -34.53 1.80 23.50
N SER C 345 -34.63 2.98 22.92
CA SER C 345 -35.89 3.50 22.38
C SER C 345 -36.13 2.89 21.00
N ALA C 346 -37.23 2.16 20.87
CA ALA C 346 -37.56 1.46 19.63
C ALA C 346 -38.40 2.30 18.69
N SER C 347 -38.63 3.58 19.00
CA SER C 347 -39.37 4.45 18.08
C SER C 347 -38.53 4.81 16.86
N PHE C 348 -37.20 4.85 17.02
CA PHE C 348 -36.33 5.08 15.89
C PHE C 348 -36.11 3.79 15.10
N SER C 349 -35.77 3.94 13.82
CA SER C 349 -35.39 2.78 13.02
C SER C 349 -34.09 3.02 12.26
N THR C 350 -33.42 4.15 12.47
CA THR C 350 -32.28 4.58 11.66
C THR C 350 -31.16 5.19 12.50
N PHE C 351 -30.75 4.45 13.56
CA PHE C 351 -29.72 4.89 14.51
C PHE C 351 -28.38 5.18 13.83
N LYS C 352 -27.84 4.20 13.09
CA LYS C 352 -27.03 4.33 11.86
C LYS C 352 -25.80 5.22 12.10
N CYS C 353 -24.90 4.73 12.96
CA CYS C 353 -23.87 5.56 13.55
C CYS C 353 -22.48 5.12 13.08
N TYR C 354 -21.85 5.94 12.25
CA TYR C 354 -20.44 5.78 11.92
C TYR C 354 -19.57 6.62 12.85
N GLY C 355 -18.27 6.36 12.82
CA GLY C 355 -17.33 7.01 13.71
C GLY C 355 -17.13 6.15 14.95
N VAL C 356 -17.82 6.49 16.03
CA VAL C 356 -17.84 5.65 17.22
C VAL C 356 -18.93 4.61 16.97
N SER C 357 -18.66 3.34 17.33
CA SER C 357 -19.58 2.23 17.14
C SER C 357 -20.80 2.39 18.03
N PRO C 358 -21.99 1.88 17.62
CA PRO C 358 -23.21 2.06 18.44
C PRO C 358 -23.23 1.39 19.81
N THR C 359 -22.75 0.15 19.91
CA THR C 359 -22.94 -0.63 21.13
C THR C 359 -22.04 -0.19 22.29
N LYS C 360 -20.88 0.39 21.99
CA LYS C 360 -20.06 0.98 23.04
C LYS C 360 -19.96 2.50 22.87
N LEU C 361 -20.91 3.20 23.48
CA LEU C 361 -21.06 4.64 23.34
C LEU C 361 -21.07 5.41 24.66
N ASN C 362 -21.56 4.82 25.74
CA ASN C 362 -21.58 5.50 27.03
C ASN C 362 -20.21 5.55 27.69
N ASP C 363 -19.32 4.63 27.36
CA ASP C 363 -18.04 4.48 28.05
C ASP C 363 -17.02 5.58 27.74
N LEU C 364 -17.03 6.13 26.53
CA LEU C 364 -16.16 7.28 26.25
C LEU C 364 -16.76 8.56 26.84
N CYS C 365 -15.87 9.49 27.19
CA CYS C 365 -16.29 10.82 27.64
C CYS C 365 -15.99 11.82 26.53
N PHE C 366 -17.05 12.27 25.87
CA PHE C 366 -16.92 13.18 24.75
C PHE C 366 -16.72 14.61 25.23
N THR C 367 -16.25 15.47 24.32
CA THR C 367 -15.96 16.85 24.71
C THR C 367 -17.04 17.81 24.22
N ASN C 368 -17.31 17.84 22.93
CA ASN C 368 -18.34 18.70 22.36
C ASN C 368 -19.33 17.86 21.54
N VAL C 369 -20.60 17.97 21.90
CA VAL C 369 -21.66 17.25 21.21
C VAL C 369 -22.52 18.28 20.48
N TYR C 370 -22.65 18.13 19.17
CA TYR C 370 -23.33 19.12 18.33
C TYR C 370 -24.68 18.53 17.93
N ALA C 371 -25.70 18.81 18.74
CA ALA C 371 -27.04 18.27 18.54
C ALA C 371 -27.81 19.16 17.56
N ASP C 372 -27.66 18.88 16.27
CA ASP C 372 -28.41 19.59 15.25
C ASP C 372 -29.76 18.92 15.03
N SER C 373 -30.71 19.67 14.45
CA SER C 373 -32.06 19.14 14.28
C SER C 373 -32.74 19.83 13.10
N PHE C 374 -33.34 19.02 12.22
CA PHE C 374 -34.09 19.51 11.05
C PHE C 374 -35.08 18.43 10.61
N VAL C 375 -35.91 18.77 9.62
CA VAL C 375 -36.95 17.92 9.06
C VAL C 375 -36.76 17.87 7.56
N ILE C 376 -36.78 16.67 6.95
CA ILE C 376 -36.52 16.52 5.52
C ILE C 376 -37.57 15.65 4.83
N ARG C 377 -37.46 15.62 3.50
CA ARG C 377 -38.21 14.75 2.60
C ARG C 377 -37.84 13.28 2.85
N GLY C 378 -38.81 12.39 2.61
CA GLY C 378 -38.83 11.00 3.05
C GLY C 378 -37.72 10.10 2.54
N ASP C 379 -37.35 10.18 1.26
CA ASP C 379 -36.29 9.33 0.75
C ASP C 379 -34.92 9.99 0.74
N GLU C 380 -34.68 10.98 1.60
CA GLU C 380 -33.38 11.64 1.69
C GLU C 380 -32.56 11.15 2.86
N VAL C 381 -32.75 9.89 3.27
CA VAL C 381 -31.97 9.28 4.34
C VAL C 381 -30.53 9.05 3.88
N ARG C 382 -30.34 8.73 2.60
CA ARG C 382 -29.02 8.40 2.08
C ARG C 382 -28.14 9.64 1.94
N GLN C 383 -28.73 10.82 1.75
CA GLN C 383 -27.93 12.02 1.53
C GLN C 383 -27.36 12.59 2.83
N ILE C 384 -27.93 12.25 3.98
CA ILE C 384 -27.28 12.56 5.26
C ILE C 384 -26.39 11.39 5.67
N ALA C 385 -25.17 11.39 5.12
CA ALA C 385 -24.19 10.34 5.22
C ALA C 385 -22.91 10.99 4.71
N PRO C 386 -21.71 10.62 5.21
CA PRO C 386 -20.49 11.24 4.67
C PRO C 386 -20.13 10.71 3.29
N GLY C 387 -20.36 11.53 2.27
CA GLY C 387 -19.95 11.18 0.92
C GLY C 387 -21.04 11.14 -0.12
N GLN C 388 -22.23 10.66 0.24
CA GLN C 388 -23.33 10.59 -0.71
C GLN C 388 -23.90 12.00 -0.92
N THR C 389 -24.01 12.39 -2.19
CA THR C 389 -24.33 13.76 -2.54
C THR C 389 -25.66 13.82 -3.28
N GLY C 390 -26.33 14.97 -3.18
CA GLY C 390 -27.60 15.18 -3.82
C GLY C 390 -28.21 16.52 -3.46
N ASN C 391 -29.54 16.56 -3.29
CA ASN C 391 -30.24 17.82 -3.05
C ASN C 391 -29.99 18.31 -1.62
N ILE C 392 -30.33 17.49 -0.63
CA ILE C 392 -30.17 17.84 0.77
C ILE C 392 -28.69 17.91 1.15
N ALA C 393 -27.87 17.04 0.55
CA ALA C 393 -26.45 17.01 0.85
C ALA C 393 -25.72 18.19 0.24
N ASP C 394 -26.04 18.53 -1.02
CA ASP C 394 -25.26 19.54 -1.71
C ASP C 394 -25.78 20.95 -1.43
N TYR C 395 -27.08 21.10 -1.24
CA TYR C 395 -27.63 22.46 -1.21
C TYR C 395 -28.39 22.79 0.06
N ASN C 396 -28.53 21.85 0.97
CA ASN C 396 -29.24 22.15 2.22
C ASN C 396 -28.35 21.97 3.45
N TYR C 397 -27.73 20.80 3.58
CA TYR C 397 -26.89 20.50 4.74
C TYR C 397 -25.83 19.50 4.31
N LYS C 398 -24.57 19.94 4.32
CA LYS C 398 -23.45 19.11 3.93
C LYS C 398 -22.77 18.57 5.18
N LEU C 399 -22.64 17.26 5.25
CA LEU C 399 -22.01 16.61 6.39
C LEU C 399 -20.53 16.42 6.05
N PRO C 400 -19.62 16.52 7.03
CA PRO C 400 -18.18 16.36 6.73
C PRO C 400 -17.81 14.94 6.31
N ASP C 401 -16.69 14.83 5.60
CA ASP C 401 -16.29 13.53 5.05
C ASP C 401 -15.63 12.65 6.10
N ASP C 402 -15.18 13.26 7.21
CA ASP C 402 -14.60 12.51 8.31
C ASP C 402 -15.51 12.58 9.53
N PHE C 403 -16.80 12.33 9.30
CA PHE C 403 -17.83 12.58 10.30
C PHE C 403 -17.78 11.51 11.38
N THR C 404 -17.87 11.94 12.64
CA THR C 404 -17.93 11.05 13.79
C THR C 404 -19.22 11.34 14.55
N GLY C 405 -20.27 10.58 14.27
CA GLY C 405 -21.51 10.78 15.00
C GLY C 405 -22.64 9.93 14.46
N CYS C 406 -23.79 10.05 15.14
CA CYS C 406 -24.96 9.23 14.90
C CYS C 406 -26.03 10.06 14.18
N VAL C 407 -26.85 9.37 13.38
CA VAL C 407 -27.69 10.00 12.34
C VAL C 407 -29.13 9.69 12.79
N ILE C 408 -29.39 9.91 14.09
CA ILE C 408 -30.66 9.63 14.77
C ILE C 408 -31.85 10.37 14.14
N ALA C 409 -32.93 9.64 13.82
CA ALA C 409 -34.15 10.23 13.26
C ALA C 409 -35.41 9.42 13.53
N TRP C 410 -36.58 10.08 13.50
CA TRP C 410 -37.88 9.42 13.54
C TRP C 410 -38.53 9.37 12.17
N ASN C 411 -39.32 8.32 11.95
CA ASN C 411 -40.28 8.28 10.85
C ASN C 411 -41.59 8.85 11.41
N SER C 412 -41.62 10.16 11.63
CA SER C 412 -42.78 10.83 12.18
C SER C 412 -43.68 11.27 11.03
N ASN C 413 -44.87 10.67 10.95
CA ASN C 413 -45.86 11.05 9.95
C ASN C 413 -46.99 11.86 10.57
N ASN C 414 -47.27 11.64 11.86
CA ASN C 414 -48.36 12.33 12.53
C ASN C 414 -48.00 13.76 12.92
N LEU C 415 -46.73 14.00 13.21
CA LEU C 415 -46.32 15.27 13.83
C LEU C 415 -46.32 16.43 12.85
N ASP C 416 -45.85 16.19 11.62
CA ASP C 416 -45.59 17.28 10.68
C ASP C 416 -46.38 17.20 9.38
N SER C 417 -47.56 16.57 9.39
CA SER C 417 -48.39 16.47 8.19
C SER C 417 -49.75 17.13 8.45
N LYS C 418 -50.22 17.88 7.47
CA LYS C 418 -51.53 18.51 7.50
C LYS C 418 -52.35 18.04 6.30
N VAL C 419 -53.62 17.72 6.56
CA VAL C 419 -54.53 17.43 5.45
C VAL C 419 -54.84 18.76 4.77
N GLY C 420 -54.20 19.00 3.64
CA GLY C 420 -54.18 20.32 3.02
C GLY C 420 -52.75 20.76 2.80
N GLY C 421 -51.85 20.38 3.71
CA GLY C 421 -50.43 20.63 3.53
C GLY C 421 -49.79 21.55 4.54
N ASN C 422 -48.75 21.05 5.23
CA ASN C 422 -47.90 21.88 6.07
C ASN C 422 -46.83 22.51 5.19
N TYR C 423 -47.13 23.70 4.66
CA TYR C 423 -46.28 24.34 3.67
C TYR C 423 -45.13 25.13 4.28
N ASN C 424 -45.09 25.27 5.60
CA ASN C 424 -44.08 26.12 6.22
C ASN C 424 -42.72 25.43 6.33
N TYR C 425 -42.69 24.10 6.32
CA TYR C 425 -41.44 23.36 6.20
C TYR C 425 -40.94 23.48 4.75
N LEU C 426 -39.68 23.86 4.59
CA LEU C 426 -39.22 24.48 3.35
C LEU C 426 -37.81 23.99 3.01
N TYR C 427 -37.50 23.85 1.71
CA TYR C 427 -36.18 23.35 1.32
C TYR C 427 -35.57 24.27 0.29
N ARG C 428 -34.24 24.33 0.27
CA ARG C 428 -33.50 25.01 -0.78
C ARG C 428 -32.94 24.00 -1.77
N LEU C 429 -33.26 24.19 -3.05
CA LEU C 429 -32.80 23.24 -4.07
C LEU C 429 -31.91 23.93 -5.10
N PHE C 430 -32.24 25.16 -5.47
CA PHE C 430 -31.40 25.93 -6.39
C PHE C 430 -30.45 26.83 -5.61
N ARG C 431 -29.14 26.60 -5.80
CA ARG C 431 -28.09 27.32 -5.10
C ARG C 431 -26.85 27.21 -5.95
N LYS C 432 -26.13 28.33 -6.12
CA LYS C 432 -25.03 28.44 -7.08
C LYS C 432 -23.69 27.98 -6.50
N SER C 433 -23.71 27.32 -5.34
CA SER C 433 -22.46 26.86 -4.73
C SER C 433 -22.67 25.55 -3.99
N ASN C 434 -21.71 24.63 -4.09
CA ASN C 434 -21.73 23.43 -3.27
C ASN C 434 -21.43 23.81 -1.82
N LEU C 435 -22.23 23.30 -0.89
CA LEU C 435 -22.22 23.82 0.48
C LEU C 435 -21.03 23.28 1.26
N LYS C 436 -20.35 24.18 1.96
CA LYS C 436 -19.33 23.79 2.91
C LYS C 436 -19.99 23.18 4.15
N PRO C 437 -19.29 22.24 4.83
CA PRO C 437 -19.88 21.60 6.03
C PRO C 437 -20.12 22.51 7.22
N PHE C 438 -21.27 22.29 7.89
CA PHE C 438 -21.70 22.93 9.13
C PHE C 438 -21.80 24.45 9.01
N GLU C 439 -22.72 24.88 8.14
CA GLU C 439 -23.10 26.28 8.05
C GLU C 439 -24.56 26.38 7.63
N ARG C 440 -25.18 27.51 7.95
CA ARG C 440 -26.61 27.72 7.74
C ARG C 440 -26.80 28.81 6.69
N ASP C 441 -27.45 28.45 5.58
CA ASP C 441 -27.76 29.39 4.50
C ASP C 441 -29.23 29.84 4.61
N ILE C 442 -29.42 30.86 5.44
CA ILE C 442 -30.76 31.36 5.76
C ILE C 442 -31.20 32.47 4.80
N SER C 443 -30.32 32.91 3.90
CA SER C 443 -30.60 34.03 3.01
C SER C 443 -31.61 33.63 1.94
N THR C 444 -32.40 34.63 1.50
CA THR C 444 -33.49 34.40 0.56
C THR C 444 -33.24 35.09 -0.78
N GLU C 445 -32.00 35.11 -1.25
CA GLU C 445 -31.70 35.67 -2.56
C GLU C 445 -32.15 34.70 -3.65
N ILE C 446 -32.90 35.23 -4.63
CA ILE C 446 -33.48 34.42 -5.70
C ILE C 446 -32.39 33.93 -6.64
N TYR C 447 -32.61 32.74 -7.22
CA TYR C 447 -31.59 32.09 -8.03
C TYR C 447 -31.74 32.50 -9.48
N GLN C 448 -30.62 32.85 -10.11
CA GLN C 448 -30.60 33.23 -11.51
C GLN C 448 -30.02 32.08 -12.34
N ALA C 449 -30.75 31.68 -13.38
CA ALA C 449 -30.33 30.53 -14.16
C ALA C 449 -29.87 30.88 -15.57
N GLY C 450 -30.79 31.36 -16.42
CA GLY C 450 -30.46 31.46 -17.83
C GLY C 450 -29.54 32.56 -18.31
N SER C 451 -30.08 33.78 -18.50
CA SER C 451 -29.23 34.86 -19.00
C SER C 451 -29.28 36.14 -18.18
N THR C 452 -30.48 36.72 -18.05
CA THR C 452 -30.62 38.12 -17.65
C THR C 452 -31.03 38.25 -16.19
N PRO C 453 -30.26 38.98 -15.36
CA PRO C 453 -30.58 39.08 -13.93
C PRO C 453 -31.79 39.97 -13.66
N CYS C 454 -32.82 39.35 -13.07
CA CYS C 454 -34.05 40.06 -12.73
C CYS C 454 -33.85 40.98 -11.52
N ASN C 455 -33.17 40.45 -10.49
CA ASN C 455 -32.79 41.11 -9.24
C ASN C 455 -33.97 41.69 -8.47
N GLY C 456 -34.89 40.83 -8.04
CA GLY C 456 -36.00 41.22 -7.20
C GLY C 456 -37.36 40.71 -7.62
N VAL C 457 -37.51 40.28 -8.88
CA VAL C 457 -38.78 39.79 -9.40
C VAL C 457 -38.63 38.32 -9.76
N LYS C 458 -39.49 37.49 -9.20
CA LYS C 458 -39.55 36.08 -9.55
C LYS C 458 -40.29 35.94 -10.88
N GLY C 459 -39.64 35.29 -11.85
CA GLY C 459 -40.14 35.34 -13.21
C GLY C 459 -39.28 34.64 -14.25
N PHE C 460 -38.97 35.39 -15.31
CA PHE C 460 -38.29 34.86 -16.50
C PHE C 460 -36.84 34.48 -16.16
N ASN C 461 -36.58 33.17 -16.15
CA ASN C 461 -35.32 32.54 -15.71
C ASN C 461 -34.93 32.96 -14.29
N CYS C 462 -35.94 33.06 -13.41
CA CYS C 462 -35.72 33.53 -12.06
C CYS C 462 -36.65 32.73 -11.15
N TYR C 463 -36.10 31.73 -10.48
CA TYR C 463 -36.87 30.83 -9.63
C TYR C 463 -36.54 31.07 -8.18
N PHE C 464 -37.55 31.00 -7.32
CA PHE C 464 -37.35 31.17 -5.89
C PHE C 464 -36.71 29.91 -5.34
N PRO C 465 -35.59 30.03 -4.57
CA PRO C 465 -34.86 28.83 -4.15
C PRO C 465 -35.57 28.03 -3.07
N LEU C 466 -36.36 28.72 -2.26
CA LEU C 466 -37.05 28.08 -1.14
C LEU C 466 -38.42 27.56 -1.55
N GLN C 467 -38.47 26.30 -1.99
CA GLN C 467 -39.69 25.61 -2.34
C GLN C 467 -40.09 24.72 -1.17
N SER C 468 -41.37 24.40 -1.05
CA SER C 468 -41.88 23.78 0.16
C SER C 468 -42.02 22.27 0.06
N TYR C 469 -42.02 21.61 1.22
CA TYR C 469 -42.40 20.20 1.32
C TYR C 469 -43.89 20.01 1.02
N GLY C 470 -44.75 20.58 1.85
CA GLY C 470 -46.19 20.41 1.71
C GLY C 470 -46.66 19.00 2.02
N PHE C 471 -46.56 18.59 3.29
CA PHE C 471 -46.83 17.23 3.70
C PHE C 471 -48.32 17.00 3.88
N GLN C 472 -48.83 15.96 3.24
CA GLN C 472 -50.15 15.39 3.51
C GLN C 472 -50.01 14.00 4.12
N PRO C 473 -50.91 13.61 5.02
CA PRO C 473 -50.85 12.25 5.60
C PRO C 473 -51.29 11.14 4.65
N THR C 474 -51.85 11.46 3.48
CA THR C 474 -52.19 10.47 2.46
C THR C 474 -50.98 10.02 1.65
N TYR C 475 -49.83 10.68 1.81
CA TYR C 475 -48.60 10.33 1.13
C TYR C 475 -47.99 9.02 1.62
N GLY C 476 -47.09 8.45 0.84
CA GLY C 476 -46.40 7.24 1.25
C GLY C 476 -45.23 7.53 2.15
N VAL C 477 -44.52 6.46 2.53
CA VAL C 477 -43.45 6.51 3.53
C VAL C 477 -42.19 7.14 2.95
N GLY C 478 -42.06 7.15 1.62
CA GLY C 478 -40.96 7.83 0.97
C GLY C 478 -41.24 9.30 0.74
N TYR C 479 -42.44 9.74 1.08
CA TYR C 479 -42.85 11.14 0.98
C TYR C 479 -43.15 11.74 2.35
N GLN C 480 -43.10 10.93 3.41
CA GLN C 480 -43.46 11.32 4.77
C GLN C 480 -42.40 12.23 5.38
N PRO C 481 -42.76 12.99 6.43
CA PRO C 481 -41.73 13.73 7.18
C PRO C 481 -40.77 12.80 7.93
N TYR C 482 -39.57 13.31 8.18
CA TYR C 482 -38.49 12.60 8.85
C TYR C 482 -37.71 13.59 9.71
N ARG C 483 -37.93 13.52 11.03
CA ARG C 483 -37.38 14.48 11.98
C ARG C 483 -35.96 14.02 12.34
N VAL C 484 -34.98 14.58 11.65
CA VAL C 484 -33.58 14.20 11.83
C VAL C 484 -32.99 14.97 13.00
N VAL C 485 -32.37 14.24 13.94
CA VAL C 485 -31.58 14.87 14.98
C VAL C 485 -30.16 14.25 15.03
N VAL C 486 -29.24 14.91 14.33
CA VAL C 486 -27.91 14.36 14.15
C VAL C 486 -27.01 14.82 15.30
N LEU C 487 -26.20 13.90 15.82
CA LEU C 487 -25.33 14.17 16.97
C LEU C 487 -23.87 14.15 16.55
N SER C 488 -23.37 15.31 16.13
CA SER C 488 -22.00 15.41 15.64
C SER C 488 -21.02 15.53 16.81
N PHE C 489 -20.05 14.63 16.86
CA PHE C 489 -18.98 14.71 17.85
C PHE C 489 -17.69 15.11 17.15
N GLU C 490 -16.57 15.17 17.88
CA GLU C 490 -15.31 15.52 17.24
C GLU C 490 -14.18 14.61 17.68
N LEU C 491 -14.32 14.00 18.88
CA LEU C 491 -13.28 13.24 19.59
C LEU C 491 -12.03 14.07 19.87
N LEU C 492 -12.11 14.88 20.94
CA LEU C 492 -11.01 15.55 21.65
C LEU C 492 -10.41 16.76 20.95
N HIS C 493 -11.25 17.69 20.49
CA HIS C 493 -10.78 19.06 20.28
C HIS C 493 -10.63 19.83 21.58
N ALA C 494 -11.23 19.34 22.67
CA ALA C 494 -11.37 20.10 23.91
C ALA C 494 -11.08 19.21 25.11
N PRO C 495 -11.00 19.75 26.33
CA PRO C 495 -11.16 18.90 27.52
C PRO C 495 -12.52 18.22 27.56
N ALA C 496 -12.55 17.02 28.13
CA ALA C 496 -13.74 16.18 28.08
C ALA C 496 -14.81 16.67 29.03
N THR C 497 -15.99 16.96 28.49
CA THR C 497 -17.11 17.49 29.27
C THR C 497 -18.33 16.58 29.31
N VAL C 498 -18.60 15.80 28.28
CA VAL C 498 -19.81 14.98 28.19
C VAL C 498 -19.43 13.52 28.44
N CYS C 499 -19.54 13.09 29.69
CA CYS C 499 -19.20 11.73 30.07
C CYS C 499 -20.45 10.87 30.09
N GLY C 500 -20.28 9.61 30.46
CA GLY C 500 -21.37 8.67 30.54
C GLY C 500 -21.78 8.36 31.96
N PRO C 501 -22.77 7.46 32.13
CA PRO C 501 -23.33 7.20 33.46
C PRO C 501 -22.61 6.12 34.25
N LYS C 502 -21.40 5.75 33.82
CA LYS C 502 -20.64 4.72 34.50
C LYS C 502 -20.14 5.21 35.85
N LYS C 503 -20.18 4.33 36.84
CA LYS C 503 -19.83 4.70 38.21
C LYS C 503 -18.32 4.86 38.36
N SER C 504 -17.93 5.77 39.25
CA SER C 504 -16.53 6.07 39.51
C SER C 504 -15.91 4.99 40.39
N THR C 505 -14.58 4.94 40.39
CA THR C 505 -13.81 3.96 41.12
C THR C 505 -12.73 4.70 41.90
N ASN C 506 -12.53 4.28 43.16
CA ASN C 506 -11.52 4.84 44.05
C ASN C 506 -10.12 4.57 43.52
N LEU C 507 -9.23 5.53 43.76
CA LEU C 507 -7.90 5.55 43.16
C LEU C 507 -6.91 4.80 44.04
N VAL C 508 -5.91 4.19 43.41
CA VAL C 508 -4.89 3.40 44.10
C VAL C 508 -3.52 3.90 43.63
N LYS C 509 -2.58 4.02 44.57
CA LYS C 509 -1.27 4.60 44.33
C LYS C 509 -0.21 3.52 44.09
N ASN C 510 0.69 3.80 43.13
CA ASN C 510 1.90 3.02 42.81
C ASN C 510 1.63 1.57 42.43
N LYS C 511 0.56 1.29 41.69
CA LYS C 511 0.30 -0.06 41.22
C LYS C 511 -0.01 -0.06 39.72
N CYS C 512 0.28 -1.17 39.08
CA CYS C 512 -0.03 -1.35 37.67
C CYS C 512 -1.53 -1.54 37.50
N VAL C 513 -2.18 -0.56 36.86
CA VAL C 513 -3.63 -0.54 36.70
C VAL C 513 -3.99 -0.20 35.26
N ASN C 514 -5.22 -0.53 34.89
CA ASN C 514 -5.79 -0.17 33.59
C ASN C 514 -6.75 0.99 33.83
N PHE C 515 -6.27 2.21 33.63
CA PHE C 515 -7.04 3.41 33.97
C PHE C 515 -7.91 3.86 32.79
N ASN C 516 -8.89 4.69 33.11
CA ASN C 516 -9.80 5.27 32.11
C ASN C 516 -10.02 6.72 32.53
N PHE C 517 -9.23 7.63 31.95
CA PHE C 517 -9.18 9.02 32.35
C PHE C 517 -10.00 9.84 31.37
N ASN C 518 -11.33 9.88 31.58
CA ASN C 518 -12.33 10.53 30.72
C ASN C 518 -12.24 10.06 29.28
N GLY C 519 -12.25 8.75 29.09
CA GLY C 519 -12.16 8.15 27.77
C GLY C 519 -10.76 7.83 27.32
N LEU C 520 -9.73 8.30 28.03
CA LEU C 520 -8.34 7.99 27.70
C LEU C 520 -7.98 6.67 28.37
N THR C 521 -7.94 5.60 27.57
CA THR C 521 -7.64 4.26 28.06
C THR C 521 -6.16 3.97 27.89
N GLY C 522 -5.52 3.54 28.98
CA GLY C 522 -4.11 3.22 28.92
C GLY C 522 -3.72 2.39 30.13
N THR C 523 -2.47 1.92 30.09
CA THR C 523 -1.92 1.11 31.16
C THR C 523 -0.68 1.79 31.73
N GLY C 524 -0.40 1.52 32.98
CA GLY C 524 0.75 2.13 33.64
C GLY C 524 0.56 2.14 35.14
N VAL C 525 1.55 2.71 35.82
CA VAL C 525 1.47 2.94 37.27
C VAL C 525 1.20 4.42 37.49
N LEU C 526 0.56 4.73 38.62
CA LEU C 526 0.16 6.11 38.93
C LEU C 526 0.92 6.56 40.17
N THR C 527 1.94 7.39 39.95
CA THR C 527 2.78 7.90 41.02
C THR C 527 2.54 9.39 41.21
N GLU C 528 3.06 9.92 42.32
CA GLU C 528 3.06 11.35 42.55
C GLU C 528 4.02 12.05 41.59
N SER C 529 3.69 13.28 41.23
CA SER C 529 4.46 14.03 40.26
C SER C 529 4.82 15.39 40.84
N ASN C 530 5.98 15.90 40.40
CA ASN C 530 6.44 17.23 40.77
C ASN C 530 6.43 18.18 39.59
N LYS C 531 5.69 17.86 38.54
CA LYS C 531 5.55 18.74 37.38
C LYS C 531 4.45 19.75 37.68
N LYS C 532 4.85 21.01 37.86
CA LYS C 532 3.92 22.09 38.20
C LYS C 532 3.19 22.50 36.94
N PHE C 533 1.92 22.09 36.83
CA PHE C 533 1.14 22.49 35.66
C PHE C 533 0.49 23.84 35.89
N LEU C 534 0.36 24.60 34.82
CA LEU C 534 -0.52 25.75 34.78
C LEU C 534 -1.98 25.27 34.78
N PRO C 535 -2.93 26.05 35.36
CA PRO C 535 -4.29 25.49 35.56
C PRO C 535 -5.16 25.32 34.34
N PHE C 536 -4.68 25.63 33.13
CA PHE C 536 -5.48 25.35 31.94
C PHE C 536 -5.21 23.97 31.35
N GLN C 537 -4.12 23.31 31.72
CA GLN C 537 -3.85 21.96 31.24
C GLN C 537 -4.75 20.94 31.93
N GLN C 538 -5.18 19.94 31.15
CA GLN C 538 -5.88 18.77 31.69
C GLN C 538 -5.05 17.50 31.58
N PHE C 539 -4.12 17.43 30.63
CA PHE C 539 -3.23 16.28 30.51
C PHE C 539 -1.89 16.73 29.93
N GLY C 540 -0.85 15.96 30.26
CA GLY C 540 0.46 16.15 29.69
C GLY C 540 0.75 15.08 28.66
N ARG C 541 1.45 15.45 27.60
CA ARG C 541 1.65 14.58 26.45
C ARG C 541 3.13 14.40 26.17
N ASP C 542 3.56 13.16 26.02
CA ASP C 542 4.94 12.81 25.75
C ASP C 542 5.16 12.74 24.24
N ILE C 543 6.37 12.32 23.84
CA ILE C 543 6.78 12.22 22.45
C ILE C 543 6.02 11.09 21.77
N ALA C 544 5.52 11.37 20.55
CA ALA C 544 4.90 10.40 19.62
C ALA C 544 3.60 9.81 20.19
N ASP C 545 2.70 10.71 20.60
CA ASP C 545 1.28 10.48 20.85
C ASP C 545 1.05 9.49 22.00
N THR C 546 1.84 9.69 23.05
CA THR C 546 1.70 8.93 24.28
C THR C 546 1.50 9.91 25.44
N THR C 547 0.62 9.53 26.36
CA THR C 547 0.21 10.45 27.42
C THR C 547 1.06 10.24 28.66
N ASP C 548 1.63 11.33 29.19
CA ASP C 548 2.62 11.26 30.25
C ASP C 548 2.07 11.61 31.64
N ALA C 549 1.17 12.58 31.75
CA ALA C 549 0.64 12.97 33.05
C ALA C 549 -0.78 13.47 32.89
N VAL C 550 -1.65 13.05 33.81
CA VAL C 550 -3.08 13.37 33.77
C VAL C 550 -3.49 13.84 35.16
N ARG C 551 -4.20 14.98 35.23
CA ARG C 551 -4.87 15.42 36.44
C ARG C 551 -6.24 14.75 36.53
N ASP C 552 -6.68 14.43 37.74
CA ASP C 552 -7.82 13.54 37.89
C ASP C 552 -9.14 14.32 38.02
N PRO C 553 -10.24 13.71 37.59
CA PRO C 553 -11.56 14.24 37.94
C PRO C 553 -11.87 14.08 39.43
N GLN C 554 -12.75 14.97 39.91
CA GLN C 554 -13.34 15.09 41.26
C GLN C 554 -12.36 15.47 42.37
N THR C 555 -11.06 15.60 42.05
CA THR C 555 -10.04 15.85 43.05
C THR C 555 -9.08 16.95 42.63
N LEU C 556 -8.79 17.06 41.32
CA LEU C 556 -7.80 17.92 40.69
C LEU C 556 -6.40 17.76 41.29
N GLU C 557 -5.99 16.54 41.60
CA GLU C 557 -4.65 16.27 42.09
C GLU C 557 -3.83 15.61 40.98
N ILE C 558 -2.59 16.07 40.82
CA ILE C 558 -1.79 15.79 39.64
C ILE C 558 -1.17 14.39 39.79
N LEU C 559 -1.17 13.63 38.71
CA LEU C 559 -0.67 12.26 38.69
C LEU C 559 0.34 12.10 37.56
N ASP C 560 1.29 11.18 37.74
CA ASP C 560 2.23 10.84 36.68
C ASP C 560 1.94 9.45 36.14
N ILE C 561 2.02 9.29 34.83
CA ILE C 561 1.87 7.99 34.19
C ILE C 561 3.25 7.52 33.77
N THR C 562 3.70 6.45 34.41
CA THR C 562 4.90 5.72 34.03
C THR C 562 4.45 4.34 33.59
N PRO C 563 4.95 3.79 32.48
CA PRO C 563 4.53 2.45 32.07
C PRO C 563 5.05 1.37 33.01
N CYS C 564 4.33 0.25 33.06
CA CYS C 564 4.69 -0.84 33.95
C CYS C 564 5.94 -1.55 33.46
N SER C 565 6.56 -2.32 34.35
CA SER C 565 7.89 -2.87 34.09
C SER C 565 7.84 -4.00 33.07
N PHE C 566 8.63 -3.84 32.01
CA PHE C 566 8.63 -4.80 30.91
C PHE C 566 10.07 -5.11 30.56
N GLY C 567 10.24 -6.09 29.68
CA GLY C 567 11.55 -6.45 29.19
C GLY C 567 11.52 -7.85 28.63
N GLY C 568 12.48 -8.11 27.75
CA GLY C 568 12.63 -9.43 27.19
C GLY C 568 13.21 -10.39 28.20
N VAL C 569 12.91 -11.68 28.02
CA VAL C 569 13.49 -12.74 28.83
C VAL C 569 14.54 -13.44 27.99
N SER C 570 15.56 -13.98 28.64
CA SER C 570 16.68 -14.60 27.97
C SER C 570 17.13 -15.82 28.78
N VAL C 571 17.69 -16.81 28.08
CA VAL C 571 18.04 -18.09 28.69
C VAL C 571 19.52 -18.35 28.46
N ILE C 572 20.24 -18.58 29.56
CA ILE C 572 21.61 -19.09 29.50
C ILE C 572 21.54 -20.60 29.66
N THR C 573 22.04 -21.33 28.67
CA THR C 573 22.03 -22.78 28.72
C THR C 573 23.39 -23.33 28.32
N PRO C 574 23.81 -24.46 28.92
CA PRO C 574 25.06 -25.09 28.45
C PRO C 574 24.83 -26.08 27.32
N GLY C 575 23.59 -26.27 26.90
CA GLY C 575 23.27 -27.25 25.87
C GLY C 575 22.58 -28.46 26.48
N THR C 576 21.66 -29.07 25.73
CA THR C 576 20.89 -30.21 26.23
C THR C 576 21.73 -31.48 26.32
N ASN C 577 22.84 -31.56 25.61
CA ASN C 577 23.76 -32.69 25.72
C ASN C 577 24.48 -32.74 27.06
N THR C 578 24.75 -31.59 27.68
CA THR C 578 25.47 -31.55 28.94
C THR C 578 24.56 -31.62 30.15
N SER C 579 23.64 -30.67 30.30
CA SER C 579 22.74 -30.64 31.45
C SER C 579 21.49 -29.87 31.09
N ASN C 580 20.42 -30.12 31.85
CA ASN C 580 19.17 -29.40 31.70
C ASN C 580 19.03 -28.25 32.68
N GLN C 581 20.09 -27.91 33.40
CA GLN C 581 20.06 -26.80 34.35
C GLN C 581 20.10 -25.48 33.60
N VAL C 582 19.17 -24.59 33.94
CA VAL C 582 18.90 -23.39 33.16
C VAL C 582 19.05 -22.15 34.04
N ALA C 583 19.88 -21.22 33.59
CA ALA C 583 19.90 -19.86 34.11
C ALA C 583 19.03 -18.99 33.24
N VAL C 584 18.20 -18.16 33.88
CA VAL C 584 17.21 -17.34 33.20
C VAL C 584 17.57 -15.88 33.41
N LEU C 585 17.70 -15.13 32.32
CA LEU C 585 18.10 -13.73 32.35
C LEU C 585 16.90 -12.87 31.99
N TYR C 586 16.58 -11.91 32.85
CA TYR C 586 15.52 -10.94 32.56
C TYR C 586 16.21 -9.64 32.14
N GLN C 587 16.00 -9.24 30.89
CA GLN C 587 16.77 -8.16 30.29
C GLN C 587 16.34 -6.77 30.78
N GLY C 588 17.27 -6.07 31.43
CA GLY C 588 17.12 -4.68 31.79
C GLY C 588 16.06 -4.33 32.81
N VAL C 589 15.86 -5.19 33.81
CA VAL C 589 14.95 -4.91 34.91
C VAL C 589 15.70 -5.06 36.22
N ASN C 590 15.14 -4.51 37.29
CA ASN C 590 15.65 -4.75 38.63
C ASN C 590 15.14 -6.10 39.14
N CYS C 591 15.76 -6.59 40.20
CA CYS C 591 15.40 -7.89 40.78
C CYS C 591 14.36 -7.71 41.88
N THR C 592 13.22 -7.13 41.51
CA THR C 592 12.10 -6.93 42.42
C THR C 592 10.80 -7.53 41.87
N GLU C 593 10.82 -8.04 40.65
CA GLU C 593 9.62 -8.57 40.00
C GLU C 593 9.83 -10.05 39.71
N VAL C 594 9.12 -10.91 40.43
CA VAL C 594 9.25 -12.35 40.27
C VAL C 594 8.39 -12.83 39.11
N ASN C 615 18.93 -18.77 42.82
CA ASN C 615 19.50 -17.59 43.45
C ASN C 615 19.31 -16.32 42.61
N VAL C 616 19.50 -15.17 43.26
CA VAL C 616 19.22 -13.87 42.66
C VAL C 616 20.53 -13.12 42.51
N PHE C 617 20.83 -12.67 41.29
CA PHE C 617 22.05 -11.92 41.01
C PHE C 617 21.70 -10.77 40.06
N GLN C 618 21.91 -9.55 40.53
CA GLN C 618 21.63 -8.34 39.74
C GLN C 618 22.87 -7.95 38.95
N THR C 619 22.71 -7.82 37.63
CA THR C 619 23.77 -7.38 36.74
C THR C 619 23.39 -6.04 36.12
N ARG C 620 24.35 -5.44 35.43
CA ARG C 620 24.06 -4.27 34.60
C ARG C 620 23.22 -4.63 33.38
N ALA C 621 23.42 -5.82 32.81
CA ALA C 621 22.64 -6.29 31.67
C ALA C 621 21.22 -6.70 32.04
N GLY C 622 20.92 -6.90 33.32
CA GLY C 622 19.59 -7.25 33.76
C GLY C 622 19.64 -8.08 35.02
N CYS C 623 18.53 -8.75 35.30
CA CYS C 623 18.39 -9.57 36.50
C CYS C 623 18.58 -11.03 36.13
N LEU C 624 19.65 -11.64 36.65
CA LEU C 624 20.02 -13.01 36.32
C LEU C 624 19.53 -13.93 37.42
N ILE C 625 18.68 -14.90 37.06
CA ILE C 625 18.10 -15.85 37.98
C ILE C 625 18.52 -17.25 37.57
N GLY C 626 19.13 -17.99 38.48
CA GLY C 626 19.54 -19.36 38.24
C GLY C 626 21.03 -19.56 38.10
N ALA C 627 21.80 -18.48 38.08
CA ALA C 627 23.26 -18.56 37.99
C ALA C 627 23.89 -17.95 39.23
N GLU C 628 24.77 -18.70 39.86
CA GLU C 628 25.45 -18.23 41.06
C GLU C 628 26.62 -17.33 40.69
N HIS C 629 26.89 -16.34 41.54
CA HIS C 629 27.98 -15.41 41.31
C HIS C 629 29.22 -15.88 42.08
N VAL C 630 30.36 -15.92 41.40
CA VAL C 630 31.63 -16.30 41.99
C VAL C 630 32.57 -15.11 41.95
N ASN C 631 33.54 -15.08 42.87
CA ASN C 631 34.45 -13.94 42.96
C ASN C 631 35.55 -14.02 41.91
N ASN C 632 36.13 -15.19 41.70
CA ASN C 632 37.26 -15.33 40.78
C ASN C 632 36.77 -15.39 39.34
N SER C 633 37.68 -15.09 38.42
CA SER C 633 37.35 -14.86 37.02
C SER C 633 37.81 -16.01 36.13
N TYR C 634 37.13 -16.19 35.01
CA TYR C 634 37.53 -17.15 33.99
C TYR C 634 37.45 -16.52 32.61
N GLU C 635 37.94 -17.25 31.62
CA GLU C 635 37.72 -16.90 30.22
C GLU C 635 36.26 -17.14 29.86
N CYS C 636 35.70 -16.23 29.05
CA CYS C 636 34.26 -16.18 28.82
C CYS C 636 33.76 -17.35 27.98
N ASP C 637 32.67 -17.96 28.44
CA ASP C 637 32.11 -19.13 27.77
C ASP C 637 30.80 -18.79 27.09
N ILE C 638 29.85 -18.26 27.85
CA ILE C 638 28.55 -17.82 27.33
C ILE C 638 28.44 -16.32 27.57
N PRO C 639 28.32 -15.50 26.54
CA PRO C 639 28.27 -14.04 26.75
C PRO C 639 26.93 -13.59 27.31
N ILE C 640 26.99 -12.77 28.33
CA ILE C 640 25.83 -12.16 28.97
C ILE C 640 25.75 -10.67 28.66
N GLY C 641 26.86 -9.97 28.80
CA GLY C 641 26.92 -8.53 28.59
C GLY C 641 27.45 -7.85 29.84
N ALA C 642 28.03 -6.66 29.61
CA ALA C 642 28.62 -5.77 30.63
C ALA C 642 29.70 -6.47 31.46
N GLY C 643 30.54 -7.25 30.79
CA GLY C 643 31.66 -7.92 31.44
C GLY C 643 31.32 -9.20 32.16
N ILE C 644 30.06 -9.61 32.15
CA ILE C 644 29.60 -10.81 32.84
C ILE C 644 29.53 -11.94 31.81
N CYS C 645 30.02 -13.11 32.17
CA CYS C 645 29.89 -14.29 31.33
C CYS C 645 29.55 -15.50 32.19
N ALA C 646 29.05 -16.54 31.52
CA ALA C 646 28.66 -17.78 32.19
C ALA C 646 29.35 -18.99 31.56
N VAL C 661 29.37 -23.98 32.72
CA VAL C 661 28.97 -24.81 33.83
C VAL C 661 30.22 -25.36 34.56
N ALA C 662 30.21 -25.24 35.88
CA ALA C 662 31.32 -25.71 36.72
C ALA C 662 30.77 -26.02 38.10
N SER C 663 31.26 -27.16 38.66
CA SER C 663 30.90 -27.69 39.98
C SER C 663 29.38 -27.91 40.11
N GLN C 664 28.81 -28.63 39.13
CA GLN C 664 27.42 -29.07 39.04
C GLN C 664 26.40 -27.92 39.05
N SER C 665 26.79 -26.72 38.61
CA SER C 665 25.91 -25.57 38.64
C SER C 665 26.35 -24.58 37.57
N ILE C 666 25.42 -23.70 37.21
CA ILE C 666 25.72 -22.61 36.29
C ILE C 666 26.30 -21.45 37.08
N ILE C 667 27.49 -21.02 36.71
CA ILE C 667 28.18 -19.93 37.41
C ILE C 667 28.13 -18.68 36.55
N ALA C 668 28.27 -17.54 37.21
CA ALA C 668 28.40 -16.25 36.54
C ALA C 668 29.62 -15.54 37.10
N TYR C 669 30.40 -14.92 36.22
CA TYR C 669 31.67 -14.35 36.65
C TYR C 669 31.98 -13.13 35.81
N THR C 670 32.86 -12.28 36.35
CA THR C 670 33.46 -11.20 35.59
C THR C 670 34.48 -11.81 34.64
N MET C 671 34.60 -11.24 33.44
CA MET C 671 35.57 -11.71 32.45
C MET C 671 36.99 -11.44 32.90
N SER C 672 37.88 -12.39 32.58
CA SER C 672 39.31 -12.16 32.63
C SER C 672 39.83 -12.11 31.19
N LEU C 673 40.52 -11.02 30.87
CA LEU C 673 40.96 -10.79 29.50
C LEU C 673 42.17 -11.62 29.13
N GLY C 674 42.88 -12.16 30.11
CA GLY C 674 44.02 -12.99 29.85
C GLY C 674 44.77 -13.27 31.12
N VAL C 675 46.02 -13.69 30.98
CA VAL C 675 46.93 -13.85 32.11
C VAL C 675 47.84 -12.63 32.10
N GLU C 676 48.18 -12.14 33.29
CA GLU C 676 49.03 -10.97 33.41
C GLU C 676 50.49 -11.36 33.21
N ASN C 677 51.22 -10.52 32.48
CA ASN C 677 52.63 -10.79 32.16
C ASN C 677 53.36 -9.45 32.16
N SER C 678 53.95 -9.11 33.30
CA SER C 678 54.87 -7.98 33.35
C SER C 678 56.22 -8.40 32.78
N VAL C 679 56.48 -7.99 31.54
CA VAL C 679 57.71 -8.34 30.85
C VAL C 679 58.80 -7.45 31.43
N ALA C 680 59.93 -8.05 31.81
CA ALA C 680 60.96 -7.37 32.59
C ALA C 680 61.72 -6.37 31.72
N TYR C 681 61.14 -5.17 31.65
CA TYR C 681 61.80 -4.07 30.96
C TYR C 681 63.00 -3.59 31.75
N SER C 682 64.10 -3.39 31.04
CA SER C 682 65.26 -2.68 31.55
C SER C 682 65.82 -1.85 30.41
N ASN C 683 66.65 -0.87 30.74
CA ASN C 683 67.19 0.00 29.71
C ASN C 683 68.37 -0.59 28.97
N ASN C 684 68.86 -1.77 29.37
CA ASN C 684 69.97 -2.43 28.71
C ASN C 684 69.80 -3.94 28.61
N SER C 685 68.56 -4.43 28.45
CA SER C 685 68.30 -5.87 28.46
C SER C 685 67.56 -6.29 27.20
N ILE C 686 68.05 -7.35 26.57
CA ILE C 686 67.46 -7.92 25.35
C ILE C 686 67.08 -9.37 25.65
N ALA C 687 65.98 -9.82 25.07
CA ALA C 687 65.65 -11.24 24.99
C ALA C 687 65.84 -11.69 23.55
N ILE C 688 66.98 -12.32 23.26
CA ILE C 688 67.27 -12.87 21.95
C ILE C 688 66.78 -14.32 21.95
N PRO C 689 65.89 -14.71 21.03
CA PRO C 689 65.47 -16.11 20.97
C PRO C 689 66.56 -17.03 20.46
N THR C 690 66.83 -18.09 21.22
CA THR C 690 67.81 -19.08 20.85
C THR C 690 67.22 -20.25 20.08
N ASN C 691 65.90 -20.30 19.96
CA ASN C 691 65.22 -21.41 19.30
C ASN C 691 63.88 -20.90 18.80
N PHE C 692 63.23 -21.72 17.97
CA PHE C 692 61.99 -21.33 17.33
C PHE C 692 61.05 -22.53 17.26
N THR C 693 59.89 -22.30 16.64
CA THR C 693 58.99 -23.37 16.25
C THR C 693 58.32 -22.98 14.94
N ILE C 694 57.87 -23.98 14.20
CA ILE C 694 57.19 -23.77 12.93
C ILE C 694 55.73 -24.15 13.14
N SER C 695 54.83 -23.16 13.07
CA SER C 695 53.43 -23.36 13.37
C SER C 695 52.59 -23.16 12.12
N VAL C 696 51.64 -24.08 11.92
CA VAL C 696 50.68 -24.02 10.83
C VAL C 696 49.31 -23.75 11.42
N THR C 697 48.68 -22.65 10.99
CA THR C 697 47.35 -22.28 11.44
C THR C 697 46.39 -22.30 10.26
N THR C 698 45.12 -22.60 10.56
CA THR C 698 44.07 -22.65 9.56
C THR C 698 43.27 -21.36 9.61
N GLU C 699 42.98 -20.81 8.43
CA GLU C 699 42.11 -19.65 8.30
C GLU C 699 41.03 -19.97 7.28
N ILE C 700 39.77 -19.84 7.70
CA ILE C 700 38.62 -20.30 6.92
C ILE C 700 37.84 -19.07 6.47
N LEU C 701 37.69 -18.91 5.16
CA LEU C 701 36.99 -17.77 4.58
C LEU C 701 35.98 -18.25 3.54
N PRO C 702 34.71 -17.85 3.65
CA PRO C 702 33.76 -18.15 2.58
C PRO C 702 33.98 -17.27 1.37
N VAL C 703 33.78 -17.85 0.18
CA VAL C 703 33.97 -17.13 -1.07
C VAL C 703 32.69 -17.02 -1.87
N SER C 704 31.72 -17.91 -1.62
CA SER C 704 30.52 -17.96 -2.44
C SER C 704 29.39 -18.57 -1.62
N MET C 705 28.17 -18.40 -2.14
CA MET C 705 26.99 -19.07 -1.62
C MET C 705 26.21 -19.67 -2.79
N THR C 706 25.08 -20.29 -2.47
CA THR C 706 24.32 -21.02 -3.49
C THR C 706 23.59 -20.07 -4.41
N LYS C 707 23.72 -20.30 -5.72
CA LYS C 707 23.08 -19.47 -6.74
C LYS C 707 21.61 -19.87 -6.82
N THR C 708 20.80 -19.23 -5.98
CA THR C 708 19.38 -19.48 -6.00
C THR C 708 18.66 -18.44 -6.87
N SER C 709 17.47 -18.81 -7.33
CA SER C 709 16.65 -17.92 -8.14
C SER C 709 15.20 -18.27 -7.90
N VAL C 710 14.33 -17.26 -7.95
CA VAL C 710 12.90 -17.45 -7.75
C VAL C 710 12.18 -16.94 -9.00
N ASP C 711 11.13 -17.66 -9.40
CA ASP C 711 10.20 -17.13 -10.40
C ASP C 711 9.05 -16.46 -9.66
N CYS C 712 8.81 -15.19 -9.99
CA CYS C 712 7.84 -14.38 -9.22
C CYS C 712 6.41 -14.84 -9.46
N THR C 713 6.09 -15.17 -10.72
CA THR C 713 4.75 -15.59 -11.08
C THR C 713 4.42 -16.96 -10.49
N MET C 714 5.36 -17.90 -10.51
CA MET C 714 5.09 -19.21 -9.95
C MET C 714 5.14 -19.19 -8.42
N TYR C 715 5.93 -18.29 -7.83
CA TYR C 715 5.99 -18.20 -6.38
C TYR C 715 4.72 -17.56 -5.81
N ILE C 716 4.41 -16.34 -6.25
CA ILE C 716 3.26 -15.61 -5.72
C ILE C 716 1.95 -16.20 -6.24
N CYS C 717 1.95 -16.60 -7.50
CA CYS C 717 0.76 -16.57 -8.34
C CYS C 717 0.67 -17.84 -9.19
N GLY C 718 0.82 -19.00 -8.56
CA GLY C 718 1.00 -20.27 -9.24
C GLY C 718 -0.15 -20.77 -10.11
N ASP C 719 0.20 -21.02 -11.39
CA ASP C 719 -0.65 -21.57 -12.47
C ASP C 719 -2.03 -20.92 -12.61
N SER C 720 -2.09 -19.60 -12.42
CA SER C 720 -3.36 -18.88 -12.49
C SER C 720 -3.18 -17.59 -13.29
N THR C 721 -3.74 -17.58 -14.50
CA THR C 721 -3.71 -16.38 -15.34
C THR C 721 -4.65 -15.31 -14.80
N GLU C 722 -5.66 -15.71 -14.03
CA GLU C 722 -6.60 -14.74 -13.48
C GLU C 722 -6.04 -14.04 -12.24
N CYS C 723 -4.93 -14.52 -11.69
CA CYS C 723 -4.15 -13.65 -10.81
C CYS C 723 -3.04 -12.96 -11.58
N SER C 724 -2.56 -13.60 -12.66
CA SER C 724 -1.40 -13.06 -13.39
C SER C 724 -1.76 -11.77 -14.14
N ASN C 725 -3.02 -11.65 -14.56
CA ASN C 725 -3.47 -10.43 -15.24
C ASN C 725 -3.57 -9.23 -14.31
N LEU C 726 -3.67 -9.45 -12.99
CA LEU C 726 -3.61 -8.35 -12.05
C LEU C 726 -2.21 -8.22 -11.44
N LEU C 727 -1.39 -9.27 -11.55
CA LEU C 727 0.01 -9.14 -11.15
C LEU C 727 0.81 -8.35 -12.17
N LEU C 728 0.41 -8.39 -13.44
CA LEU C 728 1.04 -7.54 -14.46
C LEU C 728 0.67 -6.06 -14.31
N GLN C 729 -0.35 -5.74 -13.52
CA GLN C 729 -0.71 -4.36 -13.21
C GLN C 729 0.21 -3.71 -12.19
N TYR C 730 1.11 -4.46 -11.55
CA TYR C 730 2.03 -3.93 -10.56
C TYR C 730 3.34 -3.44 -11.18
N GLY C 731 3.53 -3.65 -12.48
CA GLY C 731 4.73 -3.12 -13.12
C GLY C 731 5.88 -4.09 -13.08
N SER C 732 7.08 -3.55 -12.87
CA SER C 732 8.33 -4.29 -13.01
C SER C 732 8.92 -4.73 -11.67
N PHE C 733 8.09 -4.85 -10.62
CA PHE C 733 8.54 -5.29 -9.29
C PHE C 733 9.15 -6.68 -9.30
N CYS C 734 8.49 -7.65 -9.91
CA CYS C 734 9.00 -9.00 -9.76
C CYS C 734 9.95 -9.40 -10.88
N THR C 735 10.23 -8.51 -11.83
CA THR C 735 11.34 -8.75 -12.74
C THR C 735 12.58 -8.01 -12.22
N GLN C 736 12.37 -6.99 -11.38
CA GLN C 736 13.49 -6.37 -10.66
C GLN C 736 14.15 -7.32 -9.67
N LEU C 737 13.34 -8.13 -8.96
CA LEU C 737 13.85 -9.13 -8.03
C LEU C 737 14.59 -10.25 -8.76
N ASN C 738 14.07 -10.65 -9.93
CA ASN C 738 14.72 -11.66 -10.76
C ASN C 738 16.04 -11.15 -11.32
N ARG C 739 16.10 -9.87 -11.68
CA ARG C 739 17.34 -9.27 -12.18
C ARG C 739 18.38 -9.15 -11.07
N ALA C 740 17.92 -8.83 -9.84
CA ALA C 740 18.84 -8.74 -8.70
C ALA C 740 19.40 -10.11 -8.31
N LEU C 741 18.57 -11.15 -8.34
CA LEU C 741 19.07 -12.49 -8.02
C LEU C 741 19.91 -13.06 -9.15
N THR C 742 19.64 -12.64 -10.40
CA THR C 742 20.50 -12.98 -11.53
C THR C 742 21.87 -12.32 -11.38
N GLY C 743 21.91 -11.07 -10.92
CA GLY C 743 23.18 -10.41 -10.65
C GLY C 743 23.95 -11.03 -9.50
N ILE C 744 23.24 -11.52 -8.48
CA ILE C 744 23.87 -12.27 -7.38
C ILE C 744 24.46 -13.59 -7.90
N ALA C 745 23.73 -14.29 -8.77
CA ALA C 745 24.21 -15.57 -9.29
C ALA C 745 25.38 -15.40 -10.25
N VAL C 746 25.42 -14.28 -10.98
CA VAL C 746 26.61 -13.95 -11.78
C VAL C 746 27.78 -13.58 -10.87
N GLU C 747 27.50 -12.85 -9.78
CA GLU C 747 28.52 -12.36 -8.86
C GLU C 747 29.21 -13.48 -8.08
N GLN C 748 28.50 -14.58 -7.78
CA GLN C 748 29.12 -15.71 -7.06
C GLN C 748 30.17 -16.43 -7.90
N ASP C 749 29.91 -16.63 -9.19
CA ASP C 749 30.92 -17.24 -10.08
C ASP C 749 32.10 -16.31 -10.31
N LYS C 750 31.86 -15.00 -10.34
CA LYS C 750 32.94 -14.02 -10.43
C LYS C 750 33.79 -14.02 -9.17
N ASN C 751 33.16 -14.22 -8.01
CA ASN C 751 33.88 -14.34 -6.74
C ASN C 751 34.75 -15.58 -6.70
N THR C 752 34.21 -16.72 -7.14
CA THR C 752 34.96 -17.97 -7.14
C THR C 752 36.11 -17.95 -8.16
N GLN C 753 35.87 -17.34 -9.33
CA GLN C 753 36.91 -17.22 -10.34
C GLN C 753 38.00 -16.23 -9.91
N GLU C 754 37.61 -15.15 -9.23
CA GLU C 754 38.56 -14.17 -8.74
C GLU C 754 39.42 -14.71 -7.61
N VAL C 755 38.85 -15.55 -6.75
CA VAL C 755 39.65 -16.18 -5.69
C VAL C 755 40.57 -17.26 -6.24
N PHE C 756 40.02 -18.22 -6.98
CA PHE C 756 40.80 -19.41 -7.31
C PHE C 756 41.56 -19.32 -8.62
N ALA C 757 41.02 -18.65 -9.65
CA ALA C 757 41.66 -18.60 -10.96
C ALA C 757 42.69 -17.47 -11.02
N GLN C 758 43.83 -17.72 -10.38
CA GLN C 758 44.93 -16.76 -10.35
C GLN C 758 46.18 -17.26 -11.05
N VAL C 759 46.10 -18.39 -11.75
CA VAL C 759 47.24 -18.94 -12.49
C VAL C 759 46.87 -19.02 -13.96
N LYS C 760 47.84 -18.72 -14.83
CA LYS C 760 47.64 -18.89 -16.26
C LYS C 760 47.92 -20.33 -16.70
N GLN C 761 48.64 -21.10 -15.91
CA GLN C 761 49.04 -22.45 -16.26
C GLN C 761 48.69 -23.40 -15.11
N ILE C 762 48.34 -24.63 -15.47
CA ILE C 762 48.07 -25.67 -14.49
C ILE C 762 49.39 -26.37 -14.19
N TYR C 763 49.87 -26.22 -12.97
CA TYR C 763 51.17 -26.75 -12.59
C TYR C 763 51.02 -28.13 -11.96
N LYS C 764 52.02 -28.97 -12.17
CA LYS C 764 52.00 -30.34 -11.68
C LYS C 764 53.26 -30.61 -10.88
N THR C 765 53.09 -31.33 -9.78
CA THR C 765 54.19 -31.79 -8.96
C THR C 765 55.00 -32.87 -9.69
N PRO C 766 56.30 -32.96 -9.45
CA PRO C 766 57.08 -34.08 -10.00
C PRO C 766 56.70 -35.39 -9.34
N PRO C 767 56.86 -36.52 -10.04
CA PRO C 767 56.51 -37.82 -9.44
C PRO C 767 57.46 -38.27 -8.33
N ILE C 768 58.67 -37.72 -8.26
CA ILE C 768 59.60 -38.00 -7.18
C ILE C 768 59.48 -36.87 -6.16
N LYS C 769 59.17 -37.22 -4.92
CA LYS C 769 58.92 -36.24 -3.87
C LYS C 769 60.21 -35.97 -3.07
N ASP C 770 61.21 -35.46 -3.78
CA ASP C 770 62.51 -35.13 -3.17
C ASP C 770 62.53 -33.64 -2.82
N PHE C 771 61.81 -33.31 -1.75
CA PHE C 771 61.66 -31.93 -1.30
C PHE C 771 62.57 -31.59 -0.14
N GLY C 772 63.64 -32.36 0.06
CA GLY C 772 64.56 -32.08 1.15
C GLY C 772 64.07 -32.43 2.52
N GLY C 773 63.22 -33.45 2.65
CA GLY C 773 62.66 -33.84 3.93
C GLY C 773 61.29 -33.30 4.22
N PHE C 774 60.76 -32.43 3.36
CA PHE C 774 59.45 -31.85 3.58
C PHE C 774 58.38 -32.76 2.98
N ASN C 775 57.41 -33.15 3.81
CA ASN C 775 56.34 -34.08 3.44
C ASN C 775 55.13 -33.23 3.04
N PHE C 776 54.57 -33.51 1.87
CA PHE C 776 53.45 -32.75 1.34
C PHE C 776 52.26 -33.63 0.98
N SER C 777 52.23 -34.88 1.44
CA SER C 777 51.17 -35.82 1.06
C SER C 777 49.84 -35.48 1.70
N GLN C 778 49.83 -34.79 2.85
CA GLN C 778 48.63 -34.22 3.42
C GLN C 778 48.12 -33.02 2.65
N ILE C 779 48.97 -32.40 1.84
CA ILE C 779 48.61 -31.17 1.14
C ILE C 779 48.41 -31.39 -0.35
N LEU C 780 49.24 -32.19 -1.02
CA LEU C 780 49.08 -32.59 -2.41
C LEU C 780 47.89 -33.54 -2.56
N PRO C 781 47.25 -33.58 -3.74
CA PRO C 781 46.11 -34.50 -3.93
C PRO C 781 46.53 -35.96 -3.97
N ASP C 782 45.56 -36.84 -3.67
CA ASP C 782 45.79 -38.27 -3.63
C ASP C 782 45.37 -38.88 -4.96
N PRO C 783 46.28 -39.50 -5.72
CA PRO C 783 45.87 -40.10 -7.00
C PRO C 783 45.09 -41.40 -6.85
N SER C 784 45.17 -42.07 -5.70
CA SER C 784 44.49 -43.35 -5.51
C SER C 784 43.00 -43.21 -5.24
N LYS C 785 42.54 -42.03 -4.93
CA LYS C 785 41.18 -41.59 -4.63
C LYS C 785 40.44 -41.30 -5.93
N PRO C 786 39.16 -41.67 -6.04
CA PRO C 786 38.39 -41.37 -7.27
C PRO C 786 38.17 -39.89 -7.52
N SER C 787 38.12 -39.06 -6.48
CA SER C 787 38.15 -37.61 -6.62
C SER C 787 39.54 -37.15 -6.26
N LYS C 788 40.19 -36.42 -7.17
CA LYS C 788 41.57 -35.99 -6.95
C LYS C 788 41.64 -34.85 -5.94
N ARG C 789 41.56 -35.18 -4.66
CA ARG C 789 41.57 -34.21 -3.58
C ARG C 789 42.54 -34.64 -2.48
N SER C 790 42.93 -33.69 -1.66
CA SER C 790 43.82 -33.90 -0.54
C SER C 790 43.09 -34.65 0.58
N PRO C 791 43.83 -35.29 1.49
CA PRO C 791 43.20 -35.79 2.73
C PRO C 791 42.57 -34.70 3.58
N ILE C 792 43.22 -33.53 3.64
CA ILE C 792 42.73 -32.43 4.48
C ILE C 792 41.46 -31.82 3.87
N GLU C 793 41.47 -31.58 2.55
CA GLU C 793 40.29 -31.00 1.92
C GLU C 793 39.21 -32.05 1.70
N ASP C 794 39.59 -33.34 1.68
CA ASP C 794 38.60 -34.40 1.71
C ASP C 794 37.89 -34.45 3.06
N LEU C 795 38.63 -34.19 4.15
CA LEU C 795 37.99 -34.08 5.46
C LEU C 795 37.14 -32.80 5.55
N LEU C 796 37.52 -31.75 4.83
CA LEU C 796 36.71 -30.52 4.79
C LEU C 796 35.37 -30.75 4.08
N PHE C 797 35.39 -31.42 2.92
CA PHE C 797 34.14 -31.81 2.26
C PHE C 797 33.35 -32.86 3.01
N ASN C 798 34.01 -33.76 3.75
CA ASN C 798 33.29 -34.72 4.57
C ASN C 798 32.71 -34.10 5.84
N LYS C 799 33.25 -32.98 6.31
CA LYS C 799 32.72 -32.31 7.49
C LYS C 799 31.65 -31.29 7.18
N VAL C 800 31.77 -30.54 6.08
CA VAL C 800 30.73 -29.58 5.71
C VAL C 800 29.59 -30.34 5.03
N THR C 801 28.41 -30.28 5.63
CA THR C 801 27.23 -30.97 5.13
C THR C 801 26.22 -29.95 4.61
N LEU C 802 25.81 -30.12 3.36
CA LEU C 802 24.85 -29.21 2.73
C LEU C 802 23.43 -29.74 2.87
N GLN C 827 14.94 -32.05 -3.31
CA GLN C 827 13.92 -31.07 -2.98
C GLN C 827 13.38 -30.37 -4.22
N LYS C 828 12.06 -30.30 -4.33
CA LYS C 828 11.41 -29.57 -5.41
C LYS C 828 10.41 -28.61 -4.80
N PHE C 829 10.60 -27.32 -5.06
CA PHE C 829 9.76 -26.26 -4.50
C PHE C 829 8.86 -25.68 -5.58
N ASN C 830 8.13 -24.64 -5.23
CA ASN C 830 7.20 -23.95 -6.12
C ASN C 830 7.75 -22.59 -6.55
N GLY C 831 8.54 -22.59 -7.62
CA GLY C 831 9.14 -21.39 -8.15
C GLY C 831 10.58 -21.16 -7.75
N LEU C 832 11.10 -21.91 -6.78
CA LEU C 832 12.48 -21.77 -6.32
C LEU C 832 13.34 -22.82 -7.01
N THR C 833 14.42 -22.35 -7.65
CA THR C 833 15.41 -23.22 -8.25
C THR C 833 16.79 -22.82 -7.76
N VAL C 834 17.70 -23.79 -7.75
CA VAL C 834 19.07 -23.58 -7.31
C VAL C 834 19.98 -23.85 -8.50
N LEU C 835 20.63 -22.82 -8.99
CA LEU C 835 21.57 -23.00 -10.09
C LEU C 835 22.88 -23.59 -9.57
N PRO C 836 23.47 -24.53 -10.29
CA PRO C 836 24.77 -25.06 -9.88
C PRO C 836 25.87 -24.07 -10.17
N PRO C 837 27.00 -24.13 -9.46
CA PRO C 837 28.13 -23.25 -9.78
C PRO C 837 28.78 -23.61 -11.09
N LEU C 838 29.42 -22.61 -11.71
CA LEU C 838 30.11 -22.79 -12.97
C LEU C 838 31.35 -23.65 -12.79
N LEU C 839 32.11 -23.41 -11.72
CA LEU C 839 33.29 -24.20 -11.39
C LEU C 839 32.84 -25.34 -10.48
N THR C 840 33.07 -26.58 -10.93
CA THR C 840 32.77 -27.71 -10.06
C THR C 840 33.90 -27.90 -9.04
N ASP C 841 33.66 -28.83 -8.13
CA ASP C 841 34.58 -29.06 -7.03
C ASP C 841 35.88 -29.70 -7.48
N GLU C 842 35.82 -30.49 -8.56
CA GLU C 842 37.04 -31.02 -9.18
C GLU C 842 37.87 -29.91 -9.82
N MET C 843 37.22 -28.92 -10.41
CA MET C 843 37.96 -27.82 -11.04
C MET C 843 38.52 -26.86 -10.00
N ILE C 844 37.80 -26.66 -8.89
CA ILE C 844 38.33 -25.85 -7.79
C ILE C 844 39.50 -26.58 -7.12
N ALA C 845 39.40 -27.90 -7.01
CA ALA C 845 40.50 -28.70 -6.48
C ALA C 845 41.69 -28.72 -7.44
N GLN C 846 41.43 -28.63 -8.74
CA GLN C 846 42.53 -28.58 -9.71
C GLN C 846 43.20 -27.21 -9.75
N TYR C 847 42.43 -26.13 -9.53
CA TYR C 847 43.03 -24.81 -9.27
C TYR C 847 43.89 -24.80 -8.02
N THR C 848 43.42 -25.39 -6.92
CA THR C 848 44.24 -25.44 -5.71
C THR C 848 45.44 -26.36 -5.88
N SER C 849 45.31 -27.43 -6.67
CA SER C 849 46.44 -28.31 -6.92
C SER C 849 47.48 -27.65 -7.81
N ALA C 850 47.03 -26.84 -8.79
CA ALA C 850 47.94 -26.07 -9.62
C ALA C 850 48.66 -24.98 -8.81
N LEU C 851 47.93 -24.33 -7.89
CA LEU C 851 48.54 -23.35 -7.00
C LEU C 851 49.54 -23.99 -6.04
N LEU C 852 49.22 -25.19 -5.54
CA LEU C 852 50.12 -25.85 -4.59
C LEU C 852 51.37 -26.39 -5.27
N ALA C 853 51.21 -26.98 -6.47
CA ALA C 853 52.37 -27.43 -7.24
C ALA C 853 53.22 -26.25 -7.70
N GLY C 854 52.57 -25.13 -8.02
CA GLY C 854 53.30 -23.93 -8.38
C GLY C 854 54.09 -23.33 -7.23
N THR C 855 53.49 -23.28 -6.03
CA THR C 855 54.21 -22.69 -4.90
C THR C 855 55.29 -23.63 -4.36
N ILE C 856 55.09 -24.95 -4.46
CA ILE C 856 56.09 -25.91 -4.00
C ILE C 856 57.27 -25.95 -4.96
N THR C 857 57.01 -25.98 -6.26
CA THR C 857 58.11 -26.05 -7.21
C THR C 857 58.71 -24.70 -7.60
N SER C 858 58.10 -23.56 -7.22
CA SER C 858 58.69 -22.29 -7.65
C SER C 858 58.65 -21.16 -6.64
N GLY C 859 58.15 -21.36 -5.42
CA GLY C 859 58.12 -20.26 -4.47
C GLY C 859 57.02 -19.25 -4.76
N TRP C 860 57.47 -18.11 -5.28
CA TRP C 860 56.70 -16.88 -5.40
C TRP C 860 56.68 -16.38 -6.83
N THR C 861 57.47 -17.03 -7.69
CA THR C 861 57.83 -16.48 -8.99
C THR C 861 56.73 -16.75 -10.01
N PHE C 862 55.95 -17.82 -9.81
CA PHE C 862 54.84 -18.14 -10.71
C PHE C 862 53.70 -17.14 -10.61
N GLY C 863 53.58 -16.43 -9.50
CA GLY C 863 52.60 -15.35 -9.43
C GLY C 863 53.12 -14.06 -10.03
N ALA C 864 54.43 -13.97 -10.26
CA ALA C 864 54.99 -12.76 -10.85
C ALA C 864 55.12 -12.90 -12.37
N GLY C 865 55.90 -13.86 -12.82
CA GLY C 865 56.07 -14.13 -14.23
C GLY C 865 55.97 -15.61 -14.53
N PRO C 866 56.97 -16.16 -15.22
CA PRO C 866 57.01 -17.61 -15.43
C PRO C 866 57.41 -18.33 -14.16
N ALA C 867 56.98 -19.59 -14.07
CA ALA C 867 57.33 -20.43 -12.93
C ALA C 867 58.77 -20.87 -13.07
N LEU C 868 59.63 -20.40 -12.17
CA LEU C 868 61.05 -20.68 -12.25
C LEU C 868 61.40 -21.63 -11.11
N GLN C 869 61.96 -22.78 -11.46
CA GLN C 869 62.20 -23.84 -10.49
C GLN C 869 63.34 -23.47 -9.55
N ILE C 870 63.27 -24.02 -8.34
CA ILE C 870 64.20 -23.73 -7.24
C ILE C 870 64.09 -24.94 -6.31
N PRO C 871 65.18 -25.39 -5.70
CA PRO C 871 65.05 -26.35 -4.59
C PRO C 871 64.29 -25.75 -3.42
N PHE C 872 63.47 -26.59 -2.79
CA PHE C 872 62.67 -26.13 -1.66
C PHE C 872 63.46 -25.73 -0.41
N PRO C 873 64.63 -26.31 -0.07
CA PRO C 873 65.49 -25.63 0.92
C PRO C 873 65.95 -24.23 0.52
N MET C 874 66.23 -23.93 -0.74
CA MET C 874 66.64 -22.57 -1.06
C MET C 874 65.45 -21.62 -1.12
N GLN C 875 64.26 -22.16 -1.46
CA GLN C 875 63.02 -21.41 -1.37
C GLN C 875 62.72 -21.02 0.08
N MET C 876 62.84 -21.99 1.00
CA MET C 876 62.64 -21.73 2.41
C MET C 876 63.77 -20.89 2.99
N ALA C 877 64.95 -20.90 2.34
CA ALA C 877 66.04 -20.01 2.73
C ALA C 877 65.73 -18.56 2.41
N TYR C 878 65.11 -18.27 1.25
CA TYR C 878 64.77 -16.87 0.99
C TYR C 878 63.58 -16.45 1.84
N ARG C 879 62.64 -17.38 2.09
CA ARG C 879 61.50 -17.07 2.95
C ARG C 879 61.90 -16.91 4.41
N PHE C 880 63.03 -17.50 4.81
CA PHE C 880 63.64 -17.16 6.09
C PHE C 880 64.37 -15.83 6.01
N ASN C 881 64.95 -15.52 4.84
CA ASN C 881 65.71 -14.27 4.68
C ASN C 881 64.79 -13.05 4.64
N GLY C 882 63.52 -13.24 4.31
CA GLY C 882 62.58 -12.13 4.30
C GLY C 882 62.14 -11.65 5.67
N ILE C 883 62.35 -12.47 6.70
CA ILE C 883 61.95 -12.12 8.05
C ILE C 883 63.17 -11.97 8.97
N GLY C 884 64.33 -11.63 8.41
CA GLY C 884 65.48 -11.27 9.22
C GLY C 884 66.29 -12.42 9.77
N VAL C 885 66.11 -13.63 9.25
CA VAL C 885 66.87 -14.80 9.69
C VAL C 885 67.75 -15.24 8.52
N THR C 886 69.04 -15.43 8.76
CA THR C 886 69.95 -15.84 7.70
C THR C 886 69.71 -17.28 7.30
N GLN C 887 70.17 -17.64 6.10
CA GLN C 887 69.88 -18.94 5.50
C GLN C 887 70.62 -20.08 6.19
N ASN C 888 71.72 -19.79 6.89
CA ASN C 888 72.50 -20.82 7.57
C ASN C 888 71.78 -21.40 8.77
N VAL C 889 70.79 -20.70 9.32
CA VAL C 889 69.95 -21.25 10.38
C VAL C 889 69.13 -22.43 9.88
N LEU C 890 68.52 -22.28 8.70
CA LEU C 890 67.83 -23.39 8.06
C LEU C 890 68.81 -24.45 7.58
N TYR C 891 69.99 -24.03 7.09
CA TYR C 891 70.92 -25.00 6.53
C TYR C 891 71.66 -25.79 7.61
N GLU C 892 71.58 -25.35 8.88
CA GLU C 892 72.04 -26.19 9.98
C GLU C 892 70.88 -26.83 10.74
N ASN C 893 69.64 -26.39 10.53
CA ASN C 893 68.50 -26.98 11.23
C ASN C 893 67.42 -27.50 10.28
N GLN C 894 67.81 -27.99 9.09
CA GLN C 894 66.87 -28.40 8.06
C GLN C 894 66.04 -29.62 8.47
N LYS C 895 66.66 -30.60 9.14
CA LYS C 895 65.95 -31.79 9.59
C LYS C 895 64.95 -31.46 10.71
N LEU C 896 65.35 -30.55 11.61
CA LEU C 896 64.45 -30.11 12.68
C LEU C 896 63.29 -29.29 12.14
N ILE C 897 63.55 -28.43 11.15
CA ILE C 897 62.51 -27.61 10.54
C ILE C 897 61.55 -28.46 9.74
N ALA C 898 62.06 -29.48 9.04
CA ALA C 898 61.21 -30.42 8.31
C ALA C 898 60.37 -31.28 9.24
N ASN C 899 60.94 -31.71 10.38
CA ASN C 899 60.17 -32.49 11.35
C ASN C 899 59.10 -31.66 12.04
N GLN C 900 59.42 -30.39 12.37
CA GLN C 900 58.44 -29.47 12.95
C GLN C 900 57.34 -29.13 11.96
N PHE C 901 57.69 -28.98 10.68
CA PHE C 901 56.71 -28.70 9.64
C PHE C 901 55.78 -29.89 9.41
N ASN C 902 56.34 -31.11 9.43
CA ASN C 902 55.52 -32.31 9.23
C ASN C 902 54.62 -32.58 10.43
N SER C 903 55.11 -32.30 11.64
CA SER C 903 54.27 -32.42 12.83
C SER C 903 53.16 -31.38 12.85
N ALA C 904 53.46 -30.15 12.44
CA ALA C 904 52.45 -29.09 12.43
C ALA C 904 51.44 -29.30 11.30
N ILE C 905 51.86 -29.88 10.18
CA ILE C 905 50.95 -30.22 9.10
C ILE C 905 50.05 -31.39 9.51
N GLY C 906 50.62 -32.39 10.19
CA GLY C 906 49.82 -33.53 10.63
C GLY C 906 48.90 -33.20 11.80
N LYS C 907 49.18 -32.11 12.51
CA LYS C 907 48.26 -31.66 13.55
C LYS C 907 47.00 -31.02 12.98
N ILE C 908 47.03 -30.58 11.72
CA ILE C 908 45.91 -29.86 11.11
C ILE C 908 44.72 -30.79 10.88
N GLN C 909 44.98 -31.99 10.35
CA GLN C 909 43.93 -32.97 10.10
C GLN C 909 43.34 -33.49 11.40
N ASP C 910 44.18 -33.69 12.42
CA ASP C 910 43.70 -34.14 13.72
C ASP C 910 42.89 -33.07 14.44
N SER C 911 43.29 -31.80 14.31
CA SER C 911 42.55 -30.71 14.93
C SER C 911 41.22 -30.47 14.23
N LEU C 912 41.20 -30.59 12.90
CA LEU C 912 39.96 -30.41 12.16
C LEU C 912 39.03 -31.60 12.31
N SER C 913 39.57 -32.79 12.59
CA SER C 913 38.74 -33.96 12.86
C SER C 913 38.22 -34.01 14.28
N SER C 914 38.98 -33.54 15.27
CA SER C 914 38.57 -33.64 16.67
C SER C 914 37.93 -32.38 17.23
N THR C 915 38.09 -31.22 16.60
CA THR C 915 37.53 -29.99 17.14
C THR C 915 36.28 -29.62 16.34
N PRO C 916 35.09 -29.67 16.93
CA PRO C 916 33.89 -29.23 16.22
C PRO C 916 33.83 -27.70 16.15
N SER C 917 32.98 -27.23 15.22
CA SER C 917 32.66 -25.83 14.92
C SER C 917 33.88 -25.01 14.51
N ALA C 918 34.92 -25.65 13.96
CA ALA C 918 35.99 -24.91 13.32
C ALA C 918 35.56 -24.42 11.95
N LEU C 919 34.63 -25.13 11.31
CA LEU C 919 34.08 -24.76 10.02
C LEU C 919 32.73 -24.05 10.17
N GLY C 920 32.55 -23.29 11.26
CA GLY C 920 31.31 -22.59 11.48
C GLY C 920 31.10 -21.42 10.54
N LYS C 921 32.19 -20.85 10.02
CA LYS C 921 32.08 -19.77 9.05
C LYS C 921 31.56 -20.27 7.71
N LEU C 922 31.79 -21.54 7.39
CA LEU C 922 31.18 -22.17 6.23
C LEU C 922 29.83 -22.80 6.54
N GLN C 923 29.57 -23.12 7.82
CA GLN C 923 28.27 -23.68 8.17
C GLN C 923 27.19 -22.60 8.24
N ASP C 924 27.54 -21.40 8.72
CA ASP C 924 26.52 -20.37 8.96
C ASP C 924 25.99 -19.77 7.66
N VAL C 925 26.77 -19.79 6.58
CA VAL C 925 26.29 -19.20 5.33
C VAL C 925 25.25 -20.10 4.66
N VAL C 926 25.48 -21.43 4.67
CA VAL C 926 24.49 -22.34 4.09
C VAL C 926 23.31 -22.50 5.04
N ASN C 927 23.54 -22.34 6.36
CA ASN C 927 22.43 -22.33 7.31
C ASN C 927 21.55 -21.10 7.14
N GLN C 928 22.15 -19.93 6.91
CA GLN C 928 21.39 -18.70 6.69
C GLN C 928 20.64 -18.73 5.37
N ASN C 929 21.27 -19.29 4.32
CA ASN C 929 20.61 -19.35 3.01
C ASN C 929 19.47 -20.36 2.99
N ALA C 930 19.67 -21.54 3.61
CA ALA C 930 18.60 -22.53 3.69
C ALA C 930 17.50 -22.09 4.64
N GLN C 931 17.85 -21.32 5.67
CA GLN C 931 16.86 -20.85 6.64
C GLN C 931 16.03 -19.72 6.05
N ALA C 932 16.65 -18.86 5.21
CA ALA C 932 15.90 -17.84 4.50
C ALA C 932 15.01 -18.45 3.42
N LEU C 933 15.47 -19.53 2.78
CA LEU C 933 14.64 -20.27 1.83
C LEU C 933 13.46 -20.95 2.52
N ASN C 934 13.69 -21.49 3.72
CA ASN C 934 12.61 -22.12 4.47
C ASN C 934 11.61 -21.08 4.99
N THR C 935 12.09 -19.88 5.32
CA THR C 935 11.20 -18.78 5.68
C THR C 935 10.37 -18.31 4.48
N LEU C 936 10.99 -18.27 3.29
CA LEU C 936 10.27 -17.88 2.08
C LEU C 936 9.24 -18.93 1.67
N VAL C 937 9.52 -20.20 1.93
CA VAL C 937 8.51 -21.25 1.72
C VAL C 937 7.39 -21.13 2.75
N LYS C 938 7.76 -20.88 4.01
CA LYS C 938 6.78 -20.88 5.10
C LYS C 938 5.90 -19.63 5.10
N GLN C 939 6.30 -18.57 4.39
CA GLN C 939 5.43 -17.40 4.27
C GLN C 939 4.35 -17.60 3.21
N LEU C 940 4.38 -18.68 2.43
CA LEU C 940 3.29 -18.98 1.51
C LEU C 940 2.02 -19.41 2.23
N SER C 941 2.14 -20.01 3.42
CA SER C 941 0.98 -20.45 4.19
C SER C 941 0.38 -19.34 5.04
N SER C 942 0.94 -18.14 5.00
CA SER C 942 0.38 -17.02 5.75
C SER C 942 -0.87 -16.49 5.06
N ASN C 943 -1.81 -15.99 5.86
CA ASN C 943 -3.07 -15.50 5.34
C ASN C 943 -2.99 -14.06 4.84
N PHE C 944 -2.32 -13.18 5.60
CA PHE C 944 -2.28 -11.72 5.41
C PHE C 944 -3.67 -11.09 5.35
N GLY C 945 -4.61 -11.61 6.15
CA GLY C 945 -5.97 -11.11 6.17
C GLY C 945 -6.95 -11.83 5.26
N ALA C 946 -6.51 -12.89 4.59
CA ALA C 946 -7.39 -13.60 3.68
C ALA C 946 -8.26 -14.62 4.41
N ILE C 947 -9.24 -15.14 3.68
CA ILE C 947 -10.09 -16.21 4.22
C ILE C 947 -9.39 -17.57 4.16
N SER C 948 -8.45 -17.74 3.24
CA SER C 948 -7.58 -18.92 3.20
C SER C 948 -6.30 -18.53 2.48
N SER C 949 -5.23 -19.28 2.74
CA SER C 949 -3.91 -18.90 2.24
C SER C 949 -3.58 -19.50 0.88
N VAL C 950 -4.24 -20.58 0.48
CA VAL C 950 -3.97 -21.23 -0.80
C VAL C 950 -4.81 -20.53 -1.88
N LEU C 951 -4.22 -20.39 -3.08
CA LEU C 951 -4.85 -19.58 -4.12
C LEU C 951 -6.02 -20.30 -4.77
N ASN C 952 -5.93 -21.63 -4.93
CA ASN C 952 -6.90 -22.37 -5.72
C ASN C 952 -8.24 -22.51 -5.00
N ASP C 953 -8.23 -22.57 -3.67
CA ASP C 953 -9.49 -22.65 -2.93
C ASP C 953 -10.23 -21.31 -2.92
N ILE C 954 -9.54 -20.19 -2.78
CA ILE C 954 -10.22 -18.90 -2.79
C ILE C 954 -10.56 -18.48 -4.21
N LEU C 955 -9.89 -19.08 -5.21
CA LEU C 955 -10.36 -18.91 -6.58
C LEU C 955 -11.60 -19.75 -6.85
N SER C 956 -11.61 -21.00 -6.39
CA SER C 956 -12.58 -21.97 -6.89
C SER C 956 -13.96 -21.84 -6.28
N ARG C 957 -14.13 -21.12 -5.17
CA ARG C 957 -15.47 -20.91 -4.61
C ARG C 957 -15.90 -19.44 -4.60
N LEU C 958 -15.20 -18.55 -5.28
CA LEU C 958 -15.57 -17.15 -5.36
C LEU C 958 -15.66 -16.70 -6.81
N ASP C 959 -16.54 -15.74 -7.07
CA ASP C 959 -16.57 -15.07 -8.36
C ASP C 959 -15.37 -14.14 -8.49
N PRO C 960 -14.85 -13.92 -9.71
CA PRO C 960 -13.70 -12.99 -9.90
C PRO C 960 -13.94 -11.53 -9.50
N PRO C 961 -15.08 -10.85 -9.80
CA PRO C 961 -15.14 -9.42 -9.41
C PRO C 961 -15.31 -9.17 -7.93
N GLU C 962 -15.63 -10.18 -7.12
CA GLU C 962 -15.51 -10.10 -5.68
C GLU C 962 -14.23 -10.73 -5.17
N ALA C 963 -13.57 -11.56 -5.99
CA ALA C 963 -12.40 -12.30 -5.54
C ALA C 963 -11.10 -11.59 -5.87
N GLU C 964 -11.15 -10.49 -6.64
CA GLU C 964 -9.93 -9.80 -7.05
C GLU C 964 -9.17 -9.17 -5.89
N VAL C 965 -9.87 -8.53 -4.94
CA VAL C 965 -9.20 -7.97 -3.77
C VAL C 965 -8.76 -9.09 -2.81
N GLN C 966 -9.50 -10.21 -2.82
CA GLN C 966 -9.18 -11.40 -2.03
C GLN C 966 -7.88 -12.04 -2.51
N ILE C 967 -7.67 -12.03 -3.83
CA ILE C 967 -6.38 -12.42 -4.40
C ILE C 967 -5.31 -11.37 -4.07
N ASP C 968 -5.68 -10.09 -4.15
CA ASP C 968 -4.70 -8.99 -4.16
C ASP C 968 -4.05 -8.78 -2.80
N ARG C 969 -4.74 -9.14 -1.71
CA ARG C 969 -4.11 -9.14 -0.39
C ARG C 969 -2.97 -10.16 -0.30
N LEU C 970 -3.18 -11.36 -0.84
CA LEU C 970 -2.12 -12.37 -0.91
C LEU C 970 -1.02 -11.96 -1.88
N ILE C 971 -1.39 -11.24 -2.94
CA ILE C 971 -0.43 -10.71 -3.93
C ILE C 971 0.54 -9.74 -3.27
N THR C 972 0.01 -8.76 -2.51
CA THR C 972 0.89 -7.76 -1.91
C THR C 972 1.66 -8.32 -0.71
N GLY C 973 1.08 -9.31 -0.01
CA GLY C 973 1.81 -9.94 1.09
C GLY C 973 2.97 -10.80 0.62
N ARG C 974 2.74 -11.61 -0.42
CA ARG C 974 3.79 -12.46 -0.97
C ARG C 974 4.84 -11.63 -1.70
N LEU C 975 4.43 -10.52 -2.31
CA LEU C 975 5.39 -9.63 -2.97
C LEU C 975 6.27 -8.90 -1.95
N GLN C 976 5.69 -8.50 -0.82
CA GLN C 976 6.47 -7.87 0.24
C GLN C 976 7.46 -8.85 0.88
N SER C 977 7.04 -10.11 1.05
CA SER C 977 7.94 -11.14 1.58
C SER C 977 9.05 -11.46 0.59
N LEU C 978 8.75 -11.44 -0.72
CA LEU C 978 9.75 -11.74 -1.73
C LEU C 978 10.77 -10.61 -1.86
N GLN C 979 10.34 -9.35 -1.77
CA GLN C 979 11.30 -8.25 -1.85
C GLN C 979 12.10 -8.12 -0.56
N THR C 980 11.53 -8.56 0.57
CA THR C 980 12.29 -8.69 1.81
C THR C 980 13.40 -9.72 1.68
N TYR C 981 13.09 -10.87 1.06
CA TYR C 981 14.09 -11.93 0.86
C TYR C 981 15.18 -11.49 -0.12
N VAL C 982 14.80 -10.73 -1.15
CA VAL C 982 15.78 -10.23 -2.12
C VAL C 982 16.70 -9.18 -1.49
N THR C 983 16.15 -8.34 -0.59
CA THR C 983 16.95 -7.37 0.15
C THR C 983 17.95 -8.06 1.10
N GLN C 984 17.49 -9.11 1.80
CA GLN C 984 18.37 -9.88 2.68
C GLN C 984 19.47 -10.59 1.91
N GLN C 985 19.15 -11.15 0.74
CA GLN C 985 20.17 -11.79 -0.08
C GLN C 985 21.12 -10.78 -0.72
N LEU C 986 20.66 -9.56 -0.97
CA LEU C 986 21.56 -8.52 -1.48
C LEU C 986 22.58 -8.08 -0.44
N ILE C 987 22.13 -7.90 0.82
CA ILE C 987 23.05 -7.52 1.90
C ILE C 987 24.02 -8.68 2.22
N ARG C 988 23.51 -9.91 2.21
CA ARG C 988 24.36 -11.07 2.46
C ARG C 988 25.32 -11.33 1.30
N ALA C 989 24.90 -11.01 0.06
CA ALA C 989 25.79 -11.16 -1.09
C ALA C 989 26.87 -10.10 -1.08
N ALA C 990 26.57 -8.90 -0.56
CA ALA C 990 27.60 -7.88 -0.36
C ALA C 990 28.61 -8.31 0.69
N GLU C 991 28.14 -8.96 1.77
CA GLU C 991 29.05 -9.49 2.80
C GLU C 991 29.94 -10.61 2.28
N ILE C 992 29.36 -11.53 1.48
CA ILE C 992 30.13 -12.63 0.90
C ILE C 992 31.09 -12.11 -0.19
N ARG C 993 30.70 -11.04 -0.89
CA ARG C 993 31.61 -10.43 -1.87
C ARG C 993 32.78 -9.74 -1.19
N ALA C 994 32.55 -9.11 -0.04
CA ALA C 994 33.66 -8.53 0.74
C ALA C 994 34.58 -9.62 1.29
N SER C 995 34.01 -10.75 1.75
CA SER C 995 34.81 -11.87 2.23
C SER C 995 35.58 -12.54 1.10
N ALA C 996 35.00 -12.56 -0.11
CA ALA C 996 35.69 -13.14 -1.25
C ALA C 996 36.80 -12.22 -1.76
N ASN C 997 36.61 -10.91 -1.64
CA ASN C 997 37.69 -9.97 -1.95
C ASN C 997 38.84 -10.10 -0.96
N LEU C 998 38.52 -10.32 0.32
CA LEU C 998 39.53 -10.59 1.33
C LEU C 998 40.24 -11.92 1.07
N ALA C 999 39.51 -12.94 0.62
CA ALA C 999 40.10 -14.24 0.35
C ALA C 999 40.98 -14.21 -0.90
N ALA C 1000 40.59 -13.42 -1.91
CA ALA C 1000 41.42 -13.27 -3.10
C ALA C 1000 42.69 -12.47 -2.80
N THR C 1001 42.58 -11.45 -1.94
CA THR C 1001 43.76 -10.71 -1.48
C THR C 1001 44.69 -11.60 -0.66
N LYS C 1002 44.12 -12.46 0.19
CA LYS C 1002 44.94 -13.35 1.02
C LYS C 1002 45.57 -14.46 0.19
N MET C 1003 44.89 -14.90 -0.88
CA MET C 1003 45.49 -15.82 -1.85
C MET C 1003 46.68 -15.17 -2.56
N SER C 1004 46.49 -13.95 -3.07
CA SER C 1004 47.51 -13.29 -3.88
C SER C 1004 48.71 -12.85 -3.03
N GLU C 1005 48.51 -12.61 -1.74
CA GLU C 1005 49.58 -12.07 -0.90
C GLU C 1005 50.08 -13.05 0.15
N CYS C 1006 49.48 -14.24 0.28
CA CYS C 1006 50.01 -15.22 1.21
C CYS C 1006 50.44 -16.45 0.44
N VAL C 1007 49.73 -16.80 -0.63
CA VAL C 1007 50.07 -17.99 -1.41
C VAL C 1007 51.07 -17.65 -2.50
N LEU C 1008 50.80 -16.58 -3.25
CA LEU C 1008 51.62 -16.23 -4.41
C LEU C 1008 52.88 -15.46 -4.04
N GLY C 1009 53.06 -15.12 -2.77
CA GLY C 1009 54.25 -14.44 -2.29
C GLY C 1009 54.36 -14.56 -0.78
N GLN C 1010 55.36 -13.86 -0.24
CA GLN C 1010 55.58 -13.82 1.20
C GLN C 1010 55.26 -12.42 1.68
N SER C 1011 54.43 -12.32 2.72
CA SER C 1011 53.88 -11.05 3.17
C SER C 1011 54.62 -10.58 4.42
N LYS C 1012 54.99 -9.30 4.42
CA LYS C 1012 55.55 -8.64 5.59
C LYS C 1012 54.48 -8.00 6.46
N ARG C 1013 53.21 -8.14 6.10
CA ARG C 1013 52.12 -7.57 6.86
C ARG C 1013 51.88 -8.39 8.12
N VAL C 1014 51.86 -7.73 9.27
CA VAL C 1014 51.74 -8.41 10.55
C VAL C 1014 50.28 -8.82 10.76
N ASP C 1015 50.09 -10.09 11.13
CA ASP C 1015 48.81 -10.76 11.40
C ASP C 1015 47.87 -10.75 10.20
N PHE C 1016 48.41 -10.82 8.99
CA PHE C 1016 47.58 -10.93 7.80
C PHE C 1016 47.58 -12.36 7.25
N CYS C 1017 48.70 -13.05 7.38
CA CYS C 1017 48.79 -14.46 7.01
C CYS C 1017 49.18 -15.30 8.22
N GLY C 1018 48.48 -15.10 9.33
CA GLY C 1018 48.67 -15.94 10.50
C GLY C 1018 49.46 -15.27 11.61
N LYS C 1019 49.43 -15.90 12.78
CA LYS C 1019 50.14 -15.39 13.94
C LYS C 1019 51.62 -15.75 13.85
N GLY C 1020 52.48 -14.74 13.84
CA GLY C 1020 53.91 -14.94 13.72
C GLY C 1020 54.44 -14.36 12.44
N TYR C 1021 55.75 -14.53 12.25
CA TYR C 1021 56.43 -14.10 11.03
C TYR C 1021 56.07 -15.07 9.91
N HIS C 1022 55.44 -14.55 8.86
CA HIS C 1022 54.88 -15.39 7.81
C HIS C 1022 55.97 -15.93 6.89
N LEU C 1023 55.92 -17.23 6.61
CA LEU C 1023 56.81 -17.85 5.63
C LEU C 1023 56.10 -18.07 4.29
N MET C 1024 55.06 -18.92 4.27
CA MET C 1024 54.34 -19.28 3.05
C MET C 1024 53.01 -19.89 3.47
N SER C 1025 52.10 -20.01 2.51
CA SER C 1025 50.73 -20.42 2.82
C SER C 1025 50.26 -21.46 1.81
N PHE C 1026 49.27 -22.26 2.24
CA PHE C 1026 48.76 -23.37 1.45
C PHE C 1026 47.26 -23.21 1.28
N PRO C 1027 46.75 -23.01 0.06
CA PRO C 1027 45.30 -23.06 -0.14
C PRO C 1027 44.77 -24.48 -0.16
N GLN C 1028 43.53 -24.62 0.30
CA GLN C 1028 42.83 -25.89 0.25
C GLN C 1028 41.38 -25.63 -0.16
N SER C 1029 40.84 -26.51 -0.99
CA SER C 1029 39.47 -26.39 -1.45
C SER C 1029 38.50 -26.71 -0.31
N ALA C 1030 37.37 -26.02 -0.32
CA ALA C 1030 36.36 -26.17 0.71
C ALA C 1030 35.01 -26.02 0.05
N PRO C 1031 33.94 -26.57 0.64
CA PRO C 1031 32.59 -26.31 0.13
C PRO C 1031 32.17 -24.87 0.39
N HIS C 1032 32.05 -24.12 -0.72
CA HIS C 1032 31.72 -22.68 -0.76
C HIS C 1032 32.70 -21.84 0.06
N GLY C 1033 33.99 -22.16 -0.03
CA GLY C 1033 34.98 -21.41 0.71
C GLY C 1033 36.38 -21.85 0.35
N VAL C 1034 37.34 -21.28 1.06
CA VAL C 1034 38.76 -21.63 0.91
C VAL C 1034 39.37 -21.68 2.31
N VAL C 1035 40.26 -22.64 2.53
CA VAL C 1035 40.97 -22.79 3.79
C VAL C 1035 42.45 -22.58 3.54
N PHE C 1036 43.04 -21.59 4.20
CA PHE C 1036 44.45 -21.27 4.07
C PHE C 1036 45.22 -21.91 5.22
N LEU C 1037 46.31 -22.60 4.89
CA LEU C 1037 47.20 -23.18 5.90
C LEU C 1037 48.45 -22.31 5.95
N HIS C 1038 48.48 -21.38 6.90
CA HIS C 1038 49.53 -20.39 7.01
C HIS C 1038 50.69 -20.95 7.81
N VAL C 1039 51.84 -21.14 7.17
CA VAL C 1039 53.05 -21.59 7.83
C VAL C 1039 53.78 -20.36 8.33
N THR C 1040 53.93 -20.25 9.65
CA THR C 1040 54.52 -19.08 10.28
C THR C 1040 55.74 -19.48 11.10
N TYR C 1041 56.61 -18.51 11.34
CA TYR C 1041 57.82 -18.69 12.12
C TYR C 1041 57.62 -18.02 13.47
N VAL C 1042 57.56 -18.82 14.53
CA VAL C 1042 57.35 -18.33 15.88
C VAL C 1042 58.60 -18.66 16.70
N PRO C 1043 59.21 -17.68 17.37
CA PRO C 1043 60.33 -17.98 18.27
C PRO C 1043 59.87 -18.73 19.52
N ALA C 1044 60.78 -19.51 20.09
CA ALA C 1044 60.43 -20.37 21.23
C ALA C 1044 61.13 -20.03 22.53
N GLN C 1045 62.46 -20.07 22.58
CA GLN C 1045 63.21 -19.97 23.83
C GLN C 1045 64.19 -18.82 23.77
N GLU C 1046 64.05 -17.88 24.70
CA GLU C 1046 64.87 -16.67 24.72
C GLU C 1046 65.73 -16.63 25.97
N LYS C 1047 66.80 -15.83 25.90
CA LYS C 1047 67.71 -15.62 27.03
C LYS C 1047 67.99 -14.13 27.20
N ASN C 1048 68.28 -13.74 28.44
CA ASN C 1048 68.65 -12.36 28.75
C ASN C 1048 70.10 -12.10 28.38
N PHE C 1049 70.35 -10.94 27.77
CA PHE C 1049 71.70 -10.47 27.50
C PHE C 1049 71.75 -8.96 27.74
N THR C 1050 72.93 -8.46 28.06
CA THR C 1050 73.13 -7.03 28.27
C THR C 1050 73.51 -6.37 26.94
N THR C 1051 72.91 -5.21 26.66
CA THR C 1051 73.15 -4.50 25.41
C THR C 1051 74.10 -3.33 25.60
N ALA C 1052 74.46 -2.75 24.46
CA ALA C 1052 75.13 -1.47 24.30
C ALA C 1052 74.80 -1.03 22.88
N PRO C 1053 74.40 0.22 22.66
CA PRO C 1053 74.16 0.66 21.28
C PRO C 1053 75.41 0.84 20.44
N ALA C 1054 76.59 0.99 21.05
CA ALA C 1054 77.82 1.13 20.29
C ALA C 1054 78.99 0.59 21.10
N ILE C 1055 80.10 0.34 20.41
CA ILE C 1055 81.34 -0.13 21.01
C ILE C 1055 82.41 0.91 20.75
N CYS C 1056 83.08 1.36 21.81
CA CYS C 1056 84.18 2.31 21.68
C CYS C 1056 85.44 1.57 21.29
N HIS C 1057 86.17 2.11 20.32
CA HIS C 1057 87.48 1.61 19.94
C HIS C 1057 88.32 2.76 19.44
N ASP C 1058 89.37 3.10 20.21
CA ASP C 1058 90.36 4.20 20.03
C ASP C 1058 89.73 5.55 19.66
N GLY C 1059 88.56 5.85 20.24
CA GLY C 1059 87.86 7.09 20.00
C GLY C 1059 86.72 6.98 19.01
N LYS C 1060 86.62 5.86 18.28
CA LYS C 1060 85.56 5.68 17.29
C LYS C 1060 84.43 4.85 17.88
N ALA C 1061 83.21 5.12 17.41
CA ALA C 1061 82.03 4.39 17.84
C ALA C 1061 81.60 3.44 16.73
N HIS C 1062 81.42 2.17 17.08
CA HIS C 1062 81.04 1.14 16.11
C HIS C 1062 79.60 0.73 16.33
N PHE C 1063 78.77 0.92 15.32
CA PHE C 1063 77.35 0.62 15.33
C PHE C 1063 77.10 -0.67 14.54
N PRO C 1064 76.13 -1.50 14.93
CA PRO C 1064 75.93 -2.78 14.24
C PRO C 1064 75.35 -2.61 12.84
N ARG C 1065 75.99 -3.26 11.88
CA ARG C 1065 75.54 -3.22 10.50
C ARG C 1065 74.26 -4.03 10.32
N GLU C 1066 74.18 -5.19 10.96
CA GLU C 1066 72.96 -5.97 11.02
C GLU C 1066 72.91 -6.68 12.36
N GLY C 1067 71.81 -6.51 13.08
CA GLY C 1067 71.64 -7.15 14.36
C GLY C 1067 71.92 -6.27 15.55
N VAL C 1068 72.33 -6.94 16.63
CA VAL C 1068 72.37 -6.36 17.97
C VAL C 1068 73.69 -6.74 18.63
N PHE C 1069 74.19 -5.85 19.50
CA PHE C 1069 75.27 -6.18 20.42
C PHE C 1069 74.68 -6.88 21.64
N VAL C 1070 75.19 -8.08 21.93
CA VAL C 1070 74.80 -8.82 23.14
C VAL C 1070 76.06 -9.18 23.90
N SER C 1071 75.88 -9.50 25.18
CA SER C 1071 76.95 -10.01 26.02
C SER C 1071 76.39 -11.05 26.96
N ASN C 1072 77.17 -12.10 27.19
CA ASN C 1072 76.80 -13.15 28.15
C ASN C 1072 77.26 -12.83 29.56
N GLY C 1073 77.93 -11.70 29.75
CA GLY C 1073 78.43 -11.29 31.05
C GLY C 1073 79.89 -10.85 31.05
N THR C 1074 80.73 -11.46 30.22
CA THR C 1074 82.15 -11.14 30.19
C THR C 1074 82.57 -10.55 28.84
N HIS C 1075 82.06 -11.12 27.74
CA HIS C 1075 82.50 -10.74 26.41
C HIS C 1075 81.30 -10.36 25.57
N TRP C 1076 81.54 -9.44 24.63
CA TRP C 1076 80.49 -8.88 23.79
C TRP C 1076 80.48 -9.55 22.43
N PHE C 1077 79.28 -9.75 21.88
CA PHE C 1077 79.09 -10.43 20.60
C PHE C 1077 78.06 -9.70 19.77
N VAL C 1078 78.11 -9.95 18.47
CA VAL C 1078 77.09 -9.50 17.53
C VAL C 1078 76.22 -10.69 17.17
N THR C 1079 74.91 -10.55 17.35
CA THR C 1079 73.99 -11.56 16.88
C THR C 1079 72.82 -10.87 16.18
N GLN C 1080 72.14 -11.63 15.32
CA GLN C 1080 70.93 -11.12 14.69
C GLN C 1080 69.77 -11.15 15.69
N ARG C 1081 68.71 -10.41 15.38
CA ARG C 1081 67.66 -10.18 16.37
C ARG C 1081 66.73 -11.37 16.55
N ASN C 1082 66.52 -12.16 15.50
CA ASN C 1082 65.54 -13.23 15.53
C ASN C 1082 66.14 -14.60 15.83
N PHE C 1083 67.46 -14.71 15.93
CA PHE C 1083 68.11 -15.97 16.27
C PHE C 1083 69.44 -15.72 16.97
N TYR C 1084 69.82 -16.61 17.89
CA TYR C 1084 71.06 -16.42 18.63
C TYR C 1084 72.21 -17.13 17.93
N GLU C 1085 73.00 -16.39 17.17
CA GLU C 1085 74.30 -16.90 16.75
C GLU C 1085 75.36 -15.83 17.03
N PRO C 1086 76.21 -16.04 18.05
CA PRO C 1086 77.22 -15.03 18.38
C PRO C 1086 78.43 -15.13 17.47
N GLN C 1087 78.85 -13.98 16.95
CA GLN C 1087 80.11 -13.87 16.22
C GLN C 1087 80.99 -12.82 16.88
N ILE C 1088 82.28 -12.89 16.57
CA ILE C 1088 83.25 -11.93 17.09
C ILE C 1088 83.05 -10.59 16.39
N ILE C 1089 83.07 -9.51 17.17
CA ILE C 1089 82.87 -8.16 16.65
C ILE C 1089 84.09 -7.76 15.83
N THR C 1090 83.93 -7.70 14.51
CA THR C 1090 85.01 -7.35 13.60
C THR C 1090 84.66 -6.05 12.89
N THR C 1091 85.62 -5.54 12.13
CA THR C 1091 85.42 -4.28 11.39
C THR C 1091 84.53 -4.45 10.17
N ASP C 1092 84.38 -5.66 9.64
CA ASP C 1092 83.44 -5.93 8.57
C ASP C 1092 82.03 -6.26 9.06
N ASN C 1093 81.83 -6.27 10.38
CA ASN C 1093 80.52 -6.53 10.97
C ASN C 1093 79.87 -5.27 11.54
N THR C 1094 80.65 -4.21 11.77
CA THR C 1094 80.16 -2.94 12.26
C THR C 1094 80.55 -1.83 11.29
N PHE C 1095 80.02 -0.63 11.54
CA PHE C 1095 80.42 0.55 10.79
C PHE C 1095 80.73 1.69 11.75
N VAL C 1096 81.66 2.56 11.32
CA VAL C 1096 82.17 3.64 12.14
C VAL C 1096 81.34 4.90 11.88
N SER C 1097 80.87 5.53 12.96
CA SER C 1097 80.10 6.77 12.84
C SER C 1097 80.33 7.63 14.06
N GLY C 1098 81.08 8.71 13.91
CA GLY C 1098 81.25 9.66 14.99
C GLY C 1098 82.22 9.18 16.06
N ASN C 1099 82.07 9.74 17.26
CA ASN C 1099 82.93 9.43 18.38
C ASN C 1099 82.08 9.07 19.60
N CYS C 1100 82.75 8.71 20.69
CA CYS C 1100 82.07 8.16 21.85
C CYS C 1100 81.41 9.22 22.73
N ASP C 1101 81.73 10.50 22.53
CA ASP C 1101 81.27 11.55 23.43
C ASP C 1101 79.85 12.02 23.15
N VAL C 1102 79.23 11.59 22.05
CA VAL C 1102 77.91 12.06 21.67
C VAL C 1102 76.83 11.01 21.97
N VAL C 1103 77.18 9.73 21.96
CA VAL C 1103 76.20 8.67 22.16
C VAL C 1103 76.17 8.29 23.63
N ILE C 1104 74.97 8.23 24.20
CA ILE C 1104 74.81 7.97 25.63
C ILE C 1104 74.77 6.47 25.87
N GLY C 1105 75.39 6.02 26.97
CA GLY C 1105 75.29 4.65 27.45
C GLY C 1105 75.96 3.58 26.62
N ILE C 1106 77.20 3.81 26.21
CA ILE C 1106 77.96 2.84 25.43
C ILE C 1106 79.14 2.35 26.24
N VAL C 1107 79.66 1.17 25.86
CA VAL C 1107 80.70 0.49 26.61
C VAL C 1107 81.98 0.47 25.78
N ASN C 1108 83.07 0.11 26.45
CA ASN C 1108 84.37 -0.06 25.80
C ASN C 1108 84.68 -1.53 25.62
N ASN C 1109 85.08 -1.90 24.41
CA ASN C 1109 85.59 -3.23 24.13
C ASN C 1109 86.58 -3.13 22.97
N THR C 1110 86.93 -4.27 22.40
CA THR C 1110 87.86 -4.33 21.28
C THR C 1110 87.17 -4.86 20.04
N VAL C 1111 87.37 -4.14 18.94
CA VAL C 1111 86.88 -4.55 17.62
C VAL C 1111 88.10 -4.94 16.78
N TYR C 1112 88.19 -6.21 16.42
CA TYR C 1112 89.38 -6.76 15.82
C TYR C 1112 89.37 -6.57 14.31
N ASP C 1113 90.44 -5.95 13.79
CA ASP C 1113 90.62 -5.76 12.36
C ASP C 1113 91.33 -6.98 11.82
N PRO C 1114 90.75 -7.72 10.86
CA PRO C 1114 91.29 -9.04 10.49
C PRO C 1114 92.60 -9.04 9.70
N LEU C 1115 93.01 -7.92 9.12
CA LEU C 1115 94.20 -7.94 8.27
C LEU C 1115 95.49 -7.81 9.09
N GLN C 1116 95.37 -7.40 10.36
CA GLN C 1116 96.52 -7.25 11.24
C GLN C 1116 97.27 -8.55 11.57
N PRO C 1117 96.64 -9.71 11.91
CA PRO C 1117 97.46 -10.94 11.99
C PRO C 1117 97.86 -11.50 10.64
N GLU C 1118 97.21 -11.08 9.55
CA GLU C 1118 97.63 -11.53 8.22
C GLU C 1118 98.93 -10.86 7.78
N LEU C 1119 99.05 -9.55 7.97
CA LEU C 1119 100.35 -8.91 7.75
C LEU C 1119 101.36 -9.21 8.85
N ASP C 1120 100.92 -9.35 10.09
CA ASP C 1120 101.82 -9.77 11.17
C ASP C 1120 102.02 -11.27 11.14
N GLN D 1 -63.05 36.92 -57.44
CA GLN D 1 -61.76 37.56 -57.60
C GLN D 1 -61.19 38.01 -56.26
N VAL D 2 -59.99 37.55 -55.93
CA VAL D 2 -59.32 37.98 -54.70
C VAL D 2 -58.11 38.86 -55.04
N GLN D 3 -58.11 40.06 -54.47
CA GLN D 3 -57.03 41.02 -54.71
C GLN D 3 -56.78 41.83 -53.43
N LEU D 4 -55.55 42.31 -53.30
CA LEU D 4 -55.08 43.00 -52.11
C LEU D 4 -54.52 44.36 -52.54
N VAL D 5 -55.33 45.41 -52.38
CA VAL D 5 -54.85 46.74 -52.74
C VAL D 5 -53.95 47.29 -51.65
N GLN D 6 -53.11 48.25 -52.05
CA GLN D 6 -52.14 48.87 -51.13
C GLN D 6 -52.20 50.38 -51.27
N SER D 7 -51.45 51.05 -50.40
CA SER D 7 -51.42 52.51 -50.39
C SER D 7 -50.46 53.03 -51.45
N GLY D 8 -50.38 54.36 -51.54
CA GLY D 8 -49.51 55.01 -52.51
C GLY D 8 -48.07 55.05 -52.06
N SER D 9 -47.24 55.70 -52.88
CA SER D 9 -45.80 55.78 -52.65
C SER D 9 -45.53 56.81 -51.54
N GLU D 10 -45.13 56.31 -50.37
CA GLU D 10 -44.83 57.18 -49.24
C GLU D 10 -43.46 57.84 -49.44
N LEU D 11 -43.34 59.06 -48.92
CA LEU D 11 -42.09 59.81 -49.00
C LEU D 11 -41.99 60.73 -47.78
N LYS D 12 -41.19 60.35 -46.79
CA LYS D 12 -41.17 61.07 -45.53
C LYS D 12 -39.74 61.25 -45.04
N LYS D 13 -39.63 61.93 -43.89
CA LYS D 13 -38.34 62.25 -43.30
C LYS D 13 -37.76 61.02 -42.61
N PRO D 14 -36.42 60.94 -42.48
CA PRO D 14 -35.83 59.88 -41.64
C PRO D 14 -36.06 60.10 -40.16
N GLY D 15 -37.19 59.63 -39.65
CA GLY D 15 -37.53 59.83 -38.25
C GLY D 15 -39.02 59.95 -37.99
N ALA D 16 -39.81 60.01 -39.05
CA ALA D 16 -41.26 60.04 -38.90
C ALA D 16 -41.82 58.63 -38.75
N SER D 17 -43.15 58.54 -38.65
CA SER D 17 -43.83 57.26 -38.51
C SER D 17 -45.10 57.31 -39.37
N VAL D 18 -45.22 56.36 -40.30
CA VAL D 18 -46.35 56.29 -41.20
C VAL D 18 -47.03 54.94 -41.09
N LYS D 19 -48.10 54.78 -41.86
CA LYS D 19 -48.97 53.60 -41.78
C LYS D 19 -49.42 53.24 -43.19
N VAL D 20 -48.97 52.09 -43.69
CA VAL D 20 -49.39 51.61 -44.99
C VAL D 20 -50.62 50.73 -44.83
N SER D 21 -51.31 50.47 -45.94
CA SER D 21 -52.58 49.75 -45.92
C SER D 21 -52.49 48.49 -46.78
N CYS D 22 -53.21 47.46 -46.35
CA CYS D 22 -53.38 46.22 -47.11
C CYS D 22 -54.81 45.75 -46.86
N LYS D 23 -55.73 46.12 -47.74
CA LYS D 23 -57.15 45.83 -47.55
C LYS D 23 -57.49 44.54 -48.29
N ALA D 24 -58.11 43.60 -47.59
CA ALA D 24 -58.44 42.30 -48.13
C ALA D 24 -59.89 42.24 -48.57
N SER D 25 -60.15 41.41 -49.59
CA SER D 25 -61.48 41.23 -50.14
C SER D 25 -61.56 39.88 -50.84
N GLY D 26 -62.74 39.26 -50.74
CA GLY D 26 -63.03 38.07 -51.53
C GLY D 26 -63.06 36.77 -50.76
N TYR D 27 -62.11 36.56 -49.85
CA TYR D 27 -61.97 35.30 -49.14
C TYR D 27 -62.41 35.44 -47.69
N THR D 28 -62.27 34.35 -46.96
CA THR D 28 -62.49 34.36 -45.51
C THR D 28 -61.24 34.93 -44.83
N PHE D 29 -61.39 36.11 -44.22
CA PHE D 29 -60.25 36.82 -43.66
C PHE D 29 -59.75 36.16 -42.38
N THR D 30 -60.63 35.48 -41.64
CA THR D 30 -60.24 34.91 -40.36
C THR D 30 -59.61 33.53 -40.49
N ASP D 31 -59.48 33.02 -41.72
CA ASP D 31 -58.98 31.66 -41.91
C ASP D 31 -57.45 31.63 -41.93
N TYR D 32 -56.84 32.51 -42.73
CA TYR D 32 -55.41 32.46 -43.01
C TYR D 32 -54.68 33.56 -42.25
N GLY D 33 -53.35 33.46 -42.27
CA GLY D 33 -52.49 34.47 -41.70
C GLY D 33 -52.21 35.59 -42.67
N MET D 34 -51.45 36.58 -42.19
CA MET D 34 -51.31 37.86 -42.87
C MET D 34 -49.85 38.33 -42.87
N ASN D 35 -48.96 37.46 -43.37
CA ASN D 35 -47.50 37.70 -43.46
C ASN D 35 -47.10 38.95 -44.22
N TRP D 36 -45.92 39.49 -43.90
CA TRP D 36 -45.36 40.67 -44.56
C TRP D 36 -43.90 40.39 -44.92
N VAL D 37 -43.50 40.80 -46.13
CA VAL D 37 -42.12 40.73 -46.57
C VAL D 37 -41.69 42.09 -47.09
N ARG D 38 -40.38 42.32 -47.10
CA ARG D 38 -39.79 43.54 -47.61
C ARG D 38 -38.72 43.19 -48.63
N GLN D 39 -38.42 44.15 -49.51
CA GLN D 39 -37.50 43.90 -50.62
C GLN D 39 -36.72 45.18 -50.90
N ALA D 40 -35.43 45.16 -50.56
CA ALA D 40 -34.53 46.24 -50.96
C ALA D 40 -34.29 46.16 -52.47
N PRO D 41 -34.05 47.32 -53.12
CA PRO D 41 -33.79 47.29 -54.58
C PRO D 41 -32.47 46.62 -54.97
N GLY D 42 -31.52 46.51 -54.04
CA GLY D 42 -30.30 45.78 -54.31
C GLY D 42 -30.28 44.40 -53.68
N GLN D 43 -31.42 43.96 -53.15
CA GLN D 43 -31.52 42.68 -52.45
C GLN D 43 -32.82 42.00 -52.86
N GLY D 44 -33.22 40.99 -52.08
CA GLY D 44 -34.38 40.19 -52.38
C GLY D 44 -35.39 40.20 -51.24
N LEU D 45 -36.27 39.19 -51.26
CA LEU D 45 -37.34 39.09 -50.27
C LEU D 45 -36.80 38.61 -48.93
N GLU D 46 -37.33 39.21 -47.85
CA GLU D 46 -36.99 38.83 -46.48
C GLU D 46 -38.29 38.72 -45.69
N TRP D 47 -38.53 37.57 -45.07
CA TRP D 47 -39.72 37.41 -44.23
C TRP D 47 -39.54 38.13 -42.91
N MET D 48 -40.59 38.86 -42.50
CA MET D 48 -40.46 39.85 -41.44
C MET D 48 -41.50 39.68 -40.33
N GLY D 49 -42.42 38.76 -40.46
CA GLY D 49 -43.38 38.53 -39.39
C GLY D 49 -44.81 38.41 -39.90
N TRP D 50 -45.66 37.79 -39.08
CA TRP D 50 -47.08 37.58 -39.39
C TRP D 50 -47.93 37.93 -38.17
N ILE D 51 -49.25 37.96 -38.38
CA ILE D 51 -50.25 38.28 -37.36
C ILE D 51 -51.44 37.36 -37.50
N ASN D 52 -52.08 37.03 -36.38
CA ASN D 52 -53.29 36.23 -36.39
C ASN D 52 -54.51 37.13 -36.54
N THR D 53 -55.52 36.64 -37.25
CA THR D 53 -56.60 37.49 -37.74
C THR D 53 -57.79 37.59 -36.79
N TYR D 54 -57.68 37.00 -35.60
CA TYR D 54 -58.72 37.12 -34.59
C TYR D 54 -58.21 37.67 -33.26
N SER D 55 -56.92 37.52 -32.95
CA SER D 55 -56.34 38.05 -31.73
C SER D 55 -55.47 39.26 -32.01
N GLY D 56 -54.77 39.29 -33.14
CA GLY D 56 -53.96 40.42 -33.51
C GLY D 56 -52.60 40.50 -32.86
N GLU D 57 -52.02 39.37 -32.47
CA GLU D 57 -50.71 39.38 -31.82
C GLU D 57 -49.60 39.64 -32.86
N PRO D 58 -48.75 40.64 -32.64
CA PRO D 58 -47.66 40.94 -33.61
C PRO D 58 -46.34 40.20 -33.36
N THR D 59 -46.29 38.93 -33.77
CA THR D 59 -45.03 38.18 -33.69
C THR D 59 -44.16 38.57 -34.88
N TYR D 60 -42.91 38.93 -34.59
CA TYR D 60 -41.99 39.38 -35.63
C TYR D 60 -40.94 38.31 -35.94
N ALA D 61 -40.14 38.59 -36.94
CA ALA D 61 -38.99 37.75 -37.26
C ALA D 61 -37.83 38.04 -36.32
N ASP D 62 -36.80 37.22 -36.40
CA ASP D 62 -35.66 37.33 -35.50
C ASP D 62 -34.75 38.50 -35.80
N ASP D 63 -34.77 39.03 -37.01
CA ASP D 63 -33.89 40.15 -37.36
C ASP D 63 -34.46 41.49 -36.92
N PHE D 64 -35.66 41.82 -37.36
CA PHE D 64 -36.28 43.10 -37.02
C PHE D 64 -37.28 42.93 -35.86
N ARG D 65 -36.72 42.85 -34.65
CA ARG D 65 -37.52 42.65 -33.45
C ARG D 65 -37.94 43.97 -32.81
N GLY D 66 -37.56 45.10 -33.40
CA GLY D 66 -37.64 46.38 -32.72
C GLY D 66 -38.80 47.28 -33.08
N ARG D 67 -38.53 48.25 -33.96
CA ARG D 67 -39.41 49.40 -34.14
C ARG D 67 -40.66 49.09 -34.98
N PHE D 68 -40.72 47.93 -35.62
CA PHE D 68 -41.86 47.61 -36.47
C PHE D 68 -43.05 47.13 -35.64
N VAL D 69 -44.22 47.66 -35.94
CA VAL D 69 -45.47 47.32 -35.25
C VAL D 69 -46.54 47.07 -36.29
N PHE D 70 -47.19 45.91 -36.22
CA PHE D 70 -48.38 45.61 -37.01
C PHE D 70 -49.61 45.91 -36.17
N SER D 71 -50.63 46.52 -36.79
CA SER D 71 -51.89 46.84 -36.12
C SER D 71 -53.03 46.29 -36.97
N LEU D 72 -53.82 45.40 -36.38
CA LEU D 72 -54.95 44.79 -37.08
C LEU D 72 -56.25 45.47 -36.65
N ASP D 73 -57.11 45.78 -37.62
CA ASP D 73 -58.46 46.25 -37.36
C ASP D 73 -59.42 45.23 -37.96
N THR D 74 -60.07 44.48 -37.08
CA THR D 74 -60.93 43.37 -37.51
C THR D 74 -62.28 43.89 -38.00
N SER D 75 -63.00 42.99 -38.70
CA SER D 75 -64.34 43.13 -39.30
C SER D 75 -64.43 44.16 -40.43
N VAL D 76 -63.29 44.72 -40.85
CA VAL D 76 -63.18 45.60 -42.01
C VAL D 76 -62.33 44.95 -43.10
N SER D 77 -61.57 43.91 -42.74
CA SER D 77 -60.50 43.27 -43.52
C SER D 77 -59.47 44.29 -43.99
N THR D 78 -58.86 44.96 -43.01
CA THR D 78 -57.70 45.81 -43.21
C THR D 78 -56.56 45.31 -42.34
N ALA D 79 -55.35 45.39 -42.87
CA ALA D 79 -54.18 44.71 -42.33
C ALA D 79 -52.99 45.65 -42.28
N TYR D 80 -53.17 46.80 -41.61
CA TYR D 80 -52.19 47.88 -41.62
C TYR D 80 -50.87 47.50 -40.94
N LEU D 81 -49.77 47.94 -41.57
CA LEU D 81 -48.44 47.91 -40.98
C LEU D 81 -48.08 49.34 -40.56
N GLN D 82 -47.42 49.46 -39.42
CA GLN D 82 -47.07 50.79 -38.90
C GLN D 82 -45.56 50.82 -38.65
N ILE D 83 -44.82 51.30 -39.65
CA ILE D 83 -43.39 51.52 -39.47
C ILE D 83 -43.16 52.81 -38.69
N CYS D 84 -42.30 52.72 -37.67
CA CYS D 84 -42.01 53.85 -36.81
C CYS D 84 -40.50 54.06 -36.74
N SER D 85 -40.12 55.34 -36.70
CA SER D 85 -38.73 55.83 -36.64
C SER D 85 -37.89 55.31 -37.82
N LEU D 86 -38.26 55.79 -39.01
CA LEU D 86 -37.60 55.39 -40.24
C LEU D 86 -36.16 55.88 -40.30
N LYS D 87 -35.29 55.08 -40.89
CA LYS D 87 -33.88 55.39 -41.03
C LYS D 87 -33.55 55.61 -42.51
N ALA D 88 -32.26 55.83 -42.77
CA ALA D 88 -31.77 56.04 -44.13
C ALA D 88 -31.55 54.73 -44.89
N GLU D 89 -31.58 53.60 -44.19
CA GLU D 89 -31.41 52.29 -44.82
C GLU D 89 -32.73 51.59 -45.10
N ASP D 90 -33.86 52.26 -44.87
CA ASP D 90 -35.19 51.68 -45.04
C ASP D 90 -35.86 52.14 -46.32
N THR D 91 -35.09 52.28 -47.40
CA THR D 91 -35.63 52.66 -48.71
C THR D 91 -36.09 51.46 -49.53
N ALA D 92 -36.90 50.60 -48.93
CA ALA D 92 -37.33 49.35 -49.55
C ALA D 92 -38.85 49.33 -49.70
N VAL D 93 -39.31 48.49 -50.62
CA VAL D 93 -40.74 48.27 -50.78
C VAL D 93 -41.22 47.25 -49.75
N TYR D 94 -42.53 47.23 -49.52
CA TYR D 94 -43.14 46.33 -48.54
C TYR D 94 -44.32 45.63 -49.19
N TYR D 95 -44.25 44.31 -49.30
CA TYR D 95 -45.27 43.52 -49.97
C TYR D 95 -46.19 42.85 -48.95
N CYS D 96 -47.47 42.78 -49.30
CA CYS D 96 -48.45 42.09 -48.46
C CYS D 96 -48.60 40.64 -48.92
N ALA D 97 -48.92 39.76 -47.97
CA ALA D 97 -48.90 38.33 -48.24
C ALA D 97 -49.96 37.63 -47.40
N ARG D 98 -50.71 36.71 -48.03
CA ARG D 98 -51.62 35.82 -47.31
C ARG D 98 -50.94 34.47 -47.15
N GLY D 99 -50.39 34.22 -45.96
CA GLY D 99 -49.79 32.93 -45.69
C GLY D 99 -50.36 32.29 -44.45
N GLY D 100 -51.07 31.18 -44.63
CA GLY D 100 -51.86 30.58 -43.57
C GLY D 100 -51.02 29.87 -42.53
N ASN D 101 -51.69 29.55 -41.42
CA ASN D 101 -51.05 28.91 -40.26
C ASN D 101 -50.70 27.45 -40.52
N TRP D 102 -51.35 26.81 -41.48
CA TRP D 102 -51.12 25.40 -41.77
C TRP D 102 -50.27 25.16 -43.01
N ASP D 103 -50.51 25.90 -44.10
CA ASP D 103 -49.84 25.66 -45.37
C ASP D 103 -48.51 26.39 -45.49
N TRP D 104 -48.44 27.64 -45.01
CA TRP D 104 -47.24 28.48 -44.88
C TRP D 104 -46.47 28.73 -46.17
N TYR D 105 -47.13 28.79 -47.32
CA TYR D 105 -46.53 29.38 -48.51
C TYR D 105 -47.08 30.79 -48.68
N PHE D 106 -46.22 31.71 -49.13
CA PHE D 106 -46.55 33.14 -49.12
C PHE D 106 -47.56 33.51 -50.20
N ASP D 107 -47.19 33.24 -51.47
CA ASP D 107 -47.84 33.76 -52.68
C ASP D 107 -47.97 35.27 -52.63
N VAL D 108 -46.85 35.99 -52.73
CA VAL D 108 -46.89 37.44 -52.58
C VAL D 108 -47.50 38.12 -53.81
N TRP D 109 -48.77 38.52 -53.67
CA TRP D 109 -49.38 39.51 -54.56
C TRP D 109 -49.55 40.79 -53.75
N GLY D 110 -48.97 41.87 -54.27
CA GLY D 110 -49.00 43.18 -53.65
C GLY D 110 -48.32 44.15 -54.58
N GLN D 111 -48.93 45.32 -54.79
CA GLN D 111 -48.48 46.23 -55.85
C GLN D 111 -47.17 46.93 -55.49
N GLY D 112 -46.91 47.15 -54.21
CA GLY D 112 -45.63 47.70 -53.80
C GLY D 112 -45.70 49.13 -53.34
N THR D 113 -45.55 49.35 -52.04
CA THR D 113 -45.48 50.69 -51.47
C THR D 113 -44.05 51.19 -51.64
N LEU D 114 -43.87 52.19 -52.50
CA LEU D 114 -42.55 52.71 -52.81
C LEU D 114 -42.13 53.67 -51.70
N VAL D 115 -41.56 53.10 -50.64
CA VAL D 115 -41.11 53.89 -49.50
C VAL D 115 -39.73 54.47 -49.80
N THR D 116 -39.71 55.68 -50.36
CA THR D 116 -38.46 56.36 -50.63
C THR D 116 -38.13 57.32 -49.48
N VAL D 117 -36.93 57.18 -48.93
CA VAL D 117 -36.52 57.98 -47.78
C VAL D 117 -35.24 58.73 -48.17
N SER D 118 -35.09 59.94 -47.64
CA SER D 118 -33.92 60.76 -47.91
C SER D 118 -33.60 61.67 -46.73
N ASP E 1 -32.08 30.05 -42.20
CA ASP E 1 -30.84 29.34 -41.92
C ASP E 1 -30.52 28.36 -43.04
N ILE E 2 -31.50 28.14 -43.92
CA ILE E 2 -31.30 27.25 -45.07
C ILE E 2 -30.61 28.05 -46.16
N GLN E 3 -29.37 27.68 -46.49
CA GLN E 3 -28.65 28.30 -47.58
C GLN E 3 -29.22 27.77 -48.89
N MET E 4 -30.14 28.53 -49.48
CA MET E 4 -30.95 28.05 -50.59
C MET E 4 -30.35 28.65 -51.87
N THR E 5 -29.84 27.78 -52.74
CA THR E 5 -29.09 28.19 -53.92
C THR E 5 -29.75 27.61 -55.17
N GLN E 6 -29.42 28.18 -56.33
CA GLN E 6 -29.92 27.71 -57.61
C GLN E 6 -28.96 28.02 -58.74
N SER E 7 -28.85 27.08 -59.67
CA SER E 7 -27.91 27.10 -60.78
C SER E 7 -28.65 26.75 -62.06
N PRO E 8 -28.30 27.40 -63.18
CA PRO E 8 -27.34 28.49 -63.38
C PRO E 8 -27.92 29.86 -63.04
N SER E 9 -27.07 30.87 -62.90
CA SER E 9 -27.51 32.22 -62.53
C SER E 9 -28.24 32.91 -63.66
N SER E 10 -27.58 33.03 -64.82
CA SER E 10 -28.16 33.70 -65.99
C SER E 10 -27.97 32.79 -67.20
N LEU E 11 -29.06 32.17 -67.66
CA LEU E 11 -29.05 31.29 -68.82
C LEU E 11 -30.00 31.84 -69.87
N SER E 12 -29.65 31.66 -71.13
CA SER E 12 -30.50 32.12 -72.22
C SER E 12 -31.36 30.97 -72.76
N ALA E 13 -32.43 31.34 -73.45
CA ALA E 13 -33.34 30.36 -74.04
C ALA E 13 -33.92 30.95 -75.31
N SER E 14 -34.45 30.08 -76.15
CA SER E 14 -35.03 30.46 -77.44
C SER E 14 -36.51 30.10 -77.47
N VAL E 15 -37.11 30.25 -78.66
CA VAL E 15 -38.55 30.09 -78.80
C VAL E 15 -38.91 28.61 -78.87
N GLY E 16 -39.78 28.19 -77.95
CA GLY E 16 -40.35 26.85 -77.99
C GLY E 16 -39.43 25.72 -77.61
N ASP E 17 -38.39 25.97 -76.84
CA ASP E 17 -37.45 24.93 -76.45
C ASP E 17 -37.83 24.36 -75.08
N ARG E 18 -37.08 23.35 -74.65
CA ARG E 18 -37.30 22.69 -73.37
C ARG E 18 -36.15 23.05 -72.44
N VAL E 19 -36.44 23.90 -71.46
CA VAL E 19 -35.42 24.40 -70.53
C VAL E 19 -35.61 23.67 -69.20
N THR E 20 -34.52 23.47 -68.47
CA THR E 20 -34.54 22.84 -67.16
C THR E 20 -33.68 23.65 -66.20
N ILE E 21 -34.31 24.19 -65.17
CA ILE E 21 -33.61 24.94 -64.12
C ILE E 21 -33.76 24.17 -62.81
N THR E 22 -32.66 24.05 -62.07
CA THR E 22 -32.64 23.30 -60.82
C THR E 22 -32.36 24.25 -59.66
N CYS E 23 -32.78 23.81 -58.46
CA CYS E 23 -32.52 24.58 -57.26
C CYS E 23 -32.34 23.65 -56.06
N ARG E 24 -31.29 23.91 -55.28
CA ARG E 24 -30.72 22.95 -54.33
C ARG E 24 -30.80 23.55 -52.94
N ALA E 25 -31.02 22.68 -51.95
CA ALA E 25 -31.08 23.10 -50.55
C ALA E 25 -29.94 22.46 -49.77
N SER E 26 -29.48 23.15 -48.72
CA SER E 26 -28.42 22.63 -47.88
C SER E 26 -28.93 21.52 -46.97
N GLN E 27 -30.13 21.69 -46.44
CA GLN E 27 -30.75 20.73 -45.53
C GLN E 27 -31.97 20.13 -46.23
N SER E 28 -32.45 18.99 -45.74
CA SER E 28 -33.54 18.26 -46.37
C SER E 28 -34.87 18.97 -46.22
N VAL E 29 -35.50 19.29 -47.35
CA VAL E 29 -36.80 19.94 -47.42
C VAL E 29 -37.75 19.04 -48.20
N SER E 30 -37.58 17.72 -48.01
CA SER E 30 -37.86 16.59 -48.91
C SER E 30 -39.06 16.67 -49.86
N ASN E 31 -40.21 17.14 -49.38
CA ASN E 31 -41.35 17.25 -50.26
C ASN E 31 -42.04 18.61 -50.21
N PHE E 32 -41.51 19.56 -49.43
CA PHE E 32 -42.08 20.90 -49.31
C PHE E 32 -41.18 21.91 -50.01
N LEU E 33 -41.52 22.25 -51.25
CA LEU E 33 -40.88 23.37 -51.96
C LEU E 33 -41.92 23.97 -52.91
N HIS E 34 -41.90 25.30 -53.03
CA HIS E 34 -42.78 26.03 -53.92
C HIS E 34 -41.99 26.81 -54.96
N TRP E 35 -42.57 26.93 -56.15
CA TRP E 35 -41.92 27.58 -57.29
C TRP E 35 -42.69 28.84 -57.66
N TYR E 36 -41.99 29.96 -57.80
CA TYR E 36 -42.60 31.25 -58.14
C TYR E 36 -41.99 31.82 -59.41
N GLN E 37 -42.69 32.82 -59.95
CA GLN E 37 -42.26 33.54 -61.14
C GLN E 37 -42.50 35.02 -60.90
N GLN E 38 -41.51 35.85 -61.28
CA GLN E 38 -41.60 37.29 -61.00
C GLN E 38 -41.11 38.06 -62.23
N LYS E 39 -42.05 38.68 -62.92
CA LYS E 39 -41.70 39.65 -63.95
C LYS E 39 -41.25 40.95 -63.27
N PRO E 40 -40.42 41.76 -63.95
CA PRO E 40 -40.07 43.09 -63.40
C PRO E 40 -41.28 44.01 -63.32
N GLY E 41 -41.40 44.71 -62.19
CA GLY E 41 -42.52 45.57 -61.91
C GLY E 41 -43.84 44.84 -61.77
N LYS E 42 -43.79 43.62 -61.22
CA LYS E 42 -44.98 42.81 -61.09
C LYS E 42 -44.81 41.88 -59.89
N ALA E 43 -45.89 41.72 -59.13
CA ALA E 43 -45.89 40.84 -57.96
C ALA E 43 -45.90 39.38 -58.40
N PRO E 44 -45.23 38.47 -57.66
CA PRO E 44 -45.25 37.05 -58.04
C PRO E 44 -46.59 36.34 -57.89
N LYS E 45 -46.58 35.06 -58.26
CA LYS E 45 -47.76 34.20 -58.27
C LYS E 45 -47.26 32.76 -58.14
N LEU E 46 -48.07 31.89 -57.51
CA LEU E 46 -47.68 30.50 -57.35
C LEU E 46 -47.74 29.79 -58.70
N LEU E 47 -46.77 28.91 -58.92
CA LEU E 47 -46.76 28.04 -60.09
C LEU E 47 -46.91 26.58 -59.69
N ILE E 48 -45.98 26.04 -58.90
CA ILE E 48 -45.99 24.65 -58.46
C ILE E 48 -45.86 24.67 -56.94
N TYR E 49 -46.82 24.06 -56.25
CA TYR E 49 -46.77 23.95 -54.80
C TYR E 49 -46.50 22.51 -54.41
N TYR E 50 -45.72 22.34 -53.34
CA TYR E 50 -45.26 21.07 -52.76
C TYR E 50 -44.45 20.21 -53.73
N ALA E 51 -43.81 20.86 -54.73
CA ALA E 51 -42.85 20.34 -55.71
C ALA E 51 -43.38 19.32 -56.71
N SER E 52 -44.63 18.87 -56.57
CA SER E 52 -45.26 17.98 -57.52
C SER E 52 -46.56 18.53 -58.08
N GLN E 53 -47.45 19.01 -57.22
CA GLN E 53 -48.79 19.38 -57.62
C GLN E 53 -48.83 20.80 -58.20
N SER E 54 -49.87 21.07 -58.99
CA SER E 54 -50.03 22.34 -59.68
C SER E 54 -51.33 23.01 -59.28
N ILE E 55 -51.34 24.34 -59.33
CA ILE E 55 -52.55 25.09 -58.99
C ILE E 55 -53.49 25.11 -60.19
N SER E 56 -54.79 25.06 -59.91
CA SER E 56 -55.78 25.28 -60.95
C SER E 56 -55.84 26.76 -61.31
N GLY E 57 -55.81 27.05 -62.60
CA GLY E 57 -55.82 28.41 -63.08
C GLY E 57 -54.50 28.92 -63.63
N VAL E 58 -53.50 28.06 -63.77
CA VAL E 58 -52.22 28.44 -64.35
C VAL E 58 -52.16 27.80 -65.74
N PRO E 59 -51.48 28.41 -66.72
CA PRO E 59 -51.23 27.70 -67.99
C PRO E 59 -50.27 26.53 -67.80
N SER E 60 -50.71 25.33 -68.17
CA SER E 60 -49.92 24.12 -67.92
C SER E 60 -48.93 23.83 -69.05
N ARG E 61 -47.99 24.74 -69.29
CA ARG E 61 -46.90 24.49 -70.20
C ARG E 61 -45.71 23.87 -69.49
N PHE E 62 -45.80 23.73 -68.17
CA PHE E 62 -44.71 23.29 -67.31
C PHE E 62 -45.22 22.30 -66.27
N SER E 63 -44.30 21.52 -65.72
CA SER E 63 -44.60 20.62 -64.61
C SER E 63 -43.39 20.53 -63.69
N GLY E 64 -43.65 20.19 -62.43
CA GLY E 64 -42.58 20.12 -61.44
C GLY E 64 -42.36 18.75 -60.85
N SER E 65 -41.11 18.44 -60.50
CA SER E 65 -40.76 17.15 -59.92
C SER E 65 -39.49 17.29 -59.10
N GLY E 66 -39.27 16.33 -58.20
CA GLY E 66 -38.07 16.31 -57.40
C GLY E 66 -38.31 16.05 -55.93
N SER E 67 -37.31 15.46 -55.25
CA SER E 67 -37.39 15.18 -53.83
C SER E 67 -35.99 15.29 -53.23
N GLY E 68 -35.92 15.22 -51.90
CA GLY E 68 -34.63 15.22 -51.24
C GLY E 68 -34.06 16.61 -51.14
N THR E 69 -32.92 16.83 -51.82
CA THR E 69 -32.28 18.13 -51.90
C THR E 69 -32.14 18.62 -53.34
N ASP E 70 -32.69 17.87 -54.30
CA ASP E 70 -32.63 18.23 -55.71
C ASP E 70 -34.04 18.50 -56.21
N PHE E 71 -34.29 19.73 -56.65
CA PHE E 71 -35.63 20.15 -57.05
C PHE E 71 -35.54 20.92 -58.36
N THR E 72 -36.56 20.77 -59.19
CA THR E 72 -36.58 21.37 -60.52
C THR E 72 -38.01 21.48 -61.01
N LEU E 73 -38.18 22.22 -62.10
CA LEU E 73 -39.38 22.12 -62.94
C LEU E 73 -38.90 22.13 -64.38
N THR E 74 -39.70 21.57 -65.28
CA THR E 74 -39.38 21.57 -66.69
C THR E 74 -40.48 22.30 -67.45
N ILE E 75 -40.10 23.40 -68.12
CA ILE E 75 -41.01 24.10 -69.00
C ILE E 75 -40.94 23.44 -70.36
N SER E 76 -41.98 22.68 -70.70
CA SER E 76 -41.97 21.89 -71.93
C SER E 76 -42.21 22.73 -73.18
N SER E 77 -42.79 23.92 -73.03
CA SER E 77 -43.04 24.80 -74.17
C SER E 77 -42.88 26.25 -73.69
N LEU E 78 -41.70 26.81 -73.96
CA LEU E 78 -41.42 28.17 -73.56
C LEU E 78 -41.94 29.15 -74.61
N GLN E 79 -42.34 30.33 -74.14
CA GLN E 79 -42.78 31.43 -74.98
C GLN E 79 -41.98 32.66 -74.63
N PRO E 80 -41.73 33.57 -75.60
CA PRO E 80 -40.81 34.69 -75.36
C PRO E 80 -41.31 35.78 -74.40
N GLU E 81 -42.59 35.77 -73.99
CA GLU E 81 -43.09 36.85 -73.15
C GLU E 81 -42.86 36.61 -71.65
N ASP E 82 -42.18 35.53 -71.26
CA ASP E 82 -41.94 35.26 -69.83
C ASP E 82 -40.83 36.16 -69.29
N PHE E 83 -39.59 35.94 -69.76
CA PHE E 83 -38.30 36.57 -69.41
C PHE E 83 -38.12 36.91 -67.93
N ALA E 84 -38.52 36.02 -67.03
CA ALA E 84 -38.74 36.39 -65.64
C ALA E 84 -37.76 35.69 -64.70
N THR E 85 -37.65 36.22 -63.49
CA THR E 85 -36.75 35.73 -62.46
C THR E 85 -37.49 34.70 -61.59
N TYR E 86 -37.09 33.43 -61.76
CA TYR E 86 -37.79 32.34 -61.08
C TYR E 86 -37.24 32.12 -59.67
N TYR E 87 -38.14 31.84 -58.73
CA TYR E 87 -37.83 31.78 -57.31
C TYR E 87 -38.24 30.43 -56.74
N CYS E 88 -37.40 29.86 -55.87
CA CYS E 88 -37.84 28.74 -55.06
C CYS E 88 -38.22 29.20 -53.65
N GLN E 89 -39.04 28.38 -52.99
CA GLN E 89 -39.47 28.64 -51.63
C GLN E 89 -39.76 27.30 -50.96
N GLN E 90 -38.99 26.96 -49.94
CA GLN E 90 -39.22 25.75 -49.16
C GLN E 90 -40.32 25.99 -48.13
N SER E 91 -40.64 24.95 -47.35
CA SER E 91 -41.63 25.12 -46.29
C SER E 91 -41.32 24.30 -45.04
N ASN E 92 -40.06 24.04 -44.73
CA ASN E 92 -39.76 23.07 -43.68
C ASN E 92 -39.40 23.72 -42.34
N THR E 93 -38.44 24.64 -42.32
CA THR E 93 -37.91 25.20 -41.08
C THR E 93 -37.97 26.71 -41.09
N TRP E 94 -38.17 27.30 -39.92
CA TRP E 94 -38.02 28.74 -39.76
C TRP E 94 -36.52 29.10 -39.77
N PRO E 95 -36.13 30.28 -40.29
CA PRO E 95 -36.90 31.30 -41.02
C PRO E 95 -37.11 30.89 -42.47
N LEU E 96 -38.06 31.52 -43.16
CA LEU E 96 -38.44 31.03 -44.47
C LEU E 96 -37.60 31.76 -45.53
N THR E 97 -36.90 30.98 -46.36
CA THR E 97 -35.83 31.49 -47.20
C THR E 97 -36.17 31.30 -48.68
N PHE E 98 -35.92 32.34 -49.47
CA PHE E 98 -36.12 32.30 -50.91
C PHE E 98 -34.81 31.97 -51.61
N GLY E 99 -34.82 31.99 -52.94
CA GLY E 99 -33.61 31.80 -53.72
C GLY E 99 -33.15 33.12 -54.32
N GLN E 100 -31.96 33.11 -54.91
CA GLN E 100 -31.41 34.33 -55.51
C GLN E 100 -32.12 34.68 -56.81
N GLY E 101 -32.33 33.70 -57.68
CA GLY E 101 -33.03 33.95 -58.92
C GLY E 101 -32.38 33.41 -60.17
N THR E 102 -33.19 32.85 -61.07
CA THR E 102 -32.74 32.43 -62.40
C THR E 102 -33.51 33.27 -63.42
N LYS E 103 -32.86 34.33 -63.91
CA LYS E 103 -33.49 35.19 -64.89
C LYS E 103 -33.33 34.62 -66.29
N LEU E 104 -34.44 34.44 -66.98
CA LEU E 104 -34.45 33.97 -68.36
C LEU E 104 -34.34 35.15 -69.31
N GLU E 105 -33.55 34.97 -70.36
CA GLU E 105 -33.31 36.03 -71.32
C GLU E 105 -33.42 35.48 -72.74
N ILE E 106 -33.89 36.32 -73.66
CA ILE E 106 -33.97 35.96 -75.06
C ILE E 106 -32.67 36.39 -75.77
N LYS E 107 -32.26 35.61 -76.76
CA LYS E 107 -31.05 35.91 -77.52
C LYS E 107 -31.31 37.06 -78.49
N GLN F 1 -74.34 -26.47 12.66
CA GLN F 1 -73.98 -27.61 11.82
C GLN F 1 -72.87 -27.22 10.84
N VAL F 2 -71.78 -27.98 10.84
CA VAL F 2 -70.68 -27.74 9.92
C VAL F 2 -70.62 -28.84 8.86
N GLN F 3 -70.80 -28.44 7.60
CA GLN F 3 -70.82 -29.35 6.48
C GLN F 3 -70.34 -28.63 5.23
N LEU F 4 -69.92 -29.39 4.23
CA LEU F 4 -69.39 -28.85 2.97
C LEU F 4 -70.22 -29.42 1.83
N VAL F 5 -71.16 -28.61 1.33
CA VAL F 5 -72.05 -29.07 0.26
C VAL F 5 -71.33 -29.02 -1.08
N GLN F 6 -71.39 -30.14 -1.80
CA GLN F 6 -70.62 -30.32 -3.03
C GLN F 6 -71.59 -30.57 -4.19
N SER F 7 -71.21 -30.12 -5.37
CA SER F 7 -72.05 -30.16 -6.56
C SER F 7 -72.24 -31.57 -7.10
N GLY F 8 -73.12 -31.69 -8.08
CA GLY F 8 -73.55 -32.98 -8.59
C GLY F 8 -72.55 -33.61 -9.55
N SER F 9 -72.97 -34.75 -10.09
CA SER F 9 -72.11 -35.61 -10.92
C SER F 9 -71.94 -35.00 -12.31
N GLU F 10 -70.70 -34.71 -12.67
CA GLU F 10 -70.39 -34.19 -13.99
C GLU F 10 -70.10 -35.34 -14.96
N LEU F 11 -70.43 -35.10 -16.23
CA LEU F 11 -70.20 -36.08 -17.29
C LEU F 11 -70.03 -35.34 -18.61
N LYS F 12 -68.80 -35.23 -19.11
CA LYS F 12 -68.53 -34.41 -20.27
C LYS F 12 -67.50 -35.07 -21.18
N LYS F 13 -67.18 -34.38 -22.26
CA LYS F 13 -66.25 -34.87 -23.26
C LYS F 13 -64.80 -34.70 -22.77
N PRO F 14 -63.88 -35.54 -23.25
CA PRO F 14 -62.45 -35.28 -23.01
C PRO F 14 -61.93 -34.07 -23.75
N GLY F 15 -62.09 -32.89 -23.16
CA GLY F 15 -61.72 -31.64 -23.83
C GLY F 15 -62.60 -30.47 -23.45
N ALA F 16 -63.67 -30.73 -22.69
CA ALA F 16 -64.50 -29.66 -22.15
C ALA F 16 -63.87 -29.08 -20.89
N SER F 17 -64.55 -28.10 -20.30
CA SER F 17 -64.10 -27.46 -19.08
C SER F 17 -65.29 -27.14 -18.20
N VAL F 18 -65.36 -27.78 -17.03
CA VAL F 18 -66.46 -27.60 -16.09
C VAL F 18 -65.93 -27.00 -14.81
N LYS F 19 -66.84 -26.76 -13.87
CA LYS F 19 -66.52 -26.06 -12.63
C LYS F 19 -67.39 -26.63 -11.52
N VAL F 20 -66.78 -27.43 -10.63
CA VAL F 20 -67.50 -27.99 -9.49
C VAL F 20 -67.40 -27.03 -8.32
N SER F 21 -68.28 -27.21 -7.34
CA SER F 21 -68.42 -26.28 -6.23
C SER F 21 -68.13 -26.97 -4.91
N CYS F 22 -67.81 -26.16 -3.89
CA CYS F 22 -67.64 -26.59 -2.51
C CYS F 22 -68.11 -25.43 -1.65
N LYS F 23 -69.37 -25.47 -1.22
CA LYS F 23 -69.96 -24.37 -0.46
C LYS F 23 -70.02 -24.75 1.01
N ALA F 24 -69.46 -23.91 1.87
CA ALA F 24 -69.33 -24.21 3.28
C ALA F 24 -70.16 -23.23 4.12
N SER F 25 -70.60 -23.72 5.28
CA SER F 25 -71.37 -22.92 6.23
C SER F 25 -71.19 -23.51 7.62
N GLY F 26 -71.20 -22.65 8.63
CA GLY F 26 -71.13 -23.10 10.00
C GLY F 26 -69.91 -22.62 10.76
N TYR F 27 -68.75 -22.60 10.12
CA TYR F 27 -67.50 -22.22 10.78
C TYR F 27 -66.98 -20.92 10.19
N THR F 28 -65.87 -20.44 10.76
CA THR F 28 -65.18 -19.27 10.24
C THR F 28 -64.40 -19.66 9.00
N PHE F 29 -64.80 -19.10 7.85
CA PHE F 29 -64.19 -19.47 6.58
C PHE F 29 -62.79 -18.88 6.43
N THR F 30 -62.53 -17.75 7.09
CA THR F 30 -61.24 -17.06 6.94
C THR F 30 -60.13 -17.79 7.70
N ASP F 31 -60.47 -18.48 8.78
CA ASP F 31 -59.48 -19.05 9.69
C ASP F 31 -58.79 -20.28 9.09
N TYR F 32 -59.53 -21.11 8.38
CA TYR F 32 -59.01 -22.38 7.89
C TYR F 32 -58.88 -22.38 6.37
N GLY F 33 -57.95 -23.17 5.88
CA GLY F 33 -57.74 -23.35 4.46
C GLY F 33 -58.69 -24.38 3.87
N MET F 34 -58.51 -24.62 2.57
CA MET F 34 -59.56 -25.21 1.75
C MET F 34 -58.95 -26.30 0.86
N ASN F 35 -58.41 -27.35 1.50
CA ASN F 35 -57.70 -28.44 0.84
C ASN F 35 -58.60 -29.25 -0.09
N TRP F 36 -58.00 -29.95 -1.07
CA TRP F 36 -58.76 -30.70 -2.08
C TRP F 36 -58.05 -32.02 -2.38
N VAL F 37 -58.80 -33.04 -2.81
CA VAL F 37 -58.28 -34.39 -2.98
C VAL F 37 -59.00 -35.09 -4.14
N ARG F 38 -58.35 -36.10 -4.75
CA ARG F 38 -58.96 -36.94 -5.78
C ARG F 38 -58.95 -38.42 -5.39
N GLN F 39 -59.87 -39.16 -6.02
CA GLN F 39 -60.03 -40.59 -5.77
C GLN F 39 -60.02 -41.33 -7.10
N ALA F 40 -58.88 -41.88 -7.48
CA ALA F 40 -58.89 -42.91 -8.51
C ALA F 40 -59.58 -44.15 -7.94
N PRO F 41 -60.43 -44.82 -8.75
CA PRO F 41 -61.29 -45.89 -8.19
C PRO F 41 -60.55 -47.16 -7.81
N GLY F 42 -59.35 -47.37 -8.35
CA GLY F 42 -58.52 -48.49 -7.92
C GLY F 42 -57.40 -48.05 -7.00
N GLN F 43 -57.46 -46.80 -6.55
CA GLN F 43 -56.39 -46.21 -5.74
C GLN F 43 -57.03 -45.45 -4.58
N GLY F 44 -56.23 -44.61 -3.91
CA GLY F 44 -56.66 -43.91 -2.72
C GLY F 44 -56.66 -42.40 -2.89
N LEU F 45 -56.51 -41.72 -1.74
CA LEU F 45 -56.50 -40.26 -1.64
C LEU F 45 -55.26 -39.69 -2.32
N GLU F 46 -55.46 -38.64 -3.13
CA GLU F 46 -54.36 -37.91 -3.78
C GLU F 46 -54.64 -36.41 -3.71
N TRP F 47 -53.78 -35.70 -2.98
CA TRP F 47 -53.93 -34.27 -2.74
C TRP F 47 -53.54 -33.44 -3.96
N MET F 48 -54.17 -32.27 -4.11
CA MET F 48 -53.71 -31.30 -5.11
C MET F 48 -53.23 -29.97 -4.52
N GLY F 49 -53.87 -29.45 -3.48
CA GLY F 49 -53.39 -28.12 -3.11
C GLY F 49 -54.26 -27.44 -2.05
N TRP F 50 -53.69 -26.41 -1.45
CA TRP F 50 -54.35 -25.54 -0.49
C TRP F 50 -54.53 -24.15 -1.07
N ILE F 51 -55.52 -23.43 -0.54
CA ILE F 51 -55.85 -22.08 -0.97
C ILE F 51 -55.99 -21.23 0.29
N ASN F 52 -55.24 -20.13 0.36
CA ASN F 52 -55.45 -19.17 1.44
C ASN F 52 -56.78 -18.45 1.25
N THR F 53 -57.51 -18.26 2.34
CA THR F 53 -58.88 -17.76 2.22
C THR F 53 -58.98 -16.24 2.32
N TYR F 54 -57.87 -15.49 2.29
CA TYR F 54 -57.95 -14.04 2.24
C TYR F 54 -57.60 -13.48 0.86
N SER F 55 -56.72 -14.14 0.11
CA SER F 55 -56.33 -13.69 -1.22
C SER F 55 -56.74 -14.68 -2.30
N GLY F 56 -56.38 -15.95 -2.16
CA GLY F 56 -56.77 -16.96 -3.11
C GLY F 56 -55.72 -17.34 -4.14
N GLU F 57 -54.44 -17.38 -3.76
CA GLU F 57 -53.40 -17.75 -4.72
C GLU F 57 -53.42 -19.26 -4.99
N PRO F 58 -53.36 -19.69 -6.26
CA PRO F 58 -53.41 -21.14 -6.58
C PRO F 58 -52.07 -21.88 -6.58
N THR F 59 -51.63 -22.26 -5.39
CA THR F 59 -50.45 -23.12 -5.25
C THR F 59 -50.91 -24.58 -5.31
N TYR F 60 -50.10 -25.42 -5.93
CA TYR F 60 -50.51 -26.80 -6.17
C TYR F 60 -49.55 -27.80 -5.53
N ALA F 61 -49.87 -29.08 -5.71
CA ALA F 61 -48.93 -30.14 -5.39
C ALA F 61 -47.90 -30.29 -6.51
N ASP F 62 -46.88 -31.12 -6.25
CA ASP F 62 -45.78 -31.27 -7.19
C ASP F 62 -46.12 -32.15 -8.39
N ASP F 63 -47.23 -32.88 -8.36
CA ASP F 63 -47.60 -33.74 -9.46
C ASP F 63 -48.53 -33.04 -10.44
N PHE F 64 -49.59 -32.42 -9.94
CA PHE F 64 -50.65 -31.85 -10.79
C PHE F 64 -50.45 -30.33 -10.93
N ARG F 65 -49.37 -29.99 -11.64
CA ARG F 65 -48.90 -28.61 -11.71
C ARG F 65 -49.46 -27.83 -12.90
N GLY F 66 -50.23 -28.47 -13.77
CA GLY F 66 -50.46 -27.91 -15.08
C GLY F 66 -51.75 -27.14 -15.28
N ARG F 67 -52.73 -27.80 -15.89
CA ARG F 67 -53.95 -27.14 -16.39
C ARG F 67 -54.99 -26.91 -15.31
N PHE F 68 -54.69 -27.23 -14.05
CA PHE F 68 -55.67 -27.27 -12.98
C PHE F 68 -55.68 -25.94 -12.23
N VAL F 69 -56.85 -25.32 -12.11
CA VAL F 69 -56.98 -24.00 -11.51
C VAL F 69 -58.04 -24.05 -10.41
N PHE F 70 -57.69 -23.60 -9.20
CA PHE F 70 -58.65 -23.38 -8.13
C PHE F 70 -58.97 -21.89 -8.05
N SER F 71 -60.25 -21.54 -7.95
CA SER F 71 -60.70 -20.15 -7.91
C SER F 71 -61.67 -19.96 -6.75
N LEU F 72 -61.22 -19.27 -5.70
CA LEU F 72 -62.06 -19.02 -4.54
C LEU F 72 -62.74 -17.66 -4.70
N ASP F 73 -64.01 -17.59 -4.32
CA ASP F 73 -64.76 -16.32 -4.28
C ASP F 73 -65.06 -16.03 -2.81
N THR F 74 -64.49 -14.93 -2.32
CA THR F 74 -64.64 -14.56 -0.92
C THR F 74 -66.02 -13.95 -0.67
N SER F 75 -66.38 -13.92 0.62
CA SER F 75 -67.60 -13.33 1.22
C SER F 75 -68.92 -13.98 0.81
N VAL F 76 -68.88 -15.05 0.01
CA VAL F 76 -70.03 -15.87 -0.32
C VAL F 76 -69.82 -17.33 0.04
N SER F 77 -68.61 -17.68 0.52
CA SER F 77 -68.20 -19.02 0.97
C SER F 77 -68.33 -20.09 -0.12
N THR F 78 -67.92 -19.70 -1.33
CA THR F 78 -67.81 -20.63 -2.45
C THR F 78 -66.35 -20.81 -2.81
N ALA F 79 -66.00 -22.05 -3.14
CA ALA F 79 -64.61 -22.52 -3.21
C ALA F 79 -64.39 -23.31 -4.48
N TYR F 80 -64.72 -22.69 -5.62
CA TYR F 80 -64.83 -23.38 -6.91
C TYR F 80 -63.50 -23.93 -7.41
N LEU F 81 -63.51 -25.20 -7.81
CA LEU F 81 -62.47 -25.78 -8.61
C LEU F 81 -62.89 -25.71 -10.06
N GLN F 82 -61.97 -25.30 -10.93
CA GLN F 82 -62.26 -25.36 -12.36
C GLN F 82 -61.23 -26.27 -13.04
N ILE F 83 -61.72 -27.39 -13.56
CA ILE F 83 -60.87 -28.27 -14.34
C ILE F 83 -61.05 -27.96 -15.82
N CYS F 84 -59.93 -27.81 -16.53
CA CYS F 84 -59.93 -27.36 -17.91
C CYS F 84 -59.14 -28.34 -18.76
N SER F 85 -59.68 -28.63 -19.95
CA SER F 85 -59.15 -29.56 -20.95
C SER F 85 -58.96 -30.96 -20.36
N LEU F 86 -60.08 -31.59 -20.05
CA LEU F 86 -60.09 -32.88 -19.37
C LEU F 86 -59.54 -33.99 -20.27
N LYS F 87 -58.93 -34.99 -19.65
CA LYS F 87 -58.38 -36.14 -20.34
C LYS F 87 -59.17 -37.39 -19.95
N ALA F 88 -58.80 -38.51 -20.57
CA ALA F 88 -59.44 -39.79 -20.29
C ALA F 88 -58.91 -40.45 -19.03
N GLU F 89 -57.83 -39.94 -18.45
CA GLU F 89 -57.26 -40.45 -17.21
C GLU F 89 -57.79 -39.73 -15.98
N ASP F 90 -58.71 -38.78 -16.17
CA ASP F 90 -59.27 -37.98 -15.08
C ASP F 90 -60.68 -38.47 -14.70
N THR F 91 -60.88 -39.79 -14.67
CA THR F 91 -62.13 -40.40 -14.26
C THR F 91 -62.24 -40.59 -12.74
N ALA F 92 -61.95 -39.54 -12.00
CA ALA F 92 -61.79 -39.60 -10.54
C ALA F 92 -62.88 -38.80 -9.84
N VAL F 93 -63.08 -39.12 -8.56
CA VAL F 93 -64.03 -38.38 -7.74
C VAL F 93 -63.26 -37.39 -6.88
N TYR F 94 -63.75 -36.14 -6.84
CA TYR F 94 -62.97 -35.02 -6.31
C TYR F 94 -63.62 -34.51 -5.04
N TYR F 95 -63.25 -35.05 -3.88
CA TYR F 95 -63.78 -34.55 -2.61
C TYR F 95 -63.15 -33.21 -2.24
N CYS F 96 -63.83 -32.52 -1.32
CA CYS F 96 -63.40 -31.23 -0.78
C CYS F 96 -63.05 -31.38 0.71
N ALA F 97 -62.09 -30.59 1.17
CA ALA F 97 -61.54 -30.75 2.51
C ALA F 97 -61.38 -29.40 3.18
N ARG F 98 -61.53 -29.35 4.50
CA ARG F 98 -61.15 -28.18 5.28
C ARG F 98 -59.78 -28.47 5.90
N GLY F 99 -58.72 -27.93 5.29
CA GLY F 99 -57.40 -28.14 5.83
C GLY F 99 -56.65 -26.84 6.09
N GLY F 100 -56.44 -26.51 7.36
CA GLY F 100 -55.92 -25.23 7.75
C GLY F 100 -54.43 -25.08 7.48
N ASN F 101 -53.97 -23.84 7.66
CA ASN F 101 -52.58 -23.47 7.44
C ASN F 101 -51.65 -24.07 8.49
N TRP F 102 -52.15 -24.26 9.71
CA TRP F 102 -51.38 -24.74 10.84
C TRP F 102 -51.59 -26.22 11.12
N ASP F 103 -52.82 -26.70 11.12
CA ASP F 103 -53.15 -28.01 11.68
C ASP F 103 -52.85 -29.15 10.72
N TRP F 104 -53.34 -29.06 9.47
CA TRP F 104 -53.17 -30.00 8.36
C TRP F 104 -53.67 -31.41 8.65
N TYR F 105 -54.60 -31.58 9.60
CA TYR F 105 -55.40 -32.80 9.67
C TYR F 105 -56.77 -32.43 9.14
N PHE F 106 -57.39 -33.33 8.37
CA PHE F 106 -58.47 -32.91 7.49
C PHE F 106 -59.80 -32.75 8.22
N ASP F 107 -60.31 -33.86 8.78
CA ASP F 107 -61.74 -34.12 8.94
C ASP F 107 -62.44 -33.79 7.62
N VAL F 108 -62.02 -34.47 6.56
CA VAL F 108 -62.51 -34.30 5.20
C VAL F 108 -63.97 -34.73 5.09
N TRP F 109 -64.78 -33.89 4.44
CA TRP F 109 -66.22 -34.12 4.36
C TRP F 109 -66.71 -33.57 3.03
N GLY F 110 -67.01 -34.47 2.10
CA GLY F 110 -67.59 -34.08 0.83
C GLY F 110 -68.47 -35.18 0.27
N GLN F 111 -69.53 -34.79 -0.45
CA GLN F 111 -70.41 -35.78 -1.05
C GLN F 111 -69.79 -36.47 -2.24
N GLY F 112 -69.00 -35.77 -3.04
CA GLY F 112 -68.26 -36.38 -4.13
C GLY F 112 -68.95 -36.25 -5.46
N THR F 113 -68.39 -35.41 -6.34
CA THR F 113 -68.90 -35.28 -7.70
C THR F 113 -68.40 -36.48 -8.51
N LEU F 114 -69.32 -37.21 -9.12
CA LEU F 114 -68.98 -38.44 -9.84
C LEU F 114 -68.60 -38.08 -11.27
N VAL F 115 -67.34 -37.64 -11.42
CA VAL F 115 -66.85 -37.18 -12.72
C VAL F 115 -66.46 -38.42 -13.53
N THR F 116 -67.33 -38.81 -14.44
CA THR F 116 -67.03 -39.87 -15.38
C THR F 116 -66.69 -39.28 -16.74
N VAL F 117 -65.56 -39.71 -17.30
CA VAL F 117 -65.09 -39.17 -18.57
C VAL F 117 -64.99 -40.33 -19.56
N SER F 118 -65.40 -40.06 -20.81
CA SER F 118 -65.39 -41.07 -21.86
C SER F 118 -65.22 -40.42 -23.23
N ASP G 1 -43.51 -36.77 -2.22
CA ASP G 1 -42.21 -37.36 -2.53
C ASP G 1 -41.87 -38.46 -1.53
N ILE G 2 -42.67 -38.54 -0.46
CA ILE G 2 -42.48 -39.58 0.55
C ILE G 2 -43.12 -40.85 0.03
N GLN G 3 -42.31 -41.80 -0.41
CA GLN G 3 -42.82 -43.05 -0.98
C GLN G 3 -43.32 -43.93 0.16
N MET G 4 -44.62 -43.86 0.44
CA MET G 4 -45.23 -44.58 1.55
C MET G 4 -45.83 -45.88 1.02
N THR G 5 -45.37 -47.00 1.57
CA THR G 5 -46.00 -48.29 1.36
C THR G 5 -46.55 -48.78 2.70
N GLN G 6 -47.61 -49.59 2.64
CA GLN G 6 -48.20 -50.15 3.84
C GLN G 6 -48.60 -51.60 3.60
N SER G 7 -48.39 -52.42 4.61
CA SER G 7 -48.44 -53.87 4.48
C SER G 7 -49.23 -54.46 5.64
N PRO G 8 -49.98 -55.54 5.43
CA PRO G 8 -50.29 -56.24 4.16
C PRO G 8 -51.42 -55.57 3.38
N SER G 9 -51.51 -55.88 2.08
CA SER G 9 -52.48 -55.22 1.20
C SER G 9 -53.91 -55.63 1.49
N SER G 10 -54.20 -56.93 1.42
CA SER G 10 -55.53 -57.46 1.70
C SER G 10 -55.36 -58.59 2.73
N LEU G 11 -55.83 -58.34 3.95
CA LEU G 11 -55.67 -59.28 5.06
C LEU G 11 -57.04 -59.64 5.59
N SER G 12 -57.18 -60.87 6.07
CA SER G 12 -58.44 -61.33 6.63
C SER G 12 -58.49 -61.08 8.14
N ALA G 13 -59.70 -61.00 8.67
CA ALA G 13 -59.91 -60.76 10.10
C ALA G 13 -61.19 -61.47 10.52
N SER G 14 -61.32 -61.69 11.82
CA SER G 14 -62.46 -62.37 12.40
C SER G 14 -63.13 -61.48 13.44
N VAL G 15 -64.23 -61.98 14.00
CA VAL G 15 -65.08 -61.21 14.90
C VAL G 15 -64.46 -61.16 16.29
N GLY G 16 -64.27 -59.96 16.81
CA GLY G 16 -63.81 -59.78 18.17
C GLY G 16 -62.35 -60.10 18.43
N ASP G 17 -61.51 -60.07 17.40
CA ASP G 17 -60.09 -60.38 17.57
C ASP G 17 -59.27 -59.10 17.58
N ARG G 18 -57.95 -59.26 17.64
CA ARG G 18 -57.01 -58.13 17.69
C ARG G 18 -56.08 -58.23 16.49
N VAL G 19 -56.04 -57.19 15.67
CA VAL G 19 -55.27 -57.17 14.44
C VAL G 19 -54.34 -55.96 14.47
N THR G 20 -53.17 -56.09 13.85
CA THR G 20 -52.17 -55.04 13.83
C THR G 20 -51.74 -54.79 12.38
N ILE G 21 -51.88 -53.54 11.95
CA ILE G 21 -51.55 -53.11 10.58
C ILE G 21 -50.57 -51.94 10.68
N THR G 22 -49.66 -51.86 9.72
CA THR G 22 -48.56 -50.88 9.74
C THR G 22 -48.59 -50.02 8.48
N CYS G 23 -48.13 -48.77 8.65
CA CYS G 23 -47.88 -47.86 7.55
C CYS G 23 -46.44 -47.35 7.67
N ARG G 24 -45.67 -47.48 6.59
CA ARG G 24 -44.24 -47.19 6.61
C ARG G 24 -43.92 -46.06 5.62
N ALA G 25 -43.12 -45.11 6.07
CA ALA G 25 -42.66 -44.00 5.24
C ALA G 25 -41.17 -44.16 4.94
N SER G 26 -40.75 -43.67 3.76
CA SER G 26 -39.36 -43.82 3.36
C SER G 26 -38.45 -42.84 4.11
N GLN G 27 -38.89 -41.60 4.27
CA GLN G 27 -38.11 -40.59 4.97
C GLN G 27 -38.66 -40.38 6.37
N SER G 28 -38.03 -39.48 7.12
CA SER G 28 -38.39 -39.24 8.52
C SER G 28 -39.66 -38.40 8.61
N VAL G 29 -40.66 -38.95 9.30
CA VAL G 29 -41.97 -38.33 9.45
C VAL G 29 -42.30 -38.34 10.95
N SER G 30 -41.22 -38.25 11.75
CA SER G 30 -40.99 -38.83 13.08
C SER G 30 -42.17 -38.93 14.05
N ASN G 31 -43.06 -37.94 14.07
CA ASN G 31 -44.23 -38.05 14.94
C ASN G 31 -45.53 -37.61 14.28
N PHE G 32 -45.60 -37.52 12.95
CA PHE G 32 -46.76 -36.97 12.24
C PHE G 32 -47.39 -38.06 11.38
N LEU G 33 -48.52 -38.61 11.85
CA LEU G 33 -49.36 -39.48 11.04
C LEU G 33 -50.82 -39.13 11.34
N HIS G 34 -51.67 -39.19 10.32
CA HIS G 34 -53.11 -39.17 10.52
C HIS G 34 -53.76 -40.36 9.83
N TRP G 35 -54.78 -40.93 10.48
CA TRP G 35 -55.34 -42.23 10.10
C TRP G 35 -56.78 -42.06 9.67
N TYR G 36 -57.15 -42.68 8.55
CA TYR G 36 -58.45 -42.51 7.90
C TYR G 36 -59.08 -43.86 7.59
N GLN G 37 -60.35 -43.80 7.17
CA GLN G 37 -61.09 -44.95 6.65
C GLN G 37 -61.57 -44.62 5.25
N GLN G 38 -62.05 -45.64 4.55
CA GLN G 38 -62.85 -45.40 3.34
C GLN G 38 -63.93 -46.48 3.26
N LYS G 39 -65.12 -46.17 3.79
CA LYS G 39 -66.29 -46.93 3.39
C LYS G 39 -66.70 -46.54 1.97
N PRO G 40 -67.26 -47.47 1.20
CA PRO G 40 -67.73 -47.11 -0.15
C PRO G 40 -68.92 -46.17 -0.11
N GLY G 41 -68.84 -45.11 -0.90
CA GLY G 41 -69.85 -44.06 -0.91
C GLY G 41 -69.90 -43.25 0.37
N LYS G 42 -68.74 -42.92 0.94
CA LYS G 42 -68.68 -42.17 2.18
C LYS G 42 -67.35 -41.41 2.22
N ALA G 43 -67.42 -40.16 2.68
CA ALA G 43 -66.23 -39.36 2.92
C ALA G 43 -65.43 -39.93 4.08
N PRO G 44 -64.08 -39.83 4.04
CA PRO G 44 -63.25 -40.37 5.15
C PRO G 44 -63.41 -39.66 6.49
N LYS G 45 -63.14 -40.40 7.57
CA LYS G 45 -63.31 -39.92 8.93
C LYS G 45 -62.01 -40.12 9.71
N LEU G 46 -61.58 -39.05 10.39
CA LEU G 46 -60.30 -39.08 11.11
C LEU G 46 -60.45 -39.80 12.45
N LEU G 47 -59.39 -40.52 12.84
CA LEU G 47 -59.30 -41.12 14.17
C LEU G 47 -58.15 -40.56 14.99
N ILE G 48 -56.92 -40.73 14.50
CA ILE G 48 -55.71 -40.50 15.28
C ILE G 48 -54.95 -39.35 14.65
N TYR G 49 -54.67 -38.32 15.44
CA TYR G 49 -53.88 -37.18 14.96
C TYR G 49 -52.62 -37.07 15.80
N TYR G 50 -51.51 -36.77 15.10
CA TYR G 50 -50.13 -36.76 15.59
C TYR G 50 -49.69 -38.09 16.18
N ALA G 51 -50.24 -39.20 15.65
CA ALA G 51 -49.84 -40.61 15.80
C ALA G 51 -50.00 -41.22 17.20
N SER G 52 -50.36 -40.42 18.20
CA SER G 52 -50.68 -40.93 19.53
C SER G 52 -52.07 -40.55 19.99
N GLN G 53 -52.44 -39.28 19.85
CA GLN G 53 -53.68 -38.77 20.39
C GLN G 53 -54.86 -39.15 19.52
N SER G 54 -56.00 -39.39 20.18
CA SER G 54 -57.24 -39.74 19.50
C SER G 54 -58.19 -38.55 19.48
N ILE G 55 -59.03 -38.49 18.44
CA ILE G 55 -59.97 -37.39 18.31
C ILE G 55 -61.15 -37.63 19.27
N SER G 56 -61.75 -36.55 19.75
CA SER G 56 -62.91 -36.66 20.62
C SER G 56 -64.15 -37.03 19.80
N GLY G 57 -64.97 -37.92 20.35
CA GLY G 57 -66.21 -38.32 19.72
C GLY G 57 -66.15 -39.58 18.89
N VAL G 58 -65.08 -40.37 19.00
CA VAL G 58 -64.96 -41.63 18.26
C VAL G 58 -65.17 -42.76 19.27
N PRO G 59 -65.74 -43.91 18.86
CA PRO G 59 -65.71 -45.10 19.73
C PRO G 59 -64.30 -45.61 19.95
N SER G 60 -63.90 -45.74 21.22
CA SER G 60 -62.51 -46.07 21.57
C SER G 60 -62.26 -47.58 21.60
N ARG G 61 -62.38 -48.24 20.44
CA ARG G 61 -62.07 -49.65 20.35
C ARG G 61 -60.62 -49.90 19.91
N PHE G 62 -59.83 -48.84 19.81
CA PHE G 62 -58.50 -48.87 19.19
C PHE G 62 -57.57 -47.91 19.90
N SER G 63 -56.28 -47.97 19.54
CA SER G 63 -55.30 -46.96 19.91
C SER G 63 -54.21 -46.93 18.86
N GLY G 64 -53.49 -45.81 18.81
CA GLY G 64 -52.36 -45.67 17.90
C GLY G 64 -51.06 -45.39 18.63
N SER G 65 -49.95 -45.90 18.09
CA SER G 65 -48.65 -45.74 18.75
C SER G 65 -47.54 -45.83 17.71
N GLY G 66 -46.35 -45.38 18.11
CA GLY G 66 -45.17 -45.52 17.28
C GLY G 66 -44.26 -44.31 17.25
N SER G 67 -43.03 -44.50 16.80
CA SER G 67 -42.04 -43.44 16.71
C SER G 67 -41.09 -43.79 15.57
N GLY G 68 -40.40 -42.78 15.06
CA GLY G 68 -39.50 -43.01 13.95
C GLY G 68 -40.28 -43.07 12.65
N THR G 69 -39.98 -44.08 11.83
CA THR G 69 -40.70 -44.31 10.59
C THR G 69 -41.64 -45.52 10.69
N ASP G 70 -41.58 -46.26 11.79
CA ASP G 70 -42.39 -47.46 11.98
C ASP G 70 -43.62 -47.08 12.79
N PHE G 71 -44.75 -46.92 12.11
CA PHE G 71 -46.00 -46.49 12.72
C PHE G 71 -47.07 -47.57 12.52
N THR G 72 -47.97 -47.66 13.50
CA THR G 72 -49.02 -48.67 13.48
C THR G 72 -50.20 -48.16 14.31
N LEU G 73 -51.34 -48.84 14.13
CA LEU G 73 -52.46 -48.73 15.07
C LEU G 73 -53.01 -50.13 15.26
N THR G 74 -53.63 -50.36 16.41
CA THR G 74 -54.09 -51.69 16.79
C THR G 74 -55.58 -51.63 17.16
N ILE G 75 -56.37 -52.49 16.51
CA ILE G 75 -57.79 -52.62 16.85
C ILE G 75 -57.92 -53.57 18.03
N SER G 76 -58.33 -53.05 19.19
CA SER G 76 -58.45 -53.89 20.38
C SER G 76 -59.76 -54.67 20.40
N SER G 77 -60.74 -54.28 19.59
CA SER G 77 -62.04 -54.98 19.55
C SER G 77 -62.64 -54.72 18.16
N LEU G 78 -62.63 -55.75 17.32
CA LEU G 78 -63.08 -55.61 15.95
C LEU G 78 -64.54 -56.03 15.83
N GLN G 79 -65.26 -55.37 14.93
CA GLN G 79 -66.66 -55.64 14.65
C GLN G 79 -66.83 -55.84 13.15
N PRO G 80 -67.79 -56.68 12.73
CA PRO G 80 -67.91 -57.01 11.29
C PRO G 80 -68.42 -55.88 10.40
N GLU G 81 -69.06 -54.85 10.95
CA GLU G 81 -69.71 -53.84 10.11
C GLU G 81 -68.75 -52.75 9.63
N ASP G 82 -67.49 -52.79 10.02
CA ASP G 82 -66.53 -51.74 9.63
C ASP G 82 -66.08 -51.93 8.18
N PHE G 83 -65.36 -53.04 7.92
CA PHE G 83 -64.69 -53.48 6.68
C PHE G 83 -64.03 -52.36 5.87
N ALA G 84 -63.38 -51.43 6.54
CA ALA G 84 -62.95 -50.17 5.93
C ALA G 84 -61.48 -50.23 5.54
N THR G 85 -61.13 -49.56 4.45
CA THR G 85 -59.76 -49.52 3.94
C THR G 85 -59.02 -48.39 4.66
N TYR G 86 -58.05 -48.79 5.49
CA TYR G 86 -57.36 -47.85 6.37
C TYR G 86 -56.32 -47.05 5.60
N TYR G 87 -56.38 -45.72 5.75
CA TYR G 87 -55.53 -44.79 5.00
C TYR G 87 -54.66 -44.01 5.98
N CYS G 88 -53.36 -43.92 5.68
CA CYS G 88 -52.46 -43.12 6.50
C CYS G 88 -52.03 -41.85 5.77
N GLN G 89 -51.91 -40.76 6.54
CA GLN G 89 -51.64 -39.45 5.97
C GLN G 89 -50.48 -38.77 6.69
N GLN G 90 -49.43 -38.45 5.95
CA GLN G 90 -48.27 -37.72 6.46
C GLN G 90 -48.54 -36.21 6.40
N SER G 91 -47.87 -35.49 7.30
CA SER G 91 -48.03 -34.03 7.35
C SER G 91 -46.72 -33.31 7.64
N ASN G 92 -45.57 -33.89 7.28
CA ASN G 92 -44.29 -33.29 7.60
C ASN G 92 -43.76 -32.48 6.41
N THR G 93 -43.64 -33.13 5.25
CA THR G 93 -43.06 -32.50 4.06
C THR G 93 -44.13 -32.40 2.97
N TRP G 94 -44.08 -31.33 2.19
CA TRP G 94 -44.92 -31.24 1.01
C TRP G 94 -44.34 -32.10 -0.10
N PRO G 95 -45.19 -32.76 -0.92
CA PRO G 95 -46.65 -32.82 -0.93
C PRO G 95 -47.25 -33.75 0.12
N LEU G 96 -48.52 -33.51 0.46
CA LEU G 96 -49.23 -34.38 1.39
C LEU G 96 -49.54 -35.71 0.73
N THR G 97 -48.79 -36.74 1.11
CA THR G 97 -48.81 -38.02 0.43
C THR G 97 -49.59 -39.02 1.29
N PHE G 98 -50.44 -39.81 0.64
CA PHE G 98 -51.32 -40.74 1.34
C PHE G 98 -50.81 -42.16 1.11
N GLY G 99 -51.55 -43.15 1.59
CA GLY G 99 -51.19 -44.54 1.41
C GLY G 99 -52.14 -45.24 0.45
N GLN G 100 -51.77 -46.46 0.06
CA GLN G 100 -52.61 -47.24 -0.85
C GLN G 100 -53.86 -47.75 -0.14
N GLY G 101 -53.68 -48.32 1.06
CA GLY G 101 -54.82 -48.77 1.83
C GLY G 101 -54.82 -50.24 2.18
N THR G 102 -55.09 -50.56 3.44
CA THR G 102 -55.21 -51.94 3.91
C THR G 102 -56.70 -52.25 4.05
N LYS G 103 -57.23 -53.02 3.09
CA LYS G 103 -58.64 -53.35 3.11
C LYS G 103 -58.92 -54.50 4.07
N LEU G 104 -59.84 -54.28 5.00
CA LEU G 104 -60.24 -55.28 5.97
C LEU G 104 -61.38 -56.13 5.42
N GLU G 105 -61.21 -57.44 5.50
CA GLU G 105 -62.18 -58.37 4.92
C GLU G 105 -62.58 -59.42 5.94
N ILE G 106 -63.88 -59.74 5.97
CA ILE G 106 -64.38 -60.82 6.80
C ILE G 106 -64.36 -62.12 5.99
N LYS G 107 -64.25 -63.24 6.69
CA LYS G 107 -64.24 -64.55 6.06
C LYS G 107 -65.64 -64.90 5.53
N GLN H 1 -69.65 29.41 12.38
CA GLN H 1 -69.63 29.14 13.81
C GLN H 1 -68.82 27.88 14.11
N VAL H 2 -67.73 28.05 14.85
CA VAL H 2 -66.90 26.91 15.26
C VAL H 2 -67.00 26.71 16.77
N GLN H 3 -67.35 25.49 17.17
CA GLN H 3 -67.55 25.16 18.57
C GLN H 3 -67.30 23.67 18.78
N LEU H 4 -67.01 23.30 20.03
CA LEU H 4 -66.72 21.93 20.42
C LEU H 4 -67.64 21.58 21.59
N VAL H 5 -68.74 20.89 21.30
CA VAL H 5 -69.64 20.50 22.38
C VAL H 5 -69.13 19.23 23.06
N GLN H 6 -69.51 19.06 24.33
CA GLN H 6 -68.97 18.00 25.17
C GLN H 6 -70.10 17.16 25.72
N SER H 7 -69.74 16.16 26.52
CA SER H 7 -70.70 15.36 27.24
C SER H 7 -71.07 16.04 28.55
N GLY H 8 -71.98 15.40 29.29
CA GLY H 8 -72.44 15.93 30.55
C GLY H 8 -71.50 15.61 31.71
N SER H 9 -71.95 15.97 32.90
CA SER H 9 -71.19 15.73 34.13
C SER H 9 -71.35 14.26 34.52
N GLU H 10 -70.24 13.52 34.51
CA GLU H 10 -70.29 12.10 34.80
C GLU H 10 -70.05 11.84 36.28
N LEU H 11 -70.62 10.74 36.77
CA LEU H 11 -70.47 10.33 38.16
C LEU H 11 -70.49 8.81 38.24
N LYS H 12 -69.32 8.19 38.43
CA LYS H 12 -69.21 6.74 38.36
C LYS H 12 -68.38 6.22 39.52
N LYS H 13 -68.26 4.90 39.56
CA LYS H 13 -67.50 4.23 40.61
C LYS H 13 -66.00 4.37 40.33
N PRO H 14 -65.16 4.30 41.37
CA PRO H 14 -63.71 4.19 41.14
C PRO H 14 -63.31 2.84 40.57
N GLY H 15 -63.39 2.70 39.25
CA GLY H 15 -63.10 1.45 38.59
C GLY H 15 -63.96 1.21 37.36
N ALA H 16 -64.93 2.08 37.11
CA ALA H 16 -65.77 1.97 35.93
C ALA H 16 -65.03 2.52 34.71
N SER H 17 -65.65 2.35 33.54
CA SER H 17 -65.07 2.79 32.27
C SER H 17 -66.10 3.65 31.54
N VAL H 18 -65.85 4.96 31.47
CA VAL H 18 -66.76 5.90 30.87
C VAL H 18 -66.05 6.54 29.67
N LYS H 19 -66.85 6.87 28.64
CA LYS H 19 -66.32 7.41 27.39
C LYS H 19 -66.95 8.78 27.15
N VAL H 20 -66.12 9.83 27.15
CA VAL H 20 -66.59 11.20 26.96
C VAL H 20 -66.51 11.53 25.47
N SER H 21 -67.33 12.48 25.03
CA SER H 21 -67.46 12.82 23.61
C SER H 21 -67.07 14.27 23.38
N CYS H 22 -66.57 14.54 22.16
CA CYS H 22 -66.20 15.89 21.71
C CYS H 22 -66.60 16.00 20.24
N LYS H 23 -67.81 16.52 19.99
CA LYS H 23 -68.35 16.62 18.65
C LYS H 23 -67.98 17.98 18.06
N ALA H 24 -67.43 17.97 16.86
CA ALA H 24 -66.95 19.17 16.19
C ALA H 24 -67.87 19.57 15.03
N SER H 25 -67.89 20.86 14.74
CA SER H 25 -68.66 21.40 13.62
C SER H 25 -68.04 22.74 13.22
N GLY H 26 -68.23 23.09 11.95
CA GLY H 26 -67.86 24.41 11.47
C GLY H 26 -66.60 24.49 10.64
N TYR H 27 -65.56 23.75 11.02
CA TYR H 27 -64.26 23.85 10.37
C TYR H 27 -63.93 22.58 9.61
N THR H 28 -62.71 22.56 9.06
CA THR H 28 -62.17 21.37 8.41
C THR H 28 -61.65 20.43 9.49
N PHE H 29 -62.37 19.32 9.71
CA PHE H 29 -62.12 18.45 10.85
C PHE H 29 -60.82 17.65 10.68
N THR H 30 -60.43 17.37 9.43
CA THR H 30 -59.21 16.60 9.20
C THR H 30 -57.97 17.47 9.27
N ASP H 31 -58.12 18.79 9.31
CA ASP H 31 -56.96 19.68 9.25
C ASP H 31 -56.26 19.78 10.60
N TYR H 32 -56.98 20.18 11.63
CA TYR H 32 -56.41 20.42 12.96
C TYR H 32 -56.72 19.24 13.87
N GLY H 33 -55.78 18.94 14.77
CA GLY H 33 -55.89 17.81 15.67
C GLY H 33 -56.80 18.09 16.85
N MET H 34 -56.89 17.09 17.73
CA MET H 34 -57.89 17.02 18.80
C MET H 34 -57.25 16.82 20.18
N ASN H 35 -56.36 17.75 20.57
CA ASN H 35 -55.76 17.86 21.91
C ASN H 35 -56.74 17.80 23.09
N TRP H 36 -56.26 17.33 24.23
CA TRP H 36 -57.06 17.16 25.44
C TRP H 36 -56.21 17.58 26.63
N VAL H 37 -56.77 18.40 27.54
CA VAL H 37 -56.08 18.77 28.78
C VAL H 37 -56.95 18.37 29.97
N ARG H 38 -56.32 18.32 31.15
CA ARG H 38 -57.00 18.01 32.40
C ARG H 38 -56.69 19.10 33.41
N GLN H 39 -57.68 19.40 34.26
CA GLN H 39 -57.53 20.48 35.23
C GLN H 39 -58.21 20.09 36.53
N ALA H 40 -57.40 19.80 37.55
CA ALA H 40 -57.91 19.70 38.91
C ALA H 40 -58.34 21.10 39.39
N PRO H 41 -59.37 21.17 40.25
CA PRO H 41 -59.83 22.50 40.72
C PRO H 41 -58.84 23.23 41.62
N GLY H 42 -57.90 22.53 42.23
CA GLY H 42 -56.85 23.17 42.99
C GLY H 42 -55.54 23.24 42.26
N GLN H 43 -55.54 22.91 40.97
CA GLN H 43 -54.31 22.86 40.18
C GLN H 43 -54.60 23.53 38.84
N GLY H 44 -53.65 23.39 37.89
CA GLY H 44 -53.75 24.01 36.59
C GLY H 44 -54.02 23.00 35.48
N LEU H 45 -53.88 23.48 34.25
CA LEU H 45 -54.09 22.63 33.08
C LEU H 45 -52.91 21.67 32.91
N GLU H 46 -53.24 20.41 32.58
CA GLU H 46 -52.23 19.39 32.33
C GLU H 46 -52.55 18.67 31.03
N TRP H 47 -51.63 18.74 30.07
CA TRP H 47 -51.80 18.09 28.78
C TRP H 47 -51.59 16.59 28.92
N MET H 48 -52.45 15.81 28.25
CA MET H 48 -52.42 14.35 28.36
C MET H 48 -52.08 13.66 27.05
N GLY H 49 -51.99 14.38 25.95
CA GLY H 49 -51.72 13.71 24.70
C GLY H 49 -52.73 14.07 23.63
N TRP H 50 -52.49 13.59 22.43
CA TRP H 50 -53.31 13.89 21.26
C TRP H 50 -53.37 12.69 20.33
N ILE H 51 -54.06 12.89 19.20
CA ILE H 51 -54.29 11.86 18.20
C ILE H 51 -54.48 12.52 16.84
N ASN H 52 -53.87 11.95 15.80
CA ASN H 52 -53.93 12.55 14.47
C ASN H 52 -55.29 12.23 13.85
N THR H 53 -55.76 13.12 12.99
CA THR H 53 -57.08 13.05 12.35
C THR H 53 -57.16 12.00 11.26
N TYR H 54 -56.05 11.54 10.68
CA TYR H 54 -56.10 10.65 9.52
C TYR H 54 -55.64 9.23 9.84
N SER H 55 -54.69 9.04 10.74
CA SER H 55 -54.19 7.72 11.07
C SER H 55 -54.86 7.13 12.30
N GLY H 56 -55.09 7.93 13.33
CA GLY H 56 -55.71 7.44 14.54
C GLY H 56 -54.77 6.89 15.59
N GLU H 57 -53.50 7.29 15.58
CA GLU H 57 -52.55 6.79 16.55
C GLU H 57 -52.61 7.64 17.83
N PRO H 58 -52.98 7.05 18.98
CA PRO H 58 -53.13 7.85 20.23
C PRO H 58 -51.84 8.10 21.01
N THR H 59 -51.11 9.13 20.59
CA THR H 59 -49.84 9.50 21.22
C THR H 59 -50.12 10.29 22.50
N TYR H 60 -49.87 9.66 23.64
CA TYR H 60 -50.18 10.29 24.92
C TYR H 60 -49.00 11.17 25.37
N ALA H 61 -49.18 11.77 26.54
CA ALA H 61 -48.12 12.57 27.13
C ALA H 61 -47.09 11.69 27.83
N ASP H 62 -46.05 12.32 28.35
CA ASP H 62 -44.98 11.60 29.03
C ASP H 62 -45.37 11.07 30.40
N ASP H 63 -46.39 11.65 31.03
CA ASP H 63 -46.84 11.20 32.34
C ASP H 63 -48.01 10.22 32.23
N PHE H 64 -49.00 10.55 31.40
CA PHE H 64 -50.25 9.79 31.33
C PHE H 64 -50.18 8.77 30.19
N ARG H 65 -49.21 7.86 30.31
CA ARG H 65 -48.97 6.87 29.26
C ARG H 65 -49.89 5.65 29.35
N GLY H 66 -50.69 5.56 30.42
CA GLY H 66 -51.37 4.32 30.72
C GLY H 66 -52.82 4.22 30.33
N ARG H 67 -53.71 4.44 31.32
CA ARG H 67 -55.10 4.04 31.19
C ARG H 67 -55.93 4.97 30.30
N PHE H 68 -55.40 6.14 29.94
CA PHE H 68 -56.08 7.01 28.99
C PHE H 68 -56.01 6.42 27.58
N VAL H 69 -57.16 6.40 26.90
CA VAL H 69 -57.27 5.87 25.55
C VAL H 69 -58.07 6.85 24.71
N PHE H 70 -57.50 7.29 23.59
CA PHE H 70 -58.20 8.11 22.60
C PHE H 70 -58.82 7.18 21.57
N SER H 71 -60.10 7.38 21.26
CA SER H 71 -60.83 6.54 20.31
C SER H 71 -61.35 7.42 19.17
N LEU H 72 -61.03 7.05 17.94
CA LEU H 72 -61.36 7.87 16.77
C LEU H 72 -62.46 7.20 15.97
N ASP H 73 -63.49 7.99 15.64
CA ASP H 73 -64.54 7.59 14.69
C ASP H 73 -64.68 8.72 13.67
N THR H 74 -64.05 8.52 12.51
CA THR H 74 -63.98 9.56 11.50
C THR H 74 -65.29 9.64 10.71
N SER H 75 -65.37 10.67 9.85
CA SER H 75 -66.48 11.06 8.97
C SER H 75 -67.79 11.36 9.70
N VAL H 76 -67.74 11.60 11.01
CA VAL H 76 -68.87 12.06 11.80
C VAL H 76 -68.46 13.19 12.72
N SER H 77 -67.17 13.57 12.70
CA SER H 77 -66.53 14.66 13.46
C SER H 77 -66.69 14.46 14.97
N THR H 78 -66.10 13.37 15.46
CA THR H 78 -66.06 13.07 16.88
C THR H 78 -64.63 12.84 17.34
N ALA H 79 -64.38 13.14 18.61
CA ALA H 79 -63.05 13.11 19.21
C ALA H 79 -63.12 12.40 20.56
N TYR H 80 -63.67 11.17 20.55
CA TYR H 80 -63.96 10.42 21.77
C TYR H 80 -62.72 10.08 22.58
N LEU H 81 -62.78 10.36 23.87
CA LEU H 81 -61.83 9.87 24.85
C LEU H 81 -62.55 8.92 25.80
N GLN H 82 -61.82 7.93 26.29
CA GLN H 82 -62.39 7.01 27.29
C GLN H 82 -61.36 6.80 28.39
N ILE H 83 -61.83 6.95 29.64
CA ILE H 83 -61.00 6.61 30.79
C ILE H 83 -61.48 5.29 31.39
N CYS H 84 -60.53 4.40 31.69
CA CYS H 84 -60.82 3.12 32.28
C CYS H 84 -59.95 2.93 33.51
N SER H 85 -60.45 2.12 34.46
CA SER H 85 -59.88 1.89 35.80
C SER H 85 -59.66 3.21 36.54
N LEU H 86 -60.77 3.89 36.80
CA LEU H 86 -60.75 5.24 37.36
C LEU H 86 -60.35 5.21 38.82
N LYS H 87 -59.63 6.24 39.25
CA LYS H 87 -59.09 6.35 40.60
C LYS H 87 -59.63 7.63 41.23
N ALA H 88 -59.65 7.65 42.57
CA ALA H 88 -60.22 8.75 43.35
C ALA H 88 -59.41 10.05 43.29
N GLU H 89 -58.18 10.01 42.79
CA GLU H 89 -57.36 11.20 42.62
C GLU H 89 -57.59 11.89 41.28
N ASP H 90 -58.51 11.37 40.47
CA ASP H 90 -58.81 11.95 39.15
C ASP H 90 -60.06 12.83 39.19
N THR H 91 -60.25 13.58 40.28
CA THR H 91 -61.36 14.52 40.36
C THR H 91 -61.01 15.79 39.60
N ALA H 92 -61.20 15.77 38.28
CA ALA H 92 -60.79 16.88 37.42
C ALA H 92 -61.70 16.97 36.21
N VAL H 93 -61.69 18.15 35.57
CA VAL H 93 -62.44 18.34 34.34
C VAL H 93 -61.58 17.90 33.15
N TYR H 94 -62.25 17.61 32.04
CA TYR H 94 -61.58 17.09 30.84
C TYR H 94 -61.96 17.99 29.66
N TYR H 95 -61.08 18.91 29.31
CA TYR H 95 -61.36 19.87 28.25
C TYR H 95 -60.85 19.36 26.91
N CYS H 96 -61.74 19.40 25.91
CA CYS H 96 -61.35 19.07 24.54
C CYS H 96 -60.81 20.31 23.85
N ALA H 97 -59.94 20.09 22.87
CA ALA H 97 -59.25 21.21 22.21
C ALA H 97 -58.96 20.85 20.76
N ARG H 98 -59.49 21.64 19.84
CA ARG H 98 -59.00 21.67 18.47
C ARG H 98 -57.59 22.26 18.50
N GLY H 99 -56.59 21.50 18.07
CA GLY H 99 -55.25 22.04 18.08
C GLY H 99 -54.35 21.53 16.97
N GLY H 100 -53.79 22.44 16.18
CA GLY H 100 -53.09 22.07 14.97
C GLY H 100 -51.71 21.47 15.22
N ASN H 101 -51.18 20.86 14.16
CA ASN H 101 -49.91 20.14 14.22
C ASN H 101 -48.71 21.07 14.19
N TRP H 102 -48.88 22.31 13.72
CA TRP H 102 -47.74 23.21 13.55
C TRP H 102 -47.76 24.37 14.54
N ASP H 103 -48.88 25.07 14.69
CA ASP H 103 -48.98 26.28 15.50
C ASP H 103 -48.87 26.00 16.99
N TRP H 104 -49.50 24.92 17.47
CA TRP H 104 -49.40 24.32 18.80
C TRP H 104 -49.84 25.23 19.94
N TYR H 105 -50.58 26.31 19.66
CA TYR H 105 -51.40 26.98 20.66
C TYR H 105 -52.79 26.36 20.59
N PHE H 106 -53.54 26.44 21.69
CA PHE H 106 -54.75 25.63 21.77
C PHE H 106 -55.93 26.24 21.03
N ASP H 107 -56.42 27.40 21.48
CA ASP H 107 -57.82 27.86 21.49
C ASP H 107 -58.76 26.74 21.95
N VAL H 108 -58.43 26.18 23.12
CA VAL H 108 -59.19 25.18 23.85
C VAL H 108 -60.60 25.67 24.19
N TRP H 109 -61.60 24.83 23.90
CA TRP H 109 -63.00 25.18 24.06
C TRP H 109 -63.78 23.96 24.51
N GLY H 110 -64.12 23.92 25.80
CA GLY H 110 -64.99 22.89 26.35
C GLY H 110 -65.76 23.47 27.52
N GLN H 111 -67.07 23.18 27.60
CA GLN H 111 -67.90 23.79 28.64
C GLN H 111 -67.69 23.16 30.01
N GLY H 112 -67.04 22.01 30.07
CA GLY H 112 -66.69 21.42 31.35
C GLY H 112 -67.37 20.08 31.62
N THR H 113 -66.60 19.01 31.53
CA THR H 113 -67.08 17.68 31.89
C THR H 113 -66.71 17.44 33.35
N LEU H 114 -67.67 17.66 34.24
CA LEU H 114 -67.45 17.52 35.68
C LEU H 114 -67.42 16.04 36.05
N VAL H 115 -66.24 15.44 35.93
CA VAL H 115 -66.06 14.04 36.29
C VAL H 115 -65.80 13.96 37.79
N THR H 116 -66.88 13.81 38.56
CA THR H 116 -66.77 13.67 40.01
C THR H 116 -66.84 12.20 40.39
N VAL H 117 -65.87 11.76 41.20
CA VAL H 117 -65.79 10.38 41.64
C VAL H 117 -65.71 10.37 43.16
N SER H 118 -66.22 9.30 43.76
CA SER H 118 -66.21 9.17 45.22
C SER H 118 -66.10 7.71 45.63
N ASP I 1 -41.71 18.03 33.30
CA ASP I 1 -40.33 18.10 33.77
C ASP I 1 -39.88 19.55 33.85
N ILE I 2 -40.42 20.38 32.97
CA ILE I 2 -40.09 21.81 32.95
C ILE I 2 -40.91 22.48 34.04
N GLN I 3 -40.23 22.99 35.07
CA GLN I 3 -40.92 23.67 36.17
C GLN I 3 -41.18 25.12 35.77
N MET I 4 -42.46 25.47 35.60
CA MET I 4 -42.86 26.82 35.21
C MET I 4 -43.45 27.50 36.45
N THR I 5 -42.70 28.44 37.01
CA THR I 5 -43.13 29.19 38.19
C THR I 5 -43.41 30.63 37.78
N GLN I 6 -44.19 31.33 38.59
CA GLN I 6 -44.56 32.71 38.35
C GLN I 6 -44.82 33.43 39.68
N SER I 7 -44.43 34.69 39.74
CA SER I 7 -44.44 35.47 40.97
C SER I 7 -44.99 36.86 40.68
N PRO I 8 -45.66 37.49 41.66
CA PRO I 8 -46.15 37.04 42.97
C PRO I 8 -47.37 36.13 42.88
N SER I 9 -47.61 35.34 43.93
CA SER I 9 -48.72 34.39 43.95
C SER I 9 -50.06 35.10 44.03
N SER I 10 -50.20 36.05 44.96
CA SER I 10 -51.44 36.80 45.13
C SER I 10 -51.07 38.26 45.38
N LEU I 11 -51.22 39.10 44.36
CA LEU I 11 -50.89 40.53 44.44
C LEU I 11 -52.17 41.31 44.16
N SER I 12 -52.33 42.45 44.83
CA SER I 12 -53.52 43.27 44.66
C SER I 12 -53.21 44.51 43.82
N ALA I 13 -54.25 45.04 43.19
CA ALA I 13 -54.13 46.24 42.38
C ALA I 13 -55.46 46.98 42.43
N SER I 14 -55.44 48.23 41.99
CA SER I 14 -56.60 49.10 42.04
C SER I 14 -57.04 49.49 40.64
N VAL I 15 -58.01 50.41 40.59
CA VAL I 15 -58.66 50.74 39.33
C VAL I 15 -57.79 51.67 38.50
N GLY I 16 -57.55 51.29 37.25
CA GLY I 16 -56.86 52.14 36.30
C GLY I 16 -55.35 52.23 36.49
N ASP I 17 -54.74 51.30 37.20
CA ASP I 17 -53.31 51.34 37.45
C ASP I 17 -52.58 50.45 36.46
N ARG I 18 -51.25 50.40 36.57
CA ARG I 18 -50.39 49.62 35.68
C ARG I 18 -49.65 48.60 36.53
N VAL I 19 -49.79 47.32 36.20
CA VAL I 19 -49.24 46.23 36.99
C VAL I 19 -48.35 45.39 36.09
N THR I 20 -47.38 44.71 36.68
CA THR I 20 -46.45 43.85 35.97
C THR I 20 -46.35 42.51 36.68
N ILE I 21 -46.63 41.43 35.96
CA ILE I 21 -46.52 40.06 36.47
C ILE I 21 -45.56 39.29 35.57
N THR I 22 -44.75 38.43 36.17
CA THR I 22 -43.69 37.71 35.48
C THR I 22 -43.97 36.22 35.45
N CYS I 23 -43.07 35.49 34.78
CA CYS I 23 -43.14 34.03 34.68
C CYS I 23 -41.72 33.52 34.48
N ARG I 24 -41.16 32.88 35.51
CA ARG I 24 -39.75 32.49 35.51
C ARG I 24 -39.62 31.04 35.10
N ALA I 25 -38.64 30.76 34.24
CA ALA I 25 -38.45 29.44 33.67
C ALA I 25 -37.20 28.79 34.23
N SER I 26 -37.25 27.47 34.39
CA SER I 26 -36.05 26.72 34.79
C SER I 26 -35.16 26.43 33.58
N GLN I 27 -35.74 25.88 32.53
CA GLN I 27 -35.02 25.56 31.30
C GLN I 27 -35.33 26.60 30.23
N SER I 28 -34.85 26.34 29.01
CA SER I 28 -34.97 27.31 27.93
C SER I 28 -36.30 27.14 27.20
N VAL I 29 -37.11 28.20 27.23
CA VAL I 29 -38.38 28.26 26.52
C VAL I 29 -38.35 29.45 25.58
N SER I 30 -37.15 29.74 25.03
CA SER I 30 -36.60 31.00 24.53
C SER I 30 -37.56 31.99 23.85
N ASN I 31 -38.47 31.48 23.03
CA ASN I 31 -39.54 32.33 22.51
C ASN I 31 -40.91 31.78 22.88
N PHE I 32 -41.03 30.46 23.04
CA PHE I 32 -42.33 29.79 23.15
C PHE I 32 -42.78 29.81 24.61
N LEU I 33 -43.42 30.91 25.01
CA LEU I 33 -44.16 30.97 26.28
C LEU I 33 -45.42 31.78 26.00
N HIS I 34 -46.58 31.13 26.10
CA HIS I 34 -47.85 31.75 25.78
C HIS I 34 -48.58 32.18 27.04
N TRP I 35 -49.56 33.05 26.86
CA TRP I 35 -50.26 33.69 27.98
C TRP I 35 -51.75 33.44 27.88
N TYR I 36 -52.32 32.83 28.91
CA TYR I 36 -53.76 32.65 29.07
C TYR I 36 -54.22 33.28 30.37
N GLN I 37 -55.54 33.44 30.49
CA GLN I 37 -56.19 33.78 31.75
C GLN I 37 -57.43 32.92 31.90
N GLN I 38 -57.91 32.82 33.14
CA GLN I 38 -59.05 31.94 33.42
C GLN I 38 -59.93 32.64 34.45
N LYS I 39 -61.14 33.02 34.02
CA LYS I 39 -62.16 33.45 34.96
C LYS I 39 -62.70 32.22 35.70
N PRO I 40 -63.25 32.39 36.91
CA PRO I 40 -63.89 31.25 37.60
C PRO I 40 -65.13 30.76 36.87
N GLY I 41 -65.17 29.45 36.63
CA GLY I 41 -66.22 28.81 35.86
C GLY I 41 -66.24 29.21 34.40
N LYS I 42 -65.07 29.23 33.76
CA LYS I 42 -64.97 29.68 32.38
C LYS I 42 -63.80 28.98 31.71
N ALA I 43 -64.05 28.48 30.50
CA ALA I 43 -63.02 27.88 29.65
C ALA I 43 -62.08 28.98 29.14
N PRO I 44 -60.76 28.76 29.14
CA PRO I 44 -59.84 29.87 28.88
C PRO I 44 -59.69 30.35 27.44
N LYS I 45 -59.02 31.50 27.30
CA LYS I 45 -58.97 32.24 26.04
C LYS I 45 -57.59 32.89 25.94
N LEU I 46 -57.07 32.98 24.71
CA LEU I 46 -55.69 33.39 24.50
C LEU I 46 -55.51 34.89 24.74
N LEU I 47 -54.35 35.25 25.27
CA LEU I 47 -54.00 36.65 25.45
C LEU I 47 -52.82 37.06 24.59
N ILE I 48 -51.67 36.40 24.75
CA ILE I 48 -50.45 36.68 23.98
C ILE I 48 -49.90 35.35 23.50
N TYR I 49 -49.74 35.21 22.19
CA TYR I 49 -49.13 34.02 21.60
C TYR I 49 -47.77 34.40 21.03
N TYR I 50 -46.82 33.47 21.13
CA TYR I 50 -45.39 33.61 20.80
C TYR I 50 -44.70 34.75 21.55
N ALA I 51 -45.20 35.08 22.76
CA ALA I 51 -44.61 35.97 23.78
C ALA I 51 -44.51 37.45 23.42
N SER I 52 -44.80 37.82 22.16
CA SER I 52 -44.85 39.22 21.75
C SER I 52 -46.11 39.55 20.97
N GLN I 53 -46.60 38.62 20.15
CA GLN I 53 -47.72 38.89 19.27
C GLN I 53 -49.05 38.77 20.01
N SER I 54 -50.04 39.50 19.52
CA SER I 54 -51.38 39.48 20.10
C SER I 54 -52.37 38.91 19.10
N ILE I 55 -53.31 38.10 19.61
CA ILE I 55 -54.32 37.50 18.75
C ILE I 55 -55.34 38.57 18.38
N SER I 56 -55.88 38.48 17.16
CA SER I 56 -56.92 39.39 16.72
C SER I 56 -58.23 39.08 17.44
N GLY I 57 -58.88 40.13 17.93
CA GLY I 57 -60.15 39.99 18.62
C GLY I 57 -60.11 40.05 20.13
N VAL I 58 -58.96 40.39 20.72
CA VAL I 58 -58.86 40.54 22.16
C VAL I 58 -58.88 42.04 22.44
N PRO I 59 -59.39 42.51 23.59
CA PRO I 59 -59.14 43.91 23.97
C PRO I 59 -57.68 44.19 24.25
N SER I 60 -57.08 45.11 23.49
CA SER I 60 -55.65 45.36 23.55
C SER I 60 -55.29 46.38 24.62
N ARG I 61 -55.62 46.09 25.88
CA ARG I 61 -55.19 46.92 26.99
C ARG I 61 -53.83 46.49 27.53
N PHE I 62 -53.27 45.41 26.97
CA PHE I 62 -52.05 44.78 27.46
C PHE I 62 -51.16 44.38 26.30
N SER I 63 -49.87 44.22 26.58
CA SER I 63 -48.92 43.71 25.60
C SER I 63 -47.87 42.86 26.31
N GLY I 64 -47.39 41.85 25.61
CA GLY I 64 -46.40 40.95 26.18
C GLY I 64 -45.00 41.15 25.63
N SER I 65 -44.00 40.89 26.45
CA SER I 65 -42.61 41.12 26.06
C SER I 65 -41.69 40.21 26.85
N GLY I 66 -40.46 40.09 26.37
CA GLY I 66 -39.46 39.29 27.06
C GLY I 66 -38.85 38.22 26.17
N SER I 67 -37.69 37.70 26.58
CA SER I 67 -37.01 36.64 25.85
C SER I 67 -36.09 35.91 26.83
N GLY I 68 -35.61 34.75 26.40
CA GLY I 68 -34.72 33.98 27.26
C GLY I 68 -35.51 33.11 28.22
N THR I 69 -35.34 33.37 29.52
CA THR I 69 -36.07 32.66 30.56
C THR I 69 -36.95 33.61 31.39
N ASP I 70 -36.96 34.89 31.06
CA ASP I 70 -37.77 35.88 31.76
C ASP I 70 -38.81 36.44 30.80
N PHE I 71 -40.08 36.35 31.17
CA PHE I 71 -41.19 36.76 30.33
C PHE I 71 -42.23 37.47 31.17
N THR I 72 -42.95 38.39 30.55
CA THR I 72 -43.94 39.20 31.25
C THR I 72 -44.97 39.72 30.27
N LEU I 73 -46.09 40.21 30.81
CA LEU I 73 -47.00 41.09 30.10
C LEU I 73 -47.33 42.23 31.04
N THR I 74 -47.62 43.40 30.47
CA THR I 74 -47.93 44.58 31.27
C THR I 74 -49.34 45.05 30.93
N ILE I 75 -50.20 45.11 31.95
CA ILE I 75 -51.54 45.65 31.79
C ILE I 75 -51.45 47.17 31.88
N SER I 76 -51.55 47.84 30.74
CA SER I 76 -51.41 49.29 30.70
C SER I 76 -52.63 50.02 31.23
N SER I 77 -53.78 49.34 31.27
CA SER I 77 -55.02 49.93 31.79
C SER I 77 -55.84 48.80 32.41
N LEU I 78 -55.84 48.73 33.73
CA LEU I 78 -56.53 47.66 34.43
C LEU I 78 -57.99 48.05 34.67
N GLN I 79 -58.86 47.04 34.63
CA GLN I 79 -60.29 47.20 34.87
C GLN I 79 -60.73 46.21 35.94
N PRO I 80 -61.70 46.60 36.79
CA PRO I 80 -62.07 45.73 37.92
C PRO I 80 -62.82 44.46 37.57
N GLU I 81 -63.43 44.37 36.38
CA GLU I 81 -64.32 43.26 36.08
C GLU I 81 -63.60 41.99 35.60
N ASP I 82 -62.27 41.96 35.59
CA ASP I 82 -61.55 40.76 35.13
C ASP I 82 -61.57 39.66 36.19
N PHE I 83 -60.89 39.91 37.33
CA PHE I 83 -60.62 38.98 38.42
C PHE I 83 -60.04 37.65 37.92
N ALA I 84 -59.07 37.71 37.02
CA ALA I 84 -58.64 36.57 36.23
C ALA I 84 -57.39 35.95 36.82
N THR I 85 -57.29 34.62 36.71
CA THR I 85 -56.09 33.88 37.10
C THR I 85 -55.24 33.65 35.86
N TYR I 86 -54.10 34.34 35.80
CA TYR I 86 -53.26 34.35 34.62
C TYR I 86 -52.43 33.07 34.53
N TYR I 87 -52.36 32.49 33.33
CA TYR I 87 -51.77 31.17 33.15
C TYR I 87 -50.64 31.24 32.13
N CYS I 88 -49.52 30.59 32.45
CA CYS I 88 -48.41 30.43 31.52
C CYS I 88 -48.55 29.11 30.76
N GLN I 89 -47.97 29.07 29.56
CA GLN I 89 -47.98 27.87 28.74
C GLN I 89 -46.80 27.90 27.77
N GLN I 90 -45.94 26.89 27.82
CA GLN I 90 -44.83 26.82 26.90
C GLN I 90 -45.19 25.89 25.74
N SER I 91 -44.72 26.27 24.54
CA SER I 91 -44.95 25.47 23.35
C SER I 91 -43.63 24.95 22.77
N ASN I 92 -42.61 24.73 23.60
CA ASN I 92 -41.30 24.31 23.13
C ASN I 92 -41.08 22.81 23.31
N THR I 93 -41.23 22.32 24.54
CA THR I 93 -40.85 20.96 24.90
C THR I 93 -42.05 20.19 25.40
N TRP I 94 -42.16 18.93 25.00
CA TRP I 94 -43.17 18.06 25.58
C TRP I 94 -42.73 17.65 26.99
N PRO I 95 -43.67 17.56 27.96
CA PRO I 95 -45.11 17.85 27.89
C PRO I 95 -45.42 19.34 28.04
N LEU I 96 -46.56 19.77 27.53
CA LEU I 96 -46.96 21.16 27.67
C LEU I 96 -47.48 21.41 29.08
N THR I 97 -46.64 22.04 29.90
CA THR I 97 -46.95 22.30 31.30
C THR I 97 -47.54 23.70 31.43
N PHE I 98 -48.24 23.92 32.54
CA PHE I 98 -48.87 25.21 32.79
C PHE I 98 -48.35 25.80 34.10
N GLY I 99 -48.79 27.01 34.42
CA GLY I 99 -48.41 27.67 35.65
C GLY I 99 -49.53 27.53 36.67
N GLN I 100 -49.19 27.83 37.94
CA GLN I 100 -50.19 27.73 39.01
C GLN I 100 -51.19 28.87 38.93
N GLY I 101 -50.69 30.10 38.73
CA GLY I 101 -51.59 31.23 38.54
C GLY I 101 -51.33 32.43 39.42
N THR I 102 -51.51 33.63 38.86
CA THR I 102 -51.42 34.89 39.60
C THR I 102 -52.83 35.46 39.67
N LYS I 103 -53.47 35.31 40.83
CA LYS I 103 -54.81 35.83 41.01
C LYS I 103 -54.78 37.32 41.30
N LEU I 104 -55.48 38.10 40.48
CA LEU I 104 -55.58 39.54 40.65
C LEU I 104 -56.76 39.87 41.55
N GLU I 105 -56.53 40.76 42.50
CA GLU I 105 -57.51 41.03 43.55
C GLU I 105 -57.67 42.53 43.74
N ILE I 106 -58.84 42.94 44.23
CA ILE I 106 -59.09 44.33 44.56
C ILE I 106 -58.87 44.54 46.06
N LYS I 107 -58.48 45.76 46.44
CA LYS I 107 -58.27 46.11 47.84
C LYS I 107 -59.61 46.21 48.57
C1 NAG J . -33.93 28.20 -33.04
C2 NAG J . -32.40 28.21 -32.86
C3 NAG J . -31.97 29.26 -31.83
C4 NAG J . -32.55 30.63 -32.15
C5 NAG J . -34.07 30.53 -32.32
C6 NAG J . -34.71 31.82 -32.81
C7 NAG J . -32.07 26.10 -31.48
C8 NAG J . -31.32 24.79 -31.47
N2 NAG J . -31.84 26.88 -32.55
O3 NAG J . -30.54 29.33 -31.79
O4 NAG J . -32.23 31.52 -31.08
O5 NAG J . -34.39 29.54 -33.31
O6 NAG J . -34.27 32.14 -34.11
O7 NAG J . -32.83 26.40 -30.56
C1 NAG J . -31.47 32.75 -31.31
C2 NAG J . -30.58 32.79 -32.58
C3 NAG J . -30.91 34.04 -33.43
C4 NAG J . -30.94 35.31 -32.60
C5 NAG J . -31.82 35.15 -31.35
C6 NAG J . -32.94 36.16 -31.28
C7 NAG J . -28.23 32.00 -32.83
C8 NAG J . -28.67 31.09 -33.94
N2 NAG J . -29.17 32.76 -32.24
O3 NAG J . -32.16 33.85 -34.09
O4 NAG J . -29.63 35.65 -32.17
O5 NAG J . -32.43 33.85 -31.33
O6 NAG J . -34.22 35.52 -31.22
O7 NAG J . -27.05 32.04 -32.47
C1 BMA J . -28.99 36.46 -33.18
C2 BMA J . -29.49 37.93 -33.05
C3 BMA J . -28.65 38.87 -33.96
C4 BMA J . -27.12 38.66 -33.83
C5 BMA J . -26.79 37.16 -34.02
C6 BMA J . -25.32 36.84 -33.83
O2 BMA J . -29.35 38.40 -31.72
O3 BMA J . -28.97 40.25 -33.72
O4 BMA J . -26.43 39.42 -34.81
O5 BMA J . -27.55 36.38 -33.06
O6 BMA J . -24.99 37.04 -32.45
C1 NAG K . -39.28 -28.67 -3.01
C2 NAG K . -38.32 -29.51 -3.90
C3 NAG K . -38.17 -28.91 -5.30
C4 NAG K . -39.53 -28.60 -5.94
C5 NAG K . -40.37 -27.75 -4.98
C6 NAG K . -41.76 -27.45 -5.49
C7 NAG K . -36.07 -28.86 -2.91
C8 NAG K . -34.83 -29.45 -2.31
N2 NAG K . -37.02 -29.76 -3.27
O3 NAG K . -37.43 -29.80 -6.13
O4 NAG K . -39.31 -27.88 -7.15
O5 NAG K . -40.52 -28.43 -3.73
O6 NAG K . -42.27 -28.52 -6.27
O7 NAG K . -36.20 -27.65 -3.06
C1 NAG K . -39.68 -28.44 -8.45
C2 NAG K . -40.09 -29.94 -8.49
C3 NAG K . -41.45 -30.13 -9.19
C4 NAG K . -41.57 -29.34 -10.49
C5 NAG K . -41.09 -27.89 -10.32
C6 NAG K . -42.13 -26.87 -10.74
C7 NAG K . -38.56 -31.90 -8.71
C8 NAG K . -39.09 -32.43 -7.39
N2 NAG K . -39.06 -30.74 -9.15
O3 NAG K . -42.49 -29.75 -8.29
O4 NAG K . -40.80 -29.96 -11.51
O5 NAG K . -40.77 -27.62 -8.95
O6 NAG K . -42.33 -25.89 -9.73
O7 NAG K . -37.70 -32.52 -9.34
C1 BMA K . -41.54 -30.97 -12.20
C2 BMA K . -42.68 -30.33 -13.08
C3 BMA K . -43.32 -31.40 -13.98
C4 BMA K . -42.28 -32.25 -14.77
C5 BMA K . -41.26 -32.86 -13.77
C6 BMA K . -40.16 -33.63 -14.47
O2 BMA K . -42.15 -29.33 -13.93
O3 BMA K . -44.25 -30.82 -14.90
O4 BMA K . -42.93 -33.28 -15.48
O5 BMA K . -40.65 -31.78 -13.00
O6 BMA K . -39.28 -32.68 -15.09
C1 NAG L . -38.83 12.16 26.19
C2 NAG L . -37.93 11.98 27.45
C3 NAG L . -37.91 10.52 27.93
C4 NAG L . -39.27 9.84 27.95
C5 NAG L . -40.04 10.13 26.65
C6 NAG L . -41.46 9.62 26.66
C7 NAG L . -35.62 12.10 26.41
C8 NAG L . -34.32 12.83 26.52
N2 NAG L . -36.57 12.51 27.28
O3 NAG L . -37.32 10.46 29.23
O4 NAG L . -39.02 8.45 28.02
O5 NAG L . -40.10 11.54 26.42
O6 NAG L . -42.09 9.89 27.90
O7 NAG L . -35.78 11.20 25.58
C1 NAG L . -39.51 7.62 29.12
C2 NAG L . -39.87 8.36 30.45
C3 NAG L . -41.34 8.07 30.85
C4 NAG L . -41.68 6.58 30.79
C5 NAG L . -41.17 5.91 29.51
C6 NAG L . -42.25 5.15 28.76
C7 NAG L . -38.38 8.76 32.42
C8 NAG L . -38.67 10.24 32.30
N2 NAG L . -38.98 7.94 31.53
O3 NAG L . -42.21 8.79 29.99
O4 NAG L . -41.09 5.90 31.90
O5 NAG L . -40.67 6.91 28.61
O6 NAG L . -42.10 5.32 27.36
O7 NAG L . -37.64 8.32 33.30
C1 BMA L . -41.84 6.13 33.12
C2 BMA L . -43.20 5.35 33.07
C3 BMA L . -43.91 5.43 34.44
C4 BMA L . -42.98 5.09 35.63
C5 BMA L . -41.69 5.95 35.56
C6 BMA L . -40.67 5.61 36.63
O2 BMA L . -42.98 3.97 32.80
O3 BMA L . -45.07 4.61 34.48
O4 BMA L . -43.64 5.33 36.86
O5 BMA L . -41.06 5.75 34.26
O6 BMA L . -39.90 4.51 36.16
C1 NAG M . -11.72 25.13 -37.56
C2 NAG M . -10.67 25.06 -38.68
C3 NAG M . -9.79 26.31 -38.67
C4 NAG M . -10.63 27.58 -38.75
C5 NAG M . -11.65 27.58 -37.61
C6 NAG M . -12.61 28.75 -37.64
C7 NAG M . -10.20 22.69 -39.13
C8 NAG M . -9.25 21.56 -38.91
N2 NAG M . -9.86 23.85 -38.56
O3 NAG M . -8.87 26.20 -39.76
O4 NAG M . -9.84 28.76 -38.60
O5 NAG M . -12.46 26.38 -37.67
O6 NAG M . -13.39 28.82 -36.46
O7 NAG M . -11.23 22.57 -39.80
C1 NAG M . -9.52 29.41 -39.86
C2 NAG M . -9.86 30.95 -39.88
C3 NAG M . -9.25 31.68 -41.11
C4 NAG M . -7.78 31.32 -41.30
C5 NAG M . -7.62 29.81 -41.36
C6 NAG M . -6.19 29.36 -41.51
C7 NAG M . -12.47 31.19 -40.18
C8 NAG M . -12.59 30.39 -41.48
N2 NAG M . -11.25 31.35 -39.59
O3 NAG M . -9.38 33.09 -40.94
O4 NAG M . -7.30 31.89 -42.51
O5 NAG M . -8.11 29.22 -40.14
O6 NAG M . -5.57 29.97 -42.65
O7 NAG M . -13.47 31.67 -39.67
C1 NAG N . 67.37 19.93 13.26
C2 NAG N . 68.51 20.89 13.62
C3 NAG N . 68.48 21.20 15.12
C4 NAG N . 67.11 21.71 15.57
C5 NAG N . 66.02 20.73 15.14
C6 NAG N . 64.62 21.21 15.40
C7 NAG N . 70.41 20.63 12.09
C8 NAG N . 71.73 19.96 11.86
N2 NAG N . 69.79 20.34 13.24
O3 NAG N . 69.49 22.17 15.41
O4 NAG N . 67.09 21.84 16.99
O5 NAG N . 66.10 20.48 13.72
O6 NAG N . 63.64 20.38 14.78
O7 NAG N . 69.91 21.39 11.26
C1 NAG N . 67.02 23.21 17.41
C2 NAG N . 66.40 23.28 18.80
C3 NAG N . 66.35 24.72 19.30
C4 NAG N . 67.72 25.39 19.24
C5 NAG N . 68.29 25.27 17.82
C6 NAG N . 69.72 25.77 17.72
C7 NAG N . 64.80 21.53 19.44
C8 NAG N . 63.38 21.06 19.36
N2 NAG N . 65.08 22.68 18.83
O3 NAG N . 65.86 24.75 20.65
O4 NAG N . 67.62 26.75 19.60
O5 NAG N . 68.32 23.88 17.41
O6 NAG N . 69.87 27.03 18.36
O7 NAG N . 65.66 20.90 20.06
C1 NAG O . 56.28 13.30 31.45
C2 NAG O . 57.15 14.01 32.49
C3 NAG O . 56.28 14.61 33.61
C4 NAG O . 55.19 15.52 33.03
C5 NAG O . 54.37 14.73 32.00
C6 NAG O . 53.34 15.57 31.28
C7 NAG O . 59.42 13.41 33.19
C8 NAG O . 60.30 12.36 33.79
N2 NAG O . 58.14 13.10 33.05
O3 NAG O . 57.11 15.32 34.51
O4 NAG O . 54.34 16.00 34.05
O5 NAG O . 55.23 14.20 30.99
O6 NAG O . 53.96 16.65 30.57
O7 NAG O . 59.87 14.50 32.84
C1 NAG O . 54.54 17.42 34.29
C2 NAG O . 53.20 18.13 34.57
C3 NAG O . 53.43 19.60 34.88
C4 NAG O . 54.44 19.78 36.02
C5 NAG O . 55.74 19.04 35.68
C6 NAG O . 56.74 19.06 36.82
C7 NAG O . 51.04 17.51 33.58
C8 NAG O . 50.22 17.43 32.33
N2 NAG O . 52.28 17.97 33.45
O3 NAG O . 52.19 20.22 35.22
O4 NAG O . 54.72 21.15 36.21
O5 NAG O . 55.46 17.66 35.39
O6 NAG O . 58.05 19.33 36.35
O7 NAG O . 50.58 17.17 34.68
C1 NAG P . 68.52 24.12 -5.57
C2 NAG P . 67.46 24.87 -4.74
C3 NAG P . 66.28 25.28 -5.62
C4 NAG P . 66.75 26.11 -6.81
C5 NAG P . 67.75 25.29 -7.61
C6 NAG P . 68.36 26.02 -8.79
C7 NAG P . 67.12 24.41 -2.35
C8 NAG P . 66.59 23.44 -1.33
N2 NAG P . 67.00 24.04 -3.63
O3 NAG P . 65.35 26.02 -4.83
O4 NAG P . 65.65 26.51 -7.62
O5 NAG P . 68.86 24.91 -6.76
O6 NAG P . 69.72 26.35 -8.55
O7 NAG P . 67.63 25.48 -2.02
C1 NAG P . 65.43 27.94 -7.55
C2 NAG P . 64.24 28.32 -8.43
C3 NAG P . 63.97 29.84 -8.34
C4 NAG P . 63.82 30.28 -6.89
C5 NAG P . 65.03 29.84 -6.06
C6 NAG P . 64.88 30.14 -4.58
C7 NAG P . 63.85 26.89 -10.39
C8 NAG P . 64.19 26.62 -11.82
N2 NAG P . 64.46 27.93 -9.82
O3 NAG P . 62.81 30.16 -9.08
O4 NAG P . 63.70 31.70 -6.83
O5 NAG P . 65.21 28.42 -6.18
O6 NAG P . 64.93 31.53 -4.33
O7 NAG P . 63.04 26.19 -9.77
C1 NAG Q . 83.57 20.22 0.76
C2 NAG Q . 83.75 21.57 1.52
C3 NAG Q . 85.25 21.93 1.74
C4 NAG Q . 86.02 20.74 2.31
C5 NAG Q . 85.77 19.48 1.48
C6 NAG Q . 86.42 18.23 2.05
C7 NAG Q . 82.79 23.48 -0.02
C8 NAG Q . 83.66 23.22 -1.23
N2 NAG Q . 82.91 22.72 1.10
O3 NAG Q . 85.33 23.05 2.61
O4 NAG Q . 87.41 21.04 2.29
O5 NAG Q . 84.36 19.20 1.40
O6 NAG Q . 85.73 17.78 3.21
O7 NAG Q . 81.96 24.39 -0.05
C1 NAG Q . 87.96 21.23 3.62
C2 NAG Q . 89.49 21.52 3.48
C3 NAG Q . 90.15 21.87 4.85
C4 NAG Q . 89.33 22.93 5.58
C5 NAG Q . 87.87 22.52 5.69
C6 NAG Q . 87.00 23.56 6.35
C7 NAG Q . 90.66 19.28 2.69
C8 NAG Q . 90.19 18.40 3.85
N2 NAG Q . 90.31 20.61 2.65
O3 NAG Q . 91.47 22.34 4.63
O4 NAG Q . 89.87 23.13 6.89
O5 NAG Q . 87.32 22.29 4.38
O6 NAG Q . 85.87 22.98 6.97
O7 NAG Q . 91.37 18.81 1.81
C1 NAG R . 56.90 10.36 -27.27
C2 NAG R . 57.88 11.19 -28.12
C3 NAG R . 57.11 11.96 -29.21
C4 NAG R . 56.24 11.02 -30.05
C5 NAG R . 55.31 10.22 -29.13
C6 NAG R . 54.50 9.16 -29.86
C7 NAG R . 59.95 12.32 -27.46
C8 NAG R . 60.58 13.30 -26.52
N2 NAG R . 58.64 12.11 -27.30
O3 NAG R . 58.04 12.66 -30.02
O4 NAG R . 55.46 11.76 -30.98
O5 NAG R . 56.08 9.52 -28.13
O6 NAG R . 55.28 8.52 -30.85
O7 NAG R . 60.60 11.74 -28.34
C1 NAG R . 55.93 11.56 -32.33
C2 NAG R . 54.75 11.56 -33.31
C3 NAG R . 55.24 11.43 -34.75
C4 NAG R . 56.28 12.50 -35.08
C5 NAG R . 57.42 12.45 -34.06
C6 NAG R . 58.43 13.57 -34.24
C7 NAG R . 52.53 10.76 -32.62
C8 NAG R . 51.69 9.55 -32.34
N2 NAG R . 53.80 10.51 -33.00
O3 NAG R . 54.15 11.53 -35.65
O4 NAG R . 56.81 12.28 -36.38
O5 NAG R . 56.90 12.58 -32.73
O6 NAG R . 59.53 13.44 -33.36
O7 NAG R . 52.10 11.89 -32.50
C1 NAG S . 66.00 -27.33 -17.68
C2 NAG S . 64.98 -27.00 -18.76
C3 NAG S . 63.88 -28.08 -18.80
C4 NAG S . 64.46 -29.50 -18.87
C5 NAG S . 65.58 -29.71 -17.83
C6 NAG S . 66.39 -30.97 -18.07
C7 NAG S . 64.62 -24.65 -19.35
C8 NAG S . 63.92 -23.37 -18.99
N2 NAG S . 64.39 -25.69 -18.55
O3 NAG S . 63.03 -27.85 -19.90
O4 NAG S . 63.43 -30.44 -18.56
O5 NAG S . 66.53 -28.63 -17.89
O6 NAG S . 67.75 -30.67 -18.33
O7 NAG S . 65.35 -24.73 -20.34
C1 NAG S . 63.05 -31.25 -19.69
C2 NAG S . 62.65 -32.64 -19.20
C3 NAG S . 62.17 -33.50 -20.39
C4 NAG S . 61.06 -32.80 -21.16
C5 NAG S . 61.51 -31.40 -21.59
C6 NAG S . 60.41 -30.59 -22.23
C7 NAG S . 63.82 -33.38 -17.18
C8 NAG S . 65.00 -34.12 -16.63
N2 NAG S . 63.75 -33.31 -18.50
O3 NAG S . 61.72 -34.76 -19.91
O4 NAG S . 60.70 -33.56 -22.30
O5 NAG S . 61.96 -30.65 -20.44
O6 NAG S . 59.30 -31.40 -22.60
O7 NAG S . 62.98 -32.87 -16.44
C1 NAG T . 65.12 -26.31 19.70
C2 NAG T . 66.20 -27.20 20.34
C3 NAG T . 66.11 -28.63 19.79
C4 NAG T . 64.70 -29.20 19.97
C5 NAG T . 63.68 -28.26 19.32
C6 NAG T . 62.24 -28.67 19.54
C7 NAG T . 68.39 -26.38 21.09
C8 NAG T . 69.71 -25.82 20.67
N2 NAG T . 67.53 -26.65 20.11
O3 NAG T . 67.07 -29.44 20.45
O4 NAG T . 64.62 -30.50 19.38
O5 NAG T . 63.81 -26.94 19.87
O6 NAG T . 61.84 -28.44 20.89
O7 NAG T . 68.11 -26.58 22.27
C1 NAG T . 64.47 -31.52 20.39
C2 NAG T . 63.87 -32.78 19.76
C3 NAG T . 63.76 -33.89 20.81
C4 NAG T . 65.09 -34.14 21.50
C5 NAG T . 65.65 -32.84 22.07
C6 NAG T . 67.04 -32.99 22.66
C7 NAG T . 62.38 -32.43 17.84
C8 NAG T . 60.98 -32.14 17.40
N2 NAG T . 62.58 -32.50 19.17
O3 NAG T . 63.30 -35.08 20.18
O4 NAG T . 64.93 -35.09 22.55
O5 NAG T . 65.74 -31.84 21.04
O6 NAG T . 68.02 -32.36 21.83
O7 NAG T . 63.30 -32.60 17.04
C1 NAG U . 54.76 -38.54 4.25
C2 NAG U . 55.49 -39.89 4.21
C3 NAG U . 54.48 -41.02 4.00
C4 NAG U . 53.32 -40.97 5.01
C5 NAG U . 52.72 -39.56 5.08
C6 NAG U . 51.75 -39.36 6.23
C7 NAG U . 57.80 -40.10 3.42
C8 NAG U . 58.70 -40.08 2.22
N2 NAG U . 56.49 -39.90 3.17
O3 NAG U . 55.14 -42.27 4.08
O4 NAG U . 52.32 -41.88 4.58
O5 NAG U . 53.75 -38.57 5.26
O6 NAG U . 50.50 -39.99 5.96
O7 NAG U . 58.23 -40.29 4.55
C1 NAG U . 52.10 -42.98 5.49
C2 NAG U . 50.77 -43.64 5.12
C3 NAG U . 50.48 -44.82 6.06
C4 NAG U . 51.65 -45.80 6.08
C5 NAG U . 52.96 -45.08 6.40
C6 NAG U . 54.17 -45.96 6.29
C7 NAG U . 49.02 -42.29 4.05
C8 NAG U . 47.91 -41.31 4.26
N2 NAG U . 49.67 -42.69 5.15
O3 NAG U . 49.30 -45.48 5.65
O4 NAG U . 51.42 -46.82 7.04
O5 NAG U . 53.16 -43.98 5.49
O6 NAG U . 53.98 -47.01 5.34
O7 NAG U . 49.32 -42.72 2.94
C1 NAG V . 65.41 -11.95 32.53
C2 NAG V . 64.72 -13.30 32.71
C3 NAG V . 63.38 -13.11 33.43
C4 NAG V . 63.54 -12.35 34.74
C5 NAG V . 64.29 -11.03 34.50
C6 NAG V . 64.64 -10.30 35.77
C7 NAG V . 64.80 -15.26 31.24
C8 NAG V . 64.55 -15.80 29.86
N2 NAG V . 64.52 -13.97 31.44
O3 NAG V . 62.78 -14.39 33.65
O4 NAG V . 62.27 -12.06 35.30
O5 NAG V . 65.53 -11.28 33.81
O6 NAG V . 65.98 -10.53 36.16
O7 NAG V . 65.26 -15.97 32.14
C1 NAG V . 61.99 -12.84 36.48
C2 NAG V . 61.19 -11.99 37.49
C3 NAG V . 60.81 -12.84 38.71
C4 NAG V . 60.09 -14.11 38.29
C5 NAG V . 60.93 -14.90 37.29
C6 NAG V . 60.21 -16.10 36.73
C7 NAG V . 61.47 -9.57 37.74
C8 NAG V . 62.38 -8.47 38.21
N2 NAG V . 61.94 -10.82 37.88
O3 NAG V . 60.00 -12.06 39.58
O4 NAG V . 59.85 -14.93 39.44
O5 NAG V . 61.24 -14.05 36.16
O6 NAG V . 59.26 -16.62 37.66
O7 NAG V . 60.37 -9.34 37.24
C1 NAG W . 10.58 26.98 37.41
C2 NAG W . 11.35 25.62 37.62
C3 NAG W . 12.79 25.86 38.12
C4 NAG W . 13.52 26.91 37.28
C5 NAG W . 12.72 28.21 37.27
C6 NAG W . 13.34 29.31 36.47
C7 NAG W . 10.24 24.77 39.72
C8 NAG W . 9.50 23.58 40.29
N2 NAG W . 10.63 24.65 38.43
O3 NAG W . 13.51 24.63 38.05
O4 NAG W . 14.80 27.15 37.84
O5 NAG W . 11.44 27.93 36.68
O6 NAG W . 14.34 28.86 35.58
O7 NAG W . 10.46 25.77 40.41
C1 NAG X . 29.68 28.51 20.50
C2 NAG X . 28.59 27.51 20.92
C3 NAG X . 28.84 27.03 22.37
C4 NAG X . 30.25 26.49 22.53
C5 NAG X . 31.28 27.53 22.08
C6 NAG X . 32.69 27.01 22.10
C7 NAG X . 26.19 27.56 20.23
C8 NAG X . 26.37 26.19 19.63
N2 NAG X . 27.27 28.12 20.82
O3 NAG X . 27.89 26.03 22.70
O4 NAG X . 30.50 26.16 23.90
O5 NAG X . 31.00 27.91 20.72
O6 NAG X . 33.48 27.63 21.10
O7 NAG X . 25.11 28.14 20.20
C1 NAG Y . 20.35 32.56 -19.11
C2 NAG Y . 20.76 31.33 -19.94
C3 NAG Y . 21.05 31.75 -21.39
C4 NAG Y . 19.88 32.52 -21.99
C5 NAG Y . 19.51 33.71 -21.10
C6 NAG Y . 18.27 34.43 -21.58
C7 NAG Y . 21.98 29.36 -19.03
C8 NAG Y . 20.76 28.52 -19.30
N2 NAG Y . 21.91 30.67 -19.35
O3 NAG Y . 21.33 30.59 -22.16
O4 NAG Y . 20.23 32.99 -23.29
O5 NAG Y . 19.25 33.25 -19.76
O6 NAG Y . 17.18 34.22 -20.70
O7 NAG Y . 22.99 28.88 -18.53
C1 NAG Z . 37.05 39.00 -12.05
C2 NAG Z . 36.86 40.52 -12.14
C3 NAG Z . 36.24 40.89 -13.50
C4 NAG Z . 37.07 40.33 -14.66
C5 NAG Z . 37.23 38.82 -14.49
C6 NAG Z . 38.14 38.21 -15.54
C7 NAG Z . 36.48 41.85 -10.12
C8 NAG Z . 35.49 42.25 -9.07
N2 NAG Z . 36.03 41.01 -11.06
O3 NAG Z . 36.16 42.31 -13.60
O4 NAG Z . 36.42 40.61 -15.89
O5 NAG Z . 37.80 38.53 -13.22
O6 NAG Z . 39.34 37.72 -14.95
O7 NAG Z . 37.63 42.28 -10.13
C1 NAG AA . 72.74 16.44 -18.99
C2 NAG AA . 72.51 15.08 -19.76
C3 NAG AA . 73.38 14.97 -21.03
C4 NAG AA . 73.27 16.23 -21.89
C5 NAG AA . 73.59 17.47 -21.06
C6 NAG AA . 73.45 18.75 -21.84
C7 NAG AA . 73.34 13.14 -18.17
C8 NAG AA . 74.77 13.64 -17.98
N2 NAG AA . 72.46 13.84 -18.95
O3 NAG AA . 72.97 13.83 -21.79
O4 NAG AA . 74.18 16.15 -22.98
O5 NAG AA . 72.67 17.55 -19.94
O6 NAG AA . 72.43 19.59 -21.27
O7 NAG AA . 72.97 12.11 -17.61
C1 NAG BA . 87.68 9.41 -18.85
C2 NAG BA . 87.52 10.84 -19.41
C3 NAG BA . 87.98 10.88 -20.87
C4 NAG BA . 89.40 10.33 -21.02
C5 NAG BA . 89.49 8.93 -20.42
C6 NAG BA . 90.89 8.37 -20.42
C7 NAG BA . 85.83 12.54 -18.90
C8 NAG BA . 84.37 12.86 -18.84
N2 NAG BA . 86.15 11.30 -19.29
O3 NAG BA . 87.94 12.22 -21.34
O4 NAG BA . 89.76 10.27 -22.40
O5 NAG BA . 89.04 8.95 -19.05
O6 NAG BA . 91.49 8.47 -21.70
O7 NAG BA . 86.69 13.38 -18.62
C1 NAG CA . -22.71 6.02 -55.02
C2 NAG CA . -23.24 7.45 -55.24
C3 NAG CA . -23.87 8.00 -53.95
C4 NAG CA . -24.92 7.04 -53.40
C5 NAG CA . -24.33 5.64 -53.23
C6 NAG CA . -25.36 4.61 -52.81
C7 NAG CA . -22.10 8.83 -56.97
C8 NAG CA . -23.18 8.45 -57.95
N2 NAG CA . -22.19 8.33 -55.72
O3 NAG CA . -24.44 9.27 -54.20
O4 NAG CA . -25.39 7.51 -52.14
O5 NAG CA . -23.77 5.18 -54.47
O6 NAG CA . -25.13 3.36 -53.44
O7 NAG CA . -21.17 9.58 -57.30
C1 NAG DA . -36.86 0.01 -33.69
C2 NAG DA . -37.07 -1.52 -33.55
C3 NAG DA . -36.72 -2.00 -32.14
C4 NAG DA . -35.33 -1.53 -31.71
C5 NAG DA . -35.20 -0.02 -31.89
C6 NAG DA . -33.81 0.49 -31.60
C7 NAG DA . -39.60 -1.66 -33.47
C8 NAG DA . -40.77 -2.31 -34.15
N2 NAG DA . -38.39 -1.98 -33.98
O3 NAG DA . -36.79 -3.42 -32.09
O4 NAG DA . -35.08 -1.87 -30.36
O5 NAG DA . -35.52 0.36 -33.24
O6 NAG DA . -32.82 -0.42 -32.04
O7 NAG DA . -39.76 -0.89 -32.52
C1 NAG EA . 13.45 12.08 -41.63
C2 NAG EA . 14.52 11.33 -42.41
C3 NAG EA . 15.35 12.30 -43.26
C4 NAG EA . 14.45 13.15 -44.15
C5 NAG EA . 13.38 13.86 -43.32
C6 NAG EA . 12.39 14.61 -44.16
C7 NAG EA . 15.54 9.22 -41.52
C8 NAG EA . 14.75 8.45 -42.54
N2 NAG EA . 15.39 10.57 -41.51
O3 NAG EA . 16.28 11.57 -44.05
O4 NAG EA . 15.23 14.11 -44.85
O5 NAG EA . 12.65 12.89 -42.55
O6 NAG EA . 11.28 13.79 -44.52
O7 NAG EA . 16.29 8.67 -40.73
C1 NAG FA . -19.85 -47.72 -4.55
C2 NAG FA . -19.18 -47.86 -3.18
C3 NAG FA . -17.66 -48.06 -3.34
C4 NAG FA . -17.35 -49.21 -4.28
C5 NAG FA . -18.07 -49.02 -5.62
C6 NAG FA . -17.91 -50.20 -6.55
C7 NAG FA . -20.03 -46.81 -1.14
C8 NAG FA . -20.25 -45.52 -0.40
N2 NAG FA . -19.45 -46.71 -2.34
O3 NAG FA . -17.07 -48.28 -2.07
O4 NAG FA . -15.95 -49.29 -4.51
O5 NAG FA . -19.48 -48.85 -5.40
O6 NAG FA . -18.77 -51.27 -6.19
O7 NAG FA . -20.37 -47.89 -0.66
C1 NAG GA . 29.69 -6.59 -36.76
C2 NAG GA . 30.25 -5.31 -36.10
C3 NAG GA . 31.09 -4.49 -37.11
C4 NAG GA . 32.14 -5.35 -37.79
C5 NAG GA . 31.50 -6.60 -38.41
C6 NAG GA . 32.51 -7.55 -39.00
C7 NAG GA . 28.18 -3.87 -35.95
C8 NAG GA . 27.34 -3.11 -34.97
N2 NAG GA . 29.25 -4.50 -35.42
O3 NAG GA . 31.71 -3.41 -36.43
O4 NAG GA . 32.81 -4.61 -38.80
O5 NAG GA . 30.77 -7.33 -37.41
O6 NAG GA . 32.49 -8.80 -38.33
O7 NAG GA . 27.89 -3.91 -37.14
C1 NAG HA . 16.94 -38.40 -15.84
C2 NAG HA . 17.08 -39.16 -14.51
C3 NAG HA . 17.93 -40.42 -14.70
C4 NAG HA . 17.37 -41.30 -15.81
C5 NAG HA . 17.22 -40.49 -17.11
C6 NAG HA . 16.54 -41.26 -18.21
C7 NAG HA . 16.92 -37.72 -12.53
C8 NAG HA . 17.67 -36.87 -11.55
N2 NAG HA . 17.65 -38.30 -13.48
O3 NAG HA . 17.98 -41.15 -13.47
O4 NAG HA . 18.24 -42.40 -16.05
O5 NAG HA . 16.41 -39.32 -16.86
O6 NAG HA . 15.76 -42.33 -17.71
O7 NAG HA . 15.70 -37.86 -12.46
C1 NAG IA . 32.66 -39.36 -27.03
C2 NAG IA . 32.53 -39.99 -28.41
C3 NAG IA . 32.06 -41.45 -28.29
C4 NAG IA . 32.98 -42.25 -27.37
C5 NAG IA . 33.11 -41.55 -26.01
C6 NAG IA . 34.12 -42.21 -25.09
C7 NAG IA . 31.95 -38.74 -30.44
C8 NAG IA . 30.88 -37.97 -31.16
N2 NAG IA . 31.61 -39.24 -29.25
O3 NAG IA . 32.04 -42.05 -29.58
O4 NAG IA . 32.47 -43.56 -27.18
O5 NAG IA . 33.54 -40.19 -26.19
O6 NAG IA . 35.45 -41.94 -25.51
O7 NAG IA . 33.07 -38.89 -30.91
C1 NAG JA . 70.45 -35.77 -4.83
C2 NAG JA . 70.91 -35.21 -3.47
C3 NAG JA . 71.79 -36.25 -2.75
C4 NAG JA . 71.07 -37.59 -2.64
C5 NAG JA . 70.59 -38.06 -4.01
C6 NAG JA . 69.75 -39.32 -3.96
C7 NAG JA . 71.24 -32.82 -3.04
C8 NAG JA . 72.09 -31.62 -3.32
N2 NAG JA . 71.62 -33.96 -3.64
O3 NAG JA . 72.11 -35.77 -1.45
O4 NAG JA . 71.97 -38.57 -2.10
O5 NAG JA . 69.77 -37.05 -4.62
O6 NAG JA . 69.31 -39.71 -5.24
O7 NAG JA . 70.26 -32.76 -2.31
C1 NAG KA . 66.53 -8.91 -23.85
C2 NAG KA . 67.76 -9.08 -24.75
C3 NAG KA . 67.83 -7.94 -25.77
C4 NAG KA . 66.53 -7.82 -26.56
C5 NAG KA . 65.35 -7.67 -25.61
C6 NAG KA . 64.01 -7.69 -26.32
C7 NAG KA . 69.72 -10.23 -23.82
C8 NAG KA . 70.94 -10.10 -22.96
N2 NAG KA . 68.98 -9.13 -23.95
O3 NAG KA . 68.92 -8.16 -26.65
O4 NAG KA . 66.58 -6.70 -27.43
O5 NAG KA . 65.32 -8.78 -24.67
O6 NAG KA . 63.51 -6.37 -26.48
O7 NAG KA . 69.41 -11.29 -24.35
C1 NAG LA . 82.51 -21.43 -17.68
C2 NAG LA . 82.68 -21.95 -19.12
C3 NAG LA . 84.17 -22.00 -19.48
C4 NAG LA . 84.84 -20.66 -19.25
C5 NAG LA . 84.61 -20.19 -17.81
C6 NAG LA . 85.13 -18.80 -17.55
C7 NAG LA . 80.86 -23.43 -19.83
C8 NAG LA . 80.38 -24.86 -19.92
N2 NAG LA . 82.06 -23.26 -19.27
O3 NAG LA . 84.30 -22.39 -20.85
O4 NAG LA . 86.24 -20.77 -19.48
O5 NAG LA . 83.19 -20.15 -17.54
O6 NAG LA . 86.55 -18.79 -17.43
O7 NAG LA . 80.19 -22.50 -20.24
C1 NAG MA . 86.01 -32.48 1.04
C2 NAG MA . 85.94 -33.85 0.33
C3 NAG MA . 86.44 -34.96 1.25
C4 NAG MA . 87.83 -34.65 1.79
C5 NAG MA . 87.85 -33.28 2.46
C6 NAG MA . 89.24 -32.85 2.88
C7 NAG MA . 84.30 -34.59 -1.35
C8 NAG MA . 82.85 -34.81 -1.65
N2 NAG MA . 84.58 -34.12 -0.13
O3 NAG MA . 86.45 -36.20 0.53
O4 NAG MA . 88.21 -35.64 2.73
O5 NAG MA . 87.37 -32.28 1.54
O6 NAG MA . 89.81 -31.96 1.93
O7 NAG MA . 85.18 -34.81 -2.18
C1 NAG NA . 8.54 -48.02 10.79
C2 NAG NA . 8.48 -47.84 12.33
C3 NAG NA . 8.13 -49.19 12.99
C4 NAG NA . 6.86 -49.79 12.38
C5 NAG NA . 6.98 -49.87 10.86
C6 NAG NA . 5.71 -50.35 10.19
C7 NAG NA . 9.79 -46.39 13.80
C8 NAG NA . 11.16 -45.97 14.23
N2 NAG NA . 9.73 -47.33 12.86
O3 NAG NA . 7.95 -48.99 14.39
O4 NAG NA . 6.64 -51.10 12.91
O5 NAG NA . 7.28 -48.57 10.32
O6 NAG NA . 5.76 -51.76 9.95
O7 NAG NA . 8.77 -45.91 14.30
C1 NAG OA . -17.86 13.47 43.65
C2 NAG OA . -17.60 14.35 44.90
C3 NAG OA . -17.00 13.50 46.04
C4 NAG OA . -17.89 12.30 46.34
C5 NAG OA . -18.09 11.47 45.08
C6 NAG OA . -19.04 10.30 45.27
C7 NAG OA . -16.93 16.76 44.85
C8 NAG OA . -18.23 17.10 45.54
N2 NAG OA . -16.70 15.46 44.59
O3 NAG OA . -16.87 14.30 47.21
O4 NAG OA . -17.28 11.49 47.34
O5 NAG OA . -18.65 12.29 44.04
O6 NAG OA . -19.52 9.82 44.03
O7 NAG OA . -16.12 17.63 44.55
C1 NAG PA . 27.98 -34.63 24.31
C2 NAG PA . 28.29 -35.13 22.89
C3 NAG PA . 29.40 -36.19 22.93
C4 NAG PA . 30.64 -35.68 23.66
C5 NAG PA . 30.26 -35.20 25.06
C6 NAG PA . 31.41 -34.55 25.79
C7 NAG PA . 26.80 -35.43 20.96
C8 NAG PA . 25.53 -36.06 20.47
N2 NAG PA . 27.10 -35.65 22.25
O3 NAG PA . 29.74 -36.57 21.60
O4 NAG PA . 31.60 -36.72 23.76
O5 NAG PA . 29.23 -34.19 24.96
O6 NAG PA . 31.23 -33.15 25.92
O7 NAG PA . 27.53 -34.77 20.23
C1 NAG QA . 16.82 -1.98 42.58
C2 NAG QA . 17.74 -0.79 42.21
C3 NAG QA . 18.60 -0.38 43.40
C4 NAG QA . 17.73 -0.10 44.63
C5 NAG QA . 16.84 -1.30 44.95
C6 NAG QA . 15.87 -1.05 46.07
C7 NAG QA . 18.34 -0.66 39.83
C8 NAG QA . 19.31 -1.08 38.77
N2 NAG QA . 18.57 -1.11 41.06
O3 NAG QA . 19.36 0.78 43.07
O4 NAG QA . 18.56 0.19 45.75
O5 NAG QA . 16.06 -1.65 43.79
O6 NAG QA . 15.73 0.33 46.35
O7 NAG QA . 17.38 0.07 39.58
C1 NAG RA . 33.69 -12.85 47.73
C2 NAG RA . 33.18 -13.94 48.67
C3 NAG RA . 32.42 -13.32 49.85
C4 NAG RA . 33.29 -12.29 50.57
C5 NAG RA . 33.79 -11.24 49.59
C6 NAG RA . 34.75 -10.25 50.20
C7 NAG RA . 32.74 -16.07 47.54
C8 NAG RA . 31.73 -16.92 46.81
N2 NAG RA . 32.32 -14.88 47.96
O3 NAG RA . 32.03 -14.35 50.75
O4 NAG RA . 32.55 -11.67 51.61
O5 NAG RA . 34.48 -11.87 48.50
O6 NAG RA . 35.36 -10.76 51.37
O7 NAG RA . 33.88 -16.48 47.75
C1 NAG SA . 70.10 2.50 32.89
C2 NAG SA . 71.11 3.60 32.51
C3 NAG SA . 72.20 3.71 33.58
C4 NAG SA . 71.59 3.91 34.97
C5 NAG SA . 70.56 2.82 35.27
C6 NAG SA . 69.82 3.05 36.57
C7 NAG SA . 71.30 3.98 30.10
C8 NAG SA . 71.99 3.59 28.83
N2 NAG SA . 71.69 3.35 31.20
O3 NAG SA . 73.07 4.79 33.26
O4 NAG SA . 72.62 3.90 35.96
O5 NAG SA . 69.58 2.77 34.23
O6 NAG SA . 70.14 2.06 37.54
O7 NAG SA . 70.43 4.84 30.12
C1 NAG TA . 80.79 -16.06 27.95
C2 NAG TA . 81.04 -17.35 28.75
C3 NAG TA . 82.54 -17.67 28.79
C4 NAG TA . 83.14 -17.70 27.38
C5 NAG TA . 82.85 -16.40 26.66
C6 NAG TA . 83.32 -16.39 25.22
C7 NAG TA . 79.32 -17.77 30.45
C8 NAG TA . 78.93 -17.57 31.89
N2 NAG TA . 80.51 -17.25 30.09
O3 NAG TA . 82.74 -18.93 29.42
O4 NAG TA . 84.55 -17.90 27.45
O5 NAG TA . 81.42 -16.15 26.63
O6 NAG TA . 83.03 -17.62 24.58
O7 NAG TA . 78.62 -18.37 29.66
C1 NAG UA . 85.94 4.02 28.15
C2 NAG UA . 85.73 4.17 29.67
C3 NAG UA . 85.76 5.65 30.06
C4 NAG UA . 87.05 6.31 29.59
C5 NAG UA . 87.21 6.13 28.08
C6 NAG UA . 88.54 6.64 27.56
C7 NAG UA . 84.34 2.83 31.18
C8 NAG UA . 82.98 2.28 31.46
N2 NAG UA . 84.47 3.56 30.07
O3 NAG UA . 85.64 5.77 31.47
O4 NAG UA . 87.02 7.71 29.88
O5 NAG UA . 87.17 4.72 27.76
O6 NAG UA . 89.52 5.63 27.53
O7 NAG UA . 85.30 2.62 31.93
C1 NAG VA . -36.29 38.09 17.20
C2 NAG VA . -36.77 38.63 15.85
C3 NAG VA . -38.08 37.95 15.45
C4 NAG VA . -37.94 36.43 15.46
C5 NAG VA . -37.42 35.95 16.82
C6 NAG VA . -37.10 34.47 16.82
C7 NAG VA . -36.13 40.92 15.25
C8 NAG VA . -36.44 42.38 15.40
N2 NAG VA . -36.93 40.08 15.89
O3 NAG VA . -38.47 38.40 14.15
O4 NAG VA . -39.20 35.82 15.20
O5 NAG VA . -36.20 36.63 17.14
O6 NAG VA . -37.27 33.93 18.12
O7 NAG VA . -35.19 40.53 14.57
#